data_6ERF
#
_entry.id   6ERF
#
_cell.length_a   98.920
_cell.length_b   140.860
_cell.length_c   150.310
_cell.angle_alpha   68.640
_cell.angle_beta   80.850
_cell.angle_gamma   81.230
#
_symmetry.space_group_name_H-M   'P 1'
#
loop_
_entity.id
_entity.type
_entity.pdbx_description
1 polymer 'X-ray repair cross-complementing protein 6'
2 polymer 'X-ray repair cross-complementing protein 5'
3 polymer "DNA (5'-D(*GP*TP*TP*TP*TP*TP*AP*GP*TP*TP*TP*AP*TP*TP*GP*GP*GP*CP*GP*CP*G)-3')"
4 polymer 'DNA (34-MER)'
5 polymer 'Aprataxin and PNK-like factor'
6 water water
#
loop_
_entity_poly.entity_id
_entity_poly.type
_entity_poly.pdbx_seq_one_letter_code
_entity_poly.pdbx_strand_id
1 'polypeptide(L)'
;MSGWESYYKTEGDEEAEEEQEENLEASGDYKYSGRDSLIFLVDASKAMFESQSEDELTPFDMSIQCIQSVYISKIISSDR
DLLAVVFYGTEKDKNSVNFKNIYVLQELDNPGAKRILELDQFKGQQGQKRFQDMMGHGSDYSLSEVLWVCANLFSDVQFK
MSHKRIMLFTNEDNPHGNDSAKASRARTKAGDLRDTGIFLDLMHLKKPGGFDISLFYRDIISIAEDEDLRVHFEESSKLE
DLLRKVRAKETRKRALSRLKLKLNKDIVISVGIYNLVQKALKPPPIKLYRETNEPVKTKTRTFNTSTGGLLLPSDTKRSQ
IYGSRQIILEKEETEELKRFDDPGLMLMGFKPLVLLKKHHYLRPSLFVYPEESLVIGSSTLFSALLIKCLEKEVAALCRY
TPRRNIPPYFVALVPQEEELDDQKIQVTPPGFQLVFLPFADDKRKMPFTEKIMATPEQVGKMKAIVEKLRFTYRSDSFEN
PVLQQHFRNLEALALDLMEPEQAVDLTLPKVEAMNKRLGSLVDEFKELVYPPDYNPEGKVTKRK
;
A,C,E,G
2 'polypeptide(L)'
;MHHHHHHHHHHENLYFQGVRSGNKAAVVLCMDVGFTMSNSIPGIESPFEQAKKVITMFVQRQVFAENKDEIALVLFGTDG
TDNPLSGGDQYQNITVHRHLMLPDFDLLEDIESKIQPGSQQADFLDALIVSMDVIQHETIGKKFEKRHIEIFTDLSSRFS
KSQLDIIIHSLKKCDISLQFFLPFSLGKEDGSGDRGDGPFRLGGHGPSFPLKGITEQQKEGLEIVKMVMISLEGEDGLDE
IYSFSESLRKLCVFKKIERHSIHWPCRLTIGSNLSIRIAAYKSILQERVKKTWTVVDAKTLKKEDIQKETVYCLNDDDET
EVLKEDIIQGFRYGSDIVPFSKVDEEQMKYKSEGKCFSVLGFCKSSQVQRRFFMGNQVLKVFAARDDEAAAVALSSLIHA
LDDLDMVAIVRYAYDKRANPQVGVAFPHIKHNYECLVYVQLPFMEDLRQYMFSSLKNSKKYAPTEAQLNAVDALIDSMSL
AKKDEKTDTLEDLFPTTKIPNPRFQRLFQCLLHRALHPREPLPPIQQHIWNMLNPPAEVTTKSQIPLSKIKTLFPLIEAK
KKDQVTAQEIFQ
;
B,D,F,H
3 'polydeoxyribonucleotide'
;(DG)(DT)(DT)(DT)(DT)(DT)(DA)(DG)(DT)(DT)(DT)(DA)(DT)(DT)(DG)(DG)(DG)(DC)(DG)(DC)
(DG)
;
I,K,M,O
4 'polydeoxyribonucleotide'
;(DC)(DG)(DC)(DG)(DC)(DC)(DC)(DA)(DG)(DC)(DT)(DT)(DT)(DC)(DC)(DC)(DA)(DG)(DC)(DT)
(DA)(DA)(DT)(DA)(DA)(DA)(DC)(DT)(DA)(DA)(DA)(DA)(DA)(DC)
;
J,L,N,P
5 'polypeptide(L)' KQQPILAERKRILPTWML Q,R,S,T
#
loop_
_chem_comp.id
_chem_comp.type
_chem_comp.name
_chem_comp.formula
DA DNA linking 2'-DEOXYADENOSINE-5'-MONOPHOSPHATE 'C10 H14 N5 O6 P'
DC DNA linking 2'-DEOXYCYTIDINE-5'-MONOPHOSPHATE 'C9 H14 N3 O7 P'
DG DNA linking 2'-DEOXYGUANOSINE-5'-MONOPHOSPHATE 'C10 H14 N5 O7 P'
DT DNA linking THYMIDINE-5'-MONOPHOSPHATE 'C10 H15 N2 O8 P'
#
# COMPACT_ATOMS: atom_id res chain seq x y z
N ARG A 35 -10.52 44.63 51.39
CA ARG A 35 -9.32 44.11 52.04
C ARG A 35 -9.36 42.58 52.22
N ASP A 36 -8.59 41.88 51.36
CA ASP A 36 -8.49 40.42 51.36
C ASP A 36 -7.35 39.95 52.26
N SER A 37 -7.57 38.82 52.97
CA SER A 37 -6.59 38.25 53.88
C SER A 37 -5.89 37.03 53.29
N LEU A 38 -4.56 37.01 53.38
CA LEU A 38 -3.70 35.93 52.86
C LEU A 38 -2.70 35.48 53.94
N ILE A 39 -2.70 34.18 54.27
CA ILE A 39 -1.81 33.62 55.30
C ILE A 39 -0.80 32.63 54.72
N PHE A 40 0.49 32.86 54.99
CA PHE A 40 1.59 32.00 54.54
C PHE A 40 1.96 31.02 55.66
N LEU A 41 1.66 29.74 55.44
CA LEU A 41 1.93 28.66 56.40
C LEU A 41 3.18 27.89 55.95
N VAL A 42 4.24 27.91 56.77
CA VAL A 42 5.50 27.26 56.42
C VAL A 42 5.87 26.13 57.37
N ASP A 43 6.17 24.95 56.80
CA ASP A 43 6.61 23.75 57.51
C ASP A 43 8.04 23.99 58.01
N ALA A 44 8.31 23.66 59.28
CA ALA A 44 9.63 23.84 59.87
C ALA A 44 10.21 22.53 60.42
N SER A 45 9.91 21.40 59.73
CA SER A 45 10.42 20.08 60.11
C SER A 45 11.84 19.90 59.58
N LYS A 46 12.57 18.87 60.08
CA LYS A 46 13.95 18.53 59.71
C LYS A 46 14.19 18.46 58.20
N ALA A 47 13.22 17.91 57.43
CA ALA A 47 13.29 17.75 55.98
C ALA A 47 13.32 19.07 55.20
N MET A 48 12.66 20.12 55.73
CA MET A 48 12.56 21.45 55.11
C MET A 48 13.89 22.22 55.08
N PHE A 49 14.84 21.90 55.99
CA PHE A 49 16.14 22.57 56.08
C PHE A 49 17.27 21.82 55.37
N GLU A 50 16.94 20.76 54.62
CA GLU A 50 17.91 19.94 53.88
C GLU A 50 17.82 20.17 52.38
N SER A 51 18.96 20.47 51.75
CA SER A 51 19.08 20.70 50.30
C SER A 51 19.29 19.36 49.59
N GLN A 52 18.71 19.22 48.38
CA GLN A 52 18.81 18.00 47.56
C GLN A 52 20.19 17.86 46.88
N SER A 53 21.26 17.88 47.71
CA SER A 53 22.70 17.78 47.35
C SER A 53 23.06 18.63 46.10
N GLU A 54 22.59 19.89 46.09
CA GLU A 54 22.78 20.86 44.99
C GLU A 54 23.13 22.27 45.48
N ASP A 55 23.43 23.17 44.52
CA ASP A 55 23.71 24.60 44.74
C ASP A 55 22.39 25.35 45.02
N GLU A 56 21.23 24.69 44.75
CA GLU A 56 19.89 25.23 44.95
C GLU A 56 19.58 25.37 46.44
N LEU A 57 18.74 26.38 46.76
CA LEU A 57 18.31 26.72 48.13
C LEU A 57 17.42 25.65 48.75
N THR A 58 17.46 25.55 50.11
CA THR A 58 16.64 24.61 50.89
C THR A 58 15.14 24.98 50.76
N PRO A 59 14.20 23.99 50.83
CA PRO A 59 12.77 24.33 50.71
C PRO A 59 12.28 25.46 51.62
N PHE A 60 12.89 25.58 52.83
CA PHE A 60 12.58 26.62 53.80
C PHE A 60 13.04 28.00 53.29
N ASP A 61 14.28 28.09 52.78
CA ASP A 61 14.90 29.30 52.24
C ASP A 61 14.07 29.85 51.07
N MET A 62 13.58 28.93 50.20
CA MET A 62 12.73 29.25 49.05
C MET A 62 11.45 29.92 49.50
N SER A 63 10.82 29.38 50.57
CA SER A 63 9.57 29.86 51.16
C SER A 63 9.73 31.27 51.73
N ILE A 64 10.72 31.46 52.64
CA ILE A 64 11.07 32.73 53.29
C ILE A 64 11.28 33.83 52.25
N GLN A 65 12.03 33.53 51.18
CA GLN A 65 12.30 34.47 50.11
C GLN A 65 11.05 34.77 49.27
N CYS A 66 10.22 33.75 48.99
CA CYS A 66 8.98 33.88 48.22
C CYS A 66 7.99 34.79 48.92
N ILE A 67 7.80 34.61 50.25
CA ILE A 67 6.91 35.41 51.09
C ILE A 67 7.38 36.87 51.07
N GLN A 68 8.69 37.08 51.30
CA GLN A 68 9.35 38.39 51.29
C GLN A 68 9.10 39.10 49.96
N SER A 69 9.23 38.36 48.83
CA SER A 69 9.01 38.86 47.47
C SER A 69 7.59 39.33 47.25
N VAL A 70 6.59 38.60 47.79
CA VAL A 70 5.17 38.94 47.70
C VAL A 70 4.90 40.23 48.50
N TYR A 71 5.45 40.31 49.73
CA TYR A 71 5.35 41.48 50.62
C TYR A 71 5.85 42.76 49.91
N ILE A 72 7.03 42.69 49.26
CA ILE A 72 7.64 43.79 48.51
C ILE A 72 6.75 44.16 47.28
N SER A 73 6.28 43.14 46.53
CA SER A 73 5.43 43.27 45.34
C SER A 73 4.12 43.97 45.66
N LYS A 74 3.53 43.67 46.84
CA LYS A 74 2.28 44.24 47.33
C LYS A 74 2.39 45.74 47.65
N ILE A 75 3.59 46.19 48.10
CA ILE A 75 3.88 47.60 48.42
C ILE A 75 4.00 48.42 47.12
N ILE A 76 4.74 47.88 46.12
CA ILE A 76 4.95 48.49 44.81
C ILE A 76 3.60 48.63 44.08
N SER A 77 2.85 47.51 43.95
CA SER A 77 1.53 47.46 43.30
C SER A 77 0.41 48.17 44.09
N SER A 78 0.73 48.64 45.33
CA SER A 78 -0.15 49.35 46.26
C SER A 78 -1.45 48.58 46.60
N ASP A 79 -1.33 47.24 46.74
CA ASP A 79 -2.46 46.36 47.08
C ASP A 79 -2.82 46.48 48.55
N ARG A 80 -4.12 46.70 48.82
CA ARG A 80 -4.67 46.90 50.16
C ARG A 80 -4.73 45.61 51.03
N ASP A 81 -4.36 44.45 50.42
CA ASP A 81 -4.36 43.11 51.01
C ASP A 81 -3.59 42.98 52.32
N LEU A 82 -4.13 42.17 53.27
CA LEU A 82 -3.55 41.89 54.60
C LEU A 82 -2.83 40.55 54.56
N LEU A 83 -1.59 40.52 55.07
CA LEU A 83 -0.74 39.32 55.06
C LEU A 83 -0.39 38.79 56.46
N ALA A 84 -0.04 37.49 56.56
CA ALA A 84 0.35 36.82 57.81
C ALA A 84 1.37 35.71 57.58
N VAL A 85 2.22 35.44 58.58
CA VAL A 85 3.27 34.41 58.51
C VAL A 85 3.15 33.45 59.71
N VAL A 86 2.79 32.18 59.46
CA VAL A 86 2.60 31.15 60.50
C VAL A 86 3.52 29.96 60.24
N PHE A 87 4.21 29.47 61.29
CA PHE A 87 5.11 28.31 61.22
C PHE A 87 4.57 27.15 62.05
N TYR A 88 4.86 25.91 61.63
CA TYR A 88 4.46 24.70 62.36
C TYR A 88 5.60 23.69 62.41
N GLY A 89 5.63 22.89 63.46
CA GLY A 89 6.69 21.90 63.68
C GLY A 89 7.89 22.52 64.37
N THR A 90 7.68 23.67 65.04
CA THR A 90 8.67 24.42 65.82
C THR A 90 8.48 24.05 67.28
N GLU A 91 9.57 23.97 68.09
CA GLU A 91 9.43 23.66 69.51
C GLU A 91 8.68 24.77 70.26
N LYS A 92 9.10 26.04 70.05
CA LYS A 92 8.49 27.23 70.65
C LYS A 92 7.16 27.53 69.96
N ASP A 93 6.08 27.65 70.76
CA ASP A 93 4.76 27.93 70.22
C ASP A 93 4.23 29.29 70.63
N LYS A 94 3.74 30.07 69.66
CA LYS A 94 3.17 31.39 69.85
C LYS A 94 1.84 31.47 69.11
N ASN A 95 0.74 31.24 69.84
CA ASN A 95 -0.63 31.29 69.31
C ASN A 95 -1.67 31.54 70.40
N SER A 96 -2.87 31.97 69.97
CA SER A 96 -4.05 32.34 70.76
C SER A 96 -4.32 31.44 71.96
N VAL A 97 -4.42 30.11 71.74
CA VAL A 97 -4.76 29.17 72.81
C VAL A 97 -3.58 28.29 73.26
N ASN A 98 -2.34 28.71 72.92
CA ASN A 98 -1.10 28.02 73.27
C ASN A 98 -1.11 26.53 72.84
N PHE A 99 -1.54 26.27 71.59
CA PHE A 99 -1.56 24.94 70.99
C PHE A 99 -0.10 24.62 70.69
N LYS A 100 0.35 23.44 71.10
CA LYS A 100 1.74 23.02 70.93
C LYS A 100 2.24 22.96 69.48
N ASN A 101 3.47 23.48 69.29
CA ASN A 101 4.31 23.51 68.09
C ASN A 101 3.76 24.36 66.92
N ILE A 102 3.07 25.48 67.23
CA ILE A 102 2.54 26.43 66.25
C ILE A 102 3.02 27.85 66.58
N TYR A 103 3.87 28.44 65.72
CA TYR A 103 4.40 29.80 65.92
C TYR A 103 3.86 30.81 64.90
N VAL A 104 2.98 31.70 65.37
CA VAL A 104 2.40 32.77 64.54
C VAL A 104 3.36 33.97 64.62
N LEU A 105 4.26 34.06 63.63
CA LEU A 105 5.28 35.11 63.55
C LEU A 105 4.65 36.49 63.32
N GLN A 106 3.73 36.58 62.33
CA GLN A 106 3.04 37.83 61.97
C GLN A 106 1.54 37.62 61.85
N GLU A 107 0.75 38.45 62.56
CA GLU A 107 -0.71 38.43 62.52
C GLU A 107 -1.18 39.04 61.19
N LEU A 108 -2.49 38.97 60.89
CA LEU A 108 -3.02 39.53 59.64
C LEU A 108 -3.02 41.06 59.66
N ASP A 109 -2.16 41.67 58.83
CA ASP A 109 -2.00 43.13 58.68
C ASP A 109 -1.32 43.49 57.36
N ASN A 110 -1.37 44.77 56.97
CA ASN A 110 -0.77 45.33 55.75
C ASN A 110 0.76 45.10 55.72
N PRO A 111 1.39 45.01 54.52
CA PRO A 111 2.85 44.82 54.47
C PRO A 111 3.61 46.08 54.90
N GLY A 112 4.71 45.89 55.63
CA GLY A 112 5.54 46.97 56.13
C GLY A 112 7.03 46.74 55.97
N ALA A 113 7.82 47.82 56.12
CA ALA A 113 9.28 47.79 56.02
C ALA A 113 9.91 46.98 57.17
N LYS A 114 9.37 47.10 58.39
CA LYS A 114 9.85 46.37 59.57
C LYS A 114 9.49 44.89 59.48
N ARG A 115 8.34 44.57 58.84
CA ARG A 115 7.85 43.21 58.64
C ARG A 115 8.75 42.41 57.69
N ILE A 116 9.18 43.04 56.58
CA ILE A 116 10.08 42.46 55.58
C ILE A 116 11.47 42.24 56.22
N LEU A 117 11.89 43.19 57.08
CA LEU A 117 13.16 43.14 57.83
C LEU A 117 13.19 41.93 58.77
N GLU A 118 12.03 41.60 59.40
CA GLU A 118 11.89 40.45 60.30
C GLU A 118 12.04 39.14 59.52
N LEU A 119 11.48 39.08 58.29
CA LEU A 119 11.56 37.93 57.38
C LEU A 119 13.00 37.71 56.88
N ASP A 120 13.76 38.83 56.71
CA ASP A 120 15.15 38.83 56.25
C ASP A 120 16.12 38.18 57.25
N GLN A 121 15.71 38.11 58.54
CA GLN A 121 16.49 37.51 59.62
C GLN A 121 16.57 35.98 59.52
N PHE A 122 15.72 35.38 58.68
CA PHE A 122 15.68 33.93 58.49
C PHE A 122 16.19 33.51 57.10
N LYS A 123 16.42 34.49 56.22
CA LYS A 123 16.92 34.32 54.85
C LYS A 123 18.39 33.88 54.87
N GLY A 124 18.70 32.83 54.12
CA GLY A 124 20.05 32.28 53.99
C GLY A 124 20.41 31.21 55.00
N GLN A 125 21.65 30.70 54.88
CA GLN A 125 22.23 29.66 55.75
C GLN A 125 22.54 30.22 57.15
N GLN A 126 22.95 31.50 57.22
CA GLN A 126 23.22 32.21 58.47
C GLN A 126 21.89 32.60 59.11
N GLY A 127 20.90 32.89 58.26
CA GLY A 127 19.53 33.22 58.67
C GLY A 127 18.81 32.00 59.21
N GLN A 128 19.14 30.80 58.65
CA GLN A 128 18.61 29.51 59.07
C GLN A 128 19.01 29.24 60.52
N LYS A 129 20.27 29.58 60.89
CA LYS A 129 20.84 29.44 62.23
C LYS A 129 20.03 30.25 63.26
N ARG A 130 19.65 31.49 62.89
CA ARG A 130 18.87 32.43 63.72
C ARG A 130 17.47 31.88 64.00
N PHE A 131 16.86 31.20 63.02
CA PHE A 131 15.54 30.57 63.13
C PHE A 131 15.58 29.45 64.17
N GLN A 132 16.56 28.52 64.05
CA GLN A 132 16.77 27.37 64.94
C GLN A 132 17.00 27.79 66.40
N ASP A 133 17.62 28.98 66.60
CA ASP A 133 17.93 29.53 67.92
C ASP A 133 16.70 30.16 68.61
N MET A 134 15.92 30.98 67.86
CA MET A 134 14.72 31.66 68.36
C MET A 134 13.62 30.66 68.73
N MET A 135 13.32 29.73 67.81
CA MET A 135 12.33 28.66 67.96
C MET A 135 12.89 27.32 67.46
N GLY A 136 12.35 26.22 67.96
CA GLY A 136 12.81 24.89 67.59
C GLY A 136 12.43 24.43 66.19
N HIS A 137 12.71 23.15 65.89
CA HIS A 137 12.40 22.53 64.58
C HIS A 137 12.28 21.00 64.67
N GLY A 138 11.61 20.40 63.68
CA GLY A 138 11.39 18.96 63.57
C GLY A 138 10.55 18.37 64.69
N SER A 139 9.68 19.20 65.31
CA SER A 139 8.81 18.84 66.42
C SER A 139 7.49 18.23 65.93
N ASP A 140 6.90 17.34 66.74
CA ASP A 140 5.63 16.70 66.41
C ASP A 140 4.49 17.71 66.37
N TYR A 141 3.79 17.76 65.24
CA TYR A 141 2.66 18.68 65.04
C TYR A 141 1.35 17.92 64.85
N SER A 142 0.26 18.67 64.66
CA SER A 142 -1.09 18.16 64.41
C SER A 142 -1.76 19.12 63.44
N LEU A 143 -1.77 18.75 62.14
CA LEU A 143 -2.34 19.56 61.06
C LEU A 143 -3.74 20.09 61.34
N SER A 144 -4.54 19.32 62.12
CA SER A 144 -5.88 19.70 62.54
C SER A 144 -5.83 20.99 63.37
N GLU A 145 -4.92 21.04 64.37
CA GLU A 145 -4.69 22.19 65.25
C GLU A 145 -4.03 23.33 64.48
N VAL A 146 -3.12 23.00 63.53
CA VAL A 146 -2.38 23.97 62.70
C VAL A 146 -3.33 24.84 61.86
N LEU A 147 -4.24 24.18 61.12
CA LEU A 147 -5.22 24.86 60.26
C LEU A 147 -6.25 25.64 61.06
N TRP A 148 -6.60 25.14 62.26
CA TRP A 148 -7.56 25.78 63.16
C TRP A 148 -7.04 27.14 63.62
N VAL A 149 -5.74 27.20 64.01
CA VAL A 149 -5.07 28.44 64.46
C VAL A 149 -5.09 29.45 63.32
N CYS A 150 -4.72 28.99 62.11
CA CYS A 150 -4.70 29.79 60.88
C CYS A 150 -6.05 30.40 60.61
N ALA A 151 -7.13 29.58 60.70
CA ALA A 151 -8.51 30.03 60.49
C ALA A 151 -8.92 31.09 61.49
N ASN A 152 -8.50 30.92 62.76
CA ASN A 152 -8.79 31.84 63.86
C ASN A 152 -8.16 33.23 63.65
N LEU A 153 -7.12 33.35 62.80
CA LEU A 153 -6.47 34.63 62.52
C LEU A 153 -7.36 35.52 61.66
N PHE A 154 -8.25 34.91 60.85
CA PHE A 154 -9.18 35.62 59.96
C PHE A 154 -10.32 36.31 60.73
N SER A 155 -10.62 35.82 61.95
CA SER A 155 -11.69 36.34 62.80
C SER A 155 -11.72 37.88 62.91
N ASP A 156 -10.53 38.52 62.99
CA ASP A 156 -10.33 39.96 63.11
C ASP A 156 -10.51 40.66 61.76
N SER A 162 -13.31 39.98 52.61
CA SER A 162 -13.72 39.41 51.33
C SER A 162 -13.22 37.97 51.11
N HIS A 163 -11.98 37.77 50.62
CA HIS A 163 -11.42 36.44 50.38
C HIS A 163 -10.43 36.03 51.46
N LYS A 164 -10.60 34.79 51.96
CA LYS A 164 -9.76 34.20 52.99
C LYS A 164 -8.92 33.10 52.33
N ARG A 165 -7.58 33.16 52.44
CA ARG A 165 -6.70 32.19 51.78
C ARG A 165 -5.48 31.79 52.62
N ILE A 166 -5.20 30.47 52.68
CA ILE A 166 -4.05 29.89 53.38
C ILE A 166 -3.16 29.18 52.35
N MET A 167 -1.87 29.53 52.34
CA MET A 167 -0.89 28.94 51.42
C MET A 167 0.16 28.14 52.19
N LEU A 168 0.05 26.81 52.10
CA LEU A 168 0.90 25.84 52.78
C LEU A 168 2.17 25.47 51.98
N PHE A 169 3.34 25.90 52.49
CA PHE A 169 4.66 25.64 51.91
C PHE A 169 5.23 24.44 52.65
N THR A 170 5.31 23.28 51.98
CA THR A 170 5.82 22.04 52.57
C THR A 170 6.41 21.09 51.52
N ASN A 171 7.36 20.23 51.94
CA ASN A 171 8.00 19.23 51.10
C ASN A 171 7.65 17.80 51.58
N GLU A 172 6.70 17.69 52.54
CA GLU A 172 6.21 16.41 53.09
C GLU A 172 4.91 16.02 52.39
N ASP A 173 4.98 14.99 51.53
CA ASP A 173 3.85 14.49 50.73
C ASP A 173 2.81 13.74 51.54
N ASN A 174 3.23 13.07 52.62
CA ASN A 174 2.30 12.32 53.47
C ASN A 174 2.52 12.58 54.98
N PRO A 175 2.12 13.77 55.50
CA PRO A 175 2.24 14.00 56.95
C PRO A 175 1.19 13.17 57.66
N HIS A 176 1.48 12.69 58.88
CA HIS A 176 0.62 11.80 59.67
C HIS A 176 0.35 10.48 58.90
N GLY A 177 1.39 9.95 58.25
CA GLY A 177 1.31 8.71 57.50
C GLY A 177 1.23 7.52 58.43
N ASN A 178 1.90 7.64 59.58
CA ASN A 178 1.96 6.66 60.65
C ASN A 178 0.71 6.76 61.56
N ASP A 179 0.24 8.00 61.82
CA ASP A 179 -0.92 8.26 62.69
C ASP A 179 -2.22 8.35 61.88
N SER A 180 -3.12 7.37 62.06
CA SER A 180 -4.41 7.32 61.36
C SER A 180 -5.40 8.36 61.90
N ALA A 181 -5.42 8.54 63.24
CA ALA A 181 -6.30 9.48 63.94
C ALA A 181 -5.99 10.94 63.57
N LYS A 182 -4.70 11.34 63.61
CA LYS A 182 -4.23 12.69 63.28
C LYS A 182 -4.56 13.06 61.83
N ALA A 183 -4.47 12.08 60.92
CA ALA A 183 -4.74 12.22 59.49
C ALA A 183 -6.22 12.49 59.22
N SER A 184 -7.12 11.75 59.88
CA SER A 184 -8.57 11.92 59.71
C SER A 184 -9.06 13.23 60.33
N ARG A 185 -8.49 13.62 61.50
CA ARG A 185 -8.80 14.85 62.22
C ARG A 185 -8.43 16.07 61.37
N ALA A 186 -7.29 15.98 60.64
CA ALA A 186 -6.80 17.03 59.75
C ALA A 186 -7.75 17.21 58.56
N ARG A 187 -8.28 16.10 58.02
CA ARG A 187 -9.23 16.08 56.90
C ARG A 187 -10.53 16.80 57.27
N THR A 188 -10.97 16.62 58.53
CA THR A 188 -12.19 17.21 59.08
C THR A 188 -12.05 18.73 59.20
N LYS A 189 -10.94 19.24 59.79
CA LYS A 189 -10.72 20.69 59.92
C LYS A 189 -10.49 21.35 58.58
N ALA A 190 -9.87 20.62 57.64
CA ALA A 190 -9.64 21.10 56.27
C ALA A 190 -10.99 21.25 55.58
N GLY A 191 -11.89 20.29 55.82
CA GLY A 191 -13.26 20.30 55.30
C GLY A 191 -14.04 21.47 55.86
N ASP A 192 -13.92 21.69 57.18
CA ASP A 192 -14.56 22.78 57.92
C ASP A 192 -14.15 24.16 57.40
N LEU A 193 -12.87 24.32 57.00
CA LEU A 193 -12.37 25.60 56.46
C LEU A 193 -13.01 25.89 55.12
N ARG A 194 -13.09 24.87 54.25
CA ARG A 194 -13.66 24.96 52.91
C ARG A 194 -15.14 25.31 52.95
N ASP A 195 -15.88 24.75 53.91
CA ASP A 195 -17.31 25.03 54.11
C ASP A 195 -17.55 26.47 54.62
N THR A 196 -16.51 27.09 55.23
CA THR A 196 -16.56 28.45 55.76
C THR A 196 -16.31 29.48 54.64
N GLY A 197 -15.44 29.13 53.70
CA GLY A 197 -15.09 30.00 52.59
C GLY A 197 -13.61 30.30 52.51
N ILE A 198 -12.82 29.62 53.36
CA ILE A 198 -11.37 29.75 53.42
C ILE A 198 -10.76 28.86 52.34
N PHE A 199 -9.84 29.42 51.53
CA PHE A 199 -9.17 28.69 50.46
C PHE A 199 -7.90 28.05 50.98
N LEU A 200 -7.67 26.77 50.64
CA LEU A 200 -6.47 26.05 51.03
C LEU A 200 -5.70 25.65 49.78
N ASP A 201 -4.52 26.26 49.61
CA ASP A 201 -3.66 26.02 48.44
C ASP A 201 -2.33 25.41 48.84
N LEU A 202 -1.94 24.33 48.17
CA LEU A 202 -0.69 23.62 48.44
C LEU A 202 0.44 24.16 47.61
N MET A 203 1.57 24.44 48.26
CA MET A 203 2.79 24.91 47.63
C MET A 203 3.86 23.85 47.84
N HIS A 204 3.60 22.66 47.28
CA HIS A 204 4.43 21.46 47.33
C HIS A 204 5.81 21.72 46.74
N LEU A 205 6.85 21.36 47.50
CA LEU A 205 8.24 21.59 47.14
C LEU A 205 8.98 20.28 46.82
N LYS A 206 10.11 20.37 46.10
CA LYS A 206 10.94 19.24 45.68
C LYS A 206 11.28 18.31 46.83
N LYS A 207 10.93 17.04 46.64
CA LYS A 207 11.14 15.97 47.60
C LYS A 207 11.82 14.79 46.90
N PRO A 208 12.86 14.16 47.50
CA PRO A 208 13.50 13.00 46.85
C PRO A 208 12.50 11.87 46.54
N GLY A 209 12.43 11.53 45.26
CA GLY A 209 11.51 10.50 44.76
C GLY A 209 10.14 11.04 44.43
N GLY A 210 10.05 12.35 44.22
CA GLY A 210 8.82 13.06 43.88
C GLY A 210 7.85 13.29 45.02
N PHE A 211 6.86 14.18 44.78
CA PHE A 211 5.80 14.55 45.70
C PHE A 211 4.47 13.96 45.20
N ASP A 212 3.77 13.21 46.07
CA ASP A 212 2.49 12.60 45.69
C ASP A 212 1.29 13.29 46.34
N ILE A 213 0.35 13.73 45.50
CA ILE A 213 -0.87 14.39 45.93
C ILE A 213 -1.92 13.35 46.37
N SER A 214 -1.98 12.20 45.67
CA SER A 214 -2.94 11.12 45.94
C SER A 214 -2.85 10.52 47.36
N LEU A 215 -1.63 10.48 47.95
CA LEU A 215 -1.39 9.94 49.30
C LEU A 215 -2.01 10.81 50.39
N PHE A 216 -1.78 12.13 50.33
CA PHE A 216 -2.32 13.14 51.24
C PHE A 216 -2.30 14.50 50.57
N TYR A 217 -3.25 15.38 50.97
CA TYR A 217 -3.47 16.75 50.49
C TYR A 217 -4.49 16.83 49.37
N ARG A 218 -4.82 15.69 48.73
CA ARG A 218 -5.82 15.61 47.67
C ARG A 218 -7.20 16.05 48.20
N ASP A 219 -7.52 15.65 49.44
CA ASP A 219 -8.76 15.99 50.13
C ASP A 219 -8.67 17.34 50.84
N ILE A 220 -7.46 17.70 51.31
CA ILE A 220 -7.17 18.94 52.04
C ILE A 220 -7.33 20.19 51.14
N ILE A 221 -6.67 20.19 49.97
CA ILE A 221 -6.66 21.31 49.02
C ILE A 221 -8.03 21.73 48.53
N SER A 222 -8.16 23.03 48.21
CA SER A 222 -9.39 23.61 47.68
C SER A 222 -9.42 23.37 46.17
N ILE A 223 -10.45 22.64 45.73
CA ILE A 223 -10.67 22.31 44.32
C ILE A 223 -11.88 23.11 43.79
N ALA A 224 -11.76 23.67 42.58
CA ALA A 224 -12.86 24.41 41.97
C ALA A 224 -13.95 23.43 41.54
N GLU A 225 -15.23 23.90 41.48
CA GLU A 225 -16.39 23.11 41.08
C GLU A 225 -16.24 22.62 39.63
N ASP A 226 -15.62 23.46 38.77
CA ASP A 226 -15.38 23.20 37.34
C ASP A 226 -14.04 22.52 37.12
N GLU A 227 -14.06 21.40 36.36
CA GLU A 227 -12.91 20.59 35.98
C GLU A 227 -11.88 21.38 35.17
N ASP A 228 -12.38 22.32 34.36
CA ASP A 228 -11.62 23.20 33.47
C ASP A 228 -10.95 24.34 34.23
N LEU A 229 -11.59 24.81 35.33
CA LEU A 229 -11.08 25.90 36.19
C LEU A 229 -9.85 25.51 37.01
N ARG A 230 -9.80 24.26 37.52
CA ARG A 230 -8.70 23.83 38.38
C ARG A 230 -7.40 23.55 37.58
N VAL A 231 -6.28 24.07 38.12
CA VAL A 231 -4.90 23.95 37.62
C VAL A 231 -4.06 23.02 38.50
N HIS A 232 -3.34 22.09 37.86
CA HIS A 232 -2.51 21.12 38.58
C HIS A 232 -1.03 21.40 38.41
N PHE A 233 -0.48 22.28 39.28
CA PHE A 233 0.93 22.67 39.23
C PHE A 233 1.84 21.55 39.67
N GLU A 234 3.07 21.51 39.13
CA GLU A 234 4.09 20.53 39.48
C GLU A 234 4.84 21.06 40.71
N GLU A 235 5.60 20.19 41.38
CA GLU A 235 6.40 20.56 42.56
C GLU A 235 7.44 21.65 42.27
N SER A 236 7.59 22.61 43.19
CA SER A 236 8.53 23.72 43.02
C SER A 236 9.95 23.35 43.45
N SER A 237 10.93 23.61 42.57
CA SER A 237 12.36 23.33 42.78
C SER A 237 13.17 24.62 42.83
N LYS A 238 12.76 25.63 42.05
CA LYS A 238 13.39 26.95 41.98
C LYS A 238 12.46 27.99 42.61
N LEU A 239 13.05 29.08 43.13
CA LEU A 239 12.34 30.20 43.75
C LEU A 239 11.46 30.94 42.72
N GLU A 240 11.96 31.11 41.48
CA GLU A 240 11.26 31.79 40.37
C GLU A 240 9.95 31.10 39.99
N ASP A 241 9.93 29.75 40.03
CA ASP A 241 8.75 28.94 39.74
C ASP A 241 7.73 29.03 40.86
N LEU A 242 8.21 28.92 42.13
CA LEU A 242 7.39 28.99 43.33
C LEU A 242 6.68 30.34 43.43
N LEU A 243 7.44 31.45 43.28
CA LEU A 243 6.91 32.81 43.33
C LEU A 243 5.83 33.05 42.28
N ARG A 244 6.01 32.49 41.06
CA ARG A 244 5.04 32.60 39.96
C ARG A 244 3.78 31.78 40.23
N LYS A 245 3.91 30.62 40.89
CA LYS A 245 2.78 29.75 41.25
C LYS A 245 1.95 30.37 42.37
N VAL A 246 2.63 31.02 43.34
CA VAL A 246 2.01 31.70 44.48
C VAL A 246 1.18 32.89 43.99
N ARG A 247 1.76 33.75 43.14
CA ARG A 247 1.09 34.92 42.57
C ARG A 247 -0.03 34.53 41.59
N ALA A 248 -0.01 33.30 41.05
CA ALA A 248 -1.03 32.77 40.14
C ALA A 248 -2.32 32.46 40.91
N LYS A 249 -2.20 31.76 42.06
CA LYS A 249 -3.33 31.37 42.90
C LYS A 249 -3.85 32.53 43.77
N GLU A 250 -2.94 33.42 44.22
CA GLU A 250 -3.20 34.59 45.06
C GLU A 250 -4.17 35.58 44.42
N THR A 251 -3.76 36.12 43.25
CA THR A 251 -4.48 37.14 42.48
C THR A 251 -5.92 36.79 42.13
N ARG A 252 -6.80 37.80 42.23
CA ARG A 252 -8.22 37.75 41.91
C ARG A 252 -8.45 38.60 40.68
N LYS A 253 -9.24 38.09 39.71
CA LYS A 253 -9.56 38.76 38.46
C LYS A 253 -10.29 40.08 38.72
N ARG A 254 -9.77 41.17 38.15
CA ARG A 254 -10.35 42.50 38.28
C ARG A 254 -10.76 42.98 36.90
N ALA A 255 -12.07 42.96 36.61
CA ALA A 255 -12.60 43.40 35.33
C ALA A 255 -12.62 44.93 35.25
N LEU A 256 -11.99 45.48 34.19
CA LEU A 256 -11.93 46.93 33.93
C LEU A 256 -13.34 47.45 33.65
N SER A 257 -14.15 46.66 32.92
CA SER A 257 -15.54 46.95 32.57
C SER A 257 -16.26 45.67 32.12
N ARG A 258 -17.59 45.65 32.27
CA ARG A 258 -18.44 44.54 31.84
C ARG A 258 -19.35 45.16 30.77
N LEU A 259 -19.13 44.81 29.49
CA LEU A 259 -19.86 45.40 28.37
C LEU A 259 -20.68 44.38 27.59
N LYS A 260 -21.58 44.88 26.73
CA LYS A 260 -22.44 44.07 25.88
C LYS A 260 -21.78 43.90 24.51
N LEU A 261 -21.60 42.66 24.04
CA LEU A 261 -21.06 42.38 22.70
C LEU A 261 -22.26 42.08 21.80
N LYS A 262 -22.71 43.09 21.06
CA LYS A 262 -23.88 43.02 20.21
C LYS A 262 -23.57 42.50 18.80
N LEU A 263 -23.87 41.21 18.55
CA LEU A 263 -23.70 40.51 17.26
C LEU A 263 -24.64 41.18 16.24
N ASN A 264 -25.85 41.52 16.73
CA ASN A 264 -27.00 42.13 16.06
C ASN A 264 -27.86 42.77 17.18
N LYS A 265 -28.82 43.64 16.81
CA LYS A 265 -29.73 44.34 17.74
C LYS A 265 -30.33 43.41 18.80
N ASP A 266 -30.62 42.13 18.43
CA ASP A 266 -31.23 41.13 19.30
C ASP A 266 -30.26 40.09 19.86
N ILE A 267 -29.17 39.76 19.12
CA ILE A 267 -28.18 38.79 19.61
C ILE A 267 -27.10 39.55 20.38
N VAL A 268 -27.21 39.53 21.72
CA VAL A 268 -26.29 40.24 22.62
C VAL A 268 -25.74 39.32 23.73
N ILE A 269 -24.42 39.17 23.78
CA ILE A 269 -23.74 38.40 24.83
C ILE A 269 -23.04 39.39 25.76
N SER A 270 -22.74 38.98 27.00
CA SER A 270 -22.07 39.87 27.94
C SER A 270 -20.62 39.45 28.12
N VAL A 271 -19.70 40.41 28.00
CA VAL A 271 -18.26 40.19 28.12
C VAL A 271 -17.59 41.10 29.14
N GLY A 272 -16.50 40.61 29.72
CA GLY A 272 -15.69 41.33 30.67
C GLY A 272 -14.41 41.79 29.98
N ILE A 273 -14.09 43.07 30.10
CA ILE A 273 -12.90 43.67 29.50
C ILE A 273 -11.84 43.75 30.60
N TYR A 274 -10.72 43.03 30.42
CA TYR A 274 -9.64 42.95 31.41
C TYR A 274 -8.35 43.55 30.87
N ASN A 275 -7.68 44.38 31.68
CA ASN A 275 -6.40 44.99 31.33
C ASN A 275 -5.27 44.15 31.93
N LEU A 276 -4.73 43.21 31.12
CA LEU A 276 -3.67 42.29 31.53
C LEU A 276 -2.29 42.96 31.58
N VAL A 277 -2.17 44.16 30.99
CA VAL A 277 -0.99 45.00 30.99
C VAL A 277 -1.42 46.44 31.27
N GLN A 278 -0.79 47.08 32.25
CA GLN A 278 -1.10 48.46 32.63
C GLN A 278 0.16 49.12 33.16
N LYS A 279 0.55 50.26 32.53
CA LYS A 279 1.74 51.02 32.89
C LYS A 279 1.78 51.36 34.37
N ALA A 280 2.73 50.73 35.08
CA ALA A 280 2.96 50.95 36.51
C ALA A 280 3.77 52.23 36.62
N LEU A 281 3.19 53.22 37.30
CA LEU A 281 3.81 54.54 37.46
C LEU A 281 4.15 54.86 38.91
N LYS A 282 5.02 55.87 39.13
CA LYS A 282 5.44 56.34 40.44
C LYS A 282 4.19 56.79 41.24
N PRO A 283 4.00 56.27 42.47
CA PRO A 283 2.81 56.64 43.25
C PRO A 283 2.70 58.14 43.53
N PRO A 284 1.46 58.71 43.50
CA PRO A 284 1.31 60.16 43.73
C PRO A 284 1.65 60.59 45.16
N PRO A 285 2.24 61.79 45.34
CA PRO A 285 2.60 62.24 46.69
C PRO A 285 1.40 62.64 47.55
N ILE A 286 1.57 62.57 48.88
CA ILE A 286 0.57 62.93 49.88
C ILE A 286 1.05 64.18 50.59
N LYS A 287 0.20 65.22 50.62
CA LYS A 287 0.51 66.49 51.26
C LYS A 287 0.38 66.34 52.78
N LEU A 288 1.50 66.48 53.50
CA LEU A 288 1.56 66.33 54.97
C LEU A 288 1.80 67.68 55.66
N TYR A 289 2.10 67.63 56.98
CA TYR A 289 2.43 68.80 57.80
C TYR A 289 3.86 68.66 58.32
N ARG A 290 4.57 69.80 58.46
CA ARG A 290 5.97 69.86 58.90
C ARG A 290 6.24 69.31 60.31
N GLU A 291 5.28 69.45 61.23
CA GLU A 291 5.42 69.03 62.63
C GLU A 291 4.77 67.67 62.95
N THR A 292 3.46 67.51 62.66
CA THR A 292 2.69 66.29 62.95
C THR A 292 2.98 65.13 61.99
N ASN A 293 3.26 65.43 60.70
CA ASN A 293 3.54 64.49 59.61
C ASN A 293 2.32 63.58 59.29
N GLU A 294 1.11 64.16 59.41
CA GLU A 294 -0.18 63.50 59.14
C GLU A 294 -0.77 64.01 57.82
N PRO A 295 -1.58 63.20 57.08
CA PRO A 295 -2.14 63.69 55.80
C PRO A 295 -3.07 64.89 55.94
N VAL A 296 -3.09 65.75 54.90
CA VAL A 296 -3.90 66.97 54.84
C VAL A 296 -4.90 66.83 53.67
N LYS A 297 -6.21 67.00 53.94
CA LYS A 297 -7.25 66.90 52.92
C LYS A 297 -7.37 68.21 52.14
N THR A 298 -7.39 68.11 50.79
CA THR A 298 -7.50 69.24 49.87
C THR A 298 -8.93 69.43 49.36
N LYS A 299 -9.44 70.68 49.48
CA LYS A 299 -10.76 71.09 49.04
C LYS A 299 -10.61 72.17 47.96
N THR A 300 -10.85 71.80 46.69
CA THR A 300 -10.74 72.74 45.57
C THR A 300 -12.11 73.36 45.29
N ARG A 301 -12.31 74.59 45.79
CA ARG A 301 -13.57 75.35 45.68
C ARG A 301 -13.56 76.34 44.51
N THR A 302 -14.63 76.34 43.70
CA THR A 302 -14.81 77.24 42.55
C THR A 302 -15.92 78.23 42.88
N PHE A 303 -15.60 79.54 42.86
CA PHE A 303 -16.55 80.60 43.18
C PHE A 303 -16.33 81.90 42.37
N ASN A 304 -17.32 82.81 42.42
CA ASN A 304 -17.34 84.10 41.74
C ASN A 304 -16.31 85.08 42.35
N THR A 305 -15.88 86.08 41.56
CA THR A 305 -14.91 87.10 41.97
C THR A 305 -15.64 88.35 42.51
N SER A 306 -16.69 88.80 41.81
CA SER A 306 -17.49 89.98 42.16
C SER A 306 -18.32 89.82 43.42
N THR A 307 -18.98 88.65 43.60
CA THR A 307 -19.83 88.36 44.76
C THR A 307 -19.10 87.55 45.85
N GLY A 308 -18.37 86.53 45.43
CA GLY A 308 -17.62 85.66 46.34
C GLY A 308 -18.32 84.36 46.65
N LEU A 312 -23.33 77.80 41.65
CA LEU A 312 -24.03 76.57 41.31
C LEU A 312 -23.76 76.14 39.85
N PRO A 313 -23.91 74.84 39.48
CA PRO A 313 -23.63 74.44 38.08
C PRO A 313 -24.56 75.05 37.03
N SER A 314 -25.74 75.57 37.46
CA SER A 314 -26.73 76.22 36.61
C SER A 314 -26.23 77.60 36.14
N ASP A 315 -25.40 78.26 36.98
CA ASP A 315 -24.81 79.58 36.72
C ASP A 315 -23.58 79.50 35.78
N THR A 316 -23.15 78.29 35.40
CA THR A 316 -21.99 78.10 34.53
C THR A 316 -22.36 77.68 33.11
N LYS A 317 -21.57 78.16 32.14
CA LYS A 317 -21.68 77.90 30.71
C LYS A 317 -20.28 77.67 30.13
N ARG A 318 -20.18 76.99 28.97
CA ARG A 318 -18.89 76.70 28.34
C ARG A 318 -18.69 77.53 27.07
N SER A 319 -17.45 78.02 26.88
CA SER A 319 -17.10 78.86 25.73
C SER A 319 -15.81 78.46 25.02
N GLN A 320 -15.78 78.75 23.72
CA GLN A 320 -14.66 78.55 22.80
C GLN A 320 -14.66 79.75 21.87
N ILE A 321 -13.53 80.49 21.83
CA ILE A 321 -13.42 81.71 21.06
C ILE A 321 -12.50 81.52 19.84
N TYR A 322 -13.09 81.70 18.64
CA TYR A 322 -12.41 81.61 17.35
C TYR A 322 -12.44 83.00 16.70
N GLY A 323 -11.31 83.70 16.79
CA GLY A 323 -11.13 85.05 16.27
C GLY A 323 -11.91 86.06 17.09
N SER A 324 -13.01 86.56 16.52
CA SER A 324 -13.90 87.54 17.16
C SER A 324 -15.15 86.84 17.73
N ARG A 325 -15.57 85.72 17.10
CA ARG A 325 -16.75 84.94 17.49
C ARG A 325 -16.52 84.09 18.73
N GLN A 326 -17.54 84.07 19.61
CA GLN A 326 -17.57 83.28 20.84
C GLN A 326 -18.78 82.32 20.75
N ILE A 327 -18.50 81.01 20.76
CA ILE A 327 -19.53 79.98 20.68
C ILE A 327 -19.89 79.54 22.11
N ILE A 328 -21.18 79.59 22.47
CA ILE A 328 -21.66 79.24 23.81
C ILE A 328 -22.46 77.93 23.81
N LEU A 329 -22.02 76.97 24.65
CA LEU A 329 -22.69 75.68 24.82
C LEU A 329 -22.84 75.32 26.29
N GLU A 330 -23.96 74.67 26.64
CA GLU A 330 -24.22 74.19 27.99
C GLU A 330 -23.45 72.89 28.24
N LYS A 331 -23.22 72.51 29.51
CA LYS A 331 -22.50 71.29 29.87
C LYS A 331 -23.16 70.04 29.27
N GLU A 332 -24.51 70.03 29.18
CA GLU A 332 -25.29 68.93 28.58
C GLU A 332 -25.02 68.83 27.09
N GLU A 333 -24.92 69.99 26.40
CA GLU A 333 -24.67 70.11 24.97
C GLU A 333 -23.26 69.64 24.60
N THR A 334 -22.26 69.97 25.45
CA THR A 334 -20.86 69.58 25.23
C THR A 334 -20.68 68.05 25.29
N GLU A 335 -21.54 67.37 26.05
CA GLU A 335 -21.54 65.92 26.18
C GLU A 335 -22.40 65.27 25.08
N GLU A 336 -23.48 65.97 24.64
CA GLU A 336 -24.41 65.54 23.60
C GLU A 336 -23.69 65.34 22.25
N LEU A 337 -22.71 66.21 21.92
CA LEU A 337 -21.93 66.12 20.69
C LEU A 337 -20.93 64.96 20.69
N LYS A 338 -20.43 64.58 21.89
CA LYS A 338 -19.50 63.45 22.08
C LYS A 338 -20.23 62.12 21.89
N ARG A 339 -21.55 62.08 22.19
CA ARG A 339 -22.39 60.89 22.14
C ARG A 339 -22.63 60.35 20.74
N PHE A 340 -22.30 59.05 20.59
CA PHE A 340 -22.45 58.16 19.44
C PHE A 340 -22.70 56.78 20.05
N ASP A 341 -23.48 55.92 19.35
CA ASP A 341 -23.79 54.56 19.81
C ASP A 341 -24.26 54.50 21.28
N ASP A 342 -24.01 53.38 21.96
CA ASP A 342 -24.32 53.14 23.36
C ASP A 342 -23.18 52.28 23.89
N PRO A 343 -22.88 52.25 25.21
CA PRO A 343 -21.71 51.48 25.66
C PRO A 343 -21.78 49.99 25.32
N GLY A 344 -20.71 49.51 24.68
CA GLY A 344 -20.55 48.12 24.27
C GLY A 344 -19.82 47.94 22.96
N LEU A 345 -19.63 46.68 22.54
CA LEU A 345 -18.96 46.30 21.30
C LEU A 345 -19.98 45.93 20.22
N MET A 346 -19.85 46.53 19.02
CA MET A 346 -20.77 46.28 17.90
C MET A 346 -20.06 45.57 16.77
N LEU A 347 -20.44 44.30 16.52
CA LEU A 347 -19.82 43.48 15.48
C LEU A 347 -20.09 44.05 14.09
N MET A 348 -19.00 44.39 13.39
CA MET A 348 -19.02 44.93 12.03
C MET A 348 -18.92 43.80 11.05
N GLY A 349 -18.02 42.87 11.34
CA GLY A 349 -17.77 41.70 10.54
C GLY A 349 -16.49 41.00 10.92
N PHE A 350 -15.92 40.25 9.98
CA PHE A 350 -14.72 39.46 10.22
C PHE A 350 -13.63 39.74 9.19
N LYS A 351 -12.53 40.36 9.64
CA LYS A 351 -11.38 40.71 8.81
C LYS A 351 -10.24 39.68 9.00
N PRO A 352 -9.69 39.06 7.92
CA PRO A 352 -8.60 38.10 8.10
C PRO A 352 -7.37 38.76 8.73
N LEU A 353 -6.72 38.05 9.68
CA LEU A 353 -5.57 38.51 10.46
C LEU A 353 -4.43 39.10 9.61
N VAL A 354 -4.22 38.58 8.38
CA VAL A 354 -3.17 39.03 7.45
C VAL A 354 -3.31 40.52 7.09
N LEU A 355 -4.56 41.03 6.99
CA LEU A 355 -4.84 42.44 6.70
C LEU A 355 -4.46 43.36 7.85
N LEU A 356 -4.49 42.85 9.09
CA LEU A 356 -4.13 43.59 10.30
C LEU A 356 -2.60 43.70 10.36
N LYS A 357 -2.06 44.93 10.31
CA LYS A 357 -0.62 45.20 10.29
C LYS A 357 0.03 45.25 11.68
N LYS A 358 1.30 44.78 11.78
CA LYS A 358 2.11 44.72 13.02
C LYS A 358 2.31 46.08 13.67
N HIS A 359 2.43 47.16 12.86
CA HIS A 359 2.46 48.54 13.35
C HIS A 359 1.00 48.93 13.61
N HIS A 360 0.55 50.17 13.33
CA HIS A 360 -0.83 50.60 13.62
C HIS A 360 -1.18 50.42 15.13
N TYR A 361 -0.16 50.51 15.99
CA TYR A 361 -0.37 50.41 17.42
C TYR A 361 -0.83 51.80 17.90
N LEU A 362 -1.92 51.86 18.66
CA LEU A 362 -2.45 53.13 19.15
C LEU A 362 -2.30 53.31 20.66
N ARG A 363 -2.86 52.36 21.42
CA ARG A 363 -2.86 52.32 22.89
C ARG A 363 -2.84 50.84 23.33
N PRO A 364 -2.45 50.49 24.59
CA PRO A 364 -2.35 49.07 24.97
C PRO A 364 -3.63 48.27 24.85
N SER A 365 -3.48 47.04 24.32
CA SER A 365 -4.54 46.10 24.06
C SER A 365 -5.23 45.60 25.34
N LEU A 366 -6.49 45.18 25.21
CA LEU A 366 -7.28 44.64 26.32
C LEU A 366 -7.60 43.16 26.08
N PHE A 367 -8.21 42.50 27.07
CA PHE A 367 -8.59 41.11 26.98
C PHE A 367 -10.09 40.94 27.18
N VAL A 368 -10.74 40.28 26.23
CA VAL A 368 -12.17 40.04 26.24
C VAL A 368 -12.41 38.58 26.64
N TYR A 369 -13.23 38.37 27.67
CA TYR A 369 -13.59 37.06 28.19
C TYR A 369 -15.11 37.08 28.49
N PRO A 370 -15.89 35.98 28.34
CA PRO A 370 -17.35 36.09 28.58
C PRO A 370 -17.73 36.30 30.03
N GLU A 371 -18.96 36.80 30.26
CA GLU A 371 -19.52 37.05 31.58
C GLU A 371 -20.88 36.38 31.69
N GLU A 372 -20.88 35.08 32.06
CA GLU A 372 -22.09 34.25 32.19
C GLU A 372 -23.04 34.75 33.29
N SER A 373 -22.48 35.44 34.31
CA SER A 373 -23.21 36.02 35.44
C SER A 373 -24.29 37.04 35.04
N LEU A 374 -24.07 37.78 33.93
CA LEU A 374 -25.01 38.79 33.44
C LEU A 374 -25.98 38.23 32.39
N VAL A 375 -25.44 37.60 31.31
CA VAL A 375 -26.23 36.98 30.25
C VAL A 375 -25.88 35.49 30.19
N ILE A 376 -26.87 34.62 30.45
CA ILE A 376 -26.69 33.16 30.46
C ILE A 376 -26.70 32.64 29.03
N GLY A 377 -25.64 31.93 28.68
CA GLY A 377 -25.42 31.35 27.35
C GLY A 377 -24.37 32.09 26.55
N SER A 378 -23.76 33.14 27.16
CA SER A 378 -22.71 33.98 26.56
C SER A 378 -21.46 33.16 26.28
N SER A 379 -20.99 32.40 27.29
CA SER A 379 -19.81 31.55 27.26
C SER A 379 -19.83 30.52 26.13
N THR A 380 -21.01 29.93 25.85
CA THR A 380 -21.19 28.95 24.78
C THR A 380 -20.98 29.59 23.40
N LEU A 381 -21.62 30.75 23.14
CA LEU A 381 -21.50 31.49 21.88
C LEU A 381 -20.10 32.08 21.73
N PHE A 382 -19.49 32.55 22.85
CA PHE A 382 -18.13 33.09 22.87
C PHE A 382 -17.15 32.00 22.47
N SER A 383 -17.33 30.77 23.04
CA SER A 383 -16.50 29.59 22.77
C SER A 383 -16.61 29.22 21.30
N ALA A 384 -17.85 29.18 20.75
CA ALA A 384 -18.13 28.88 19.34
C ALA A 384 -17.45 29.91 18.42
N LEU A 385 -17.47 31.19 18.81
CA LEU A 385 -16.83 32.28 18.08
C LEU A 385 -15.32 32.15 18.12
N LEU A 386 -14.75 31.86 19.31
CA LEU A 386 -13.30 31.69 19.51
C LEU A 386 -12.73 30.52 18.71
N ILE A 387 -13.40 29.34 18.77
CA ILE A 387 -13.02 28.11 18.08
C ILE A 387 -13.01 28.32 16.57
N LYS A 388 -14.09 28.89 16.02
CA LYS A 388 -14.22 29.15 14.58
C LYS A 388 -13.35 30.32 14.06
N CYS A 389 -13.01 31.31 14.92
CA CYS A 389 -12.14 32.42 14.52
C CYS A 389 -10.70 31.95 14.38
N LEU A 390 -10.22 31.13 15.35
CA LEU A 390 -8.87 30.55 15.34
C LEU A 390 -8.69 29.62 14.14
N GLU A 391 -9.71 28.79 13.87
CA GLU A 391 -9.82 27.83 12.77
C GLU A 391 -9.71 28.54 11.41
N LYS A 392 -10.45 29.65 11.24
CA LYS A 392 -10.51 30.44 10.02
C LYS A 392 -9.43 31.53 9.90
N GLU A 393 -8.59 31.72 10.95
CA GLU A 393 -7.52 32.74 11.02
C GLU A 393 -8.09 34.12 10.61
N VAL A 394 -9.06 34.59 11.40
CA VAL A 394 -9.81 35.82 11.20
C VAL A 394 -10.10 36.53 12.55
N ALA A 395 -10.14 37.87 12.57
CA ALA A 395 -10.43 38.67 13.77
C ALA A 395 -11.82 39.30 13.66
N ALA A 396 -12.48 39.54 14.81
CA ALA A 396 -13.81 40.14 14.82
C ALA A 396 -13.69 41.65 14.94
N LEU A 397 -14.06 42.37 13.87
CA LEU A 397 -14.01 43.84 13.86
C LEU A 397 -15.24 44.42 14.56
N CYS A 398 -15.02 45.30 15.56
CA CYS A 398 -16.07 45.91 16.35
C CYS A 398 -15.97 47.41 16.43
N ARG A 399 -17.07 48.08 16.82
CA ARG A 399 -17.13 49.52 17.05
C ARG A 399 -17.28 49.71 18.56
N TYR A 400 -16.12 49.87 19.24
CA TYR A 400 -15.98 49.96 20.69
C TYR A 400 -16.30 51.31 21.31
N THR A 401 -17.25 51.31 22.25
CA THR A 401 -17.68 52.46 23.04
C THR A 401 -17.57 52.04 24.52
N PRO A 402 -16.50 52.47 25.24
CA PRO A 402 -16.32 52.01 26.63
C PRO A 402 -17.33 52.53 27.65
N ARG A 403 -17.68 53.82 27.55
CA ARG A 403 -18.63 54.45 28.47
C ARG A 403 -19.61 55.36 27.73
N ARG A 404 -20.66 55.83 28.44
CA ARG A 404 -21.69 56.73 27.92
C ARG A 404 -21.08 58.07 27.46
N ASN A 405 -21.69 58.68 26.40
CA ASN A 405 -21.30 59.96 25.79
C ASN A 405 -19.80 60.01 25.41
N ILE A 406 -19.35 59.00 24.64
CA ILE A 406 -17.96 58.87 24.15
C ILE A 406 -17.94 58.46 22.67
N PRO A 407 -17.08 59.12 21.83
CA PRO A 407 -17.02 58.77 20.40
C PRO A 407 -16.44 57.37 20.18
N PRO A 408 -16.86 56.64 19.12
CA PRO A 408 -16.38 55.27 18.94
C PRO A 408 -14.99 55.13 18.35
N TYR A 409 -14.45 53.91 18.43
CA TYR A 409 -13.16 53.49 17.89
C TYR A 409 -13.29 52.07 17.37
N PHE A 410 -12.67 51.80 16.21
CA PHE A 410 -12.70 50.47 15.62
C PHE A 410 -11.66 49.59 16.25
N VAL A 411 -12.10 48.47 16.81
CA VAL A 411 -11.22 47.51 17.45
C VAL A 411 -11.29 46.16 16.75
N ALA A 412 -10.21 45.37 16.84
CA ALA A 412 -10.18 44.05 16.25
C ALA A 412 -9.96 43.02 17.35
N LEU A 413 -10.96 42.16 17.57
CA LEU A 413 -10.91 41.10 18.57
C LEU A 413 -10.17 39.91 17.96
N VAL A 414 -8.87 39.80 18.29
CA VAL A 414 -7.96 38.77 17.77
C VAL A 414 -8.11 37.48 18.59
N PRO A 415 -8.43 36.33 17.93
CA PRO A 415 -8.61 35.07 18.69
C PRO A 415 -7.32 34.58 19.35
N GLN A 416 -7.34 34.55 20.69
CA GLN A 416 -6.25 34.14 21.56
C GLN A 416 -6.54 32.74 22.11
N GLU A 417 -5.66 31.79 21.79
CA GLU A 417 -5.74 30.39 22.20
C GLU A 417 -5.09 30.26 23.58
N GLU A 418 -5.54 29.28 24.38
CA GLU A 418 -4.97 29.05 25.71
C GLU A 418 -3.57 28.45 25.64
N GLU A 419 -2.65 28.96 26.48
CA GLU A 419 -1.27 28.49 26.52
C GLU A 419 -0.81 28.34 27.97
N LEU A 420 -0.23 27.17 28.27
CA LEU A 420 0.29 26.81 29.59
C LEU A 420 1.77 26.44 29.44
N ASP A 421 2.63 26.99 30.31
CA ASP A 421 4.07 26.73 30.26
C ASP A 421 4.46 25.37 30.86
N ASP A 422 5.78 25.10 30.93
CA ASP A 422 6.38 23.87 31.48
C ASP A 422 6.05 23.66 32.96
N GLN A 423 5.76 24.75 33.69
CA GLN A 423 5.39 24.75 35.11
C GLN A 423 3.87 24.58 35.31
N LYS A 424 3.12 24.38 34.20
CA LYS A 424 1.65 24.19 34.13
C LYS A 424 0.89 25.48 34.53
N ILE A 425 1.52 26.66 34.33
CA ILE A 425 0.94 27.98 34.61
C ILE A 425 0.41 28.59 33.32
N GLN A 426 -0.84 29.05 33.34
CA GLN A 426 -1.53 29.67 32.21
C GLN A 426 -0.83 30.99 31.85
N VAL A 427 0.06 30.94 30.84
CA VAL A 427 0.81 32.11 30.38
C VAL A 427 -0.02 32.97 29.41
N THR A 428 -0.95 32.34 28.67
CA THR A 428 -1.84 33.00 27.72
C THR A 428 -3.29 32.51 27.92
N PRO A 429 -4.22 33.38 28.41
CA PRO A 429 -5.59 32.93 28.66
C PRO A 429 -6.44 32.78 27.39
N PRO A 430 -7.50 31.93 27.37
CA PRO A 430 -8.32 31.83 26.16
C PRO A 430 -9.39 32.92 26.07
N GLY A 431 -9.43 33.60 24.92
CA GLY A 431 -10.37 34.68 24.66
C GLY A 431 -9.97 35.53 23.47
N PHE A 432 -10.33 36.81 23.49
CA PHE A 432 -9.99 37.71 22.40
C PHE A 432 -9.16 38.88 22.87
N GLN A 433 -8.16 39.27 22.06
CA GLN A 433 -7.31 40.42 22.35
C GLN A 433 -7.96 41.63 21.67
N LEU A 434 -8.37 42.64 22.46
CA LEU A 434 -9.01 43.85 21.94
C LEU A 434 -7.90 44.79 21.43
N VAL A 435 -7.68 44.77 20.11
CA VAL A 435 -6.65 45.55 19.42
C VAL A 435 -7.22 46.87 18.92
N PHE A 436 -6.74 48.01 19.48
CA PHE A 436 -7.18 49.34 19.10
C PHE A 436 -6.60 49.72 17.75
N LEU A 437 -7.49 50.11 16.82
CA LEU A 437 -7.10 50.50 15.47
C LEU A 437 -7.16 52.02 15.28
N PRO A 438 -6.13 52.62 14.65
CA PRO A 438 -6.14 54.08 14.48
C PRO A 438 -7.03 54.58 13.35
N PHE A 439 -7.55 55.82 13.50
CA PHE A 439 -8.35 56.49 12.48
C PHE A 439 -7.35 57.18 11.55
N ALA A 440 -7.84 57.74 10.43
CA ALA A 440 -7.00 58.44 9.45
C ALA A 440 -6.15 59.56 10.08
N ASP A 441 -6.69 60.19 11.13
CA ASP A 441 -6.08 61.28 11.88
C ASP A 441 -4.86 60.85 12.68
N ASP A 442 -4.90 59.63 13.25
CA ASP A 442 -3.82 59.12 14.10
C ASP A 442 -2.58 58.69 13.30
N LYS A 443 -2.75 58.41 11.99
CA LYS A 443 -1.66 58.03 11.11
C LYS A 443 -0.99 59.30 10.60
N ARG A 444 0.30 59.52 10.96
CA ARG A 444 1.06 60.71 10.58
C ARG A 444 1.82 60.53 9.26
N LYS A 445 1.86 61.60 8.43
CA LYS A 445 2.54 61.64 7.12
C LYS A 445 4.05 61.42 7.28
N MET A 446 4.68 60.75 6.30
CA MET A 446 6.09 60.46 6.42
C MET A 446 6.99 61.23 5.44
N PRO A 447 8.18 61.70 5.91
CA PRO A 447 9.11 62.41 5.00
C PRO A 447 9.69 61.43 3.98
N PHE A 448 9.25 61.56 2.71
CA PHE A 448 9.63 60.69 1.59
C PHE A 448 11.13 60.74 1.30
N THR A 449 11.81 59.61 1.55
CA THR A 449 13.25 59.44 1.40
C THR A 449 13.62 58.44 0.30
N GLU A 450 14.82 58.61 -0.29
CA GLU A 450 15.35 57.75 -1.35
C GLU A 450 15.81 56.40 -0.81
N LYS A 451 15.35 55.31 -1.45
CA LYS A 451 15.68 53.93 -1.09
C LYS A 451 17.11 53.55 -1.54
N ILE A 452 17.97 53.23 -0.56
CA ILE A 452 19.36 52.81 -0.77
C ILE A 452 19.49 51.41 -0.16
N MET A 453 19.64 50.37 -1.00
CA MET A 453 19.74 48.98 -0.54
C MET A 453 21.16 48.46 -0.47
N ALA A 454 21.49 47.76 0.63
CA ALA A 454 22.80 47.17 0.90
C ALA A 454 23.10 45.95 0.01
N THR A 455 24.40 45.71 -0.24
CA THR A 455 24.89 44.58 -1.04
C THR A 455 24.75 43.26 -0.25
N PRO A 456 24.60 42.08 -0.90
CA PRO A 456 24.45 40.83 -0.13
C PRO A 456 25.61 40.49 0.82
N GLU A 457 26.81 41.05 0.58
CA GLU A 457 27.98 40.85 1.42
C GLU A 457 27.82 41.62 2.75
N GLN A 458 27.28 42.85 2.68
CA GLN A 458 27.01 43.72 3.83
C GLN A 458 25.90 43.15 4.70
N VAL A 459 24.84 42.58 4.05
CA VAL A 459 23.69 41.94 4.70
C VAL A 459 24.17 40.67 5.43
N GLY A 460 25.03 39.89 4.76
CA GLY A 460 25.61 38.66 5.26
C GLY A 460 26.47 38.82 6.51
N LYS A 461 27.18 39.97 6.61
CA LYS A 461 28.02 40.30 7.76
C LYS A 461 27.19 40.72 8.95
N MET A 462 26.07 41.44 8.71
CA MET A 462 25.15 41.87 9.75
C MET A 462 24.39 40.66 10.30
N LYS A 463 24.15 39.63 9.46
CA LYS A 463 23.50 38.37 9.83
C LYS A 463 24.32 37.67 10.92
N ALA A 464 25.66 37.66 10.78
CA ALA A 464 26.62 37.07 11.72
C ALA A 464 26.62 37.81 13.06
N ILE A 465 26.48 39.16 13.02
CA ILE A 465 26.42 40.03 14.19
C ILE A 465 25.14 39.72 15.00
N VAL A 466 24.00 39.57 14.29
CA VAL A 466 22.68 39.26 14.87
C VAL A 466 22.69 37.86 15.50
N GLU A 467 23.20 36.84 14.76
CA GLU A 467 23.31 35.44 15.20
C GLU A 467 24.13 35.26 16.47
N LYS A 468 25.18 36.08 16.65
CA LYS A 468 26.07 36.03 17.80
C LYS A 468 25.49 36.78 19.03
N LEU A 469 24.69 37.84 18.79
CA LEU A 469 24.05 38.63 19.86
C LEU A 469 22.64 38.11 20.20
N ARG A 470 22.31 36.89 19.74
CA ARG A 470 21.03 36.22 19.95
C ARG A 470 20.77 35.97 21.42
N PHE A 471 19.53 36.22 21.87
CA PHE A 471 19.10 35.99 23.25
C PHE A 471 17.61 35.63 23.31
N THR A 472 17.16 35.11 24.47
CA THR A 472 15.77 34.71 24.67
C THR A 472 15.00 35.78 25.45
N TYR A 473 14.00 36.41 24.79
CA TYR A 473 13.18 37.48 25.38
C TYR A 473 11.97 36.94 26.14
N ARG A 474 11.77 37.48 27.34
CA ARG A 474 10.63 37.23 28.21
C ARG A 474 10.03 38.60 28.49
N SER A 475 8.70 38.70 28.61
CA SER A 475 8.02 39.98 28.89
C SER A 475 8.46 40.56 30.24
N ASP A 476 8.75 39.67 31.22
CA ASP A 476 9.20 39.96 32.59
C ASP A 476 10.74 39.98 32.76
N SER A 477 11.49 40.14 31.64
CA SER A 477 12.95 40.17 31.64
C SER A 477 13.54 41.41 32.33
N PHE A 478 12.83 42.56 32.24
CA PHE A 478 13.30 43.83 32.77
C PHE A 478 12.40 44.45 33.82
N GLU A 479 13.02 45.13 34.80
CA GLU A 479 12.34 45.85 35.87
C GLU A 479 12.51 47.34 35.63
N ASN A 480 11.48 48.14 35.94
CA ASN A 480 11.49 49.60 35.78
C ASN A 480 12.56 50.20 36.71
N PRO A 481 13.64 50.80 36.17
CA PRO A 481 14.71 51.31 37.04
C PRO A 481 14.30 52.53 37.87
N VAL A 482 13.36 53.34 37.35
CA VAL A 482 12.84 54.53 38.03
C VAL A 482 12.08 54.11 39.28
N LEU A 483 11.19 53.11 39.14
CA LEU A 483 10.38 52.57 40.23
C LEU A 483 11.21 51.84 41.26
N GLN A 484 12.10 50.91 40.79
CA GLN A 484 12.96 50.11 41.67
C GLN A 484 13.81 50.98 42.59
N GLN A 485 14.38 52.08 42.07
CA GLN A 485 15.19 53.02 42.85
C GLN A 485 14.31 53.83 43.82
N HIS A 486 13.10 54.24 43.38
CA HIS A 486 12.13 55.00 44.17
C HIS A 486 11.72 54.24 45.42
N PHE A 487 11.38 52.95 45.28
CA PHE A 487 10.99 52.11 46.42
C PHE A 487 12.19 51.69 47.27
N ARG A 488 13.41 51.67 46.68
CA ARG A 488 14.65 51.35 47.41
C ARG A 488 14.99 52.51 48.34
N ASN A 489 14.69 53.76 47.89
CA ASN A 489 14.91 54.99 48.65
C ASN A 489 13.94 55.08 49.82
N LEU A 490 12.64 54.80 49.58
CA LEU A 490 11.59 54.83 50.60
C LEU A 490 11.78 53.74 51.65
N GLU A 491 12.28 52.55 51.25
CA GLU A 491 12.54 51.40 52.12
C GLU A 491 13.58 51.78 53.18
N ALA A 492 14.72 52.35 52.72
CA ALA A 492 15.82 52.79 53.58
C ALA A 492 15.39 53.95 54.48
N LEU A 493 14.56 54.87 53.96
CA LEU A 493 14.04 56.02 54.70
C LEU A 493 13.07 55.62 55.82
N ALA A 494 12.25 54.57 55.57
CA ALA A 494 11.30 54.03 56.54
C ALA A 494 12.01 53.35 57.71
N LEU A 495 13.15 52.70 57.43
CA LEU A 495 13.99 52.01 58.41
C LEU A 495 15.03 52.97 59.05
N ASP A 496 14.92 54.29 58.75
CA ASP A 496 15.75 55.41 59.22
C ASP A 496 17.23 55.26 58.84
N LEU A 497 17.52 54.49 57.77
CA LEU A 497 18.87 54.26 57.25
C LEU A 497 19.29 55.46 56.40
N MET A 498 20.37 56.14 56.82
CA MET A 498 20.92 57.33 56.15
C MET A 498 21.41 57.02 54.72
N GLU A 499 22.09 55.88 54.54
CA GLU A 499 22.65 55.43 53.27
C GLU A 499 21.62 54.71 52.37
N PRO A 500 21.27 55.30 51.19
CA PRO A 500 20.32 54.62 50.30
C PRO A 500 21.02 53.61 49.38
N GLU A 501 20.39 52.44 49.17
CA GLU A 501 20.94 51.37 48.32
C GLU A 501 20.85 51.75 46.83
N GLN A 502 21.99 52.13 46.24
CA GLN A 502 22.10 52.53 44.83
C GLN A 502 22.18 51.33 43.88
N ALA A 503 21.07 51.06 43.16
CA ALA A 503 20.92 49.95 42.23
C ALA A 503 21.61 50.16 40.87
N VAL A 504 21.82 49.06 40.14
CA VAL A 504 22.44 49.04 38.81
C VAL A 504 21.34 48.93 37.75
N ASP A 505 21.40 49.80 36.73
CA ASP A 505 20.43 49.85 35.64
C ASP A 505 20.52 48.65 34.69
N LEU A 506 19.46 47.81 34.69
CA LEU A 506 19.32 46.60 33.89
C LEU A 506 18.95 46.92 32.43
N THR A 507 18.39 48.12 32.19
CA THR A 507 17.98 48.58 30.85
C THR A 507 19.18 48.94 29.96
N LEU A 508 20.38 49.08 30.57
CA LEU A 508 21.61 49.36 29.84
C LEU A 508 22.18 48.06 29.24
N PRO A 509 22.70 48.09 28.00
CA PRO A 509 23.22 46.84 27.41
C PRO A 509 24.56 46.41 28.00
N LYS A 510 24.81 45.08 28.00
CA LYS A 510 26.04 44.47 28.53
C LYS A 510 27.19 44.73 27.53
N VAL A 511 27.64 46.00 27.47
CA VAL A 511 28.66 46.56 26.59
C VAL A 511 29.90 45.67 26.45
N GLU A 512 30.55 45.33 27.58
CA GLU A 512 31.77 44.50 27.59
C GLU A 512 31.53 43.08 27.11
N ALA A 513 30.39 42.47 27.48
CA ALA A 513 30.01 41.12 27.08
C ALA A 513 29.77 41.02 25.57
N MET A 514 29.13 42.07 25.01
CA MET A 514 28.83 42.19 23.58
C MET A 514 30.12 42.41 22.78
N ASN A 515 31.05 43.23 23.32
CA ASN A 515 32.35 43.52 22.72
C ASN A 515 33.25 42.29 22.73
N LYS A 516 33.07 41.40 23.75
CA LYS A 516 33.81 40.14 23.88
C LYS A 516 33.35 39.14 22.82
N ARG A 517 32.01 39.05 22.60
CA ARG A 517 31.39 38.17 21.61
C ARG A 517 31.81 38.53 20.19
N LEU A 518 31.89 39.84 19.88
CA LEU A 518 32.26 40.35 18.55
C LEU A 518 33.37 41.39 18.62
N GLY A 519 34.55 40.98 18.19
CA GLY A 519 35.72 41.85 18.13
C GLY A 519 36.03 42.20 16.68
N SER A 520 36.23 41.16 15.86
CA SER A 520 36.56 41.26 14.45
C SER A 520 35.39 41.76 13.61
N LEU A 521 34.17 41.23 13.85
CA LEU A 521 32.94 41.52 13.12
C LEU A 521 32.56 43.01 13.06
N VAL A 522 32.70 43.76 14.18
CA VAL A 522 32.37 45.18 14.27
C VAL A 522 33.29 46.01 13.35
N ASP A 523 34.61 45.78 13.45
CA ASP A 523 35.64 46.46 12.64
C ASP A 523 35.53 46.07 11.17
N GLU A 524 35.14 44.81 10.89
CA GLU A 524 34.95 44.26 9.54
C GLU A 524 33.76 44.91 8.85
N PHE A 525 32.62 45.05 9.57
CA PHE A 525 31.40 45.67 9.06
C PHE A 525 31.59 47.17 8.81
N LYS A 526 32.21 47.89 9.78
CA LYS A 526 32.49 49.33 9.69
C LYS A 526 33.31 49.67 8.45
N GLU A 527 34.29 48.81 8.10
CA GLU A 527 35.17 48.94 6.93
C GLU A 527 34.38 48.76 5.62
N LEU A 528 33.38 47.87 5.63
CA LEU A 528 32.55 47.56 4.46
C LEU A 528 31.54 48.65 4.08
N VAL A 529 30.89 49.29 5.07
CA VAL A 529 29.87 50.32 4.83
C VAL A 529 30.40 51.76 4.99
N TYR A 530 31.09 52.06 6.11
CA TYR A 530 31.62 53.40 6.39
C TYR A 530 33.02 53.62 5.79
N PRO A 531 33.20 54.68 4.95
CA PRO A 531 34.54 54.94 4.38
C PRO A 531 35.50 55.52 5.43
N PRO A 532 36.84 55.52 5.22
CA PRO A 532 37.75 56.06 6.25
C PRO A 532 37.63 57.57 6.50
N ASP A 533 37.12 58.33 5.50
CA ASP A 533 36.92 59.78 5.58
C ASP A 533 35.58 60.20 6.24
N TYR A 534 34.87 59.24 6.86
CA TYR A 534 33.59 59.49 7.54
C TYR A 534 33.80 60.25 8.86
N ASN A 535 32.91 61.23 9.13
CA ASN A 535 32.91 62.10 10.31
C ASN A 535 32.73 61.30 11.60
N ASN B 23 5.20 78.51 5.56
CA ASN B 23 4.68 77.18 5.92
C ASN B 23 3.15 77.01 5.64
N LYS B 24 2.52 78.05 5.08
CA LYS B 24 1.10 78.06 4.71
C LYS B 24 0.94 77.69 3.24
N ALA B 25 -0.29 77.31 2.83
CA ALA B 25 -0.56 76.92 1.46
C ALA B 25 -1.73 77.69 0.86
N ALA B 26 -1.58 78.07 -0.42
CA ALA B 26 -2.60 78.80 -1.17
C ALA B 26 -3.53 77.79 -1.82
N VAL B 27 -4.78 77.71 -1.33
CA VAL B 27 -5.77 76.76 -1.84
C VAL B 27 -6.91 77.45 -2.58
N VAL B 28 -7.23 76.95 -3.78
CA VAL B 28 -8.33 77.46 -4.59
C VAL B 28 -9.31 76.31 -4.83
N LEU B 29 -10.54 76.47 -4.32
CA LEU B 29 -11.60 75.48 -4.48
C LEU B 29 -12.43 75.89 -5.69
N CYS B 30 -12.41 75.05 -6.74
CA CYS B 30 -13.10 75.28 -8.01
C CYS B 30 -14.34 74.42 -8.09
N MET B 31 -15.51 75.00 -7.78
CA MET B 31 -16.80 74.29 -7.73
C MET B 31 -17.69 74.52 -8.94
N ASP B 32 -18.20 73.40 -9.52
CA ASP B 32 -19.16 73.45 -10.62
C ASP B 32 -20.54 73.66 -9.99
N VAL B 33 -21.23 74.73 -10.38
CA VAL B 33 -22.57 75.05 -9.89
C VAL B 33 -23.58 74.99 -11.05
N GLY B 34 -23.10 74.51 -12.20
CA GLY B 34 -23.85 74.35 -13.44
C GLY B 34 -25.17 73.62 -13.29
N PHE B 35 -26.08 73.82 -14.25
CA PHE B 35 -27.42 73.22 -14.27
C PHE B 35 -27.44 71.70 -14.01
N THR B 36 -26.52 70.97 -14.65
CA THR B 36 -26.38 69.51 -14.56
C THR B 36 -25.98 68.99 -13.17
N MET B 37 -25.35 69.85 -12.33
CA MET B 37 -24.95 69.49 -10.96
C MET B 37 -26.19 69.37 -10.08
N SER B 38 -27.26 70.11 -10.42
CA SER B 38 -28.52 70.13 -9.69
C SER B 38 -29.44 68.93 -10.02
N ASN B 39 -29.24 68.30 -11.19
CA ASN B 39 -30.01 67.15 -11.66
C ASN B 39 -29.80 65.92 -10.77
N SER B 40 -30.87 65.46 -10.12
CA SER B 40 -30.82 64.33 -9.19
C SER B 40 -31.68 63.13 -9.55
N ILE B 41 -31.13 61.92 -9.30
CA ILE B 41 -31.78 60.62 -9.49
C ILE B 41 -32.40 60.23 -8.13
N PRO B 42 -33.69 59.84 -8.05
CA PRO B 42 -34.31 59.52 -6.73
C PRO B 42 -33.46 58.66 -5.78
N GLY B 43 -33.31 59.13 -4.55
CA GLY B 43 -32.53 58.49 -3.51
C GLY B 43 -31.07 58.93 -3.45
N ILE B 44 -30.52 59.27 -4.62
CA ILE B 44 -29.14 59.73 -4.80
C ILE B 44 -29.12 61.25 -4.70
N GLU B 45 -28.22 61.80 -3.85
CA GLU B 45 -28.06 63.24 -3.68
C GLU B 45 -27.46 63.87 -4.94
N SER B 46 -27.93 65.06 -5.34
CA SER B 46 -27.44 65.76 -6.54
C SER B 46 -25.95 66.09 -6.40
N PRO B 47 -25.12 65.90 -7.46
CA PRO B 47 -23.68 66.23 -7.34
C PRO B 47 -23.38 67.58 -6.70
N PHE B 48 -24.30 68.58 -6.83
CA PHE B 48 -24.18 69.92 -6.22
C PHE B 48 -24.25 69.82 -4.70
N GLU B 49 -25.23 69.09 -4.17
CA GLU B 49 -25.37 68.92 -2.72
C GLU B 49 -24.23 68.08 -2.17
N GLN B 50 -23.74 67.11 -2.97
CA GLN B 50 -22.61 66.24 -2.65
C GLN B 50 -21.31 67.05 -2.55
N ALA B 51 -21.04 67.92 -3.56
CA ALA B 51 -19.86 68.77 -3.62
C ALA B 51 -19.87 69.80 -2.48
N LYS B 52 -21.06 70.35 -2.16
CA LYS B 52 -21.28 71.32 -1.08
C LYS B 52 -20.83 70.71 0.25
N LYS B 53 -21.24 69.45 0.51
CA LYS B 53 -20.88 68.69 1.72
C LYS B 53 -19.39 68.44 1.86
N VAL B 54 -18.69 68.17 0.72
CA VAL B 54 -17.25 67.94 0.71
C VAL B 54 -16.52 69.26 1.01
N ILE B 55 -16.98 70.37 0.38
CA ILE B 55 -16.39 71.70 0.55
C ILE B 55 -16.54 72.15 2.01
N THR B 56 -17.76 72.02 2.60
CA THR B 56 -18.03 72.39 4.00
C THR B 56 -17.10 71.62 4.93
N MET B 57 -16.89 70.32 4.65
CA MET B 57 -16.01 69.43 5.40
C MET B 57 -14.59 69.97 5.42
N PHE B 58 -14.11 70.45 4.25
CA PHE B 58 -12.77 71.02 4.09
C PHE B 58 -12.63 72.33 4.87
N VAL B 59 -13.52 73.32 4.61
CA VAL B 59 -13.50 74.64 5.24
C VAL B 59 -13.67 74.55 6.77
N GLN B 60 -14.58 73.68 7.28
CA GLN B 60 -14.79 73.49 8.72
C GLN B 60 -13.49 73.15 9.44
N ARG B 61 -12.69 72.21 8.88
CA ARG B 61 -11.40 71.79 9.43
C ARG B 61 -10.42 72.95 9.45
N GLN B 62 -10.32 73.68 8.33
CA GLN B 62 -9.41 74.82 8.22
C GLN B 62 -9.80 75.98 9.14
N VAL B 63 -11.10 76.15 9.42
CA VAL B 63 -11.58 77.22 10.30
C VAL B 63 -11.38 76.87 11.77
N PHE B 64 -11.95 75.74 12.22
CA PHE B 64 -11.92 75.31 13.62
C PHE B 64 -10.56 74.78 14.09
N ALA B 65 -9.72 74.23 13.19
CA ALA B 65 -8.39 73.77 13.59
C ALA B 65 -7.40 74.96 13.57
N GLU B 66 -7.89 76.15 13.13
CA GLU B 66 -7.20 77.43 13.06
C GLU B 66 -5.88 77.34 12.26
N ASN B 67 -5.96 76.72 11.07
CA ASN B 67 -4.84 76.57 10.14
C ASN B 67 -4.62 77.92 9.45
N LYS B 68 -3.35 78.29 9.23
CA LYS B 68 -3.00 79.58 8.62
C LYS B 68 -3.08 79.58 7.08
N ASP B 69 -3.51 78.44 6.45
CA ASP B 69 -3.66 78.29 5.00
C ASP B 69 -4.76 79.21 4.49
N GLU B 70 -4.48 79.93 3.39
CA GLU B 70 -5.44 80.85 2.76
C GLU B 70 -6.26 80.12 1.71
N ILE B 71 -7.59 80.35 1.72
CA ILE B 71 -8.52 79.68 0.81
C ILE B 71 -9.33 80.66 -0.03
N ALA B 72 -9.35 80.41 -1.36
CA ALA B 72 -10.11 81.14 -2.37
C ALA B 72 -11.19 80.22 -2.94
N LEU B 73 -12.31 80.78 -3.40
CA LEU B 73 -13.41 80.01 -3.97
C LEU B 73 -13.89 80.55 -5.31
N VAL B 74 -13.82 79.71 -6.34
CA VAL B 74 -14.24 80.01 -7.71
C VAL B 74 -15.41 79.07 -8.06
N LEU B 75 -16.48 79.63 -8.65
CA LEU B 75 -17.67 78.87 -9.04
C LEU B 75 -17.83 78.95 -10.57
N PHE B 76 -18.05 77.80 -11.22
CA PHE B 76 -18.25 77.77 -12.68
C PHE B 76 -19.58 77.16 -13.06
N GLY B 77 -20.29 77.83 -13.96
CA GLY B 77 -21.62 77.47 -14.39
C GLY B 77 -22.68 78.35 -13.75
N THR B 78 -22.22 79.51 -13.19
CA THR B 78 -23.06 80.54 -12.55
C THR B 78 -23.89 81.26 -13.62
N ASP B 79 -25.00 81.92 -13.20
CA ASP B 79 -25.84 82.67 -14.11
C ASP B 79 -25.10 83.90 -14.68
N GLY B 80 -24.33 84.56 -13.82
CA GLY B 80 -23.54 85.72 -14.18
C GLY B 80 -22.07 85.41 -14.38
N THR B 81 -21.25 86.45 -14.67
CA THR B 81 -19.80 86.31 -14.89
C THR B 81 -19.05 87.39 -14.12
N ASP B 82 -18.23 86.99 -13.14
CA ASP B 82 -17.43 87.89 -12.31
C ASP B 82 -16.03 87.32 -12.04
N ASN B 83 -15.09 87.59 -12.97
CA ASN B 83 -13.69 87.14 -12.88
C ASN B 83 -12.75 88.10 -13.65
N PRO B 84 -11.43 88.15 -13.34
CA PRO B 84 -10.55 89.10 -14.05
C PRO B 84 -10.27 88.78 -15.52
N LEU B 85 -10.46 87.52 -15.94
CA LEU B 85 -10.22 87.09 -17.33
C LEU B 85 -11.43 87.22 -18.26
N SER B 86 -12.61 87.53 -17.68
CA SER B 86 -13.90 87.70 -18.36
C SER B 86 -13.80 88.74 -19.49
N GLY B 87 -14.17 88.33 -20.70
CA GLY B 87 -14.13 89.19 -21.87
C GLY B 87 -14.71 88.54 -23.10
N GLY B 88 -15.68 89.22 -23.72
CA GLY B 88 -16.38 88.74 -24.91
C GLY B 88 -17.04 87.41 -24.65
N ASP B 89 -16.50 86.34 -25.28
CA ASP B 89 -17.00 84.98 -25.09
C ASP B 89 -16.02 84.13 -24.24
N GLN B 90 -14.87 84.72 -23.89
CA GLN B 90 -13.83 84.07 -23.11
C GLN B 90 -14.10 84.14 -21.60
N TYR B 91 -13.93 82.98 -20.91
CA TYR B 91 -14.08 82.78 -19.46
C TYR B 91 -15.44 83.25 -18.94
N GLN B 92 -16.51 82.90 -19.69
CA GLN B 92 -17.88 83.25 -19.34
C GLN B 92 -18.49 82.27 -18.32
N ASN B 93 -19.43 82.76 -17.49
CA ASN B 93 -20.16 82.03 -16.45
C ASN B 93 -19.24 81.48 -15.35
N ILE B 94 -18.23 82.26 -14.96
CA ILE B 94 -17.26 81.92 -13.91
C ILE B 94 -17.23 83.09 -12.92
N THR B 95 -17.48 82.81 -11.64
CA THR B 95 -17.51 83.83 -10.59
C THR B 95 -16.49 83.53 -9.50
N VAL B 96 -15.67 84.54 -9.14
CA VAL B 96 -14.69 84.41 -8.06
C VAL B 96 -15.43 84.84 -6.80
N HIS B 97 -16.04 83.84 -6.12
CA HIS B 97 -16.85 84.06 -4.91
C HIS B 97 -16.03 84.54 -3.73
N ARG B 98 -14.85 83.97 -3.53
CA ARG B 98 -13.98 84.32 -2.42
C ARG B 98 -12.57 84.48 -2.89
N HIS B 99 -11.97 85.64 -2.60
CA HIS B 99 -10.58 85.90 -2.94
C HIS B 99 -9.67 85.23 -1.90
N LEU B 100 -8.41 84.96 -2.26
CA LEU B 100 -7.45 84.28 -1.39
C LEU B 100 -7.18 85.01 -0.08
N MET B 101 -7.61 84.37 1.02
CA MET B 101 -7.50 84.85 2.41
C MET B 101 -7.86 83.74 3.40
N LEU B 102 -7.54 83.94 4.70
CA LEU B 102 -7.86 82.98 5.76
C LEU B 102 -9.37 82.75 5.83
N PRO B 103 -9.84 81.47 5.82
CA PRO B 103 -11.30 81.22 5.83
C PRO B 103 -11.96 81.64 7.14
N ASP B 104 -13.23 82.05 7.05
CA ASP B 104 -14.00 82.49 8.20
C ASP B 104 -15.40 81.88 8.23
N PHE B 105 -16.19 82.23 9.24
CA PHE B 105 -17.57 81.77 9.45
C PHE B 105 -18.49 82.31 8.34
N ASP B 106 -18.18 83.50 7.81
CA ASP B 106 -18.93 84.13 6.72
C ASP B 106 -18.82 83.28 5.45
N LEU B 107 -17.63 82.71 5.16
CA LEU B 107 -17.40 81.83 4.01
C LEU B 107 -18.21 80.55 4.19
N LEU B 108 -18.21 79.97 5.41
CA LEU B 108 -18.94 78.76 5.76
C LEU B 108 -20.46 78.98 5.63
N GLU B 109 -20.94 80.17 6.02
CA GLU B 109 -22.34 80.57 5.94
C GLU B 109 -22.76 80.65 4.47
N ASP B 110 -21.83 81.11 3.60
CA ASP B 110 -22.06 81.22 2.16
C ASP B 110 -22.25 79.85 1.50
N ILE B 111 -21.40 78.85 1.87
CA ILE B 111 -21.50 77.47 1.35
C ILE B 111 -22.86 76.88 1.79
N GLU B 112 -23.20 77.06 3.08
CA GLU B 112 -24.42 76.59 3.73
C GLU B 112 -25.72 77.11 3.11
N SER B 113 -25.81 78.42 2.80
CA SER B 113 -27.07 78.97 2.29
C SER B 113 -26.98 80.02 1.15
N LYS B 114 -25.92 80.85 1.12
CA LYS B 114 -25.82 81.92 0.11
C LYS B 114 -25.58 81.39 -1.32
N ILE B 115 -24.64 80.45 -1.51
CA ILE B 115 -24.33 79.88 -2.82
C ILE B 115 -25.45 78.97 -3.29
N GLN B 116 -26.03 79.31 -4.45
CA GLN B 116 -27.16 78.59 -5.08
C GLN B 116 -26.72 78.00 -6.43
N PRO B 117 -27.34 76.88 -6.90
CA PRO B 117 -26.97 76.35 -8.23
C PRO B 117 -27.42 77.25 -9.37
N GLY B 118 -26.60 77.33 -10.41
CA GLY B 118 -26.85 78.15 -11.59
C GLY B 118 -27.56 77.41 -12.70
N SER B 119 -28.00 78.15 -13.74
CA SER B 119 -28.71 77.60 -14.90
C SER B 119 -27.82 77.41 -16.13
N GLN B 120 -26.65 78.08 -16.15
CA GLN B 120 -25.71 77.99 -17.26
C GLN B 120 -24.75 76.82 -17.04
N GLN B 121 -23.86 76.60 -18.02
CA GLN B 121 -22.80 75.57 -18.00
C GLN B 121 -21.48 76.25 -18.40
N ALA B 122 -20.37 75.89 -17.74
CA ALA B 122 -19.10 76.51 -18.11
C ALA B 122 -18.03 75.49 -18.53
N ASP B 123 -16.92 75.99 -19.11
CA ASP B 123 -15.78 75.19 -19.54
C ASP B 123 -14.92 74.96 -18.30
N PHE B 124 -14.75 73.69 -17.86
CA PHE B 124 -13.98 73.38 -16.65
C PHE B 124 -12.51 73.79 -16.77
N LEU B 125 -11.94 73.72 -17.98
CA LEU B 125 -10.57 74.14 -18.24
C LEU B 125 -10.46 75.65 -18.14
N ASP B 126 -11.52 76.39 -18.55
CA ASP B 126 -11.59 77.86 -18.44
C ASP B 126 -11.60 78.22 -16.96
N ALA B 127 -12.34 77.43 -16.15
CA ALA B 127 -12.46 77.58 -14.70
C ALA B 127 -11.12 77.31 -14.02
N LEU B 128 -10.38 76.28 -14.50
CA LEU B 128 -9.06 75.89 -14.02
C LEU B 128 -8.07 77.04 -14.23
N ILE B 129 -8.20 77.76 -15.37
CA ILE B 129 -7.37 78.91 -15.71
C ILE B 129 -7.68 80.10 -14.80
N VAL B 130 -8.97 80.35 -14.51
CA VAL B 130 -9.40 81.42 -13.61
C VAL B 130 -8.80 81.18 -12.22
N SER B 131 -8.86 79.91 -11.75
CA SER B 131 -8.31 79.43 -10.49
C SER B 131 -6.80 79.65 -10.46
N MET B 132 -6.11 79.31 -11.57
CA MET B 132 -4.67 79.48 -11.73
C MET B 132 -4.29 80.97 -11.67
N ASP B 133 -5.09 81.83 -12.32
CA ASP B 133 -4.92 83.28 -12.33
C ASP B 133 -5.06 83.86 -10.92
N VAL B 134 -5.93 83.26 -10.07
CA VAL B 134 -6.14 83.68 -8.69
C VAL B 134 -4.83 83.49 -7.90
N ILE B 135 -4.20 82.30 -8.02
CA ILE B 135 -2.92 81.98 -7.38
C ILE B 135 -1.79 82.90 -7.88
N GLN B 136 -1.68 83.09 -9.20
CA GLN B 136 -0.64 83.93 -9.80
C GLN B 136 -0.67 85.39 -9.33
N HIS B 137 -1.88 85.99 -9.16
CA HIS B 137 -2.01 87.38 -8.76
C HIS B 137 -2.18 87.62 -7.25
N GLU B 138 -2.88 86.75 -6.52
CA GLU B 138 -3.14 86.96 -5.10
C GLU B 138 -2.05 86.44 -4.13
N THR B 139 -0.99 85.78 -4.64
CA THR B 139 0.11 85.29 -3.79
C THR B 139 1.35 86.19 -3.89
N ILE B 140 1.26 87.30 -4.67
CA ILE B 140 2.34 88.25 -4.94
C ILE B 140 2.99 88.78 -3.63
N GLY B 141 2.17 89.29 -2.71
CA GLY B 141 2.66 89.83 -1.44
C GLY B 141 3.09 88.77 -0.44
N LYS B 142 2.21 87.78 -0.22
CA LYS B 142 2.37 86.68 0.74
C LYS B 142 3.43 85.65 0.33
N LYS B 143 3.84 84.78 1.30
CA LYS B 143 4.83 83.73 1.11
C LYS B 143 4.22 82.34 1.39
N PHE B 144 3.93 81.58 0.32
CA PHE B 144 3.32 80.25 0.39
C PHE B 144 4.28 79.12 0.03
N GLU B 145 4.29 78.08 0.86
CA GLU B 145 5.11 76.89 0.68
C GLU B 145 4.50 75.97 -0.40
N LYS B 146 3.16 75.81 -0.40
CA LYS B 146 2.42 74.97 -1.35
C LYS B 146 1.29 75.73 -2.05
N ARG B 147 1.03 75.40 -3.33
CA ARG B 147 -0.04 75.98 -4.15
C ARG B 147 -0.94 74.83 -4.59
N HIS B 148 -2.25 74.91 -4.34
CA HIS B 148 -3.16 73.81 -4.62
C HIS B 148 -4.56 74.20 -5.12
N ILE B 149 -5.06 73.48 -6.14
CA ILE B 149 -6.39 73.66 -6.73
C ILE B 149 -7.19 72.37 -6.62
N GLU B 150 -8.46 72.46 -6.18
CA GLU B 150 -9.37 71.34 -6.04
C GLU B 150 -10.62 71.55 -6.87
N ILE B 151 -10.76 70.76 -7.95
CA ILE B 151 -11.89 70.84 -8.88
C ILE B 151 -12.99 69.87 -8.44
N PHE B 152 -14.23 70.40 -8.34
CA PHE B 152 -15.43 69.66 -7.96
C PHE B 152 -16.40 69.80 -9.13
N THR B 153 -16.52 68.75 -9.97
CA THR B 153 -17.38 68.79 -11.17
C THR B 153 -18.03 67.44 -11.50
N ASP B 154 -18.95 67.45 -12.49
CA ASP B 154 -19.64 66.26 -13.00
C ASP B 154 -19.17 65.90 -14.42
N LEU B 155 -18.45 66.83 -15.10
CA LEU B 155 -17.86 66.71 -16.43
C LEU B 155 -18.88 66.59 -17.59
N SER B 156 -20.17 66.83 -17.30
CA SER B 156 -21.30 66.78 -18.25
C SER B 156 -21.32 67.96 -19.23
N SER B 157 -20.60 69.03 -18.91
CA SER B 157 -20.51 70.26 -19.70
C SER B 157 -19.44 70.13 -20.79
N ARG B 158 -19.69 70.77 -21.94
CA ARG B 158 -18.79 70.82 -23.10
C ARG B 158 -17.57 71.69 -22.77
N PHE B 159 -16.43 71.43 -23.42
CA PHE B 159 -15.17 72.16 -23.19
C PHE B 159 -14.25 72.16 -24.41
N SER B 160 -13.24 73.07 -24.41
CA SER B 160 -12.25 73.20 -25.47
C SER B 160 -10.86 72.75 -25.02
N LYS B 161 -10.18 71.98 -25.88
CA LYS B 161 -8.83 71.49 -25.60
C LYS B 161 -7.75 72.48 -26.07
N SER B 162 -8.17 73.69 -26.56
CA SER B 162 -7.28 74.75 -27.07
C SER B 162 -6.25 75.22 -26.05
N GLN B 163 -4.96 75.11 -26.42
CA GLN B 163 -3.79 75.48 -25.62
C GLN B 163 -3.67 74.69 -24.30
N LEU B 164 -4.23 73.45 -24.25
CA LEU B 164 -4.20 72.59 -23.07
C LEU B 164 -2.77 72.24 -22.67
N ASP B 165 -1.91 71.98 -23.66
CA ASP B 165 -0.51 71.65 -23.49
C ASP B 165 0.23 72.74 -22.68
N ILE B 166 -0.13 74.03 -22.90
CA ILE B 166 0.41 75.19 -22.20
C ILE B 166 -0.14 75.25 -20.78
N ILE B 167 -1.45 74.96 -20.60
CA ILE B 167 -2.16 74.91 -19.32
C ILE B 167 -1.43 73.94 -18.36
N ILE B 168 -1.10 72.73 -18.87
CA ILE B 168 -0.39 71.67 -18.13
C ILE B 168 1.02 72.16 -17.77
N HIS B 169 1.68 72.83 -18.72
CA HIS B 169 3.03 73.36 -18.53
C HIS B 169 3.09 74.47 -17.45
N SER B 170 2.11 75.40 -17.46
CA SER B 170 2.04 76.51 -16.49
C SER B 170 1.78 76.02 -15.08
N LEU B 171 1.05 74.90 -14.94
CA LEU B 171 0.76 74.26 -13.64
C LEU B 171 2.06 73.73 -13.03
N LYS B 172 2.92 73.15 -13.89
CA LYS B 172 4.22 72.60 -13.52
C LYS B 172 5.18 73.72 -13.12
N LYS B 173 5.29 74.77 -13.96
CA LYS B 173 6.15 75.94 -13.75
C LYS B 173 5.80 76.76 -12.52
N CYS B 174 4.50 76.87 -12.18
CA CYS B 174 4.02 77.60 -11.00
C CYS B 174 4.03 76.73 -9.75
N ASP B 175 4.28 75.42 -9.91
CA ASP B 175 4.27 74.42 -8.84
C ASP B 175 2.90 74.38 -8.12
N ILE B 176 1.83 74.18 -8.92
CA ILE B 176 0.46 74.07 -8.43
C ILE B 176 0.01 72.62 -8.61
N SER B 177 -0.53 72.02 -7.54
CA SER B 177 -1.02 70.65 -7.57
C SER B 177 -2.52 70.61 -7.81
N LEU B 178 -2.99 69.50 -8.41
CA LEU B 178 -4.40 69.32 -8.69
C LEU B 178 -4.97 68.14 -7.94
N GLN B 179 -6.30 68.15 -7.79
CA GLN B 179 -7.11 67.12 -7.18
C GLN B 179 -8.50 67.25 -7.78
N PHE B 180 -9.01 66.16 -8.36
CA PHE B 180 -10.35 66.16 -8.96
C PHE B 180 -11.37 65.43 -8.09
N PHE B 181 -12.61 65.93 -8.07
CA PHE B 181 -13.71 65.37 -7.29
C PHE B 181 -14.93 65.29 -8.18
N LEU B 182 -15.35 64.05 -8.49
CA LEU B 182 -16.45 63.75 -9.40
C LEU B 182 -17.62 63.04 -8.70
N PRO B 183 -18.85 62.97 -9.27
CA PRO B 183 -19.94 62.25 -8.58
C PRO B 183 -19.77 60.74 -8.63
N PHE B 184 -19.00 60.25 -9.60
CA PHE B 184 -18.68 58.84 -9.83
C PHE B 184 -17.21 58.55 -9.52
N SER B 185 -16.91 57.29 -9.21
CA SER B 185 -15.55 56.83 -8.94
C SER B 185 -14.97 56.15 -10.19
N LEU B 186 -13.63 56.19 -10.34
CA LEU B 186 -12.94 55.55 -11.47
C LEU B 186 -12.97 54.03 -11.39
N ASP B 197 -24.20 46.68 -7.45
CA ASP B 197 -24.33 45.77 -6.32
C ASP B 197 -25.62 45.95 -5.53
N GLY B 198 -25.66 47.01 -4.72
CA GLY B 198 -26.80 47.36 -3.87
C GLY B 198 -27.26 48.80 -4.00
N PRO B 199 -27.81 49.42 -2.92
CA PRO B 199 -28.29 50.81 -3.02
C PRO B 199 -27.21 51.87 -2.72
N PHE B 200 -27.42 53.12 -3.20
CA PHE B 200 -26.48 54.23 -2.97
C PHE B 200 -26.62 54.83 -1.57
N ARG B 201 -25.51 54.87 -0.85
CA ARG B 201 -25.39 55.47 0.49
C ARG B 201 -24.16 56.37 0.48
N LEU B 202 -24.37 57.69 0.64
CA LEU B 202 -23.31 58.70 0.65
C LEU B 202 -22.42 58.49 1.85
N GLY B 203 -21.12 58.36 1.58
CA GLY B 203 -20.12 58.08 2.59
C GLY B 203 -19.90 56.60 2.82
N GLY B 204 -20.78 55.77 2.27
CA GLY B 204 -20.75 54.32 2.36
C GLY B 204 -19.57 53.67 1.67
N HIS B 205 -19.28 52.42 2.03
CA HIS B 205 -18.17 51.66 1.48
C HIS B 205 -18.54 50.85 0.25
N LYS B 212 -25.27 53.25 -13.43
CA LYS B 212 -26.38 53.50 -14.37
C LYS B 212 -25.90 53.84 -15.80
N GLY B 213 -24.75 54.50 -15.92
CA GLY B 213 -24.14 54.88 -17.21
C GLY B 213 -23.66 56.31 -17.30
N ILE B 214 -22.35 56.51 -17.46
CA ILE B 214 -21.70 57.82 -17.61
C ILE B 214 -21.95 58.32 -19.05
N THR B 215 -22.27 59.64 -19.22
CA THR B 215 -22.54 60.22 -20.55
C THR B 215 -21.28 60.25 -21.42
N GLU B 216 -21.46 60.30 -22.76
CA GLU B 216 -20.34 60.38 -23.69
C GLU B 216 -19.50 61.65 -23.50
N GLN B 217 -20.17 62.75 -23.09
CA GLN B 217 -19.51 64.02 -22.80
C GLN B 217 -18.68 63.89 -21.52
N GLN B 218 -19.21 63.16 -20.51
CA GLN B 218 -18.51 62.91 -19.25
C GLN B 218 -17.30 62.01 -19.53
N LYS B 219 -17.46 61.00 -20.43
CA LYS B 219 -16.42 60.05 -20.85
C LYS B 219 -15.27 60.81 -21.51
N GLU B 220 -15.61 61.74 -22.43
CA GLU B 220 -14.68 62.61 -23.16
C GLU B 220 -13.93 63.52 -22.17
N GLY B 221 -14.67 64.11 -21.23
CA GLY B 221 -14.15 64.99 -20.19
C GLY B 221 -13.21 64.28 -19.24
N LEU B 222 -13.55 63.03 -18.88
CA LEU B 222 -12.77 62.18 -17.98
C LEU B 222 -11.39 61.87 -18.56
N GLU B 223 -11.32 61.55 -19.87
CA GLU B 223 -10.05 61.24 -20.54
C GLU B 223 -9.05 62.37 -20.47
N ILE B 224 -9.52 63.64 -20.59
CA ILE B 224 -8.69 64.84 -20.48
C ILE B 224 -8.23 65.01 -19.03
N VAL B 225 -9.13 64.73 -18.06
CA VAL B 225 -8.82 64.78 -16.63
C VAL B 225 -7.73 63.76 -16.31
N LYS B 226 -7.88 62.52 -16.82
CA LYS B 226 -6.91 61.41 -16.65
C LYS B 226 -5.55 61.84 -17.22
N MET B 227 -5.53 62.24 -18.51
CA MET B 227 -4.36 62.70 -19.25
C MET B 227 -3.61 63.80 -18.47
N VAL B 228 -4.35 64.81 -17.96
CA VAL B 228 -3.81 65.93 -17.19
C VAL B 228 -3.17 65.45 -15.88
N MET B 229 -3.87 64.57 -15.14
CA MET B 229 -3.37 64.02 -13.87
C MET B 229 -2.15 63.16 -14.05
N ILE B 230 -2.11 62.34 -15.13
CA ILE B 230 -0.97 61.47 -15.44
C ILE B 230 0.22 62.36 -15.85
N SER B 231 -0.05 63.41 -16.64
CA SER B 231 0.94 64.37 -17.09
C SER B 231 1.58 65.15 -15.93
N LEU B 232 0.83 65.37 -14.84
CA LEU B 232 1.32 66.12 -13.69
C LEU B 232 2.02 65.29 -12.62
N GLU B 233 1.39 64.20 -12.16
CA GLU B 233 1.93 63.39 -11.06
C GLU B 233 2.30 61.95 -11.46
N GLY B 234 2.45 61.70 -12.76
CA GLY B 234 2.82 60.38 -13.26
C GLY B 234 1.69 59.37 -13.18
N GLU B 235 2.03 58.07 -13.26
CA GLU B 235 1.12 56.93 -13.22
C GLU B 235 0.18 56.97 -12.01
N ASP B 236 0.72 57.38 -10.84
CA ASP B 236 0.01 57.48 -9.56
C ASP B 236 -0.87 58.74 -9.45
N GLY B 237 -0.91 59.54 -10.52
CA GLY B 237 -1.71 60.75 -10.61
C GLY B 237 -3.20 60.47 -10.59
N LEU B 238 -3.60 59.30 -11.16
CA LEU B 238 -4.99 58.83 -11.24
C LEU B 238 -5.61 58.65 -9.86
N ASP B 239 -4.77 58.45 -8.83
CA ASP B 239 -5.18 58.29 -7.44
C ASP B 239 -5.69 59.62 -6.86
N GLU B 240 -5.41 60.75 -7.54
CA GLU B 240 -5.85 62.08 -7.09
C GLU B 240 -7.21 62.50 -7.69
N ILE B 241 -7.94 61.54 -8.30
CA ILE B 241 -9.28 61.74 -8.84
C ILE B 241 -10.20 60.92 -7.93
N TYR B 242 -11.03 61.60 -7.11
CA TYR B 242 -11.91 60.97 -6.12
C TYR B 242 -13.39 61.16 -6.46
N SER B 243 -14.28 60.38 -5.80
CA SER B 243 -15.72 60.52 -5.90
C SER B 243 -16.14 61.31 -4.65
N PHE B 244 -17.21 62.13 -4.72
CA PHE B 244 -17.65 62.96 -3.57
C PHE B 244 -17.90 62.13 -2.32
N SER B 245 -18.54 60.95 -2.49
CA SER B 245 -18.86 60.01 -1.42
C SER B 245 -17.59 59.57 -0.65
N GLU B 246 -16.58 59.01 -1.35
CA GLU B 246 -15.36 58.54 -0.71
C GLU B 246 -14.56 59.67 -0.08
N SER B 247 -14.62 60.89 -0.66
CA SER B 247 -13.92 62.07 -0.17
C SER B 247 -14.36 62.45 1.25
N LEU B 248 -15.64 62.23 1.57
CA LEU B 248 -16.23 62.53 2.88
C LEU B 248 -15.70 61.58 3.97
N ARG B 249 -15.28 60.35 3.57
CA ARG B 249 -14.78 59.30 4.46
C ARG B 249 -13.26 59.09 4.30
N LYS B 250 -12.54 60.19 4.05
CA LYS B 250 -11.08 60.23 3.84
C LYS B 250 -10.55 61.61 4.23
N LEU B 251 -9.23 61.74 4.33
CA LEU B 251 -8.62 63.03 4.65
C LEU B 251 -7.87 63.57 3.43
N CYS B 252 -8.18 63.00 2.24
CA CYS B 252 -7.59 63.30 0.92
C CYS B 252 -7.67 64.78 0.53
N VAL B 253 -8.71 65.52 0.99
CA VAL B 253 -8.86 66.96 0.71
C VAL B 253 -7.72 67.78 1.33
N PHE B 254 -7.10 67.26 2.39
CA PHE B 254 -6.00 67.92 3.11
C PHE B 254 -4.62 67.36 2.75
N LYS B 255 -4.58 66.16 2.12
CA LYS B 255 -3.40 65.40 1.70
C LYS B 255 -2.24 66.27 1.21
N LYS B 256 -2.51 67.18 0.25
CA LYS B 256 -1.51 68.06 -0.39
C LYS B 256 -1.14 69.32 0.42
N ILE B 257 -2.02 69.75 1.35
CA ILE B 257 -1.76 70.95 2.17
C ILE B 257 -1.47 70.57 3.64
N GLU B 258 -1.25 69.26 3.87
CA GLU B 258 -0.93 68.67 5.17
C GLU B 258 0.48 69.09 5.56
N ARG B 259 0.65 69.57 6.81
CA ARG B 259 1.95 70.03 7.31
C ARG B 259 2.89 68.88 7.64
N HIS B 260 4.13 68.97 7.12
CA HIS B 260 5.22 68.02 7.27
C HIS B 260 5.48 67.63 8.72
N SER B 261 5.70 66.33 8.97
CA SER B 261 5.93 65.80 10.31
C SER B 261 7.30 66.17 10.88
N ILE B 262 7.31 66.57 12.17
CA ILE B 262 8.51 66.95 12.91
C ILE B 262 9.31 65.69 13.24
N HIS B 263 10.54 65.60 12.72
CA HIS B 263 11.44 64.48 12.97
C HIS B 263 12.57 64.95 13.88
N TRP B 264 13.19 64.01 14.60
CA TRP B 264 14.29 64.34 15.49
C TRP B 264 15.46 63.35 15.32
N PRO B 265 16.73 63.78 15.44
CA PRO B 265 17.83 62.82 15.27
C PRO B 265 18.34 62.21 16.58
N CYS B 266 18.84 60.97 16.48
CA CYS B 266 19.46 60.19 17.56
C CYS B 266 20.43 59.16 16.93
N ARG B 267 20.98 58.24 17.73
CA ARG B 267 21.92 57.23 17.22
C ARG B 267 21.60 55.82 17.74
N LEU B 268 21.54 54.85 16.81
CA LEU B 268 21.31 53.44 17.13
C LEU B 268 22.69 52.85 17.44
N THR B 269 22.89 52.39 18.68
CA THR B 269 24.20 51.86 19.09
C THR B 269 24.20 50.35 19.38
N ILE B 270 24.87 49.59 18.49
CA ILE B 270 25.08 48.14 18.63
C ILE B 270 26.44 48.04 19.33
N GLY B 271 26.40 47.72 20.61
CA GLY B 271 27.59 47.65 21.45
C GLY B 271 28.06 49.03 21.86
N SER B 272 29.31 49.38 21.49
CA SER B 272 29.91 50.67 21.83
C SER B 272 30.63 51.30 20.65
N ASN B 273 31.39 50.49 19.89
CA ASN B 273 32.17 50.93 18.72
C ASN B 273 31.31 51.28 17.51
N LEU B 274 30.11 50.67 17.39
CA LEU B 274 29.17 50.90 16.29
C LEU B 274 28.05 51.86 16.74
N SER B 275 27.83 52.91 15.95
CA SER B 275 26.82 53.94 16.20
C SER B 275 26.23 54.47 14.87
N ILE B 276 25.09 53.89 14.44
CA ILE B 276 24.40 54.26 13.20
C ILE B 276 23.59 55.54 13.42
N ARG B 277 23.88 56.59 12.61
CA ARG B 277 23.20 57.89 12.66
C ARG B 277 21.79 57.74 12.11
N ILE B 278 20.78 57.96 12.97
CA ILE B 278 19.37 57.82 12.60
C ILE B 278 18.55 59.10 12.85
N ALA B 279 17.27 59.06 12.42
CA ALA B 279 16.28 60.13 12.58
C ALA B 279 14.90 59.49 12.65
N ALA B 280 14.27 59.54 13.83
CA ALA B 280 12.95 58.95 14.04
C ALA B 280 11.87 60.00 14.29
N TYR B 281 10.64 59.67 13.89
CA TYR B 281 9.44 60.51 14.04
C TYR B 281 8.29 59.63 14.49
N LYS B 282 7.22 60.26 15.01
CA LYS B 282 6.03 59.54 15.47
C LYS B 282 5.12 59.14 14.30
N SER B 283 5.17 57.84 13.93
CA SER B 283 4.40 57.20 12.87
C SER B 283 2.90 57.23 13.21
N ILE B 284 2.54 56.75 14.42
CA ILE B 284 1.17 56.74 14.94
C ILE B 284 1.20 57.54 16.24
N LEU B 285 0.24 58.45 16.41
CA LEU B 285 0.04 59.27 17.60
C LEU B 285 -1.40 59.73 17.59
N GLN B 286 -2.15 59.38 18.64
CA GLN B 286 -3.57 59.71 18.72
C GLN B 286 -3.86 61.21 18.63
N GLU B 287 -4.51 61.62 17.53
CA GLU B 287 -4.93 62.99 17.28
C GLU B 287 -6.14 63.27 18.19
N ARG B 288 -5.97 64.23 19.12
CA ARG B 288 -6.99 64.62 20.11
C ARG B 288 -7.42 66.08 19.94
N VAL B 289 -8.53 66.48 20.59
CA VAL B 289 -9.11 67.82 20.56
C VAL B 289 -8.13 68.88 21.10
N LYS B 290 -7.80 69.88 20.27
CA LYS B 290 -6.87 70.96 20.62
C LYS B 290 -7.48 72.02 21.54
N LYS B 291 -8.66 72.55 21.17
CA LYS B 291 -9.37 73.60 21.91
C LYS B 291 -10.05 73.08 23.17
N THR B 292 -10.05 73.91 24.22
CA THR B 292 -10.63 73.60 25.53
C THR B 292 -11.86 74.47 25.84
N TRP B 293 -12.85 73.87 26.53
CA TRP B 293 -14.06 74.58 26.93
C TRP B 293 -13.79 75.39 28.20
N THR B 294 -13.70 76.71 28.03
CA THR B 294 -13.44 77.64 29.13
C THR B 294 -14.74 77.89 29.91
N VAL B 295 -14.69 77.71 31.24
CA VAL B 295 -15.86 77.90 32.11
C VAL B 295 -16.13 79.40 32.30
N VAL B 296 -17.31 79.86 31.87
CA VAL B 296 -17.76 81.25 31.94
C VAL B 296 -19.08 81.37 32.70
N ASP B 297 -19.40 82.58 33.21
CA ASP B 297 -20.65 82.84 33.92
C ASP B 297 -21.81 82.93 32.92
N ALA B 298 -22.99 82.38 33.29
CA ALA B 298 -24.20 82.36 32.45
C ALA B 298 -24.73 83.75 32.05
N LYS B 299 -24.50 84.77 32.89
CA LYS B 299 -24.94 86.14 32.65
C LYS B 299 -23.92 86.97 31.88
N THR B 300 -22.68 87.08 32.40
CA THR B 300 -21.59 87.89 31.83
C THR B 300 -20.86 87.25 30.65
N LEU B 301 -20.70 85.90 30.67
CA LEU B 301 -19.97 85.11 29.67
C LEU B 301 -18.47 85.46 29.65
N LYS B 302 -17.85 85.46 30.84
CA LYS B 302 -16.42 85.78 31.00
C LYS B 302 -15.68 84.84 31.97
N LYS B 303 -14.43 84.52 31.60
CA LYS B 303 -13.51 83.65 32.36
C LYS B 303 -13.04 84.37 33.64
N GLU B 304 -12.75 85.69 33.52
CA GLU B 304 -12.24 86.58 34.57
C GLU B 304 -13.07 86.61 35.85
N ASP B 305 -14.41 86.54 35.73
CA ASP B 305 -15.35 86.56 36.85
C ASP B 305 -15.33 85.27 37.69
N ILE B 306 -14.82 84.15 37.11
CA ILE B 306 -14.74 82.84 37.76
C ILE B 306 -13.30 82.61 38.26
N GLN B 307 -13.16 82.18 39.52
CA GLN B 307 -11.86 81.90 40.14
C GLN B 307 -11.87 80.63 40.98
N LYS B 308 -10.81 79.81 40.83
CA LYS B 308 -10.65 78.55 41.56
C LYS B 308 -9.61 78.72 42.67
N GLU B 309 -10.02 78.48 43.93
CA GLU B 309 -9.17 78.62 45.12
C GLU B 309 -9.05 77.30 45.87
N THR B 310 -7.82 76.98 46.32
CA THR B 310 -7.51 75.75 47.08
C THR B 310 -7.50 76.01 48.59
N VAL B 311 -8.18 75.12 49.36
CA VAL B 311 -8.30 75.19 50.83
C VAL B 311 -7.70 73.92 51.45
N TYR B 312 -6.97 74.08 52.58
CA TYR B 312 -6.33 72.95 53.29
C TYR B 312 -6.86 72.78 54.72
N CYS B 313 -7.22 71.53 55.07
CA CYS B 313 -7.76 71.15 56.38
C CYS B 313 -7.23 69.79 56.87
N LEU B 314 -7.17 69.59 58.20
CA LEU B 314 -6.68 68.36 58.82
C LEU B 314 -7.68 67.20 58.73
N ASN B 315 -7.16 65.97 58.49
CA ASN B 315 -7.93 64.72 58.34
C ASN B 315 -8.68 64.28 59.60
N ASP B 316 -8.11 64.56 60.80
CA ASP B 316 -8.69 64.19 62.10
C ASP B 316 -10.00 64.94 62.40
N ASP B 317 -10.84 64.38 63.30
CA ASP B 317 -12.14 64.93 63.73
C ASP B 317 -12.00 66.35 64.28
N ASP B 318 -12.97 67.24 63.95
CA ASP B 318 -13.02 68.66 64.28
C ASP B 318 -11.87 69.37 63.52
N GLU B 319 -11.98 69.36 62.17
CA GLU B 319 -11.01 69.89 61.22
C GLU B 319 -10.66 71.36 61.42
N THR B 320 -9.36 71.68 61.28
CA THR B 320 -8.78 73.01 61.42
C THR B 320 -7.95 73.33 60.17
N GLU B 321 -7.88 74.62 59.79
CA GLU B 321 -7.14 75.11 58.62
C GLU B 321 -5.64 74.84 58.71
N VAL B 322 -5.08 74.20 57.68
CA VAL B 322 -3.66 73.85 57.59
C VAL B 322 -2.87 74.92 56.82
N LEU B 323 -1.74 75.39 57.40
CA LEU B 323 -0.85 76.41 56.84
C LEU B 323 -0.25 75.96 55.50
N LYS B 324 -0.42 76.79 54.45
CA LYS B 324 0.04 76.54 53.08
C LYS B 324 1.56 76.41 52.95
N GLU B 325 2.33 77.12 53.79
CA GLU B 325 3.80 77.09 53.80
C GLU B 325 4.38 75.86 54.52
N ASP B 326 3.72 75.41 55.61
CA ASP B 326 4.14 74.27 56.42
C ASP B 326 3.89 72.89 55.77
N ILE B 327 3.15 72.85 54.64
CA ILE B 327 2.83 71.62 53.92
C ILE B 327 4.09 71.02 53.27
N ILE B 328 4.40 69.77 53.65
CA ILE B 328 5.55 69.01 53.14
C ILE B 328 5.12 67.78 52.34
N GLN B 329 5.91 67.43 51.32
CA GLN B 329 5.67 66.30 50.45
C GLN B 329 6.02 64.98 51.15
N GLY B 330 5.18 63.97 50.95
CA GLY B 330 5.36 62.64 51.55
C GLY B 330 4.89 61.52 50.64
N PHE B 331 5.40 60.29 50.90
CA PHE B 331 5.05 59.10 50.13
C PHE B 331 4.75 57.91 51.04
N ARG B 332 3.79 57.07 50.64
CA ARG B 332 3.41 55.87 51.40
C ARG B 332 4.22 54.66 50.97
N TYR B 333 4.69 53.87 51.96
CA TYR B 333 5.41 52.62 51.75
C TYR B 333 4.65 51.55 52.55
N GLY B 334 3.50 51.15 52.01
CA GLY B 334 2.60 50.20 52.62
C GLY B 334 1.89 50.82 53.80
N SER B 335 2.13 50.26 55.00
CA SER B 335 1.56 50.76 56.26
C SER B 335 2.23 52.08 56.66
N ASP B 336 3.56 52.16 56.48
CA ASP B 336 4.41 53.30 56.80
C ASP B 336 4.13 54.53 55.92
N ILE B 337 4.28 55.72 56.51
CA ILE B 337 4.12 57.02 55.85
C ILE B 337 5.48 57.71 55.96
N VAL B 338 6.17 57.88 54.81
CA VAL B 338 7.52 58.45 54.75
C VAL B 338 7.52 59.91 54.26
N PRO B 339 8.07 60.87 55.06
CA PRO B 339 8.15 62.25 54.57
C PRO B 339 9.36 62.43 53.65
N PHE B 340 9.10 62.78 52.38
CA PHE B 340 10.14 62.94 51.36
C PHE B 340 9.91 64.21 50.53
N SER B 341 10.69 65.27 50.84
CA SER B 341 10.61 66.59 50.17
C SER B 341 11.16 66.55 48.74
N LYS B 342 10.65 67.45 47.88
CA LYS B 342 11.03 67.60 46.46
C LYS B 342 12.52 67.92 46.29
N VAL B 343 13.13 68.61 47.27
CA VAL B 343 14.53 69.01 47.31
C VAL B 343 15.44 67.77 47.39
N ASP B 344 15.17 66.87 48.35
CA ASP B 344 15.90 65.61 48.55
C ASP B 344 15.60 64.61 47.44
N GLU B 345 14.40 64.70 46.84
CA GLU B 345 13.91 63.84 45.77
C GLU B 345 14.77 63.97 44.50
N GLU B 346 15.02 65.21 44.02
CA GLU B 346 15.81 65.52 42.83
C GLU B 346 17.24 64.94 42.89
N GLN B 347 17.84 64.89 44.09
CA GLN B 347 19.19 64.36 44.29
C GLN B 347 19.19 62.82 44.37
N MET B 348 18.25 62.24 45.12
CA MET B 348 18.16 60.79 45.34
C MET B 348 17.49 60.00 44.22
N LYS B 349 16.69 60.67 43.34
CA LYS B 349 15.97 60.02 42.23
C LYS B 349 16.90 59.38 41.19
N TYR B 350 16.34 58.47 40.37
CA TYR B 350 17.06 57.77 39.30
C TYR B 350 17.55 58.77 38.26
N LYS B 351 18.88 58.81 38.06
CA LYS B 351 19.52 59.70 37.09
C LYS B 351 19.77 58.90 35.82
N SER B 352 19.04 59.24 34.74
CA SER B 352 19.16 58.57 33.44
C SER B 352 20.51 58.91 32.80
N GLU B 353 21.13 57.91 32.15
CA GLU B 353 22.44 58.03 31.52
C GLU B 353 22.46 58.94 30.26
N GLY B 354 21.27 59.32 29.78
CA GLY B 354 21.10 60.19 28.62
C GLY B 354 20.26 59.59 27.50
N LYS B 355 19.89 60.43 26.50
CA LYS B 355 19.10 59.98 25.35
C LYS B 355 19.92 59.07 24.44
N CYS B 356 19.31 57.95 24.01
CA CYS B 356 19.96 56.93 23.18
C CYS B 356 18.94 55.97 22.54
N PHE B 357 19.42 55.16 21.60
CA PHE B 357 18.65 54.12 20.91
C PHE B 357 19.53 52.86 20.86
N SER B 358 20.07 52.47 22.03
CA SER B 358 20.98 51.34 22.23
C SER B 358 20.31 49.96 22.15
N VAL B 359 20.95 49.03 21.42
CA VAL B 359 20.48 47.65 21.24
C VAL B 359 20.88 46.80 22.44
N LEU B 360 19.89 46.15 23.07
CA LEU B 360 20.11 45.27 24.22
C LEU B 360 20.50 43.88 23.75
N GLY B 361 19.83 43.43 22.68
CA GLY B 361 20.06 42.13 22.05
C GLY B 361 19.13 41.90 20.89
N PHE B 362 19.12 40.67 20.36
CA PHE B 362 18.27 40.27 19.23
C PHE B 362 17.60 38.94 19.54
N CYS B 363 16.30 38.83 19.19
CA CYS B 363 15.51 37.60 19.39
C CYS B 363 14.61 37.36 18.17
N LYS B 364 14.04 36.15 18.05
CA LYS B 364 13.15 35.79 16.95
C LYS B 364 11.81 36.55 17.02
N SER B 365 11.20 36.80 15.84
CA SER B 365 9.91 37.51 15.65
C SER B 365 8.78 36.94 16.53
N SER B 366 8.78 35.61 16.71
CA SER B 366 7.80 34.84 17.48
C SER B 366 7.80 35.18 18.99
N GLN B 367 8.96 35.55 19.54
CA GLN B 367 9.13 35.87 20.97
C GLN B 367 8.45 37.17 21.41
N VAL B 368 8.29 38.13 20.48
CA VAL B 368 7.64 39.42 20.75
C VAL B 368 6.20 39.38 20.24
N GLN B 369 5.24 39.33 21.18
CA GLN B 369 3.79 39.27 20.91
C GLN B 369 3.15 40.65 20.99
N ARG B 370 2.27 40.97 20.02
CA ARG B 370 1.54 42.26 19.90
C ARG B 370 0.75 42.61 21.16
N ARG B 371 0.37 41.60 21.95
CA ARG B 371 -0.39 41.78 23.19
C ARG B 371 0.43 42.50 24.28
N PHE B 372 1.77 42.47 24.16
CA PHE B 372 2.66 43.12 25.12
C PHE B 372 3.09 44.54 24.71
N PHE B 373 2.60 45.05 23.57
CA PHE B 373 2.91 46.40 23.12
C PHE B 373 2.34 47.45 24.11
N MET B 374 3.16 48.46 24.44
CA MET B 374 2.81 49.51 25.39
C MET B 374 3.09 50.93 24.86
N GLY B 375 2.58 51.93 25.57
CA GLY B 375 2.73 53.34 25.20
C GLY B 375 1.57 53.91 24.42
N ASN B 376 1.71 55.14 23.93
CA ASN B 376 0.67 55.81 23.14
C ASN B 376 1.20 56.33 21.78
N GLN B 377 2.28 55.71 21.28
CA GLN B 377 2.92 56.08 20.02
C GLN B 377 3.69 54.94 19.35
N VAL B 378 4.00 55.11 18.06
CA VAL B 378 4.79 54.21 17.21
C VAL B 378 5.85 55.08 16.56
N LEU B 379 7.11 54.66 16.62
CA LEU B 379 8.19 55.42 16.02
C LEU B 379 8.74 54.71 14.80
N LYS B 380 8.97 55.45 13.72
CA LYS B 380 9.57 54.88 12.52
C LYS B 380 10.98 55.40 12.44
N VAL B 381 11.95 54.51 12.71
CA VAL B 381 13.38 54.80 12.71
C VAL B 381 13.90 54.75 11.28
N PHE B 382 14.12 55.94 10.72
CA PHE B 382 14.62 56.14 9.36
C PHE B 382 16.09 56.53 9.39
N ALA B 383 16.75 56.42 8.23
CA ALA B 383 18.15 56.77 8.06
C ALA B 383 18.29 58.30 8.02
N ALA B 384 19.33 58.83 8.72
CA ALA B 384 19.65 60.26 8.81
C ALA B 384 19.69 60.92 7.44
N ARG B 385 18.97 62.05 7.30
CA ARG B 385 18.86 62.82 6.06
C ARG B 385 20.21 63.37 5.59
N ASP B 386 20.47 63.27 4.27
CA ASP B 386 21.70 63.71 3.56
C ASP B 386 22.98 62.99 4.07
N ASP B 387 22.83 61.71 4.46
CA ASP B 387 23.91 60.84 4.93
C ASP B 387 23.75 59.47 4.26
N GLU B 388 24.60 59.20 3.26
CA GLU B 388 24.56 57.96 2.47
C GLU B 388 25.12 56.76 3.22
N ALA B 389 26.24 56.94 3.95
CA ALA B 389 26.91 55.87 4.70
C ALA B 389 26.07 55.30 5.85
N ALA B 390 25.32 56.16 6.56
CA ALA B 390 24.44 55.75 7.66
C ALA B 390 23.18 55.07 7.11
N ALA B 391 22.75 55.46 5.89
CA ALA B 391 21.58 54.91 5.22
C ALA B 391 21.77 53.43 4.86
N VAL B 392 23.00 53.06 4.42
CA VAL B 392 23.39 51.70 4.06
C VAL B 392 23.57 50.88 5.36
N ALA B 393 24.17 51.50 6.39
CA ALA B 393 24.42 50.91 7.71
C ALA B 393 23.12 50.45 8.40
N LEU B 394 22.04 51.26 8.27
CA LEU B 394 20.73 50.93 8.82
C LEU B 394 20.06 49.87 7.94
N SER B 395 20.16 50.01 6.60
CA SER B 395 19.61 49.10 5.59
C SER B 395 20.11 47.67 5.79
N SER B 396 21.40 47.52 6.17
CA SER B 396 22.06 46.24 6.45
C SER B 396 21.37 45.54 7.62
N LEU B 397 21.02 46.30 8.67
CA LEU B 397 20.34 45.80 9.88
C LEU B 397 18.90 45.41 9.57
N ILE B 398 18.19 46.24 8.77
CA ILE B 398 16.79 46.01 8.38
C ILE B 398 16.65 44.68 7.62
N HIS B 399 17.50 44.45 6.60
CA HIS B 399 17.46 43.23 5.80
C HIS B 399 17.97 41.99 6.52
N ALA B 400 18.95 42.14 7.44
CA ALA B 400 19.48 41.01 8.22
C ALA B 400 18.41 40.44 9.15
N LEU B 401 17.61 41.34 9.79
CA LEU B 401 16.52 40.99 10.70
C LEU B 401 15.32 40.39 9.96
N ASP B 402 15.05 40.88 8.73
CA ASP B 402 13.95 40.42 7.89
C ASP B 402 14.17 38.98 7.42
N ASP B 403 15.36 38.69 6.84
CA ASP B 403 15.75 37.38 6.33
C ASP B 403 15.87 36.30 7.42
N LEU B 404 16.38 36.68 8.61
CA LEU B 404 16.53 35.76 9.74
C LEU B 404 15.24 35.61 10.57
N ASP B 405 14.18 36.40 10.23
CA ASP B 405 12.90 36.45 10.94
C ASP B 405 13.14 36.79 12.42
N MET B 406 13.87 37.89 12.64
CA MET B 406 14.24 38.37 13.97
C MET B 406 13.92 39.85 14.19
N VAL B 407 13.94 40.27 15.46
CA VAL B 407 13.66 41.64 15.91
C VAL B 407 14.81 42.13 16.81
N ALA B 408 14.77 43.42 17.20
CA ALA B 408 15.80 44.00 18.05
C ALA B 408 15.21 44.59 19.31
N ILE B 409 15.65 44.11 20.49
CA ILE B 409 15.20 44.62 21.78
C ILE B 409 16.10 45.81 22.08
N VAL B 410 15.53 47.03 22.13
CA VAL B 410 16.32 48.26 22.32
C VAL B 410 15.88 49.07 23.55
N ARG B 411 16.76 49.98 24.00
CA ARG B 411 16.54 50.92 25.11
C ARG B 411 16.36 52.31 24.49
N TYR B 412 15.26 53.00 24.83
CA TYR B 412 14.98 54.33 24.26
C TYR B 412 14.56 55.37 25.30
N ALA B 413 15.00 56.62 25.07
CA ALA B 413 14.72 57.84 25.84
C ALA B 413 14.91 59.03 24.90
N TYR B 414 13.92 59.95 24.83
CA TYR B 414 14.02 61.14 23.97
C TYR B 414 15.04 62.17 24.51
N ASP B 415 15.21 62.25 25.84
CA ASP B 415 16.16 63.16 26.50
C ASP B 415 16.71 62.55 27.80
N LYS B 416 17.71 63.21 28.43
CA LYS B 416 18.32 62.73 29.67
C LYS B 416 17.36 62.84 30.88
N ARG B 417 16.39 63.77 30.81
CA ARG B 417 15.39 63.99 31.85
C ARG B 417 14.28 62.93 31.81
N ALA B 418 13.94 62.45 30.59
CA ALA B 418 12.90 61.45 30.33
C ALA B 418 13.21 60.08 30.92
N ASN B 419 12.15 59.33 31.32
CA ASN B 419 12.25 57.98 31.88
C ASN B 419 12.62 56.96 30.80
N PRO B 420 13.56 56.01 31.09
CA PRO B 420 13.95 55.03 30.07
C PRO B 420 12.88 54.01 29.73
N GLN B 421 12.90 53.55 28.48
CA GLN B 421 11.96 52.57 27.94
C GLN B 421 12.71 51.39 27.33
N VAL B 422 12.04 50.23 27.27
CA VAL B 422 12.56 49.01 26.66
C VAL B 422 11.49 48.58 25.67
N GLY B 423 11.86 48.42 24.40
CA GLY B 423 10.92 48.03 23.35
C GLY B 423 11.49 47.23 22.20
N VAL B 424 10.64 46.93 21.22
CA VAL B 424 10.95 46.17 20.01
C VAL B 424 11.23 47.11 18.85
N ALA B 425 12.22 46.78 18.03
CA ALA B 425 12.61 47.50 16.82
C ALA B 425 12.63 46.44 15.72
N PHE B 426 11.56 46.39 14.92
CA PHE B 426 11.40 45.37 13.88
C PHE B 426 11.50 45.92 12.44
N PRO B 427 11.96 45.10 11.46
CA PRO B 427 12.07 45.61 10.08
C PRO B 427 10.72 45.91 9.41
N HIS B 428 10.74 46.85 8.46
CA HIS B 428 9.57 47.29 7.70
C HIS B 428 10.05 47.76 6.33
N ILE B 429 10.01 46.85 5.35
CA ILE B 429 10.47 47.11 3.98
C ILE B 429 9.31 47.22 3.00
N LYS B 430 9.24 48.34 2.31
CA LYS B 430 8.27 48.61 1.26
C LYS B 430 9.04 48.96 -0.03
N HIS B 431 8.36 49.00 -1.18
CA HIS B 431 8.98 49.29 -2.49
C HIS B 431 9.69 50.65 -2.54
N ASN B 432 9.10 51.67 -1.90
CA ASN B 432 9.60 53.05 -1.91
C ASN B 432 10.51 53.40 -0.72
N TYR B 433 10.12 53.01 0.51
CA TYR B 433 10.90 53.31 1.71
C TYR B 433 11.33 52.07 2.51
N GLU B 434 12.31 52.26 3.40
CA GLU B 434 12.90 51.22 4.23
C GLU B 434 13.15 51.78 5.63
N CYS B 435 12.62 51.12 6.69
CA CYS B 435 12.79 51.58 8.08
C CYS B 435 12.61 50.49 9.12
N LEU B 436 12.98 50.81 10.37
CA LEU B 436 12.77 49.99 11.56
C LEU B 436 11.58 50.60 12.29
N VAL B 437 10.76 49.76 12.94
CA VAL B 437 9.58 50.27 13.65
C VAL B 437 9.72 50.00 15.15
N TYR B 438 9.80 51.08 15.95
CA TYR B 438 9.90 50.98 17.40
C TYR B 438 8.53 51.08 18.07
N VAL B 439 8.23 50.11 18.95
CA VAL B 439 7.02 50.03 19.77
C VAL B 439 7.51 49.63 21.17
N GLN B 440 7.11 50.39 22.20
CA GLN B 440 7.52 50.14 23.60
C GLN B 440 6.97 48.82 24.12
N LEU B 441 7.80 48.09 24.88
CA LEU B 441 7.42 46.81 25.47
C LEU B 441 7.25 46.96 27.00
N PRO B 442 6.72 45.98 27.76
CA PRO B 442 6.51 46.20 29.19
C PRO B 442 7.64 45.81 30.13
N PHE B 443 7.63 46.41 31.32
CA PHE B 443 8.52 46.09 32.44
C PHE B 443 7.74 45.08 33.29
N MET B 444 8.44 44.34 34.17
CA MET B 444 7.84 43.34 35.06
C MET B 444 6.68 43.90 35.90
N GLU B 445 6.83 45.15 36.38
CA GLU B 445 5.87 45.89 37.20
C GLU B 445 4.55 46.16 36.45
N ASP B 446 4.63 46.38 35.13
CA ASP B 446 3.50 46.68 34.25
C ASP B 446 2.57 45.48 34.04
N LEU B 447 3.15 44.26 34.02
CA LEU B 447 2.42 43.00 33.80
C LEU B 447 1.47 42.65 34.93
N ARG B 448 0.30 42.09 34.58
CA ARG B 448 -0.73 41.64 35.51
C ARG B 448 -1.11 40.20 35.20
N GLN B 449 -1.07 39.34 36.23
CA GLN B 449 -1.33 37.91 36.07
C GLN B 449 -2.62 37.44 36.74
N TYR B 450 -3.62 37.05 35.92
CA TYR B 450 -4.89 36.51 36.39
C TYR B 450 -5.09 35.15 35.71
N MET B 451 -5.92 34.28 36.30
CA MET B 451 -6.21 32.98 35.69
C MET B 451 -7.67 32.88 35.28
N PHE B 452 -7.90 32.58 34.00
CA PHE B 452 -9.21 32.43 33.38
C PHE B 452 -9.51 30.96 33.16
N SER B 453 -10.81 30.57 33.25
CA SER B 453 -11.25 29.19 33.07
C SER B 453 -11.03 28.72 31.63
N SER B 454 -10.62 27.46 31.46
CA SER B 454 -10.39 26.83 30.15
C SER B 454 -11.73 26.68 29.41
N LEU B 455 -11.70 26.75 28.09
CA LEU B 455 -12.92 26.66 27.28
C LEU B 455 -12.88 25.53 26.27
N LYS B 456 -11.65 25.14 25.83
CA LYS B 456 -11.37 24.11 24.81
C LYS B 456 -12.15 22.81 25.03
N ASN B 457 -12.20 22.30 26.28
CA ASN B 457 -12.92 21.06 26.59
C ASN B 457 -13.90 21.22 27.77
N SER B 458 -14.50 22.42 27.91
CA SER B 458 -15.48 22.71 28.97
C SER B 458 -16.82 22.07 28.63
N LYS B 459 -17.18 21.00 29.37
CA LYS B 459 -18.40 20.20 29.17
C LYS B 459 -19.70 21.00 29.28
N LYS B 460 -19.74 22.01 30.18
CA LYS B 460 -20.90 22.87 30.41
C LYS B 460 -21.12 23.92 29.31
N TYR B 461 -20.03 24.42 28.68
CA TYR B 461 -20.13 25.46 27.64
C TYR B 461 -19.76 25.00 26.22
N ALA B 462 -19.41 23.72 26.02
CA ALA B 462 -19.03 23.18 24.71
C ALA B 462 -20.16 23.31 23.68
N PRO B 463 -19.93 23.97 22.52
CA PRO B 463 -21.01 24.08 21.53
C PRO B 463 -21.19 22.80 20.72
N THR B 464 -22.42 22.54 20.25
CA THR B 464 -22.72 21.36 19.44
C THR B 464 -22.15 21.51 18.03
N GLU B 465 -22.08 20.41 17.28
CA GLU B 465 -21.59 20.41 15.90
C GLU B 465 -22.45 21.34 15.02
N ALA B 466 -23.78 21.37 15.28
CA ALA B 466 -24.75 22.21 14.59
C ALA B 466 -24.53 23.70 14.94
N GLN B 467 -24.18 23.98 16.22
CA GLN B 467 -23.90 25.31 16.75
C GLN B 467 -22.64 25.91 16.11
N LEU B 468 -21.57 25.09 16.00
CA LEU B 468 -20.29 25.49 15.40
C LEU B 468 -20.44 25.74 13.90
N ASN B 469 -21.20 24.87 13.20
CA ASN B 469 -21.46 25.01 11.77
C ASN B 469 -22.36 26.20 11.43
N ALA B 470 -23.04 26.77 12.44
CA ALA B 470 -23.89 27.95 12.30
C ALA B 470 -23.04 29.22 12.38
N VAL B 471 -22.03 29.23 13.29
CA VAL B 471 -21.07 30.32 13.49
C VAL B 471 -20.10 30.34 12.28
N ASP B 472 -19.77 29.14 11.74
CA ASP B 472 -18.91 28.97 10.57
C ASP B 472 -19.52 29.70 9.37
N ALA B 473 -20.85 29.59 9.20
CA ALA B 473 -21.62 30.23 8.14
C ALA B 473 -21.71 31.74 8.36
N LEU B 474 -21.73 32.17 9.63
CA LEU B 474 -21.81 33.58 10.02
C LEU B 474 -20.52 34.32 9.63
N ILE B 475 -19.35 33.74 9.94
CA ILE B 475 -18.04 34.31 9.65
C ILE B 475 -17.82 34.41 8.13
N ASP B 476 -18.24 33.38 7.38
CA ASP B 476 -18.14 33.37 5.90
C ASP B 476 -19.04 34.45 5.27
N SER B 477 -20.25 34.66 5.84
CA SER B 477 -21.20 35.67 5.36
C SER B 477 -20.80 37.08 5.74
N MET B 478 -20.26 37.26 6.95
CA MET B 478 -19.85 38.57 7.45
C MET B 478 -18.36 38.87 7.23
N SER B 479 -17.73 38.26 6.20
CA SER B 479 -16.32 38.52 5.92
C SER B 479 -16.15 39.89 5.27
N LEU B 480 -15.17 40.66 5.76
CA LEU B 480 -14.85 42.01 5.29
C LEU B 480 -13.72 42.04 4.27
N ALA B 481 -13.42 40.90 3.63
CA ALA B 481 -12.37 40.82 2.62
C ALA B 481 -12.78 39.98 1.42
N LYS B 482 -12.33 40.40 0.24
CA LYS B 482 -12.59 39.73 -1.03
C LYS B 482 -11.26 39.38 -1.69
N LYS B 483 -11.18 38.19 -2.31
CA LYS B 483 -9.96 37.75 -2.96
C LYS B 483 -10.21 37.36 -4.41
N ASP B 484 -9.50 38.02 -5.33
CA ASP B 484 -9.56 37.73 -6.76
C ASP B 484 -8.44 36.72 -7.05
N GLU B 485 -8.76 35.61 -7.74
CA GLU B 485 -7.80 34.55 -8.03
C GLU B 485 -6.77 34.93 -9.11
N LYS B 486 -7.09 35.93 -9.97
CA LYS B 486 -6.16 36.39 -11.00
C LYS B 486 -5.08 37.28 -10.35
N THR B 487 -5.51 38.21 -9.47
CA THR B 487 -4.60 39.12 -8.76
C THR B 487 -3.86 38.41 -7.61
N ASP B 488 -4.53 37.42 -6.96
CA ASP B 488 -4.07 36.65 -5.79
C ASP B 488 -3.71 37.56 -4.59
N THR B 489 -4.36 38.74 -4.56
CA THR B 489 -4.20 39.77 -3.53
C THR B 489 -5.52 39.89 -2.77
N LEU B 490 -5.42 40.09 -1.45
CA LEU B 490 -6.59 40.22 -0.59
C LEU B 490 -7.01 41.69 -0.51
N GLU B 491 -8.28 41.94 -0.90
CA GLU B 491 -8.89 43.27 -0.92
C GLU B 491 -9.76 43.49 0.30
N ASP B 492 -9.44 44.50 1.12
CA ASP B 492 -10.18 44.88 2.32
C ASP B 492 -11.39 45.71 1.93
N LEU B 493 -12.58 45.30 2.40
CA LEU B 493 -13.83 45.99 2.09
C LEU B 493 -14.19 47.01 3.17
N PHE B 494 -13.46 47.02 4.31
CA PHE B 494 -13.73 47.98 5.37
C PHE B 494 -12.43 48.59 5.93
N PRO B 495 -11.53 49.22 5.11
CA PRO B 495 -10.33 49.83 5.71
C PRO B 495 -10.69 50.98 6.65
N THR B 496 -10.64 50.72 7.98
CA THR B 496 -10.98 51.67 9.06
C THR B 496 -9.89 52.71 9.27
N THR B 497 -8.63 52.33 9.00
CA THR B 497 -7.45 53.18 9.14
C THR B 497 -7.47 54.36 8.15
N LYS B 498 -8.37 54.30 7.15
CA LYS B 498 -8.54 55.33 6.12
C LYS B 498 -9.67 56.29 6.50
N ILE B 499 -10.60 55.84 7.37
CA ILE B 499 -11.76 56.61 7.84
C ILE B 499 -11.29 57.66 8.87
N PRO B 500 -11.70 58.93 8.75
CA PRO B 500 -11.31 59.91 9.77
C PRO B 500 -12.16 59.76 11.03
N ASN B 501 -11.59 60.11 12.22
CA ASN B 501 -12.26 60.07 13.52
C ASN B 501 -13.53 60.95 13.50
N PRO B 502 -14.74 60.34 13.61
CA PRO B 502 -15.98 61.13 13.51
C PRO B 502 -16.15 62.25 14.54
N ARG B 503 -15.37 62.20 15.63
CA ARG B 503 -15.38 63.17 16.73
C ARG B 503 -15.20 64.62 16.27
N PHE B 504 -14.26 64.86 15.35
CA PHE B 504 -13.91 66.20 14.87
C PHE B 504 -14.96 66.84 13.98
N GLN B 505 -15.34 66.19 12.87
CA GLN B 505 -16.34 66.76 11.96
C GLN B 505 -17.73 66.91 12.63
N ARG B 506 -18.01 66.08 13.66
CA ARG B 506 -19.25 66.16 14.45
C ARG B 506 -19.18 67.40 15.35
N LEU B 507 -18.02 67.65 15.97
CA LEU B 507 -17.79 68.82 16.83
C LEU B 507 -17.89 70.11 16.02
N PHE B 508 -17.27 70.12 14.82
CA PHE B 508 -17.26 71.26 13.90
C PHE B 508 -18.66 71.61 13.44
N GLN B 509 -19.49 70.58 13.17
CA GLN B 509 -20.89 70.69 12.75
C GLN B 509 -21.68 71.48 13.80
N CYS B 510 -21.58 71.06 15.07
CA CYS B 510 -22.23 71.64 16.24
C CYS B 510 -21.72 73.04 16.54
N LEU B 511 -20.38 73.24 16.47
CA LEU B 511 -19.74 74.53 16.71
C LEU B 511 -20.22 75.57 15.70
N LEU B 512 -20.31 75.18 14.41
CA LEU B 512 -20.77 76.04 13.34
C LEU B 512 -22.27 76.33 13.46
N HIS B 513 -23.08 75.28 13.75
CA HIS B 513 -24.53 75.41 13.90
C HIS B 513 -24.91 76.39 15.00
N ARG B 514 -24.19 76.37 16.14
CA ARG B 514 -24.42 77.28 17.25
C ARG B 514 -23.97 78.71 16.91
N ALA B 515 -22.89 78.83 16.10
CA ALA B 515 -22.36 80.12 15.67
C ALA B 515 -23.28 80.84 14.70
N LEU B 516 -23.97 80.09 13.80
CA LEU B 516 -24.87 80.64 12.79
C LEU B 516 -26.33 80.67 13.25
N HIS B 517 -26.78 79.62 13.94
CA HIS B 517 -28.15 79.49 14.44
C HIS B 517 -28.10 79.35 15.98
N PRO B 518 -28.01 80.48 16.73
CA PRO B 518 -27.88 80.37 18.20
C PRO B 518 -29.14 79.93 18.95
N ARG B 519 -30.34 80.28 18.43
CA ARG B 519 -31.62 79.92 19.06
C ARG B 519 -31.99 78.44 18.90
N GLU B 520 -31.67 77.84 17.73
CA GLU B 520 -31.95 76.43 17.42
C GLU B 520 -31.09 75.47 18.26
N PRO B 521 -31.60 74.28 18.66
CA PRO B 521 -30.75 73.35 19.40
C PRO B 521 -29.78 72.60 18.49
N LEU B 522 -28.84 71.81 19.06
CA LEU B 522 -27.84 71.08 18.30
C LEU B 522 -28.43 70.14 17.24
N PRO B 523 -27.83 70.11 16.02
CA PRO B 523 -28.36 69.23 14.98
C PRO B 523 -27.96 67.76 15.18
N PRO B 524 -28.68 66.78 14.60
CA PRO B 524 -28.27 65.37 14.78
C PRO B 524 -27.08 64.99 13.91
N ILE B 525 -26.45 63.83 14.20
CA ILE B 525 -25.30 63.32 13.43
C ILE B 525 -25.70 63.13 11.96
N GLN B 526 -24.92 63.72 11.03
CA GLN B 526 -25.18 63.61 9.59
C GLN B 526 -25.13 62.17 9.12
N GLN B 527 -26.12 61.76 8.29
CA GLN B 527 -26.27 60.38 7.78
C GLN B 527 -24.99 59.82 7.15
N HIS B 528 -24.25 60.64 6.37
CA HIS B 528 -23.02 60.17 5.74
C HIS B 528 -21.95 59.75 6.77
N ILE B 529 -21.97 60.36 7.99
CA ILE B 529 -21.05 60.01 9.09
C ILE B 529 -21.45 58.63 9.62
N TRP B 530 -22.75 58.34 9.67
CA TRP B 530 -23.22 57.03 10.11
C TRP B 530 -22.96 55.97 9.04
N ASN B 531 -23.09 56.35 7.77
CA ASN B 531 -22.88 55.46 6.62
C ASN B 531 -21.44 54.99 6.51
N MET B 532 -20.49 55.88 6.84
CA MET B 532 -19.08 55.56 6.78
C MET B 532 -18.63 54.69 7.97
N LEU B 533 -19.36 54.77 9.10
CA LEU B 533 -19.02 53.99 10.29
C LEU B 533 -19.59 52.57 10.24
N ASN B 534 -20.71 52.36 9.52
CA ASN B 534 -21.36 51.05 9.39
C ASN B 534 -20.74 50.19 8.27
N PRO B 535 -20.76 48.83 8.40
CA PRO B 535 -20.18 47.97 7.34
C PRO B 535 -20.88 48.08 5.97
N PRO B 536 -20.25 47.64 4.85
CA PRO B 536 -20.93 47.72 3.54
C PRO B 536 -22.28 47.02 3.52
N ALA B 537 -23.29 47.63 2.85
CA ALA B 537 -24.66 47.10 2.76
C ALA B 537 -24.72 45.62 2.39
N GLU B 538 -23.77 45.15 1.55
CA GLU B 538 -23.66 43.77 1.10
C GLU B 538 -23.32 42.81 2.25
N VAL B 539 -22.53 43.29 3.23
CA VAL B 539 -22.14 42.52 4.42
C VAL B 539 -23.34 42.40 5.36
N THR B 540 -24.09 43.51 5.54
CA THR B 540 -25.29 43.58 6.39
C THR B 540 -26.41 42.69 5.85
N THR B 541 -26.60 42.67 4.51
CA THR B 541 -27.63 41.88 3.82
C THR B 541 -27.30 40.38 3.87
N LYS B 542 -26.03 40.02 3.61
CA LYS B 542 -25.54 38.63 3.64
C LYS B 542 -25.72 37.99 5.02
N SER B 543 -25.44 38.75 6.09
CA SER B 543 -25.51 38.33 7.49
C SER B 543 -26.91 38.06 8.05
N GLN B 544 -27.97 38.61 7.42
CA GLN B 544 -29.38 38.48 7.84
C GLN B 544 -29.83 37.04 8.18
N ILE B 545 -29.65 36.12 7.22
CA ILE B 545 -30.03 34.69 7.31
C ILE B 545 -29.21 33.93 8.39
N PRO B 546 -27.84 33.95 8.41
CA PRO B 546 -27.12 33.20 9.48
C PRO B 546 -27.34 33.75 10.88
N LEU B 547 -27.59 35.08 11.01
CA LEU B 547 -27.84 35.73 12.30
C LEU B 547 -29.13 35.24 12.94
N SER B 548 -30.20 35.07 12.12
CA SER B 548 -31.49 34.54 12.58
C SER B 548 -31.34 33.08 13.02
N LYS B 549 -30.46 32.32 12.32
CA LYS B 549 -30.14 30.93 12.58
C LYS B 549 -29.33 30.76 13.87
N ILE B 550 -28.37 31.67 14.16
CA ILE B 550 -27.58 31.60 15.40
C ILE B 550 -28.41 32.06 16.60
N LYS B 551 -29.44 32.92 16.37
CA LYS B 551 -30.33 33.42 17.42
C LYS B 551 -31.10 32.27 18.06
N THR B 552 -31.69 31.39 17.23
CA THR B 552 -32.48 30.23 17.67
C THR B 552 -31.61 29.12 18.26
N LEU B 553 -30.42 28.88 17.67
CA LEU B 553 -29.46 27.86 18.10
C LEU B 553 -28.74 28.20 19.41
N PHE B 554 -28.45 29.50 19.64
CA PHE B 554 -27.78 29.97 20.85
C PHE B 554 -28.75 30.72 21.78
N PRO B 555 -29.20 30.07 22.88
CA PRO B 555 -30.14 30.73 23.79
C PRO B 555 -29.44 31.74 24.71
N LEU B 556 -30.01 32.94 24.81
CA LEU B 556 -29.47 34.02 25.62
C LEU B 556 -30.55 34.66 26.49
N ILE B 557 -30.27 34.82 27.79
CA ILE B 557 -31.21 35.42 28.74
C ILE B 557 -30.48 36.20 29.85
N GLU B 558 -31.08 37.32 30.30
CA GLU B 558 -30.54 38.20 31.34
C GLU B 558 -30.80 37.67 32.75
N ALA B 559 -29.93 38.02 33.71
CA ALA B 559 -30.05 37.60 35.10
C ALA B 559 -30.92 38.57 35.90
N ARG C 35 -4.99 -29.02 42.45
CA ARG C 35 -6.24 -28.59 41.85
C ARG C 35 -7.21 -27.96 42.86
N ASP C 36 -7.25 -26.60 42.88
CA ASP C 36 -8.11 -25.79 43.75
C ASP C 36 -9.45 -25.52 43.08
N SER C 37 -10.52 -25.53 43.87
CA SER C 37 -11.87 -25.31 43.38
C SER C 37 -12.37 -23.91 43.73
N LEU C 38 -12.93 -23.20 42.73
CA LEU C 38 -13.46 -21.85 42.86
C LEU C 38 -14.87 -21.77 42.26
N ILE C 39 -15.86 -21.30 43.06
CA ILE C 39 -17.26 -21.20 42.63
C ILE C 39 -17.74 -19.75 42.59
N PHE C 40 -18.26 -19.32 41.44
CA PHE C 40 -18.81 -17.98 41.23
C PHE C 40 -20.31 -18.00 41.44
N LEU C 41 -20.77 -17.36 42.52
CA LEU C 41 -22.18 -17.28 42.89
C LEU C 41 -22.71 -15.90 42.53
N VAL C 42 -23.70 -15.83 41.62
CA VAL C 42 -24.25 -14.57 41.14
C VAL C 42 -25.73 -14.40 41.48
N ASP C 43 -26.06 -13.26 42.10
CA ASP C 43 -27.42 -12.86 42.46
C ASP C 43 -28.16 -12.50 41.17
N ALA C 44 -29.39 -12.99 41.02
CA ALA C 44 -30.20 -12.72 39.83
C ALA C 44 -31.56 -12.08 40.18
N SER C 45 -31.57 -11.24 41.22
CA SER C 45 -32.78 -10.51 41.65
C SER C 45 -32.97 -9.26 40.78
N LYS C 46 -34.18 -8.65 40.83
CA LYS C 46 -34.57 -7.45 40.07
C LYS C 46 -33.54 -6.29 40.16
N ALA C 47 -32.96 -6.08 41.36
CA ALA C 47 -31.96 -5.03 41.63
C ALA C 47 -30.66 -5.18 40.84
N MET C 48 -30.23 -6.43 40.56
CA MET C 48 -28.99 -6.76 39.85
C MET C 48 -29.00 -6.38 38.37
N PHE C 49 -30.20 -6.26 37.75
CA PHE C 49 -30.35 -5.93 36.33
C PHE C 49 -30.62 -4.43 36.06
N GLU C 50 -30.53 -3.59 37.11
CA GLU C 50 -30.78 -2.15 37.02
C GLU C 50 -29.49 -1.34 37.16
N SER C 51 -29.25 -0.41 36.20
CA SER C 51 -28.10 0.48 36.19
C SER C 51 -28.41 1.75 37.00
N GLN C 52 -27.41 2.27 37.73
CA GLN C 52 -27.53 3.47 38.57
C GLN C 52 -27.56 4.77 37.74
N SER C 53 -28.53 4.86 36.80
CA SER C 53 -28.80 5.96 35.86
C SER C 53 -27.49 6.55 35.24
N GLU C 54 -26.61 5.64 34.77
CA GLU C 54 -25.30 5.97 34.17
C GLU C 54 -24.98 5.15 32.92
N ASP C 55 -23.84 5.49 32.27
CA ASP C 55 -23.28 4.82 31.09
C ASP C 55 -22.61 3.49 31.51
N GLU C 56 -22.39 3.30 32.84
CA GLU C 56 -21.79 2.12 33.43
C GLU C 56 -22.71 0.90 33.35
N LEU C 57 -22.10 -0.31 33.26
CA LEU C 57 -22.79 -1.61 33.16
C LEU C 57 -23.56 -1.98 34.42
N THR C 58 -24.63 -2.79 34.25
CA THR C 58 -25.47 -3.30 35.36
C THR C 58 -24.65 -4.25 36.26
N PRO C 59 -24.93 -4.33 37.59
CA PRO C 59 -24.16 -5.24 38.46
C PRO C 59 -24.04 -6.68 37.94
N PHE C 60 -25.07 -7.17 37.24
CA PHE C 60 -25.10 -8.52 36.65
C PHE C 60 -24.11 -8.62 35.50
N ASP C 61 -24.12 -7.62 34.58
CA ASP C 61 -23.24 -7.55 33.40
C ASP C 61 -21.78 -7.54 33.83
N MET C 62 -21.46 -6.79 34.91
CA MET C 62 -20.12 -6.68 35.48
C MET C 62 -19.63 -8.04 35.93
N SER C 63 -20.51 -8.82 36.61
CA SER C 63 -20.25 -10.15 37.14
C SER C 63 -19.96 -11.15 36.02
N ILE C 64 -20.88 -11.27 35.04
CA ILE C 64 -20.79 -12.14 33.86
C ILE C 64 -19.46 -11.93 33.12
N GLN C 65 -19.09 -10.66 32.90
CA GLN C 65 -17.85 -10.28 32.24
C GLN C 65 -16.61 -10.62 33.08
N CYS C 66 -16.68 -10.37 34.40
CA CYS C 66 -15.60 -10.65 35.36
C CYS C 66 -15.27 -12.15 35.40
N ILE C 67 -16.31 -13.01 35.48
CA ILE C 67 -16.19 -14.47 35.51
C ILE C 67 -15.53 -14.95 34.22
N GLN C 68 -16.04 -14.47 33.06
CA GLN C 68 -15.54 -14.76 31.72
C GLN C 68 -14.06 -14.41 31.62
N SER C 69 -13.67 -13.23 32.14
CA SER C 69 -12.29 -12.73 32.16
C SER C 69 -11.37 -13.65 32.94
N VAL C 70 -11.83 -14.18 34.10
CA VAL C 70 -11.08 -15.10 34.96
C VAL C 70 -10.86 -16.42 34.20
N TYR C 71 -11.93 -16.95 33.56
CA TYR C 71 -11.92 -18.18 32.77
C TYR C 71 -10.86 -18.11 31.66
N ILE C 72 -10.82 -16.98 30.91
CA ILE C 72 -9.86 -16.72 29.83
C ILE C 72 -8.43 -16.63 30.39
N SER C 73 -8.26 -15.87 31.51
CA SER C 73 -6.99 -15.67 32.21
C SER C 73 -6.38 -16.99 32.68
N LYS C 74 -7.23 -17.91 33.17
CA LYS C 74 -6.84 -19.24 33.67
C LYS C 74 -6.31 -20.16 32.56
N ILE C 75 -6.82 -20.00 31.31
CA ILE C 75 -6.39 -20.79 30.15
C ILE C 75 -5.01 -20.32 29.69
N ILE C 76 -4.82 -18.99 29.58
CA ILE C 76 -3.56 -18.34 29.19
C ILE C 76 -2.46 -18.69 30.21
N SER C 77 -2.72 -18.44 31.50
CA SER C 77 -1.79 -18.71 32.60
C SER C 77 -1.57 -20.21 32.89
N SER C 78 -2.35 -21.08 32.19
CA SER C 78 -2.32 -22.55 32.28
C SER C 78 -2.53 -23.07 33.72
N ASP C 79 -3.43 -22.42 34.49
CA ASP C 79 -3.77 -22.80 35.86
C ASP C 79 -4.67 -24.03 35.86
N ARG C 80 -4.28 -25.03 36.66
CA ARG C 80 -4.98 -26.31 36.78
C ARG C 80 -6.31 -26.23 37.59
N ASP C 81 -6.63 -25.02 38.12
CA ASP C 81 -7.83 -24.71 38.93
C ASP C 81 -9.16 -25.05 38.25
N LEU C 82 -10.13 -25.55 39.06
CA LEU C 82 -11.47 -25.94 38.64
C LEU C 82 -12.46 -24.82 38.98
N LEU C 83 -13.30 -24.45 37.99
CA LEU C 83 -14.27 -23.36 38.14
C LEU C 83 -15.73 -23.81 38.02
N ALA C 84 -16.65 -23.02 38.60
CA ALA C 84 -18.09 -23.27 38.59
C ALA C 84 -18.91 -21.97 38.58
N VAL C 85 -20.12 -22.01 37.98
CA VAL C 85 -21.03 -20.86 37.89
C VAL C 85 -22.41 -21.22 38.44
N VAL C 86 -22.80 -20.61 39.56
CA VAL C 86 -24.09 -20.87 40.23
C VAL C 86 -24.89 -19.56 40.35
N PHE C 87 -26.19 -19.60 40.02
CA PHE C 87 -27.10 -18.47 40.11
C PHE C 87 -28.18 -18.72 41.15
N TYR C 88 -28.65 -17.64 41.80
CA TYR C 88 -29.74 -17.72 42.78
C TYR C 88 -30.75 -16.59 42.57
N GLY C 89 -32.00 -16.84 42.93
CA GLY C 89 -33.09 -15.88 42.74
C GLY C 89 -33.70 -15.98 41.36
N THR C 90 -33.46 -17.12 40.67
CA THR C 90 -33.97 -17.45 39.35
C THR C 90 -35.21 -18.32 39.52
N GLU C 91 -36.22 -18.19 38.65
CA GLU C 91 -37.43 -19.03 38.76
C GLU C 91 -37.10 -20.51 38.50
N LYS C 92 -36.39 -20.79 37.39
CA LYS C 92 -35.95 -22.13 36.98
C LYS C 92 -34.79 -22.58 37.87
N ASP C 93 -34.94 -23.77 38.49
CA ASP C 93 -33.91 -24.32 39.37
C ASP C 93 -33.26 -25.57 38.80
N LYS C 94 -31.92 -25.61 38.80
CA LYS C 94 -31.13 -26.74 38.33
C LYS C 94 -30.05 -27.06 39.37
N ASN C 95 -30.35 -28.04 40.24
CA ASN C 95 -29.44 -28.49 41.30
C ASN C 95 -29.76 -29.94 41.75
N SER C 96 -28.77 -30.57 42.40
CA SER C 96 -28.74 -31.94 42.91
C SER C 96 -30.03 -32.40 43.55
N VAL C 97 -30.57 -31.65 44.52
CA VAL C 97 -31.77 -32.04 45.27
C VAL C 97 -33.02 -31.21 44.91
N ASN C 98 -32.98 -30.50 43.77
CA ASN C 98 -34.08 -29.67 43.25
C ASN C 98 -34.59 -28.63 44.28
N PHE C 99 -33.65 -27.94 44.95
CA PHE C 99 -33.92 -26.87 45.91
C PHE C 99 -34.39 -25.69 45.08
N LYS C 100 -35.52 -25.08 45.46
CA LYS C 100 -36.13 -23.99 44.70
C LYS C 100 -35.25 -22.74 44.56
N ASN C 101 -35.27 -22.17 43.35
CA ASN C 101 -34.64 -20.93 42.87
C ASN C 101 -33.11 -20.91 42.89
N ILE C 102 -32.47 -22.08 42.63
CA ILE C 102 -31.00 -22.23 42.56
C ILE C 102 -30.62 -22.90 41.22
N TYR C 103 -29.95 -22.16 40.32
CA TYR C 103 -29.53 -22.68 39.02
C TYR C 103 -28.01 -22.83 38.91
N VAL C 104 -27.54 -24.10 38.91
CA VAL C 104 -26.12 -24.44 38.77
C VAL C 104 -25.85 -24.55 37.27
N LEU C 105 -25.38 -23.44 36.66
CA LEU C 105 -25.10 -23.35 35.23
C LEU C 105 -23.94 -24.27 34.84
N GLN C 106 -22.82 -24.20 35.59
CA GLN C 106 -21.61 -24.98 35.34
C GLN C 106 -21.11 -25.64 36.63
N GLU C 107 -20.89 -26.97 36.58
CA GLU C 107 -20.34 -27.75 37.68
C GLU C 107 -18.84 -27.46 37.82
N LEU C 108 -18.19 -27.96 38.89
CA LEU C 108 -16.76 -27.72 39.09
C LEU C 108 -15.91 -28.52 38.10
N ASP C 109 -15.27 -27.81 37.17
CA ASP C 109 -14.40 -28.39 36.13
C ASP C 109 -13.45 -27.33 35.56
N ASN C 110 -12.41 -27.77 34.83
CA ASN C 110 -11.40 -26.93 34.17
C ASN C 110 -12.06 -25.94 33.17
N PRO C 111 -11.44 -24.76 32.89
CA PRO C 111 -12.06 -23.83 31.94
C PRO C 111 -11.96 -24.32 30.49
N GLY C 112 -13.00 -24.06 29.71
CA GLY C 112 -13.07 -24.48 28.31
C GLY C 112 -13.62 -23.43 27.37
N ALA C 113 -13.44 -23.67 26.05
CA ALA C 113 -13.90 -22.78 24.98
C ALA C 113 -15.43 -22.72 24.90
N LYS C 114 -16.10 -23.88 25.07
CA LYS C 114 -17.56 -24.00 25.05
C LYS C 114 -18.19 -23.36 26.29
N ARG C 115 -17.46 -23.42 27.44
CA ARG C 115 -17.88 -22.84 28.72
C ARG C 115 -17.92 -21.33 28.68
N ILE C 116 -16.87 -20.70 28.08
CA ILE C 116 -16.76 -19.25 27.91
C ILE C 116 -17.85 -18.76 26.94
N LEU C 117 -18.14 -19.58 25.90
CA LEU C 117 -19.17 -19.32 24.89
C LEU C 117 -20.55 -19.28 25.55
N GLU C 118 -20.80 -20.16 26.54
CA GLU C 118 -22.06 -20.23 27.28
C GLU C 118 -22.25 -18.96 28.13
N LEU C 119 -21.15 -18.46 28.74
CA LEU C 119 -21.14 -17.24 29.55
C LEU C 119 -21.38 -16.00 28.69
N ASP C 120 -20.91 -16.02 27.43
CA ASP C 120 -21.05 -14.94 26.45
C ASP C 120 -22.49 -14.70 26.02
N GLN C 121 -23.36 -15.72 26.19
CA GLN C 121 -24.78 -15.67 25.85
C GLN C 121 -25.58 -14.78 26.80
N PHE C 122 -24.98 -14.40 27.95
CA PHE C 122 -25.62 -13.55 28.97
C PHE C 122 -24.99 -12.15 29.04
N LYS C 123 -23.85 -11.95 28.34
CA LYS C 123 -23.10 -10.70 28.26
C LYS C 123 -23.88 -9.66 27.45
N GLY C 124 -24.01 -8.46 28.01
CA GLY C 124 -24.70 -7.33 27.38
C GLY C 124 -26.18 -7.23 27.66
N GLN C 125 -26.82 -6.19 27.08
CA GLN C 125 -28.26 -5.89 27.20
C GLN C 125 -29.09 -6.93 26.43
N GLN C 126 -28.57 -7.39 25.27
CA GLN C 126 -29.21 -8.40 24.44
C GLN C 126 -29.00 -9.78 25.10
N GLY C 127 -27.87 -9.94 25.77
CA GLY C 127 -27.50 -11.14 26.52
C GLY C 127 -28.34 -11.26 27.77
N GLN C 128 -28.69 -10.11 28.39
CA GLN C 128 -29.55 -10.03 29.58
C GLN C 128 -30.93 -10.60 29.25
N LYS C 129 -31.45 -10.30 28.04
CA LYS C 129 -32.74 -10.77 27.54
C LYS C 129 -32.78 -12.31 27.46
N ARG C 130 -31.66 -12.92 26.98
CA ARG C 130 -31.49 -14.37 26.84
C ARG C 130 -31.51 -15.08 28.19
N PHE C 131 -30.96 -14.43 29.24
CA PHE C 131 -30.92 -14.94 30.60
C PHE C 131 -32.34 -15.03 31.17
N GLN C 132 -33.12 -13.91 31.06
CA GLN C 132 -34.50 -13.79 31.53
C GLN C 132 -35.44 -14.82 30.87
N ASP C 133 -35.13 -15.20 29.61
CA ASP C 133 -35.92 -16.16 28.83
C ASP C 133 -35.65 -17.61 29.24
N MET C 134 -34.35 -18.00 29.39
CA MET C 134 -33.92 -19.34 29.77
C MET C 134 -34.38 -19.70 31.19
N MET C 135 -34.12 -18.80 32.15
CA MET C 135 -34.49 -18.92 33.57
C MET C 135 -35.06 -17.60 34.09
N GLY C 136 -35.87 -17.67 35.14
CA GLY C 136 -36.50 -16.49 35.72
C GLY C 136 -35.58 -15.56 36.48
N HIS C 137 -36.16 -14.55 37.16
CA HIS C 137 -35.44 -13.56 37.97
C HIS C 137 -36.32 -12.92 39.06
N GLY C 138 -35.68 -12.34 40.07
CA GLY C 138 -36.34 -11.67 41.19
C GLY C 138 -37.20 -12.57 42.05
N SER C 139 -36.89 -13.88 42.07
CA SER C 139 -37.62 -14.92 42.80
C SER C 139 -37.12 -15.05 44.24
N ASP C 140 -38.03 -15.46 45.16
CA ASP C 140 -37.71 -15.64 46.58
C ASP C 140 -36.69 -16.76 46.75
N TYR C 141 -35.54 -16.44 47.38
CA TYR C 141 -34.49 -17.42 47.64
C TYR C 141 -34.28 -17.67 49.14
N SER C 142 -33.33 -18.55 49.48
CA SER C 142 -32.97 -18.88 50.85
C SER C 142 -31.46 -19.11 50.87
N LEU C 143 -30.70 -18.07 51.29
CA LEU C 143 -29.23 -18.09 51.36
C LEU C 143 -28.64 -19.34 52.03
N SER C 144 -29.39 -19.90 53.00
CA SER C 144 -29.04 -21.13 53.72
C SER C 144 -28.94 -22.30 52.71
N GLU C 145 -29.98 -22.47 51.88
CA GLU C 145 -30.07 -23.50 50.83
C GLU C 145 -29.08 -23.22 49.70
N VAL C 146 -28.88 -21.93 49.36
CA VAL C 146 -27.99 -21.46 48.30
C VAL C 146 -26.53 -21.89 48.56
N LEU C 147 -26.02 -21.57 49.77
CA LEU C 147 -24.65 -21.91 50.18
C LEU C 147 -24.45 -23.41 50.33
N TRP C 148 -25.52 -24.14 50.74
CA TRP C 148 -25.48 -25.59 50.91
C TRP C 148 -25.26 -26.29 49.57
N VAL C 149 -25.97 -25.83 48.51
CA VAL C 149 -25.85 -26.37 47.15
C VAL C 149 -24.43 -26.14 46.65
N CYS C 150 -23.90 -24.91 46.84
CA CYS C 150 -22.55 -24.51 46.49
C CYS C 150 -21.51 -25.43 47.13
N ALA C 151 -21.65 -25.67 48.46
CA ALA C 151 -20.77 -26.55 49.22
C ALA C 151 -20.79 -27.97 48.67
N ASN C 152 -21.99 -28.46 48.28
CA ASN C 152 -22.20 -29.80 47.74
C ASN C 152 -21.49 -30.02 46.39
N LEU C 153 -21.13 -28.94 45.67
CA LEU C 153 -20.41 -29.04 44.41
C LEU C 153 -18.94 -29.45 44.61
N PHE C 154 -18.37 -29.11 45.78
CA PHE C 154 -17.00 -29.44 46.16
C PHE C 154 -16.82 -30.93 46.47
N SER C 155 -17.91 -31.64 46.82
CA SER C 155 -17.93 -33.06 47.18
C SER C 155 -17.17 -33.97 46.21
N ASP C 156 -17.28 -33.68 44.90
CA ASP C 156 -16.64 -34.42 43.81
C ASP C 156 -15.12 -34.14 43.72
N VAL C 157 -14.62 -33.15 44.48
CA VAL C 157 -13.21 -32.77 44.50
C VAL C 157 -12.57 -33.21 45.82
N SER C 162 -7.61 -29.13 47.43
CA SER C 162 -6.81 -28.26 48.30
C SER C 162 -7.64 -27.11 48.90
N HIS C 163 -7.80 -25.97 48.17
CA HIS C 163 -8.58 -24.82 48.66
C HIS C 163 -9.96 -24.73 48.04
N LYS C 164 -10.97 -24.53 48.89
CA LYS C 164 -12.38 -24.42 48.50
C LYS C 164 -12.80 -22.97 48.68
N ARG C 165 -13.32 -22.33 47.61
CA ARG C 165 -13.68 -20.92 47.68
C ARG C 165 -14.97 -20.58 46.92
N ILE C 166 -15.86 -19.79 47.57
CA ILE C 166 -17.12 -19.31 46.99
C ILE C 166 -17.06 -17.77 46.92
N MET C 167 -17.32 -17.22 45.73
CA MET C 167 -17.31 -15.78 45.49
C MET C 167 -18.70 -15.26 45.13
N LEU C 168 -19.34 -14.61 46.11
CA LEU C 168 -20.70 -14.07 46.01
C LEU C 168 -20.76 -12.66 45.43
N PHE C 169 -21.30 -12.53 44.21
CA PHE C 169 -21.49 -11.29 43.47
C PHE C 169 -22.92 -10.82 43.72
N THR C 170 -23.09 -9.75 44.52
CA THR C 170 -24.41 -9.19 44.87
C THR C 170 -24.35 -7.71 45.21
N ASN C 171 -25.48 -7.01 44.99
CA ASN C 171 -25.64 -5.59 45.30
C ASN C 171 -26.66 -5.38 46.44
N GLU C 172 -27.09 -6.47 47.08
CA GLU C 172 -28.05 -6.46 48.20
C GLU C 172 -27.29 -6.53 49.54
N ASP C 173 -27.29 -5.40 50.28
CA ASP C 173 -26.59 -5.25 51.57
C ASP C 173 -27.25 -6.00 52.72
N ASN C 174 -28.59 -6.14 52.69
CA ASN C 174 -29.32 -6.86 53.73
C ASN C 174 -30.36 -7.86 53.16
N PRO C 175 -29.93 -9.02 52.61
CA PRO C 175 -30.92 -10.01 52.15
C PRO C 175 -31.57 -10.66 53.37
N HIS C 176 -32.84 -11.05 53.26
CA HIS C 176 -33.67 -11.61 54.34
C HIS C 176 -33.81 -10.57 55.48
N GLY C 177 -34.01 -9.31 55.09
CA GLY C 177 -34.19 -8.18 56.02
C GLY C 177 -35.52 -8.27 56.74
N ASN C 178 -36.55 -8.75 56.02
CA ASN C 178 -37.92 -8.97 56.48
C ASN C 178 -38.04 -10.29 57.24
N ASP C 179 -37.36 -11.36 56.77
CA ASP C 179 -37.38 -12.69 57.37
C ASP C 179 -36.27 -12.89 58.40
N SER C 180 -36.65 -13.00 59.69
CA SER C 180 -35.70 -13.22 60.79
C SER C 180 -35.16 -14.66 60.80
N ALA C 181 -36.03 -15.65 60.53
CA ALA C 181 -35.70 -17.08 60.49
C ALA C 181 -34.72 -17.42 59.37
N LYS C 182 -34.98 -16.93 58.13
CA LYS C 182 -34.12 -17.14 56.95
C LYS C 182 -32.73 -16.55 57.16
N ALA C 183 -32.65 -15.40 57.86
CA ALA C 183 -31.40 -14.68 58.17
C ALA C 183 -30.51 -15.48 59.13
N SER C 184 -31.11 -16.05 60.20
CA SER C 184 -30.38 -16.84 61.19
C SER C 184 -29.94 -18.19 60.61
N ARG C 185 -30.79 -18.82 59.78
CA ARG C 185 -30.51 -20.11 59.11
C ARG C 185 -29.32 -19.96 58.17
N ALA C 186 -29.23 -18.82 57.48
CA ALA C 186 -28.15 -18.49 56.55
C ALA C 186 -26.83 -18.33 57.31
N ARG C 187 -26.87 -17.70 58.51
CA ARG C 187 -25.70 -17.50 59.38
C ARG C 187 -25.13 -18.83 59.83
N THR C 188 -26.01 -19.82 60.11
CA THR C 188 -25.64 -21.16 60.54
C THR C 188 -24.92 -21.93 59.42
N LYS C 189 -25.47 -21.95 58.19
CA LYS C 189 -24.83 -22.64 57.07
C LYS C 189 -23.53 -21.97 56.66
N ALA C 190 -23.46 -20.62 56.79
CA ALA C 190 -22.24 -19.85 56.52
C ALA C 190 -21.16 -20.24 57.52
N GLY C 191 -21.57 -20.41 58.78
CA GLY C 191 -20.70 -20.84 59.87
C GLY C 191 -20.18 -22.24 59.61
N ASP C 192 -21.08 -23.14 59.19
CA ASP C 192 -20.79 -24.54 58.86
C ASP C 192 -19.78 -24.68 57.71
N LEU C 193 -19.82 -23.77 56.71
CA LEU C 193 -18.89 -23.79 55.58
C LEU C 193 -17.49 -23.42 56.05
N ARG C 194 -17.39 -22.39 56.90
CA ARG C 194 -16.13 -21.88 57.44
C ARG C 194 -15.45 -22.92 58.33
N ASP C 195 -16.23 -23.70 59.09
CA ASP C 195 -15.70 -24.76 59.95
C ASP C 195 -15.19 -25.95 59.12
N THR C 196 -15.67 -26.09 57.86
CA THR C 196 -15.28 -27.15 56.92
C THR C 196 -13.94 -26.81 56.24
N GLY C 197 -13.74 -25.52 55.94
CA GLY C 197 -12.55 -25.02 55.28
C GLY C 197 -12.84 -24.28 53.99
N ILE C 198 -14.14 -24.05 53.72
CA ILE C 198 -14.62 -23.34 52.54
C ILE C 198 -14.53 -21.85 52.82
N PHE C 199 -13.94 -21.09 51.88
CA PHE C 199 -13.80 -19.65 52.00
C PHE C 199 -15.01 -18.96 51.40
N LEU C 200 -15.55 -17.96 52.10
CA LEU C 200 -16.68 -17.16 51.63
C LEU C 200 -16.24 -15.72 51.48
N ASP C 201 -16.18 -15.26 50.22
CA ASP C 201 -15.74 -13.91 49.89
C ASP C 201 -16.86 -13.11 49.24
N LEU C 202 -17.11 -11.89 49.76
CA LEU C 202 -18.15 -11.00 49.24
C LEU C 202 -17.60 -10.10 48.15
N MET C 203 -18.33 -10.03 47.04
CA MET C 203 -18.02 -9.17 45.91
C MET C 203 -19.16 -8.16 45.80
N HIS C 204 -19.30 -7.33 46.86
CA HIS C 204 -20.31 -6.28 47.02
C HIS C 204 -20.21 -5.25 45.92
N LEU C 205 -21.35 -4.98 45.27
CA LEU C 205 -21.46 -4.07 44.14
C LEU C 205 -22.23 -2.80 44.49
N LYS C 206 -22.02 -1.72 43.70
CA LYS C 206 -22.64 -0.41 43.87
C LYS C 206 -24.16 -0.49 44.07
N LYS C 207 -24.62 0.05 45.19
CA LYS C 207 -26.02 0.07 45.60
C LYS C 207 -26.41 1.51 45.97
N PRO C 208 -27.58 2.03 45.50
CA PRO C 208 -27.96 3.41 45.85
C PRO C 208 -28.03 3.62 47.37
N GLY C 209 -27.23 4.58 47.84
CA GLY C 209 -27.12 4.91 49.25
C GLY C 209 -26.10 4.06 49.98
N GLY C 210 -25.14 3.53 49.22
CA GLY C 210 -24.04 2.70 49.72
C GLY C 210 -24.41 1.30 50.15
N PHE C 211 -23.37 0.46 50.33
CA PHE C 211 -23.48 -0.93 50.76
C PHE C 211 -22.98 -1.03 52.21
N ASP C 212 -23.81 -1.61 53.09
CA ASP C 212 -23.46 -1.77 54.50
C ASP C 212 -23.10 -3.22 54.84
N ILE C 213 -21.89 -3.39 55.40
CA ILE C 213 -21.34 -4.68 55.82
C ILE C 213 -21.94 -5.06 57.19
N SER C 214 -22.10 -4.06 58.09
CA SER C 214 -22.60 -4.23 59.46
C SER C 214 -24.01 -4.84 59.55
N LEU C 215 -24.89 -4.52 58.58
CA LEU C 215 -26.27 -5.02 58.55
C LEU C 215 -26.35 -6.54 58.32
N PHE C 216 -25.61 -7.03 57.32
CA PHE C 216 -25.52 -8.45 56.94
C PHE C 216 -24.24 -8.66 56.13
N TYR C 217 -23.72 -9.89 56.18
CA TYR C 217 -22.50 -10.40 55.51
C TYR C 217 -21.26 -10.26 56.37
N ARG C 218 -21.29 -9.43 57.43
CA ARG C 218 -20.18 -9.25 58.38
C ARG C 218 -19.86 -10.59 59.06
N ASP C 219 -20.91 -11.36 59.42
CA ASP C 219 -20.78 -12.68 60.04
C ASP C 219 -20.58 -13.79 59.01
N ILE C 220 -21.18 -13.63 57.81
CA ILE C 220 -21.13 -14.58 56.70
C ILE C 220 -19.71 -14.72 56.09
N ILE C 221 -19.05 -13.58 55.77
CA ILE C 221 -17.73 -13.53 55.14
C ILE C 221 -16.63 -14.19 55.97
N SER C 222 -15.61 -14.73 55.27
CA SER C 222 -14.45 -15.36 55.88
C SER C 222 -13.45 -14.28 56.25
N ILE C 223 -13.11 -14.20 57.55
CA ILE C 223 -12.15 -13.24 58.09
C ILE C 223 -10.87 -13.95 58.53
N ALA C 224 -9.71 -13.35 58.24
CA ALA C 224 -8.42 -13.91 58.61
C ALA C 224 -8.18 -13.77 60.12
N GLU C 225 -7.39 -14.69 60.70
CA GLU C 225 -7.06 -14.64 62.13
C GLU C 225 -6.17 -13.43 62.46
N ASP C 226 -5.36 -12.98 61.48
CA ASP C 226 -4.46 -11.82 61.60
C ASP C 226 -5.16 -10.55 61.13
N GLU C 227 -5.21 -9.53 62.02
CA GLU C 227 -5.84 -8.21 61.79
C GLU C 227 -5.20 -7.50 60.60
N ASP C 228 -3.87 -7.68 60.44
CA ASP C 228 -3.04 -7.09 59.39
C ASP C 228 -3.21 -7.79 58.04
N LEU C 229 -3.52 -9.11 58.06
CA LEU C 229 -3.72 -9.91 56.85
C LEU C 229 -5.03 -9.60 56.14
N ARG C 230 -6.12 -9.35 56.89
CA ARG C 230 -7.42 -9.07 56.28
C ARG C 230 -7.50 -7.70 55.60
N VAL C 231 -8.08 -7.70 54.40
CA VAL C 231 -8.30 -6.52 53.55
C VAL C 231 -9.77 -6.17 53.48
N HIS C 232 -10.09 -4.89 53.66
CA HIS C 232 -11.48 -4.40 53.63
C HIS C 232 -11.72 -3.57 52.37
N PHE C 233 -12.07 -4.25 51.27
CA PHE C 233 -12.33 -3.62 49.97
C PHE C 233 -13.60 -2.81 49.96
N GLU C 234 -13.63 -1.74 49.14
CA GLU C 234 -14.81 -0.89 48.97
C GLU C 234 -15.71 -1.53 47.90
N GLU C 235 -16.98 -1.09 47.80
CA GLU C 235 -17.94 -1.61 46.81
C GLU C 235 -17.49 -1.39 45.36
N SER C 236 -17.69 -2.40 44.49
CA SER C 236 -17.29 -2.33 43.09
C SER C 236 -18.32 -1.60 42.22
N SER C 237 -17.84 -0.60 41.45
CA SER C 237 -18.64 0.22 40.54
C SER C 237 -18.22 -0.02 39.08
N LYS C 238 -16.92 -0.27 38.86
CA LYS C 238 -16.35 -0.55 37.53
C LYS C 238 -15.92 -2.01 37.44
N LEU C 239 -15.91 -2.56 36.21
CA LEU C 239 -15.49 -3.94 35.92
C LEU C 239 -14.00 -4.14 36.24
N GLU C 240 -13.15 -3.14 35.93
CA GLU C 240 -11.70 -3.14 36.17
C GLU C 240 -11.34 -3.32 37.65
N ASP C 241 -12.11 -2.68 38.54
CA ASP C 241 -11.93 -2.75 40.00
C ASP C 241 -12.39 -4.12 40.52
N LEU C 242 -13.58 -4.59 40.06
CA LEU C 242 -14.16 -5.87 40.44
C LEU C 242 -13.23 -7.03 40.06
N LEU C 243 -12.75 -7.06 38.80
CA LEU C 243 -11.83 -8.09 38.29
C LEU C 243 -10.54 -8.15 39.09
N ARG C 244 -10.01 -6.97 39.49
CA ARG C 244 -8.78 -6.87 40.31
C ARG C 244 -9.00 -7.35 41.75
N LYS C 245 -10.20 -7.10 42.32
CA LYS C 245 -10.57 -7.52 43.67
C LYS C 245 -10.76 -9.03 43.73
N VAL C 246 -11.36 -9.62 42.68
CA VAL C 246 -11.62 -11.06 42.51
C VAL C 246 -10.29 -11.82 42.43
N ARG C 247 -9.39 -11.37 41.52
CA ARG C 247 -8.06 -11.98 41.33
C ARG C 247 -7.14 -11.77 42.55
N ALA C 248 -7.45 -10.78 43.41
CA ALA C 248 -6.69 -10.50 44.63
C ALA C 248 -6.98 -11.55 45.70
N LYS C 249 -8.27 -11.86 45.93
CA LYS C 249 -8.72 -12.86 46.92
C LYS C 249 -8.53 -14.29 46.44
N GLU C 250 -8.70 -14.53 45.11
CA GLU C 250 -8.58 -15.84 44.44
C GLU C 250 -7.20 -16.47 44.59
N THR C 251 -6.17 -15.77 44.09
CA THR C 251 -4.77 -16.18 44.05
C THR C 251 -4.19 -16.56 45.42
N ARG C 252 -3.39 -17.65 45.41
CA ARG C 252 -2.67 -18.16 46.58
C ARG C 252 -1.19 -17.96 46.30
N LYS C 253 -0.45 -17.54 47.34
CA LYS C 253 0.99 -17.31 47.29
C LYS C 253 1.74 -18.59 46.94
N ARG C 254 2.56 -18.53 45.90
CA ARG C 254 3.35 -19.65 45.43
C ARG C 254 4.81 -19.24 45.52
N ALA C 255 5.51 -19.78 46.52
CA ALA C 255 6.92 -19.47 46.74
C ALA C 255 7.79 -20.20 45.74
N LEU C 256 8.66 -19.45 45.03
CA LEU C 256 9.60 -19.99 44.05
C LEU C 256 10.61 -20.91 44.79
N SER C 257 11.05 -20.48 45.98
CA SER C 257 11.96 -21.20 46.87
C SER C 257 11.88 -20.67 48.30
N ARG C 258 12.23 -21.52 49.28
CA ARG C 258 12.27 -21.18 50.70
C ARG C 258 13.75 -21.33 51.09
N LEU C 259 14.44 -20.19 51.31
CA LEU C 259 15.87 -20.18 51.62
C LEU C 259 16.21 -19.62 53.00
N LYS C 260 17.45 -19.87 53.45
CA LYS C 260 17.96 -19.41 54.73
C LYS C 260 18.68 -18.07 54.54
N LEU C 261 18.30 -17.04 55.31
CA LEU C 261 18.96 -15.73 55.29
C LEU C 261 19.91 -15.69 56.48
N LYS C 262 21.18 -16.00 56.24
CA LYS C 262 22.22 -16.09 57.26
C LYS C 262 22.88 -14.74 57.55
N LEU C 263 22.47 -14.09 58.65
CA LEU C 263 23.02 -12.81 59.15
C LEU C 263 24.49 -13.03 59.52
N ASN C 264 24.76 -14.22 60.12
CA ASN C 264 26.02 -14.75 60.62
C ASN C 264 25.83 -16.28 60.70
N LYS C 265 26.93 -17.05 60.83
CA LYS C 265 26.96 -18.52 60.94
C LYS C 265 25.88 -19.08 61.88
N ASP C 266 25.58 -18.35 62.99
CA ASP C 266 24.61 -18.75 64.00
C ASP C 266 23.26 -18.04 63.92
N ILE C 267 23.22 -16.78 63.42
CA ILE C 267 21.96 -16.04 63.30
C ILE C 267 21.38 -16.29 61.89
N VAL C 268 20.38 -17.21 61.81
CA VAL C 268 19.75 -17.61 60.55
C VAL C 268 18.23 -17.53 60.63
N ILE C 269 17.61 -16.74 59.74
CA ILE C 269 16.15 -16.62 59.62
C ILE C 269 15.74 -17.31 58.33
N SER C 270 14.47 -17.72 58.21
CA SER C 270 14.00 -18.38 56.99
C SER C 270 13.11 -17.44 56.19
N VAL C 271 13.39 -17.34 54.88
CA VAL C 271 12.66 -16.46 53.95
C VAL C 271 12.15 -17.20 52.72
N GLY C 272 11.06 -16.68 52.17
CA GLY C 272 10.44 -17.19 50.96
C GLY C 272 10.74 -16.25 49.82
N ILE C 273 11.22 -16.80 48.70
CA ILE C 273 11.57 -16.05 47.50
C ILE C 273 10.40 -16.18 46.51
N TYR C 274 9.74 -15.05 46.20
CA TYR C 274 8.57 -15.02 45.33
C TYR C 274 8.84 -14.24 44.05
N ASN C 275 8.43 -14.80 42.90
CA ASN C 275 8.59 -14.15 41.60
C ASN C 275 7.28 -13.45 41.23
N LEU C 276 7.17 -12.15 41.59
CA LEU C 276 5.97 -11.33 41.36
C LEU C 276 5.81 -10.92 39.88
N VAL C 277 6.89 -11.08 39.09
CA VAL C 277 6.96 -10.83 37.65
C VAL C 277 7.70 -11.99 36.98
N GLN C 278 7.09 -12.58 35.95
CA GLN C 278 7.67 -13.72 35.22
C GLN C 278 7.21 -13.66 33.78
N LYS C 279 8.17 -13.68 32.83
CA LYS C 279 7.88 -13.61 31.40
C LYS C 279 6.97 -14.74 30.94
N ALA C 280 5.73 -14.37 30.56
CA ALA C 280 4.71 -15.29 30.06
C ALA C 280 5.04 -15.57 28.60
N LEU C 281 5.32 -16.84 28.29
CA LEU C 281 5.71 -17.29 26.95
C LEU C 281 4.68 -18.24 26.33
N LYS C 282 4.75 -18.42 24.99
CA LYS C 282 3.86 -19.30 24.22
C LYS C 282 3.95 -20.73 24.78
N PRO C 283 2.80 -21.36 25.14
CA PRO C 283 2.86 -22.72 25.70
C PRO C 283 3.49 -23.76 24.77
N PRO C 284 4.27 -24.72 25.31
CA PRO C 284 4.90 -25.73 24.44
C PRO C 284 3.90 -26.68 23.77
N PRO C 285 4.18 -27.12 22.51
CA PRO C 285 3.24 -28.04 21.84
C PRO C 285 3.24 -29.46 22.40
N ILE C 286 2.11 -30.16 22.20
CA ILE C 286 1.88 -31.53 22.64
C ILE C 286 1.83 -32.44 21.41
N LYS C 287 2.65 -33.49 21.41
CA LYS C 287 2.72 -34.44 20.31
C LYS C 287 1.52 -35.40 20.41
N LEU C 288 0.62 -35.36 19.41
CA LEU C 288 -0.60 -36.18 19.37
C LEU C 288 -0.53 -37.27 18.28
N TYR C 289 -1.67 -37.93 18.01
CA TYR C 289 -1.81 -38.94 16.97
C TYR C 289 -2.83 -38.46 15.92
N ARG C 290 -2.62 -38.82 14.65
CA ARG C 290 -3.46 -38.43 13.51
C ARG C 290 -4.92 -38.91 13.58
N GLU C 291 -5.17 -40.08 14.19
CA GLU C 291 -6.52 -40.67 14.29
C GLU C 291 -7.21 -40.43 15.63
N THR C 292 -6.57 -40.83 16.75
CA THR C 292 -7.14 -40.71 18.11
C THR C 292 -7.12 -39.30 18.68
N ASN C 293 -6.10 -38.48 18.33
CA ASN C 293 -5.87 -37.10 18.78
C ASN C 293 -5.63 -37.01 20.31
N GLU C 294 -4.96 -38.03 20.86
CA GLU C 294 -4.62 -38.16 22.28
C GLU C 294 -3.09 -37.92 22.48
N PRO C 295 -2.64 -37.42 23.66
CA PRO C 295 -1.20 -37.17 23.84
C PRO C 295 -0.33 -38.43 23.77
N VAL C 296 0.92 -38.26 23.29
CA VAL C 296 1.90 -39.34 23.12
C VAL C 296 3.10 -39.07 24.05
N LYS C 297 3.46 -40.06 24.88
CA LYS C 297 4.58 -39.95 25.82
C LYS C 297 5.93 -40.19 25.14
N THR C 298 6.89 -39.28 25.39
CA THR C 298 8.25 -39.30 24.82
C THR C 298 9.26 -39.88 25.83
N LYS C 299 10.05 -40.89 25.38
CA LYS C 299 11.09 -41.55 26.16
C LYS C 299 12.44 -41.33 25.46
N THR C 300 13.29 -40.48 26.05
CA THR C 300 14.62 -40.16 25.49
C THR C 300 15.68 -41.12 26.06
N ARG C 301 16.02 -42.16 25.27
CA ARG C 301 16.97 -43.22 25.62
C ARG C 301 18.38 -42.98 25.05
N THR C 302 19.41 -43.19 25.89
CA THR C 302 20.82 -43.01 25.52
C THR C 302 21.50 -44.38 25.48
N PHE C 303 22.06 -44.75 24.30
CA PHE C 303 22.72 -46.04 24.10
C PHE C 303 23.90 -45.99 23.12
N ASN C 304 24.71 -47.07 23.08
CA ASN C 304 25.89 -47.25 22.23
C ASN C 304 25.53 -47.40 20.74
N THR C 305 26.48 -47.07 19.86
CA THR C 305 26.32 -47.15 18.40
C THR C 305 26.83 -48.50 17.87
N SER C 306 28.02 -48.94 18.35
CA SER C 306 28.67 -50.19 17.95
C SER C 306 27.94 -51.45 18.40
N THR C 307 27.43 -51.47 19.65
CA THR C 307 26.71 -52.62 20.22
C THR C 307 25.19 -52.46 20.17
N GLY C 308 24.70 -51.26 20.51
CA GLY C 308 23.27 -50.96 20.54
C GLY C 308 22.63 -51.04 21.91
N GLY C 309 23.35 -51.63 22.86
CA GLY C 309 22.90 -51.80 24.23
C GLY C 309 22.88 -50.52 25.03
N LEU C 310 21.90 -50.39 25.95
CA LEU C 310 21.70 -49.22 26.82
C LEU C 310 22.90 -49.00 27.75
N LEU C 311 23.37 -47.75 27.82
CA LEU C 311 24.51 -47.38 28.64
C LEU C 311 24.13 -46.75 29.97
N LEU C 312 24.71 -47.28 31.04
CA LEU C 312 24.55 -46.82 32.43
C LEU C 312 25.34 -45.52 32.64
N PRO C 313 25.01 -44.68 33.67
CA PRO C 313 25.76 -43.43 33.88
C PRO C 313 27.24 -43.60 34.24
N SER C 314 27.63 -44.82 34.69
CA SER C 314 29.00 -45.19 35.06
C SER C 314 29.88 -45.31 33.81
N ASP C 315 29.26 -45.72 32.67
CA ASP C 315 29.92 -45.90 31.36
C ASP C 315 30.14 -44.57 30.61
N THR C 316 29.64 -43.44 31.16
CA THR C 316 29.77 -42.12 30.55
C THR C 316 30.77 -41.21 31.27
N LYS C 317 31.47 -40.37 30.49
CA LYS C 317 32.44 -39.38 30.94
C LYS C 317 32.25 -38.08 30.14
N ARG C 318 32.73 -36.94 30.66
CA ARG C 318 32.59 -35.64 29.98
C ARG C 318 33.92 -35.12 29.44
N SER C 319 33.89 -34.51 28.24
CA SER C 319 35.09 -34.00 27.58
C SER C 319 34.95 -32.59 27.01
N GLN C 320 36.09 -31.88 26.94
CA GLN C 320 36.27 -30.55 26.36
C GLN C 320 37.63 -30.57 25.66
N ILE C 321 37.63 -30.27 24.35
CA ILE C 321 38.85 -30.32 23.55
C ILE C 321 39.34 -28.92 23.17
N TYR C 322 40.56 -28.59 23.63
CA TYR C 322 41.25 -27.33 23.36
C TYR C 322 42.51 -27.64 22.53
N GLY C 323 42.39 -27.39 21.22
CA GLY C 323 43.46 -27.66 20.26
C GLY C 323 43.63 -29.15 20.02
N SER C 324 44.75 -29.70 20.54
CA SER C 324 45.06 -31.13 20.45
C SER C 324 44.72 -31.85 21.75
N ARG C 325 44.79 -31.12 22.90
CA ARG C 325 44.52 -31.63 24.25
C ARG C 325 43.03 -31.85 24.52
N GLN C 326 42.73 -32.99 25.18
CA GLN C 326 41.37 -33.39 25.58
C GLN C 326 41.36 -33.53 27.11
N ILE C 327 40.53 -32.71 27.78
CA ILE C 327 40.39 -32.72 29.25
C ILE C 327 39.19 -33.62 29.61
N ILE C 328 39.42 -34.62 30.49
CA ILE C 328 38.39 -35.58 30.89
C ILE C 328 37.96 -35.38 32.36
N LEU C 329 36.65 -35.17 32.58
CA LEU C 329 36.06 -35.03 33.92
C LEU C 329 34.81 -35.89 34.06
N GLU C 330 34.58 -36.42 35.27
CA GLU C 330 33.39 -37.21 35.60
C GLU C 330 32.23 -36.26 35.86
N LYS C 331 30.97 -36.76 35.79
CA LYS C 331 29.78 -35.94 36.03
C LYS C 331 29.77 -35.31 37.44
N GLU C 332 30.32 -36.01 38.44
CA GLU C 332 30.44 -35.53 39.82
C GLU C 332 31.43 -34.37 39.88
N GLU C 333 32.55 -34.46 39.13
CA GLU C 333 33.61 -33.45 39.06
C GLU C 333 33.13 -32.18 38.39
N THR C 334 32.31 -32.30 37.32
CA THR C 334 31.75 -31.17 36.58
C THR C 334 30.80 -30.33 37.45
N GLU C 335 30.16 -30.96 38.45
CA GLU C 335 29.27 -30.31 39.39
C GLU C 335 30.06 -29.77 40.58
N GLU C 336 31.15 -30.46 40.97
CA GLU C 336 32.06 -30.11 42.09
C GLU C 336 32.71 -28.72 41.87
N LEU C 337 33.08 -28.40 40.61
CA LEU C 337 33.70 -27.12 40.27
C LEU C 337 32.69 -25.95 40.30
N LYS C 338 31.41 -26.24 40.04
CA LYS C 338 30.32 -25.25 40.06
C LYS C 338 29.99 -24.85 41.50
N ARG C 339 30.21 -25.79 42.46
CA ARG C 339 29.89 -25.64 43.88
C ARG C 339 30.76 -24.61 44.62
N PHE C 340 30.06 -23.68 45.27
CA PHE C 340 30.53 -22.58 46.12
C PHE C 340 29.42 -22.40 47.16
N ASP C 341 29.78 -21.96 48.39
CA ASP C 341 28.84 -21.71 49.50
C ASP C 341 27.87 -22.89 49.72
N ASP C 342 26.65 -22.58 50.19
CA ASP C 342 25.54 -23.50 50.44
C ASP C 342 24.26 -22.74 50.06
N PRO C 343 23.15 -23.41 49.66
CA PRO C 343 21.95 -22.65 49.26
C PRO C 343 21.40 -21.73 50.35
N GLY C 344 21.22 -20.47 49.97
CA GLY C 344 20.72 -19.41 50.85
C GLY C 344 21.34 -18.05 50.59
N LEU C 345 20.91 -17.04 51.38
CA LEU C 345 21.40 -15.66 51.29
C LEU C 345 22.38 -15.39 52.43
N MET C 346 23.57 -14.86 52.10
CA MET C 346 24.62 -14.54 53.08
C MET C 346 24.82 -13.04 53.17
N LEU C 347 24.46 -12.44 54.32
CA LEU C 347 24.60 -11.00 54.55
C LEU C 347 26.05 -10.57 54.54
N MET C 348 26.38 -9.67 53.62
CA MET C 348 27.72 -9.08 53.44
C MET C 348 27.80 -7.80 54.25
N GLY C 349 26.74 -7.00 54.16
CA GLY C 349 26.63 -5.72 54.85
C GLY C 349 25.49 -4.89 54.31
N PHE C 350 25.60 -3.57 54.50
CA PHE C 350 24.57 -2.62 54.11
C PHE C 350 25.09 -1.47 53.26
N LYS C 351 24.69 -1.46 51.97
CA LYS C 351 25.07 -0.46 50.98
C LYS C 351 23.94 0.58 50.80
N PRO C 352 24.22 1.91 50.92
CA PRO C 352 23.15 2.92 50.72
C PRO C 352 22.56 2.86 49.32
N LEU C 353 21.23 3.00 49.22
CA LEU C 353 20.46 2.93 47.97
C LEU C 353 20.97 3.81 46.81
N VAL C 354 21.59 4.97 47.13
CA VAL C 354 22.16 5.91 46.16
C VAL C 354 23.25 5.27 45.31
N LEU C 355 24.06 4.37 45.91
CA LEU C 355 25.13 3.65 45.22
C LEU C 355 24.61 2.63 44.20
N LEU C 356 23.38 2.12 44.41
CA LEU C 356 22.71 1.18 43.50
C LEU C 356 22.16 1.98 42.32
N LYS C 357 22.70 1.72 41.10
CA LYS C 357 22.33 2.45 39.88
C LYS C 357 21.12 1.88 39.15
N LYS C 358 20.31 2.78 38.51
CA LYS C 358 19.08 2.48 37.75
C LYS C 358 19.33 1.50 36.61
N HIS C 359 20.51 1.59 35.96
CA HIS C 359 20.92 0.62 34.95
C HIS C 359 21.46 -0.59 35.72
N HIS C 360 22.53 -1.27 35.25
CA HIS C 360 23.05 -2.49 35.94
C HIS C 360 21.95 -3.56 36.15
N TYR C 361 20.95 -3.57 35.26
CA TYR C 361 19.88 -4.55 35.30
C TYR C 361 20.42 -5.80 34.63
N LEU C 362 20.33 -6.95 35.31
CA LEU C 362 20.85 -8.22 34.81
C LEU C 362 19.74 -9.19 34.40
N ARG C 363 18.84 -9.51 35.34
CA ARG C 363 17.71 -10.42 35.17
C ARG C 363 16.56 -9.93 36.08
N PRO C 364 15.29 -10.34 35.87
CA PRO C 364 14.19 -9.79 36.69
C PRO C 364 14.28 -10.06 38.19
N SER C 365 13.99 -9.01 38.99
CA SER C 365 14.04 -9.00 40.45
C SER C 365 13.05 -9.97 41.11
N LEU C 366 13.36 -10.38 42.34
CA LEU C 366 12.51 -11.28 43.14
C LEU C 366 12.00 -10.57 44.40
N PHE C 367 11.10 -11.21 45.15
CA PHE C 367 10.54 -10.65 46.39
C PHE C 367 10.84 -11.54 47.57
N VAL C 368 11.43 -10.96 48.62
CA VAL C 368 11.81 -11.66 49.85
C VAL C 368 10.80 -11.31 50.94
N TYR C 369 10.19 -12.34 51.53
CA TYR C 369 9.20 -12.24 52.60
C TYR C 369 9.55 -13.31 53.67
N PRO C 370 9.36 -13.11 55.00
CA PRO C 370 9.76 -14.15 55.96
C PRO C 370 8.91 -15.42 55.91
N GLU C 371 9.45 -16.51 56.44
CA GLU C 371 8.79 -17.82 56.50
C GLU C 371 8.83 -18.32 57.93
N GLU C 372 7.85 -17.90 58.76
CA GLU C 372 7.73 -18.26 60.18
C GLU C 372 7.51 -19.76 60.40
N SER C 373 6.93 -20.44 59.40
CA SER C 373 6.64 -21.88 59.39
C SER C 373 7.89 -22.76 59.55
N LEU C 374 9.05 -22.29 59.07
CA LEU C 374 10.31 -23.03 59.15
C LEU C 374 11.15 -22.64 60.38
N VAL C 375 11.43 -21.33 60.53
CA VAL C 375 12.18 -20.80 61.68
C VAL C 375 11.28 -19.79 62.41
N ILE C 376 10.96 -20.08 63.68
CA ILE C 376 10.11 -19.25 64.53
C ILE C 376 10.91 -18.06 65.09
N GLY C 377 10.41 -16.86 64.82
CA GLY C 377 11.04 -15.61 65.22
C GLY C 377 11.67 -14.86 64.06
N SER C 378 11.55 -15.43 62.84
CA SER C 378 12.08 -14.88 61.58
C SER C 378 11.41 -13.56 61.24
N SER C 379 10.06 -13.55 61.28
CA SER C 379 9.19 -12.41 60.97
C SER C 379 9.48 -11.18 61.82
N THR C 380 9.81 -11.38 63.12
CA THR C 380 10.15 -10.30 64.06
C THR C 380 11.47 -9.63 63.65
N LEU C 381 12.53 -10.43 63.38
CA LEU C 381 13.84 -9.94 62.97
C LEU C 381 13.78 -9.32 61.56
N PHE C 382 12.97 -9.91 60.65
CA PHE C 382 12.75 -9.43 59.29
C PHE C 382 12.10 -8.05 59.37
N SER C 383 11.08 -7.90 60.24
CA SER C 383 10.35 -6.64 60.46
C SER C 383 11.32 -5.57 60.98
N ALA C 384 12.16 -5.93 61.98
CA ALA C 384 13.18 -5.05 62.57
C ALA C 384 14.17 -4.57 61.50
N LEU C 385 14.57 -5.50 60.59
CA LEU C 385 15.49 -5.21 59.49
C LEU C 385 14.84 -4.30 58.46
N LEU C 386 13.57 -4.57 58.09
CA LEU C 386 12.80 -3.77 57.12
C LEU C 386 12.57 -2.34 57.60
N ILE C 387 12.15 -2.17 58.88
CA ILE C 387 11.88 -0.88 59.51
C ILE C 387 13.15 -0.02 59.56
N LYS C 388 14.27 -0.59 60.02
CA LYS C 388 15.55 0.11 60.13
C LYS C 388 16.24 0.35 58.78
N CYS C 389 16.01 -0.50 57.76
CA CYS C 389 16.60 -0.30 56.43
C CYS C 389 15.92 0.85 55.70
N LEU C 390 14.56 0.94 55.79
CA LEU C 390 13.76 2.00 55.19
C LEU C 390 14.11 3.35 55.82
N GLU C 391 14.27 3.34 57.16
CA GLU C 391 14.63 4.49 58.01
C GLU C 391 16.01 5.04 57.62
N LYS C 392 17.00 4.15 57.43
CA LYS C 392 18.38 4.50 57.11
C LYS C 392 18.66 4.65 55.60
N GLU C 393 17.65 4.37 54.73
CA GLU C 393 17.74 4.43 53.26
C GLU C 393 18.98 3.65 52.79
N VAL C 394 18.97 2.35 53.09
CA VAL C 394 20.06 1.41 52.83
C VAL C 394 19.52 0.02 52.41
N ALA C 395 20.25 -0.70 51.54
CA ALA C 395 19.88 -2.04 51.07
C ALA C 395 20.81 -3.09 51.66
N ALA C 396 20.31 -4.32 51.87
CA ALA C 396 21.10 -5.41 52.44
C ALA C 396 21.78 -6.21 51.33
N LEU C 397 23.13 -6.11 51.26
CA LEU C 397 23.91 -6.83 50.25
C LEU C 397 24.14 -8.28 50.67
N CYS C 398 23.78 -9.22 49.79
CA CYS C 398 23.89 -10.66 50.05
C CYS C 398 24.61 -11.43 48.95
N ARG C 399 25.08 -12.64 49.27
CA ARG C 399 25.72 -13.55 48.32
C ARG C 399 24.73 -14.71 48.12
N TYR C 400 23.89 -14.55 47.08
CA TYR C 400 22.78 -15.44 46.72
C TYR C 400 23.17 -16.71 45.97
N THR C 401 22.78 -17.86 46.54
CA THR C 401 22.98 -19.19 45.98
C THR C 401 21.59 -19.86 45.99
N PRO C 402 20.89 -19.92 44.83
CA PRO C 402 19.52 -20.46 44.81
C PRO C 402 19.40 -21.96 45.10
N ARG C 403 20.28 -22.77 44.50
CA ARG C 403 20.27 -24.21 44.65
C ARG C 403 21.68 -24.77 44.84
N ARG C 404 21.78 -26.06 45.20
CA ARG C 404 23.05 -26.76 45.41
C ARG C 404 23.88 -26.82 44.12
N ASN C 405 25.23 -26.80 44.26
CA ASN C 405 26.24 -26.85 43.19
C ASN C 405 26.02 -25.78 42.11
N ILE C 406 25.91 -24.51 42.56
CA ILE C 406 25.71 -23.32 41.72
C ILE C 406 26.61 -22.15 42.18
N PRO C 407 27.29 -21.45 41.24
CA PRO C 407 28.15 -20.31 41.62
C PRO C 407 27.35 -19.13 42.18
N PRO C 408 27.93 -18.33 43.10
CA PRO C 408 27.15 -17.24 43.70
C PRO C 408 27.05 -15.98 42.87
N TYR C 409 26.11 -15.10 43.27
CA TYR C 409 25.82 -13.80 42.68
C TYR C 409 25.47 -12.79 43.76
N PHE C 410 25.98 -11.57 43.63
CA PHE C 410 25.71 -10.53 44.62
C PHE C 410 24.38 -9.88 44.35
N VAL C 411 23.52 -9.91 45.36
CA VAL C 411 22.19 -9.32 45.27
C VAL C 411 22.00 -8.25 46.32
N ALA C 412 21.13 -7.28 46.05
CA ALA C 412 20.83 -6.21 47.00
C ALA C 412 19.37 -6.25 47.38
N LEU C 413 19.10 -6.54 48.66
CA LEU C 413 17.74 -6.59 49.20
C LEU C 413 17.29 -5.17 49.53
N VAL C 414 16.50 -4.58 48.61
CA VAL C 414 16.00 -3.22 48.70
C VAL C 414 14.74 -3.16 49.58
N PRO C 415 14.73 -2.33 50.67
CA PRO C 415 13.54 -2.27 51.54
C PRO C 415 12.32 -1.68 50.85
N GLN C 416 11.29 -2.54 50.70
CA GLN C 416 10.01 -2.25 50.07
C GLN C 416 8.95 -2.05 51.13
N GLU C 417 8.35 -0.85 51.16
CA GLU C 417 7.28 -0.47 52.10
C GLU C 417 5.92 -0.89 51.53
N GLU C 418 4.93 -1.16 52.41
CA GLU C 418 3.60 -1.58 51.97
C GLU C 418 2.81 -0.42 51.34
N GLU C 419 2.11 -0.70 50.23
CA GLU C 419 1.31 0.28 49.51
C GLU C 419 -0.02 -0.30 49.07
N LEU C 420 -1.11 0.42 49.38
CA LEU C 420 -2.48 0.06 49.03
C LEU C 420 -3.10 1.19 48.22
N ASP C 421 -3.77 0.85 47.10
CA ASP C 421 -4.40 1.84 46.21
C ASP C 421 -5.74 2.37 46.74
N ASP C 422 -6.40 3.22 45.94
CA ASP C 422 -7.71 3.85 46.22
C ASP C 422 -8.83 2.82 46.39
N GLN C 423 -8.67 1.64 45.78
CA GLN C 423 -9.63 0.52 45.88
C GLN C 423 -9.34 -0.39 47.08
N LYS C 424 -8.35 -0.01 47.92
CA LYS C 424 -7.87 -0.71 49.12
C LYS C 424 -7.18 -2.06 48.79
N ILE C 425 -6.59 -2.17 47.56
CA ILE C 425 -5.89 -3.37 47.08
C ILE C 425 -4.38 -3.17 47.25
N GLN C 426 -3.70 -4.16 47.86
CA GLN C 426 -2.26 -4.13 48.10
C GLN C 426 -1.51 -4.16 46.76
N VAL C 427 -1.08 -2.97 46.30
CA VAL C 427 -0.35 -2.81 45.04
C VAL C 427 1.15 -3.11 45.21
N THR C 428 1.69 -2.85 46.42
CA THR C 428 3.09 -3.09 46.77
C THR C 428 3.19 -3.81 48.13
N PRO C 429 3.63 -5.09 48.17
CA PRO C 429 3.72 -5.80 49.46
C PRO C 429 4.91 -5.40 50.34
N PRO C 430 4.86 -5.57 51.68
CA PRO C 430 6.02 -5.19 52.51
C PRO C 430 7.06 -6.31 52.56
N GLY C 431 8.31 -5.95 52.30
CA GLY C 431 9.43 -6.88 52.30
C GLY C 431 10.65 -6.32 51.62
N PHE C 432 11.46 -7.20 51.01
CA PHE C 432 12.66 -6.77 50.30
C PHE C 432 12.64 -7.21 48.84
N GLN C 433 13.10 -6.32 47.95
CA GLN C 433 13.21 -6.61 46.53
C GLN C 433 14.62 -7.17 46.28
N LEU C 434 14.73 -8.42 45.82
CA LEU C 434 16.01 -9.07 45.52
C LEU C 434 16.50 -8.59 44.16
N VAL C 435 17.39 -7.60 44.18
CA VAL C 435 17.97 -6.95 42.99
C VAL C 435 19.29 -7.63 42.59
N PHE C 436 19.29 -8.27 41.40
CA PHE C 436 20.46 -8.95 40.85
C PHE C 436 21.48 -7.94 40.34
N LEU C 437 22.71 -8.04 40.87
CA LEU C 437 23.82 -7.16 40.50
C LEU C 437 24.81 -7.87 39.57
N PRO C 438 25.27 -7.17 38.51
CA PRO C 438 26.18 -7.84 37.57
C PRO C 438 27.62 -7.92 38.05
N PHE C 439 28.37 -8.94 37.57
CA PHE C 439 29.79 -9.08 37.85
C PHE C 439 30.51 -8.26 36.78
N ALA C 440 31.84 -8.08 36.91
CA ALA C 440 32.62 -7.31 35.94
C ALA C 440 32.47 -7.83 34.49
N ASP C 441 32.23 -9.15 34.35
CA ASP C 441 32.05 -9.86 33.08
C ASP C 441 30.75 -9.50 32.38
N ASP C 442 29.68 -9.22 33.14
CA ASP C 442 28.36 -8.90 32.57
C ASP C 442 28.28 -7.47 32.03
N LYS C 443 29.18 -6.58 32.50
CA LYS C 443 29.25 -5.19 32.04
C LYS C 443 30.09 -5.16 30.75
N ARG C 444 29.46 -4.77 29.64
CA ARG C 444 30.08 -4.70 28.31
C ARG C 444 30.67 -3.32 28.03
N LYS C 445 31.85 -3.31 27.35
CA LYS C 445 32.62 -2.11 26.94
C LYS C 445 31.77 -1.24 26.01
N MET C 446 31.92 0.09 26.09
CA MET C 446 31.10 0.96 25.26
C MET C 446 31.87 1.70 24.15
N PRO C 447 31.28 1.82 22.93
CA PRO C 447 31.96 2.56 21.85
C PRO C 447 32.05 4.04 22.17
N PHE C 448 33.26 4.52 22.51
CA PHE C 448 33.53 5.91 22.91
C PHE C 448 33.20 6.92 21.81
N THR C 449 32.16 7.73 22.07
CA THR C 449 31.64 8.74 21.13
C THR C 449 31.79 10.17 21.69
N GLU C 450 31.95 11.15 20.77
CA GLU C 450 32.09 12.56 21.13
C GLU C 450 30.73 13.18 21.49
N LYS C 451 30.68 13.90 22.62
CA LYS C 451 29.49 14.55 23.15
C LYS C 451 29.14 15.82 22.35
N ILE C 452 27.94 15.83 21.72
CA ILE C 452 27.41 16.94 20.92
C ILE C 452 26.10 17.37 21.58
N MET C 453 26.06 18.59 22.15
CA MET C 453 24.87 19.10 22.84
C MET C 453 24.03 20.07 22.00
N ALA C 454 22.70 19.88 22.04
CA ALA C 454 21.70 20.69 21.33
C ALA C 454 21.54 22.08 21.93
N THR C 455 21.07 23.05 21.11
CA THR C 455 20.83 24.44 21.52
C THR C 455 19.57 24.51 22.40
N PRO C 456 19.43 25.50 23.33
CA PRO C 456 18.22 25.56 24.17
C PRO C 456 16.89 25.67 23.42
N GLU C 457 16.91 26.17 22.17
CA GLU C 457 15.73 26.30 21.32
C GLU C 457 15.26 24.92 20.85
N GLN C 458 16.22 24.04 20.48
CA GLN C 458 15.97 22.67 20.03
C GLN C 458 15.44 21.79 21.18
N VAL C 459 16.01 21.98 22.40
CA VAL C 459 15.65 21.26 23.62
C VAL C 459 14.21 21.67 24.01
N GLY C 460 13.94 22.96 23.93
CA GLY C 460 12.65 23.57 24.25
C GLY C 460 11.51 23.10 23.37
N LYS C 461 11.81 22.83 22.08
CA LYS C 461 10.81 22.33 21.13
C LYS C 461 10.47 20.88 21.36
N MET C 462 11.49 20.07 21.76
CA MET C 462 11.30 18.66 22.08
C MET C 462 10.50 18.52 23.37
N LYS C 463 10.66 19.49 24.30
CA LYS C 463 9.93 19.56 25.58
C LYS C 463 8.43 19.68 25.30
N ALA C 464 8.04 20.49 24.30
CA ALA C 464 6.66 20.71 23.86
C ALA C 464 6.05 19.44 23.26
N ILE C 465 6.87 18.67 22.51
CA ILE C 465 6.50 17.39 21.89
C ILE C 465 6.19 16.36 22.98
N VAL C 466 7.07 16.29 24.02
CA VAL C 466 6.94 15.39 25.18
C VAL C 466 5.69 15.75 26.00
N GLU C 467 5.50 17.05 26.32
CA GLU C 467 4.37 17.59 27.10
C GLU C 467 3.01 17.30 26.46
N LYS C 468 2.94 17.30 25.13
CA LYS C 468 1.72 17.03 24.38
C LYS C 468 1.41 15.54 24.22
N LEU C 469 2.46 14.69 24.16
CA LEU C 469 2.31 13.23 24.03
C LEU C 469 2.33 12.52 25.39
N ARG C 470 2.12 13.32 26.47
CA ARG C 470 2.07 12.87 27.86
C ARG C 470 0.95 11.88 28.07
N PHE C 471 1.23 10.80 28.82
CA PHE C 471 0.25 9.78 29.13
C PHE C 471 0.54 9.14 30.49
N THR C 472 -0.44 8.39 31.02
CA THR C 472 -0.35 7.71 32.31
C THR C 472 -0.02 6.23 32.11
N TYR C 473 1.17 5.81 32.57
CA TYR C 473 1.63 4.43 32.46
C TYR C 473 1.20 3.56 33.64
N ARG C 474 0.69 2.37 33.32
CA ARG C 474 0.32 1.31 34.25
C ARG C 474 1.12 0.09 33.78
N SER C 475 1.57 -0.78 34.70
CA SER C 475 2.34 -1.98 34.33
C SER C 475 1.51 -2.93 33.45
N ASP C 476 0.18 -2.96 33.69
CA ASP C 476 -0.83 -3.77 32.99
C ASP C 476 -1.50 -3.04 31.81
N SER C 477 -0.87 -1.97 31.28
CA SER C 477 -1.39 -1.18 30.15
C SER C 477 -1.39 -1.95 28.83
N PHE C 478 -0.42 -2.85 28.63
CA PHE C 478 -0.25 -3.59 27.39
C PHE C 478 -0.36 -5.09 27.52
N GLU C 479 -0.95 -5.73 26.51
CA GLU C 479 -1.11 -7.19 26.40
C GLU C 479 -0.15 -7.69 25.33
N ASN C 480 0.45 -8.88 25.55
CA ASN C 480 1.39 -9.52 24.60
C ASN C 480 0.63 -9.84 23.31
N PRO C 481 0.96 -9.20 22.17
CA PRO C 481 0.19 -9.46 20.94
C PRO C 481 0.41 -10.84 20.35
N VAL C 482 1.59 -11.44 20.58
CA VAL C 482 1.92 -12.78 20.10
C VAL C 482 1.04 -13.80 20.81
N LEU C 483 0.92 -13.68 22.15
CA LEU C 483 0.10 -14.56 22.99
C LEU C 483 -1.39 -14.38 22.73
N GLN C 484 -1.88 -13.12 22.73
CA GLN C 484 -3.28 -12.80 22.50
C GLN C 484 -3.80 -13.36 21.20
N GLN C 485 -3.02 -13.27 20.10
CA GLN C 485 -3.39 -13.82 18.79
C GLN C 485 -3.35 -15.35 18.80
N HIS C 486 -2.34 -15.95 19.49
CA HIS C 486 -2.17 -17.40 19.62
C HIS C 486 -3.38 -18.05 20.27
N PHE C 487 -3.87 -17.47 21.39
CA PHE C 487 -5.03 -18.00 22.10
C PHE C 487 -6.35 -17.66 21.38
N ARG C 488 -6.36 -16.59 20.55
CA ARG C 488 -7.53 -16.21 19.75
C ARG C 488 -7.71 -17.21 18.62
N ASN C 489 -6.58 -17.74 18.08
CA ASN C 489 -6.54 -18.74 17.02
C ASN C 489 -7.02 -20.08 17.54
N LEU C 490 -6.53 -20.50 18.73
CA LEU C 490 -6.91 -21.77 19.37
C LEU C 490 -8.37 -21.79 19.80
N GLU C 491 -8.90 -20.63 20.25
CA GLU C 491 -10.29 -20.44 20.69
C GLU C 491 -11.26 -20.73 19.53
N ALA C 492 -11.00 -20.09 18.37
CA ALA C 492 -11.79 -20.25 17.15
C ALA C 492 -11.68 -21.66 16.60
N LEU C 493 -10.49 -22.28 16.68
CA LEU C 493 -10.22 -23.64 16.21
C LEU C 493 -10.94 -24.70 17.06
N ALA C 494 -11.05 -24.47 18.38
CA ALA C 494 -11.74 -25.35 19.33
C ALA C 494 -13.25 -25.34 19.09
N LEU C 495 -13.80 -24.18 18.70
CA LEU C 495 -15.23 -24.00 18.40
C LEU C 495 -15.54 -24.31 16.92
N ASP C 496 -14.55 -24.86 16.18
CA ASP C 496 -14.59 -25.26 14.77
C ASP C 496 -14.92 -24.10 13.81
N LEU C 497 -14.64 -22.86 14.24
CA LEU C 497 -14.86 -21.64 13.45
C LEU C 497 -13.73 -21.48 12.45
N MET C 498 -14.07 -21.48 11.15
CA MET C 498 -13.14 -21.35 10.01
C MET C 498 -12.40 -20.01 10.04
N GLU C 499 -13.13 -18.91 10.32
CA GLU C 499 -12.61 -17.55 10.37
C GLU C 499 -11.96 -17.19 11.72
N PRO C 500 -10.62 -16.96 11.76
CA PRO C 500 -9.99 -16.58 13.03
C PRO C 500 -10.12 -15.07 13.30
N GLU C 501 -10.37 -14.70 14.57
CA GLU C 501 -10.51 -13.29 14.98
C GLU C 501 -9.15 -12.56 14.97
N GLN C 502 -8.92 -11.73 13.93
CA GLN C 502 -7.68 -10.98 13.74
C GLN C 502 -7.68 -9.69 14.57
N ALA C 503 -6.91 -9.71 15.68
CA ALA C 503 -6.78 -8.60 16.64
C ALA C 503 -5.94 -7.43 16.12
N VAL C 504 -6.10 -6.25 16.75
CA VAL C 504 -5.35 -5.03 16.44
C VAL C 504 -4.23 -4.89 17.47
N ASP C 505 -2.99 -4.72 16.99
CA ASP C 505 -1.79 -4.62 17.81
C ASP C 505 -1.76 -3.33 18.62
N LEU C 506 -1.82 -3.48 19.96
CA LEU C 506 -1.79 -2.39 20.95
C LEU C 506 -0.38 -1.85 21.16
N THR C 507 0.66 -2.64 20.83
CA THR C 507 2.07 -2.26 20.97
C THR C 507 2.49 -1.23 19.93
N LEU C 508 1.69 -1.05 18.87
CA LEU C 508 1.96 -0.07 17.82
C LEU C 508 1.49 1.30 18.30
N PRO C 509 2.24 2.39 18.03
CA PRO C 509 1.78 3.71 18.47
C PRO C 509 0.59 4.21 17.65
N LYS C 510 -0.32 4.96 18.31
CA LYS C 510 -1.53 5.53 17.70
C LYS C 510 -1.11 6.70 16.78
N VAL C 511 -0.53 6.33 15.61
CA VAL C 511 0.04 7.21 14.58
C VAL C 511 -0.85 8.42 14.25
N GLU C 512 -2.12 8.19 13.87
CA GLU C 512 -3.06 9.26 13.51
C GLU C 512 -3.41 10.16 14.69
N ALA C 513 -3.56 9.59 15.91
CA ALA C 513 -3.86 10.34 17.13
C ALA C 513 -2.70 11.25 17.54
N MET C 514 -1.46 10.77 17.35
CA MET C 514 -0.23 11.50 17.65
C MET C 514 -0.04 12.62 16.64
N ASN C 515 -0.37 12.36 15.36
CA ASN C 515 -0.28 13.33 14.27
C ASN C 515 -1.33 14.44 14.44
N LYS C 516 -2.49 14.11 15.07
CA LYS C 516 -3.57 15.04 15.36
C LYS C 516 -3.13 16.00 16.47
N ARG C 517 -2.47 15.48 17.53
CA ARG C 517 -1.97 16.24 18.68
C ARG C 517 -0.88 17.23 18.26
N LEU C 518 0.04 16.79 17.36
CA LEU C 518 1.15 17.62 16.88
C LEU C 518 1.23 17.64 15.37
N GLY C 519 0.90 18.77 14.78
CA GLY C 519 0.98 18.96 13.34
C GLY C 519 2.14 19.87 13.01
N SER C 520 2.12 21.07 13.59
CA SER C 520 3.13 22.11 13.41
C SER C 520 4.45 21.78 14.08
N LEU C 521 4.42 21.25 15.33
CA LEU C 521 5.59 20.91 16.14
C LEU C 521 6.60 19.96 15.49
N VAL C 522 6.12 18.90 14.79
CA VAL C 522 6.97 17.90 14.12
C VAL C 522 7.77 18.55 12.97
N ASP C 523 7.06 19.30 12.10
CA ASP C 523 7.65 20.02 10.96
C ASP C 523 8.58 21.15 11.42
N GLU C 524 8.24 21.79 12.56
CA GLU C 524 9.02 22.85 13.18
C GLU C 524 10.34 22.33 13.72
N PHE C 525 10.30 21.16 14.42
CA PHE C 525 11.50 20.53 14.99
C PHE C 525 12.44 20.01 13.88
N LYS C 526 11.88 19.32 12.86
CA LYS C 526 12.62 18.78 11.71
C LYS C 526 13.41 19.88 10.99
N GLU C 527 12.81 21.08 10.84
CA GLU C 527 13.42 22.26 10.21
C GLU C 527 14.58 22.82 11.06
N LEU C 528 14.48 22.73 12.39
CA LEU C 528 15.48 23.23 13.33
C LEU C 528 16.74 22.40 13.41
N VAL C 529 16.62 21.05 13.39
CA VAL C 529 17.78 20.15 13.50
C VAL C 529 18.26 19.61 12.14
N TYR C 530 17.34 19.07 11.31
CA TYR C 530 17.68 18.50 10.00
C TYR C 530 17.69 19.55 8.88
N PRO C 531 18.84 19.72 8.16
CA PRO C 531 18.88 20.68 7.04
C PRO C 531 18.09 20.17 5.82
N PRO C 532 17.70 21.01 4.83
CA PRO C 532 16.95 20.50 3.68
C PRO C 532 17.70 19.51 2.77
N ASP C 533 19.05 19.56 2.79
CA ASP C 533 19.92 18.69 1.99
C ASP C 533 20.22 17.32 2.65
N TYR C 534 19.51 17.00 3.76
CA TYR C 534 19.68 15.74 4.49
C TYR C 534 19.11 14.55 3.72
N ASN C 535 19.85 13.42 3.74
CA ASN C 535 19.50 12.17 3.06
C ASN C 535 18.23 11.51 3.63
N PRO C 536 17.28 11.00 2.80
CA PRO C 536 16.08 10.36 3.37
C PRO C 536 16.31 8.97 3.97
N GLU C 537 17.39 8.27 3.54
CA GLU C 537 17.75 6.91 4.00
C GLU C 537 19.17 6.81 4.62
N GLY C 538 20.02 7.81 4.38
CA GLY C 538 21.38 7.85 4.90
C GLY C 538 22.42 8.26 3.87
N ASN D 23 42.21 -7.74 14.21
CA ASN D 23 41.40 -7.64 15.42
C ASN D 23 42.05 -8.28 16.67
N LYS D 24 43.29 -8.79 16.51
CA LYS D 24 44.09 -9.41 17.57
C LYS D 24 45.07 -8.37 18.15
N ALA D 25 45.60 -8.64 19.35
CA ALA D 25 46.53 -7.73 20.00
C ALA D 25 47.83 -8.41 20.40
N ALA D 26 48.95 -7.71 20.20
CA ALA D 26 50.28 -8.18 20.56
C ALA D 26 50.56 -7.81 22.01
N VAL D 27 50.58 -8.83 22.90
CA VAL D 27 50.80 -8.62 24.33
C VAL D 27 52.15 -9.16 24.77
N VAL D 28 52.92 -8.33 25.51
CA VAL D 28 54.20 -8.73 26.08
C VAL D 28 54.10 -8.59 27.59
N LEU D 29 54.22 -9.72 28.30
CA LEU D 29 54.19 -9.78 29.75
C LEU D 29 55.63 -9.71 30.25
N CYS D 30 55.98 -8.62 30.95
CA CYS D 30 57.31 -8.34 31.47
C CYS D 30 57.34 -8.60 32.97
N MET D 31 57.84 -9.78 33.36
CA MET D 31 57.86 -10.21 34.76
C MET D 31 59.22 -10.09 35.42
N ASP D 32 59.25 -9.48 36.62
CA ASP D 32 60.45 -9.37 37.44
C ASP D 32 60.58 -10.69 38.21
N VAL D 33 61.70 -11.39 38.01
CA VAL D 33 61.98 -12.66 38.71
C VAL D 33 63.18 -12.49 39.63
N GLY D 34 63.63 -11.25 39.78
CA GLY D 34 64.77 -10.85 40.61
C GLY D 34 64.72 -11.37 42.04
N PHE D 35 65.87 -11.40 42.69
CA PHE D 35 66.06 -11.88 44.06
C PHE D 35 65.03 -11.29 45.04
N THR D 36 64.83 -9.96 45.00
CA THR D 36 63.91 -9.21 45.87
C THR D 36 62.44 -9.58 45.72
N MET D 37 62.04 -10.17 44.58
CA MET D 37 60.65 -10.61 44.35
C MET D 37 60.35 -11.83 45.22
N SER D 38 61.38 -12.62 45.56
CA SER D 38 61.27 -13.83 46.36
C SER D 38 61.20 -13.55 47.87
N ASN D 39 61.70 -12.37 48.31
CA ASN D 39 61.73 -11.94 49.70
C ASN D 39 60.32 -11.71 50.26
N SER D 40 59.93 -12.50 51.26
CA SER D 40 58.59 -12.45 51.86
C SER D 40 58.55 -12.10 53.35
N ILE D 41 57.54 -11.31 53.73
CA ILE D 41 57.25 -10.89 55.10
C ILE D 41 56.19 -11.88 55.63
N PRO D 42 56.38 -12.48 56.84
CA PRO D 42 55.40 -13.48 57.34
C PRO D 42 53.92 -13.12 57.17
N GLY D 43 53.16 -14.06 56.60
CA GLY D 43 51.73 -13.90 56.33
C GLY D 43 51.43 -13.37 54.96
N ILE D 44 52.31 -12.48 54.45
CA ILE D 44 52.21 -11.83 53.14
C ILE D 44 52.94 -12.68 52.10
N GLU D 45 52.25 -13.00 50.98
CA GLU D 45 52.82 -13.78 49.88
C GLU D 45 53.90 -12.96 49.17
N SER D 46 55.01 -13.61 48.76
CA SER D 46 56.13 -12.93 48.09
C SER D 46 55.67 -12.31 46.76
N PRO D 47 56.09 -11.06 46.43
CA PRO D 47 55.68 -10.46 45.15
C PRO D 47 55.81 -11.38 43.92
N PHE D 48 56.78 -12.34 43.94
CA PHE D 48 56.99 -13.31 42.86
C PHE D 48 55.80 -14.27 42.77
N GLU D 49 55.36 -14.81 43.92
CA GLU D 49 54.21 -15.72 43.94
C GLU D 49 52.93 -14.97 43.58
N GLN D 50 52.85 -13.69 44.00
CA GLN D 50 51.72 -12.80 43.72
C GLN D 50 51.62 -12.51 42.22
N ALA D 51 52.76 -12.14 41.58
CA ALA D 51 52.84 -11.85 40.15
C ALA D 51 52.52 -13.08 39.32
N LYS D 52 53.00 -14.27 39.76
CA LYS D 52 52.78 -15.56 39.12
C LYS D 52 51.29 -15.84 39.02
N LYS D 53 50.54 -15.60 40.13
CA LYS D 53 49.09 -15.77 40.23
C LYS D 53 48.33 -14.84 39.29
N VAL D 54 48.80 -13.60 39.13
CA VAL D 54 48.17 -12.62 38.23
C VAL D 54 48.40 -13.04 36.77
N ILE D 55 49.64 -13.46 36.44
CA ILE D 55 50.01 -13.91 35.10
C ILE D 55 49.19 -15.14 34.70
N THR D 56 49.13 -16.16 35.58
CA THR D 56 48.36 -17.39 35.35
C THR D 56 46.90 -17.04 35.07
N MET D 57 46.34 -16.09 35.84
CA MET D 57 44.96 -15.60 35.69
C MET D 57 44.73 -15.04 34.29
N PHE D 58 45.70 -14.26 33.78
CA PHE D 58 45.65 -13.66 32.45
C PHE D 58 45.71 -14.72 31.37
N VAL D 59 46.77 -15.57 31.39
CA VAL D 59 47.01 -16.63 30.39
C VAL D 59 45.85 -17.65 30.37
N GLN D 60 45.32 -18.07 31.55
CA GLN D 60 44.20 -19.03 31.64
C GLN D 60 42.99 -18.55 30.82
N ARG D 61 42.63 -17.26 30.95
CA ARG D 61 41.52 -16.65 30.22
C ARG D 61 41.80 -16.66 28.72
N GLN D 62 43.01 -16.25 28.30
CA GLN D 62 43.40 -16.21 26.89
C GLN D 62 43.46 -17.62 26.26
N VAL D 63 43.81 -18.65 27.06
CA VAL D 63 43.90 -20.03 26.58
C VAL D 63 42.52 -20.66 26.48
N PHE D 64 41.77 -20.72 27.59
CA PHE D 64 40.47 -21.38 27.65
C PHE D 64 39.34 -20.62 26.96
N ALA D 65 39.42 -19.28 26.84
CA ALA D 65 38.38 -18.52 26.10
C ALA D 65 38.69 -18.52 24.60
N GLU D 66 39.85 -19.13 24.24
CA GLU D 66 40.37 -19.32 22.87
C GLU D 66 40.46 -18.00 22.08
N ASN D 67 41.04 -16.96 22.72
CA ASN D 67 41.26 -15.63 22.14
C ASN D 67 42.43 -15.72 21.17
N LYS D 68 42.35 -15.01 20.02
CA LYS D 68 43.37 -15.05 18.98
C LYS D 68 44.58 -14.11 19.25
N ASP D 69 44.59 -13.40 20.40
CA ASP D 69 45.66 -12.50 20.80
C ASP D 69 46.96 -13.28 21.03
N GLU D 70 48.08 -12.77 20.50
CA GLU D 70 49.40 -13.38 20.66
C GLU D 70 50.10 -12.83 21.91
N ILE D 71 50.70 -13.73 22.72
CA ILE D 71 51.36 -13.36 23.97
C ILE D 71 52.83 -13.80 24.01
N ALA D 72 53.71 -12.85 24.36
CA ALA D 72 55.15 -13.04 24.55
C ALA D 72 55.47 -12.86 26.04
N LEU D 73 56.52 -13.52 26.54
CA LEU D 73 56.90 -13.41 27.94
C LEU D 73 58.39 -13.12 28.11
N VAL D 74 58.70 -11.99 28.76
CA VAL D 74 60.06 -11.54 29.04
C VAL D 74 60.25 -11.57 30.56
N LEU D 75 61.37 -12.11 31.04
CA LEU D 75 61.67 -12.18 32.47
C LEU D 75 62.92 -11.39 32.77
N PHE D 76 62.88 -10.51 33.79
CA PHE D 76 64.04 -9.69 34.16
C PHE D 76 64.47 -9.95 35.60
N GLY D 77 65.77 -10.13 35.78
CA GLY D 77 66.39 -10.47 37.06
C GLY D 77 66.76 -11.94 37.11
N THR D 78 66.79 -12.59 35.92
CA THR D 78 67.15 -13.99 35.73
C THR D 78 68.65 -14.18 36.00
N ASP D 79 69.07 -15.43 36.27
CA ASP D 79 70.47 -15.76 36.50
C ASP D 79 71.29 -15.57 35.22
N GLY D 80 70.72 -15.96 34.08
CA GLY D 80 71.36 -15.83 32.77
C GLY D 80 70.84 -14.65 31.98
N THR D 81 71.34 -14.49 30.73
CA THR D 81 70.93 -13.41 29.82
C THR D 81 70.66 -13.97 28.43
N ASP D 82 69.39 -13.92 27.99
CA ASP D 82 68.97 -14.40 26.67
C ASP D 82 67.97 -13.45 26.00
N ASN D 83 68.49 -12.42 25.30
CA ASN D 83 67.70 -11.42 24.58
C ASN D 83 68.47 -10.83 23.37
N PRO D 84 67.79 -10.26 22.34
CA PRO D 84 68.54 -9.74 21.18
C PRO D 84 69.38 -8.47 21.40
N LEU D 85 69.09 -7.72 22.48
CA LEU D 85 69.81 -6.47 22.79
C LEU D 85 71.02 -6.67 23.73
N SER D 86 71.16 -7.90 24.28
CA SER D 86 72.23 -8.32 25.19
C SER D 86 73.62 -8.06 24.60
N GLY D 87 74.44 -7.31 25.32
CA GLY D 87 75.80 -6.97 24.90
C GLY D 87 76.57 -6.22 25.96
N GLY D 88 77.75 -6.73 26.31
CA GLY D 88 78.61 -6.14 27.32
C GLY D 88 77.92 -6.07 28.66
N ASP D 89 77.60 -4.84 29.11
CA ASP D 89 76.88 -4.61 30.38
C ASP D 89 75.43 -4.14 30.09
N GLN D 90 75.10 -3.95 28.81
CA GLN D 90 73.79 -3.50 28.35
C GLN D 90 72.78 -4.65 28.25
N TYR D 91 71.58 -4.42 28.79
CA TYR D 91 70.43 -5.34 28.80
C TYR D 91 70.77 -6.72 29.38
N GLN D 92 71.53 -6.72 30.49
CA GLN D 92 71.93 -7.95 31.18
C GLN D 92 70.84 -8.48 32.10
N ASN D 93 70.83 -9.80 32.34
CA ASN D 93 69.90 -10.54 33.20
C ASN D 93 68.43 -10.42 32.75
N ILE D 94 68.21 -10.43 31.42
CA ILE D 94 66.89 -10.36 30.82
C ILE D 94 66.76 -11.53 29.86
N THR D 95 65.72 -12.36 30.06
CA THR D 95 65.49 -13.55 29.23
C THR D 95 64.13 -13.49 28.53
N VAL D 96 64.11 -13.71 27.21
CA VAL D 96 62.87 -13.74 26.44
C VAL D 96 62.40 -15.19 26.52
N HIS D 97 61.57 -15.50 27.53
CA HIS D 97 61.07 -16.85 27.80
C HIS D 97 60.13 -17.36 26.72
N ARG D 98 59.26 -16.50 26.22
CA ARG D 98 58.31 -16.88 25.20
C ARG D 98 58.23 -15.83 24.14
N HIS D 99 58.42 -16.24 22.89
CA HIS D 99 58.32 -15.34 21.75
C HIS D 99 56.84 -15.13 21.41
N LEU D 100 56.51 -14.02 20.72
CA LEU D 100 55.14 -13.65 20.37
C LEU D 100 54.45 -14.70 19.52
N MET D 101 53.42 -15.33 20.11
CA MET D 101 52.57 -16.38 19.54
C MET D 101 51.36 -16.66 20.42
N LEU D 102 50.36 -17.40 19.89
CA LEU D 102 49.15 -17.78 20.60
C LEU D 102 49.52 -18.60 21.85
N PRO D 103 49.00 -18.24 23.04
CA PRO D 103 49.37 -18.98 24.26
C PRO D 103 48.84 -20.42 24.28
N ASP D 104 49.58 -21.31 24.95
CA ASP D 104 49.20 -22.72 25.05
C ASP D 104 49.36 -23.25 26.48
N PHE D 105 49.05 -24.55 26.69
CA PHE D 105 49.14 -25.24 27.97
C PHE D 105 50.59 -25.35 28.42
N ASP D 106 51.53 -25.43 27.46
CA ASP D 106 52.97 -25.50 27.71
C ASP D 106 53.45 -24.22 28.38
N LEU D 107 52.93 -23.05 27.94
CA LEU D 107 53.25 -21.74 28.53
C LEU D 107 52.72 -21.69 29.96
N LEU D 108 51.47 -22.18 30.17
CA LEU D 108 50.82 -22.22 31.48
C LEU D 108 51.57 -23.14 32.46
N GLU D 109 52.08 -24.28 31.94
CA GLU D 109 52.87 -25.26 32.69
C GLU D 109 54.17 -24.61 33.14
N ASP D 110 54.77 -23.75 32.28
CA ASP D 110 56.00 -23.01 32.58
C ASP D 110 55.82 -22.03 33.74
N ILE D 111 54.70 -21.26 33.75
CA ILE D 111 54.38 -20.31 34.82
C ILE D 111 54.22 -21.09 36.13
N GLU D 112 53.47 -22.19 36.08
CA GLU D 112 53.16 -23.08 37.20
C GLU D 112 54.37 -23.72 37.88
N SER D 113 55.34 -24.26 37.11
CA SER D 113 56.48 -24.97 37.71
C SER D 113 57.87 -24.73 37.08
N LYS D 114 57.97 -24.49 35.76
CA LYS D 114 59.28 -24.31 35.09
C LYS D 114 60.00 -23.00 35.46
N ILE D 115 59.28 -21.86 35.45
CA ILE D 115 59.86 -20.55 35.79
C ILE D 115 60.11 -20.47 37.30
N GLN D 116 61.38 -20.28 37.67
CA GLN D 116 61.86 -20.20 39.05
C GLN D 116 62.42 -18.79 39.32
N PRO D 117 62.41 -18.29 40.58
CA PRO D 117 62.99 -16.97 40.85
C PRO D 117 64.51 -16.96 40.73
N GLY D 118 65.04 -15.89 40.15
CA GLY D 118 66.47 -15.70 39.93
C GLY D 118 67.18 -15.05 41.08
N SER D 119 68.52 -15.04 41.03
CA SER D 119 69.37 -14.48 42.09
C SER D 119 69.89 -13.08 41.78
N GLN D 120 69.84 -12.68 40.50
CA GLN D 120 70.32 -11.36 40.06
C GLN D 120 69.18 -10.34 40.12
N GLN D 121 69.49 -9.07 39.77
CA GLN D 121 68.53 -7.96 39.71
C GLN D 121 68.74 -7.26 38.36
N ALA D 122 67.64 -6.82 37.72
CA ALA D 122 67.76 -6.12 36.44
C ALA D 122 67.12 -4.72 36.45
N ASP D 123 67.44 -3.93 35.41
CA ASP D 123 66.94 -2.57 35.20
C ASP D 123 65.57 -2.75 34.53
N PHE D 124 64.49 -2.30 35.20
CA PHE D 124 63.13 -2.45 34.67
C PHE D 124 62.93 -1.69 33.34
N LEU D 125 63.61 -0.54 33.17
CA LEU D 125 63.54 0.22 31.93
C LEU D 125 64.25 -0.51 30.81
N ASP D 126 65.36 -1.25 31.14
CA ASP D 126 66.11 -2.08 30.18
C ASP D 126 65.16 -3.20 29.72
N ALA D 127 64.40 -3.78 30.66
CA ALA D 127 63.40 -4.83 30.42
C ALA D 127 62.27 -4.34 29.54
N LEU D 128 61.82 -3.09 29.79
CA LEU D 128 60.76 -2.42 29.02
C LEU D 128 61.20 -2.27 27.56
N ILE D 129 62.50 -1.99 27.34
CA ILE D 129 63.09 -1.82 26.01
C ILE D 129 63.15 -3.17 25.29
N VAL D 130 63.52 -4.24 26.02
CA VAL D 130 63.58 -5.62 25.48
C VAL D 130 62.17 -6.02 25.01
N SER D 131 61.15 -5.73 25.84
CA SER D 131 59.73 -5.96 25.57
C SER D 131 59.30 -5.18 24.33
N MET D 132 59.72 -3.91 24.23
CA MET D 132 59.41 -3.04 23.10
C MET D 132 60.02 -3.60 21.81
N ASP D 133 61.27 -4.11 21.91
CA ASP D 133 62.01 -4.71 20.80
C ASP D 133 61.31 -5.97 20.31
N VAL D 134 60.64 -6.72 21.23
CA VAL D 134 59.89 -7.93 20.89
C VAL D 134 58.72 -7.56 19.95
N ILE D 135 57.94 -6.52 20.32
CA ILE D 135 56.81 -6.02 19.52
C ILE D 135 57.28 -5.49 18.16
N GLN D 136 58.36 -4.68 18.16
CA GLN D 136 58.90 -4.09 16.93
C GLN D 136 59.35 -5.14 15.89
N HIS D 137 59.97 -6.23 16.33
CA HIS D 137 60.48 -7.26 15.42
C HIS D 137 59.52 -8.44 15.16
N GLU D 138 58.75 -8.89 16.18
CA GLU D 138 57.89 -10.06 16.00
C GLU D 138 56.47 -9.79 15.43
N THR D 139 56.11 -8.51 15.16
CA THR D 139 54.81 -8.16 14.57
C THR D 139 54.93 -7.84 13.07
N ILE D 140 56.16 -7.96 12.50
CA ILE D 140 56.50 -7.65 11.12
C ILE D 140 55.56 -8.38 10.11
N GLY D 141 55.43 -9.69 10.23
CA GLY D 141 54.59 -10.48 9.34
C GLY D 141 53.10 -10.35 9.62
N LYS D 142 52.72 -10.51 10.90
CA LYS D 142 51.34 -10.47 11.39
C LYS D 142 50.68 -9.07 11.35
N LYS D 143 49.34 -9.02 11.53
CA LYS D 143 48.55 -7.79 11.54
C LYS D 143 47.82 -7.62 12.88
N PHE D 144 48.33 -6.70 13.74
CA PHE D 144 47.77 -6.45 15.07
C PHE D 144 47.07 -5.09 15.22
N GLU D 145 45.87 -5.11 15.79
CA GLU D 145 45.05 -3.92 16.04
C GLU D 145 45.59 -3.12 17.23
N LYS D 146 45.99 -3.82 18.32
CA LYS D 146 46.53 -3.21 19.54
C LYS D 146 47.90 -3.80 19.93
N ARG D 147 48.77 -2.97 20.53
CA ARG D 147 50.09 -3.38 21.03
C ARG D 147 50.12 -3.05 22.51
N HIS D 148 50.45 -4.04 23.37
CA HIS D 148 50.38 -3.84 24.81
C HIS D 148 51.47 -4.54 25.62
N ILE D 149 52.04 -3.82 26.63
CA ILE D 149 53.06 -4.33 27.55
C ILE D 149 52.55 -4.23 28.99
N GLU D 150 52.72 -5.33 29.77
CA GLU D 150 52.32 -5.42 31.17
C GLU D 150 53.52 -5.74 32.04
N ILE D 151 53.98 -4.75 32.82
CA ILE D 151 55.13 -4.86 33.72
C ILE D 151 54.67 -5.33 35.11
N PHE D 152 55.32 -6.38 35.63
CA PHE D 152 55.04 -6.95 36.95
C PHE D 152 56.34 -6.87 37.72
N THR D 153 56.45 -5.89 38.65
CA THR D 153 57.69 -5.68 39.41
C THR D 153 57.46 -5.18 40.84
N ASP D 154 58.53 -5.09 41.64
CA ASP D 154 58.50 -4.58 43.02
C ASP D 154 59.20 -3.22 43.14
N LEU D 155 59.96 -2.83 42.09
CA LEU D 155 60.70 -1.56 41.96
C LEU D 155 61.88 -1.38 42.95
N SER D 156 62.24 -2.45 43.68
CA SER D 156 63.32 -2.49 44.68
C SER D 156 64.73 -2.48 44.06
N SER D 157 64.83 -2.80 42.76
CA SER D 157 66.09 -2.85 42.02
C SER D 157 66.48 -1.45 41.51
N ARG D 158 67.78 -1.18 41.44
CA ARG D 158 68.34 0.06 40.92
C ARG D 158 68.14 0.12 39.39
N PHE D 159 68.07 1.35 38.82
CA PHE D 159 67.85 1.57 37.39
C PHE D 159 68.45 2.90 36.91
N SER D 160 68.58 3.06 35.58
CA SER D 160 69.10 4.27 34.93
C SER D 160 68.00 5.02 34.16
N LYS D 161 67.96 6.34 34.31
CA LYS D 161 66.97 7.20 33.61
C LYS D 161 67.51 7.66 32.23
N SER D 162 68.67 7.10 31.80
CA SER D 162 69.33 7.44 30.53
C SER D 162 68.45 7.21 29.32
N GLN D 163 68.23 8.28 28.53
CA GLN D 163 67.43 8.32 27.30
C GLN D 163 65.95 7.94 27.53
N LEU D 164 65.42 8.17 28.75
CA LEU D 164 64.03 7.87 29.12
C LEU D 164 63.03 8.62 28.25
N ASP D 165 63.33 9.90 27.96
CA ASP D 165 62.54 10.79 27.11
C ASP D 165 62.29 10.18 25.73
N ILE D 166 63.30 9.47 25.17
CA ILE D 166 63.22 8.77 23.87
C ILE D 166 62.37 7.51 24.01
N ILE D 167 62.55 6.76 25.13
CA ILE D 167 61.79 5.53 25.47
C ILE D 167 60.29 5.84 25.44
N ILE D 168 59.87 6.95 26.10
CA ILE D 168 58.48 7.43 26.19
C ILE D 168 57.98 7.79 24.79
N HIS D 169 58.84 8.46 24.00
CA HIS D 169 58.51 8.87 22.64
C HIS D 169 58.28 7.66 21.70
N SER D 170 59.15 6.63 21.77
CA SER D 170 59.05 5.43 20.94
C SER D 170 57.79 4.61 21.25
N LEU D 171 57.33 4.63 22.51
CA LEU D 171 56.10 3.96 22.96
C LEU D 171 54.90 4.61 22.29
N LYS D 172 54.93 5.95 22.18
CA LYS D 172 53.89 6.76 21.55
C LYS D 172 53.85 6.51 20.05
N LYS D 173 55.03 6.59 19.39
CA LYS D 173 55.19 6.39 17.95
C LYS D 173 54.80 4.99 17.48
N CYS D 174 55.07 3.95 18.29
CA CYS D 174 54.73 2.56 17.97
C CYS D 174 53.30 2.20 18.36
N ASP D 175 52.61 3.11 19.10
CA ASP D 175 51.27 2.93 19.65
C ASP D 175 51.21 1.67 20.54
N ILE D 176 52.08 1.65 21.57
CA ILE D 176 52.13 0.57 22.56
C ILE D 176 51.65 1.15 23.88
N SER D 177 50.70 0.47 24.54
CA SER D 177 50.14 0.88 25.82
C SER D 177 50.83 0.16 26.97
N LEU D 178 50.86 0.80 28.14
CA LEU D 178 51.48 0.24 29.33
C LEU D 178 50.48 0.00 30.42
N GLN D 179 50.84 -0.89 31.34
CA GLN D 179 50.11 -1.24 32.55
C GLN D 179 51.13 -1.76 33.55
N PHE D 180 51.17 -1.15 34.74
CA PHE D 180 52.10 -1.56 35.79
C PHE D 180 51.40 -2.35 36.88
N PHE D 181 52.11 -3.33 37.45
CA PHE D 181 51.60 -4.20 38.50
C PHE D 181 52.67 -4.34 39.58
N LEU D 182 52.38 -3.77 40.77
CA LEU D 182 53.30 -3.70 41.91
C LEU D 182 52.78 -4.47 43.13
N PRO D 183 53.61 -4.79 44.16
CA PRO D 183 53.08 -5.50 45.33
C PRO D 183 52.22 -4.62 46.23
N PHE D 184 52.43 -3.29 46.14
CA PHE D 184 51.71 -2.26 46.88
C PHE D 184 50.80 -1.44 45.97
N SER D 185 49.76 -0.83 46.57
CA SER D 185 48.81 0.02 45.85
C SER D 185 49.18 1.49 46.06
N LEU D 186 48.83 2.36 45.07
CA LEU D 186 49.11 3.80 45.15
C LEU D 186 48.24 4.49 46.20
N PRO D 199 45.36 -7.14 59.03
CA PRO D 199 46.00 -8.30 58.38
C PRO D 199 45.85 -8.29 56.87
N PHE D 200 46.90 -8.74 56.15
CA PHE D 200 46.91 -8.81 54.69
C PHE D 200 46.21 -10.05 54.17
N ARG D 201 45.27 -9.85 53.25
CA ARG D 201 44.53 -10.92 52.58
C ARG D 201 44.56 -10.68 51.08
N LEU D 202 45.22 -11.59 50.33
CA LEU D 202 45.37 -11.50 48.88
C LEU D 202 44.02 -11.61 48.20
N GLY D 203 43.69 -10.61 47.39
CA GLY D 203 42.41 -10.53 46.70
C GLY D 203 41.35 -9.79 47.51
N GLY D 204 41.64 -9.55 48.78
CA GLY D 204 40.75 -8.86 49.71
C GLY D 204 40.51 -7.40 49.39
N HIS D 205 39.44 -6.84 49.96
CA HIS D 205 39.07 -5.44 49.76
C HIS D 205 39.74 -4.54 50.80
N GLY D 206 40.41 -3.49 50.32
CA GLY D 206 41.12 -2.51 51.15
C GLY D 206 42.30 -1.87 50.46
N LYS D 212 53.27 -1.53 55.40
CA LYS D 212 53.74 -0.74 56.54
C LYS D 212 55.03 0.11 56.23
N GLY D 213 55.32 0.30 54.94
CA GLY D 213 56.46 1.08 54.48
C GLY D 213 57.08 0.65 53.17
N ILE D 214 57.26 1.62 52.24
CA ILE D 214 57.89 1.42 50.94
C ILE D 214 59.32 1.96 51.04
N THR D 215 60.31 1.20 50.49
CA THR D 215 61.74 1.57 50.53
C THR D 215 62.03 2.84 49.71
N GLU D 216 63.20 3.46 49.91
CA GLU D 216 63.56 4.67 49.17
C GLU D 216 63.87 4.42 47.71
N GLN D 217 64.30 3.19 47.36
CA GLN D 217 64.58 2.80 45.97
C GLN D 217 63.24 2.55 45.25
N GLN D 218 62.26 1.96 45.95
CA GLN D 218 60.92 1.70 45.41
C GLN D 218 60.21 3.03 45.17
N LYS D 219 60.37 4.00 46.11
CA LYS D 219 59.80 5.36 46.03
C LYS D 219 60.33 6.08 44.79
N GLU D 220 61.67 6.00 44.57
CA GLU D 220 62.38 6.59 43.43
C GLU D 220 61.88 5.96 42.11
N GLY D 221 61.73 4.63 42.11
CA GLY D 221 61.25 3.86 40.97
C GLY D 221 59.81 4.17 40.61
N LEU D 222 58.97 4.38 41.66
CA LEU D 222 57.55 4.70 41.52
C LEU D 222 57.34 6.04 40.83
N GLU D 223 58.14 7.07 41.18
CA GLU D 223 58.04 8.40 40.58
C GLU D 223 58.26 8.40 39.07
N ILE D 224 59.19 7.55 38.58
CA ILE D 224 59.48 7.38 37.16
C ILE D 224 58.30 6.66 36.49
N VAL D 225 57.74 5.64 37.18
CA VAL D 225 56.56 4.89 36.72
C VAL D 225 55.39 5.87 36.56
N LYS D 226 55.13 6.71 37.59
CA LYS D 226 54.09 7.74 37.59
C LYS D 226 54.26 8.68 36.39
N MET D 227 55.45 9.32 36.30
CA MET D 227 55.85 10.25 35.24
C MET D 227 55.59 9.67 33.84
N VAL D 228 56.01 8.39 33.62
CA VAL D 228 55.84 7.66 32.36
C VAL D 228 54.36 7.45 32.05
N MET D 229 53.57 7.01 33.04
CA MET D 229 52.13 6.77 32.87
C MET D 229 51.36 8.05 32.57
N ILE D 230 51.71 9.17 33.24
CA ILE D 230 51.06 10.47 33.04
C ILE D 230 51.44 10.98 31.65
N SER D 231 52.71 10.78 31.26
CA SER D 231 53.21 11.20 29.95
C SER D 231 52.53 10.44 28.80
N LEU D 232 52.09 9.19 29.04
CA LEU D 232 51.47 8.38 28.01
C LEU D 232 49.95 8.52 27.91
N GLU D 233 49.22 8.39 29.03
CA GLU D 233 47.75 8.43 29.03
C GLU D 233 47.13 9.62 29.79
N GLY D 234 47.92 10.66 30.04
CA GLY D 234 47.44 11.85 30.74
C GLY D 234 47.24 11.62 32.21
N GLU D 235 46.46 12.52 32.86
CA GLU D 235 46.12 12.51 34.29
C GLU D 235 45.56 11.16 34.75
N ASP D 236 44.72 10.54 33.91
CA ASP D 236 44.07 9.25 34.19
C ASP D 236 45.00 8.04 33.96
N GLY D 237 46.26 8.32 33.61
CA GLY D 237 47.29 7.30 33.39
C GLY D 237 47.66 6.56 34.66
N LEU D 238 47.58 7.26 35.82
CA LEU D 238 47.88 6.72 37.15
C LEU D 238 46.97 5.57 37.54
N ASP D 239 45.78 5.51 36.91
CA ASP D 239 44.79 4.45 37.12
C ASP D 239 45.27 3.13 36.52
N GLU D 240 46.29 3.17 35.65
CA GLU D 240 46.84 1.97 35.01
C GLU D 240 48.01 1.34 35.80
N ILE D 241 48.21 1.76 37.06
CA ILE D 241 49.21 1.21 37.98
C ILE D 241 48.40 0.50 39.06
N TYR D 242 48.46 -0.83 39.09
CA TYR D 242 47.69 -1.67 40.02
C TYR D 242 48.57 -2.42 41.01
N SER D 243 47.95 -2.97 42.08
CA SER D 243 48.62 -3.84 43.05
C SER D 243 48.24 -5.27 42.65
N PHE D 244 49.13 -6.26 42.87
CA PHE D 244 48.84 -7.65 42.48
C PHE D 244 47.54 -8.18 43.04
N SER D 245 47.24 -7.85 44.32
CA SER D 245 46.03 -8.24 45.04
C SER D 245 44.76 -7.77 44.33
N GLU D 246 44.64 -6.45 44.06
CA GLU D 246 43.47 -5.88 43.39
C GLU D 246 43.31 -6.38 41.95
N SER D 247 44.44 -6.68 41.28
CA SER D 247 44.46 -7.19 39.90
C SER D 247 43.75 -8.52 39.77
N LEU D 248 43.84 -9.38 40.81
CA LEU D 248 43.21 -10.69 40.86
C LEU D 248 41.68 -10.60 40.97
N ARG D 249 41.17 -9.49 41.55
CA ARG D 249 39.74 -9.21 41.75
C ARG D 249 39.21 -8.11 40.80
N LYS D 250 39.76 -8.09 39.58
CA LYS D 250 39.42 -7.13 38.52
C LYS D 250 39.70 -7.78 37.15
N LEU D 251 39.22 -7.15 36.08
CA LEU D 251 39.45 -7.63 34.72
C LEU D 251 40.40 -6.65 34.00
N CYS D 252 41.11 -5.81 34.80
CA CYS D 252 42.04 -4.78 34.35
C CYS D 252 43.19 -5.29 33.46
N VAL D 253 43.60 -6.57 33.63
CA VAL D 253 44.64 -7.19 32.81
C VAL D 253 44.22 -7.34 31.34
N PHE D 254 42.89 -7.38 31.09
CA PHE D 254 42.31 -7.50 29.76
C PHE D 254 41.79 -6.17 29.19
N LYS D 255 41.60 -5.16 30.07
CA LYS D 255 41.11 -3.80 29.79
C LYS D 255 41.57 -3.23 28.43
N LYS D 256 42.88 -3.26 28.15
CA LYS D 256 43.47 -2.69 26.94
C LYS D 256 43.40 -3.62 25.71
N ILE D 257 43.23 -4.94 25.90
CA ILE D 257 43.16 -5.90 24.80
C ILE D 257 41.74 -6.45 24.62
N GLU D 258 40.78 -5.80 25.32
CA GLU D 258 39.35 -6.11 25.30
C GLU D 258 38.78 -5.73 23.95
N ARG D 259 38.02 -6.65 23.33
CA ARG D 259 37.42 -6.42 22.02
C ARG D 259 36.20 -5.51 22.08
N HIS D 260 36.20 -4.51 21.18
CA HIS D 260 35.15 -3.50 21.01
C HIS D 260 33.79 -4.16 20.80
N SER D 261 32.75 -3.60 21.44
CA SER D 261 31.39 -4.15 21.35
C SER D 261 30.72 -3.92 20.01
N ILE D 262 30.03 -4.97 19.51
CA ILE D 262 29.29 -4.97 18.24
C ILE D 262 28.01 -4.14 18.43
N HIS D 263 27.90 -3.05 17.66
CA HIS D 263 26.74 -2.17 17.68
C HIS D 263 25.91 -2.40 16.40
N TRP D 264 24.61 -2.09 16.46
CA TRP D 264 23.71 -2.24 15.32
C TRP D 264 22.81 -1.03 15.15
N PRO D 265 22.49 -0.61 13.89
CA PRO D 265 21.64 0.58 13.72
C PRO D 265 20.14 0.29 13.61
N CYS D 266 19.34 1.28 14.04
CA CYS D 266 17.87 1.30 13.97
C CYS D 266 17.41 2.77 13.97
N ARG D 267 16.10 3.03 14.06
CA ARG D 267 15.57 4.39 14.07
C ARG D 267 14.52 4.61 15.15
N LEU D 268 14.68 5.68 15.94
CA LEU D 268 13.75 6.08 17.00
C LEU D 268 12.67 6.93 16.31
N THR D 269 11.41 6.48 16.32
CA THR D 269 10.34 7.19 15.63
C THR D 269 9.27 7.79 16.55
N ILE D 270 9.26 9.12 16.64
CA ILE D 270 8.27 9.89 17.41
C ILE D 270 7.18 10.24 16.39
N GLY D 271 6.06 9.54 16.49
CA GLY D 271 4.95 9.68 15.56
C GLY D 271 5.22 8.91 14.28
N SER D 272 5.24 9.62 13.14
CA SER D 272 5.49 9.02 11.83
C SER D 272 6.46 9.84 10.99
N ASN D 273 6.30 11.17 11.00
CA ASN D 273 7.12 12.11 10.23
C ASN D 273 8.53 12.30 10.80
N LEU D 274 8.71 12.07 12.12
CA LEU D 274 10.02 12.18 12.79
C LEU D 274 10.63 10.79 12.98
N SER D 275 11.91 10.65 12.56
CA SER D 275 12.67 9.41 12.62
C SER D 275 14.16 9.70 12.86
N ILE D 276 14.57 9.67 14.15
CA ILE D 276 15.96 9.92 14.57
C ILE D 276 16.82 8.68 14.33
N ARG D 277 17.90 8.82 13.52
CA ARG D 277 18.83 7.74 13.19
C ARG D 277 19.68 7.42 14.42
N ILE D 278 19.55 6.20 14.94
CA ILE D 278 20.27 5.75 16.14
C ILE D 278 21.10 4.49 15.89
N ALA D 279 21.88 4.09 16.92
CA ALA D 279 22.74 2.90 16.94
C ALA D 279 22.85 2.42 18.38
N ALA D 280 22.26 1.26 18.67
CA ALA D 280 22.27 0.70 20.02
C ALA D 280 23.06 -0.59 20.12
N TYR D 281 23.62 -0.86 21.31
CA TYR D 281 24.40 -2.06 21.65
C TYR D 281 23.97 -2.56 23.03
N LYS D 282 24.31 -3.82 23.36
CA LYS D 282 23.98 -4.41 24.66
C LYS D 282 24.96 -3.96 25.75
N SER D 283 24.49 -3.01 26.59
CA SER D 283 25.20 -2.41 27.73
C SER D 283 25.52 -3.48 28.78
N ILE D 284 24.48 -4.22 29.23
CA ILE D 284 24.59 -5.32 30.20
C ILE D 284 24.04 -6.57 29.51
N LEU D 285 24.74 -7.69 29.66
CA LEU D 285 24.38 -9.00 29.13
C LEU D 285 25.17 -10.03 29.93
N GLN D 286 24.45 -10.97 30.57
CA GLN D 286 25.08 -12.00 31.40
C GLN D 286 26.05 -12.88 30.61
N GLU D 287 27.34 -12.74 30.94
CA GLU D 287 28.45 -13.49 30.34
C GLU D 287 28.36 -14.92 30.90
N ARG D 288 28.13 -15.89 29.99
CA ARG D 288 27.98 -17.32 30.32
C ARG D 288 29.08 -18.17 29.69
N VAL D 289 29.22 -19.43 30.14
CA VAL D 289 30.20 -20.40 29.68
C VAL D 289 29.98 -20.73 28.19
N LYS D 290 31.02 -20.52 27.36
CA LYS D 290 30.99 -20.76 25.92
C LYS D 290 31.10 -22.24 25.54
N LYS D 291 32.10 -22.95 26.11
CA LYS D 291 32.36 -24.36 25.84
C LYS D 291 31.38 -25.30 26.53
N THR D 292 31.05 -26.40 25.84
CA THR D 292 30.11 -27.42 26.30
C THR D 292 30.79 -28.76 26.63
N TRP D 293 30.27 -29.46 27.66
CA TRP D 293 30.80 -30.76 28.04
C TRP D 293 30.23 -31.85 27.13
N THR D 294 31.08 -32.38 26.23
CA THR D 294 30.70 -33.42 25.27
C THR D 294 30.68 -34.78 25.98
N VAL D 295 29.56 -35.51 25.90
CA VAL D 295 29.41 -36.82 26.54
C VAL D 295 30.17 -37.88 25.73
N VAL D 296 31.17 -38.52 26.35
CA VAL D 296 32.01 -39.55 25.75
C VAL D 296 31.97 -40.85 26.56
N ASP D 297 32.35 -41.99 25.92
CA ASP D 297 32.39 -43.30 26.58
C ASP D 297 33.61 -43.38 27.51
N ALA D 298 33.44 -44.01 28.68
CA ALA D 298 34.49 -44.15 29.71
C ALA D 298 35.75 -44.89 29.24
N LYS D 299 35.60 -45.82 28.28
CA LYS D 299 36.70 -46.63 27.76
C LYS D 299 37.38 -45.98 26.54
N THR D 300 36.60 -45.66 25.48
CA THR D 300 37.09 -45.10 24.21
C THR D 300 37.36 -43.60 24.23
N LEU D 301 36.56 -42.82 25.00
CA LEU D 301 36.61 -41.36 25.11
C LEU D 301 36.29 -40.68 23.77
N LYS D 302 35.15 -41.09 23.16
CA LYS D 302 34.68 -40.56 21.88
C LYS D 302 33.18 -40.27 21.85
N LYS D 303 32.82 -39.17 21.18
CA LYS D 303 31.45 -38.67 20.99
C LYS D 303 30.67 -39.58 20.03
N GLU D 304 31.35 -40.04 18.96
CA GLU D 304 30.84 -40.90 17.87
C GLU D 304 30.17 -42.19 18.34
N ASP D 305 30.72 -42.83 19.38
CA ASP D 305 30.20 -44.09 19.94
C ASP D 305 28.88 -43.93 20.70
N ILE D 306 28.56 -42.69 21.14
CA ILE D 306 27.33 -42.37 21.87
C ILE D 306 26.30 -41.76 20.94
N GLN D 307 25.05 -42.27 20.98
CA GLN D 307 23.93 -41.78 20.17
C GLN D 307 22.64 -41.71 20.98
N LYS D 308 21.93 -40.57 20.90
CA LYS D 308 20.67 -40.32 21.61
C LYS D 308 19.47 -40.49 20.68
N GLU D 309 18.56 -41.41 21.04
CA GLU D 309 17.38 -41.76 20.25
C GLU D 309 16.08 -41.53 21.04
N THR D 310 15.05 -40.98 20.38
CA THR D 310 13.73 -40.71 20.94
C THR D 310 12.74 -41.86 20.64
N VAL D 311 11.97 -42.29 21.67
CA VAL D 311 10.99 -43.38 21.57
C VAL D 311 9.57 -42.86 21.88
N TYR D 312 8.56 -43.32 21.13
CA TYR D 312 7.16 -42.90 21.30
C TYR D 312 6.23 -44.08 21.65
N CYS D 313 5.37 -43.89 22.68
CA CYS D 313 4.42 -44.89 23.19
C CYS D 313 3.07 -44.27 23.58
N LEU D 314 1.98 -45.06 23.49
CA LEU D 314 0.61 -44.62 23.81
C LEU D 314 0.35 -44.53 25.32
N ASN D 315 -0.40 -43.50 25.75
CA ASN D 315 -0.77 -43.20 27.14
C ASN D 315 -1.66 -44.25 27.79
N ASP D 316 -2.55 -44.89 27.01
CA ASP D 316 -3.50 -45.92 27.49
C ASP D 316 -2.78 -47.20 27.96
N ASP D 317 -3.47 -48.00 28.82
CA ASP D 317 -2.98 -49.27 29.38
C ASP D 317 -2.55 -50.25 28.28
N ASP D 318 -1.44 -51.00 28.53
CA ASP D 318 -0.79 -51.93 27.61
C ASP D 318 -0.23 -51.13 26.43
N GLU D 319 0.76 -50.26 26.72
CA GLU D 319 1.42 -49.33 25.79
C GLU D 319 2.01 -50.01 24.56
N THR D 320 1.81 -49.38 23.39
CA THR D 320 2.29 -49.83 22.08
C THR D 320 3.07 -48.67 21.43
N GLU D 321 4.07 -49.01 20.60
CA GLU D 321 4.93 -48.05 19.89
C GLU D 321 4.12 -47.19 18.92
N VAL D 322 4.27 -45.86 19.03
CA VAL D 322 3.56 -44.88 18.20
C VAL D 322 4.43 -44.49 16.99
N LEU D 323 3.83 -44.54 15.78
CA LEU D 323 4.44 -44.21 14.49
C LEU D 323 4.94 -42.77 14.46
N LYS D 324 6.24 -42.58 14.14
CA LYS D 324 6.92 -41.28 14.09
C LYS D 324 6.36 -40.34 13.02
N GLU D 325 5.84 -40.89 11.91
CA GLU D 325 5.25 -40.13 10.81
C GLU D 325 3.82 -39.64 11.09
N ASP D 326 3.02 -40.46 11.79
CA ASP D 326 1.62 -40.17 12.15
C ASP D 326 1.45 -39.11 13.25
N ILE D 327 2.55 -38.76 13.96
CA ILE D 327 2.54 -37.78 15.05
C ILE D 327 2.28 -36.36 14.51
N ILE D 328 1.23 -35.72 15.02
CA ILE D 328 0.81 -34.36 14.65
C ILE D 328 0.95 -33.38 15.82
N GLN D 329 1.30 -32.12 15.50
CA GLN D 329 1.47 -31.07 16.52
C GLN D 329 0.10 -30.60 17.01
N GLY D 330 -0.01 -30.38 18.32
CA GLY D 330 -1.23 -29.92 18.98
C GLY D 330 -0.99 -29.00 20.15
N PHE D 331 -2.01 -28.22 20.53
CA PHE D 331 -1.96 -27.28 21.64
C PHE D 331 -3.20 -27.39 22.52
N ARG D 332 -3.01 -27.24 23.84
CA ARG D 332 -4.09 -27.30 24.82
C ARG D 332 -4.72 -25.93 25.04
N TYR D 333 -6.06 -25.88 25.06
CA TYR D 333 -6.84 -24.68 25.34
C TYR D 333 -7.76 -25.03 26.51
N GLY D 334 -7.16 -25.12 27.70
CA GLY D 334 -7.84 -25.51 28.92
C GLY D 334 -8.15 -26.99 28.91
N SER D 335 -9.46 -27.32 28.96
CA SER D 335 -9.94 -28.70 28.92
C SER D 335 -9.77 -29.28 27.52
N ASP D 336 -10.04 -28.47 26.48
CA ASP D 336 -9.95 -28.82 25.06
C ASP D 336 -8.52 -29.06 24.59
N ILE D 337 -8.37 -30.00 23.64
CA ILE D 337 -7.10 -30.35 23.01
C ILE D 337 -7.27 -30.04 21.52
N VAL D 338 -6.57 -29.01 21.04
CA VAL D 338 -6.68 -28.52 19.65
C VAL D 338 -5.53 -29.00 18.76
N PRO D 339 -5.81 -29.71 17.63
CA PRO D 339 -4.71 -30.10 16.74
C PRO D 339 -4.33 -28.94 15.82
N PHE D 340 -3.07 -28.47 15.94
CA PHE D 340 -2.57 -27.34 15.17
C PHE D 340 -1.17 -27.63 14.63
N SER D 341 -1.08 -27.95 13.32
CA SER D 341 0.17 -28.27 12.63
C SER D 341 1.06 -27.05 12.41
N LYS D 342 2.40 -27.26 12.33
CA LYS D 342 3.41 -26.22 12.12
C LYS D 342 3.22 -25.45 10.80
N VAL D 343 2.65 -26.12 9.79
CA VAL D 343 2.37 -25.58 8.45
C VAL D 343 1.31 -24.46 8.55
N ASP D 344 0.17 -24.75 9.21
CA ASP D 344 -0.93 -23.79 9.43
C ASP D 344 -0.54 -22.71 10.44
N GLU D 345 0.38 -23.05 11.37
CA GLU D 345 0.88 -22.17 12.42
C GLU D 345 1.62 -20.95 11.85
N GLU D 346 2.58 -21.16 10.93
CA GLU D 346 3.39 -20.12 10.29
C GLU D 346 2.53 -19.07 9.57
N GLN D 347 1.40 -19.48 8.98
CA GLN D 347 0.49 -18.59 8.27
C GLN D 347 -0.44 -17.81 9.22
N MET D 348 -1.02 -18.50 10.22
CA MET D 348 -1.96 -17.92 11.18
C MET D 348 -1.33 -17.14 12.34
N LYS D 349 -0.02 -17.38 12.64
CA LYS D 349 0.70 -16.71 13.74
C LYS D 349 0.79 -15.19 13.57
N TYR D 350 1.06 -14.48 14.68
CA TYR D 350 1.20 -13.03 14.72
C TYR D 350 2.35 -12.58 13.82
N LYS D 351 2.04 -11.74 12.83
CA LYS D 351 3.01 -11.20 11.89
C LYS D 351 3.42 -9.81 12.37
N SER D 352 4.68 -9.67 12.80
CA SER D 352 5.23 -8.40 13.31
C SER D 352 5.38 -7.41 12.17
N GLU D 353 5.08 -6.12 12.44
CA GLU D 353 5.12 -5.03 11.47
C GLU D 353 6.55 -4.66 11.00
N GLY D 354 7.57 -5.18 11.69
CA GLY D 354 8.98 -4.97 11.38
C GLY D 354 9.79 -4.40 12.53
N LYS D 355 11.14 -4.37 12.38
CA LYS D 355 12.05 -3.84 13.38
C LYS D 355 11.92 -2.32 13.49
N CYS D 356 11.86 -1.81 14.74
CA CYS D 356 11.68 -0.39 15.03
C CYS D 356 12.00 -0.05 16.48
N PHE D 357 12.08 1.24 16.77
CA PHE D 357 12.30 1.79 18.11
C PHE D 357 11.30 2.96 18.28
N SER D 358 10.03 2.68 17.98
CA SER D 358 8.92 3.63 18.00
C SER D 358 8.45 4.03 19.40
N VAL D 359 8.23 5.35 19.61
CA VAL D 359 7.76 5.90 20.88
C VAL D 359 6.25 5.77 20.99
N LEU D 360 5.78 5.12 22.05
CA LEU D 360 4.35 4.94 22.33
C LEU D 360 3.79 6.18 23.03
N GLY D 361 4.58 6.74 23.93
CA GLY D 361 4.25 7.94 24.69
C GLY D 361 5.33 8.32 25.69
N PHE D 362 5.03 9.30 26.56
CA PHE D 362 5.96 9.76 27.57
C PHE D 362 5.26 9.89 28.92
N CYS D 363 5.92 9.44 29.99
CA CYS D 363 5.40 9.52 31.36
C CYS D 363 6.50 9.94 32.32
N LYS D 364 6.14 10.35 33.55
CA LYS D 364 7.08 10.77 34.58
C LYS D 364 7.94 9.60 35.08
N SER D 365 9.19 9.90 35.52
CA SER D 365 10.18 8.96 36.05
C SER D 365 9.62 8.06 37.17
N SER D 366 8.74 8.63 38.02
CA SER D 366 8.10 7.97 39.17
C SER D 366 7.17 6.82 38.78
N GLN D 367 6.52 6.90 37.60
CA GLN D 367 5.57 5.90 37.10
C GLN D 367 6.22 4.55 36.73
N VAL D 368 7.51 4.57 36.32
CA VAL D 368 8.27 3.38 35.94
C VAL D 368 9.18 2.95 37.11
N GLN D 369 8.82 1.82 37.76
CA GLN D 369 9.54 1.25 38.90
C GLN D 369 10.49 0.12 38.48
N ARG D 370 11.73 0.11 39.03
CA ARG D 370 12.79 -0.89 38.76
C ARG D 370 12.35 -2.35 38.99
N ARG D 371 11.34 -2.55 39.86
CA ARG D 371 10.80 -3.87 40.18
C ARG D 371 10.08 -4.51 38.98
N PHE D 372 9.65 -3.68 38.01
CA PHE D 372 8.94 -4.16 36.80
C PHE D 372 9.87 -4.39 35.61
N PHE D 373 11.19 -4.20 35.78
CA PHE D 373 12.16 -4.42 34.70
C PHE D 373 12.19 -5.90 34.32
N MET D 374 12.20 -6.18 33.01
CA MET D 374 12.17 -7.53 32.46
C MET D 374 13.26 -7.76 31.39
N GLY D 375 13.46 -9.03 31.02
CA GLY D 375 14.45 -9.43 30.04
C GLY D 375 15.79 -9.83 30.62
N ASN D 376 16.77 -10.08 29.75
CA ASN D 376 18.12 -10.49 30.15
C ASN D 376 19.23 -9.57 29.59
N GLN D 377 18.87 -8.31 29.26
CA GLN D 377 19.80 -7.32 28.71
C GLN D 377 19.38 -5.87 28.97
N VAL D 378 20.32 -4.94 28.76
CA VAL D 378 20.17 -3.49 28.86
C VAL D 378 20.76 -2.92 27.57
N LEU D 379 20.02 -2.05 26.88
CA LEU D 379 20.52 -1.46 25.65
C LEU D 379 20.83 0.01 25.87
N LYS D 380 21.96 0.47 25.34
CA LYS D 380 22.32 1.89 25.39
C LYS D 380 22.14 2.46 24.00
N VAL D 381 21.09 3.27 23.83
CA VAL D 381 20.72 3.91 22.55
C VAL D 381 21.57 5.17 22.38
N PHE D 382 22.58 5.05 21.52
CA PHE D 382 23.52 6.13 21.17
C PHE D 382 23.15 6.74 19.83
N ALA D 383 23.71 7.93 19.53
CA ALA D 383 23.49 8.61 18.26
C ALA D 383 24.33 7.96 17.17
N ALA D 384 23.73 7.79 15.96
CA ALA D 384 24.36 7.18 14.79
C ALA D 384 25.73 7.82 14.48
N ARG D 385 26.77 6.97 14.32
CA ARG D 385 28.16 7.40 14.05
C ARG D 385 28.29 8.15 12.73
N ASP D 386 29.10 9.24 12.72
CA ASP D 386 29.38 10.13 11.58
C ASP D 386 28.10 10.82 11.02
N ASP D 387 27.14 11.12 11.91
CA ASP D 387 25.88 11.80 11.60
C ASP D 387 25.66 12.88 12.67
N GLU D 388 25.91 14.14 12.31
CA GLU D 388 25.80 15.27 13.23
C GLU D 388 24.34 15.66 13.51
N ALA D 389 23.49 15.68 12.47
CA ALA D 389 22.07 16.06 12.56
C ALA D 389 21.25 15.13 13.45
N ALA D 390 21.50 13.81 13.38
CA ALA D 390 20.81 12.81 14.19
C ALA D 390 21.31 12.85 15.64
N ALA D 391 22.59 13.23 15.84
CA ALA D 391 23.24 13.33 17.15
C ALA D 391 22.60 14.42 18.02
N VAL D 392 22.26 15.56 17.38
CA VAL D 392 21.61 16.72 18.02
C VAL D 392 20.13 16.36 18.28
N ALA D 393 19.48 15.69 17.30
CA ALA D 393 18.08 15.24 17.36
C ALA D 393 17.83 14.31 18.55
N LEU D 394 18.78 13.40 18.85
CA LEU D 394 18.68 12.49 19.99
C LEU D 394 19.00 13.25 21.28
N SER D 395 20.04 14.13 21.26
CA SER D 395 20.48 14.96 22.38
C SER D 395 19.33 15.83 22.92
N SER D 396 18.49 16.36 21.99
CA SER D 396 17.30 17.18 22.30
C SER D 396 16.32 16.38 23.14
N LEU D 397 16.09 15.11 22.78
CA LEU D 397 15.18 14.21 23.49
C LEU D 397 15.74 13.80 24.86
N ILE D 398 17.06 13.51 24.93
CA ILE D 398 17.75 13.12 26.17
C ILE D 398 17.61 14.24 27.24
N HIS D 399 17.92 15.49 26.86
CA HIS D 399 17.86 16.63 27.76
C HIS D 399 16.44 17.08 28.10
N ALA D 400 15.48 16.91 27.17
CA ALA D 400 14.08 17.28 27.42
C ALA D 400 13.47 16.36 28.49
N LEU D 401 13.79 15.06 28.44
CA LEU D 401 13.34 14.04 29.39
C LEU D 401 14.00 14.20 30.76
N ASP D 402 15.29 14.62 30.78
CA ASP D 402 16.07 14.83 32.00
C ASP D 402 15.53 16.01 32.82
N ASP D 403 15.33 17.17 32.17
CA ASP D 403 14.83 18.41 32.79
C ASP D 403 13.39 18.28 33.28
N LEU D 404 12.54 17.57 32.51
CA LEU D 404 11.13 17.36 32.87
C LEU D 404 10.93 16.19 33.85
N ASP D 405 12.00 15.44 34.18
CA ASP D 405 12.01 14.24 35.03
C ASP D 405 11.00 13.22 34.47
N MET D 406 11.18 12.89 33.18
CA MET D 406 10.32 11.99 32.44
C MET D 406 11.10 10.90 31.69
N VAL D 407 10.38 9.85 31.26
CA VAL D 407 10.92 8.70 30.53
C VAL D 407 10.11 8.49 29.24
N ALA D 408 10.55 7.55 28.39
CA ALA D 408 9.85 7.25 27.15
C ALA D 408 9.46 5.80 27.08
N ILE D 409 8.15 5.52 26.93
CA ILE D 409 7.62 4.17 26.76
C ILE D 409 7.73 3.87 25.27
N VAL D 410 8.58 2.89 24.90
CA VAL D 410 8.84 2.57 23.49
C VAL D 410 8.53 1.11 23.14
N ARG D 411 8.37 0.84 21.83
CA ARG D 411 8.16 -0.49 21.25
C ARG D 411 9.46 -0.89 20.56
N TYR D 412 10.01 -2.07 20.90
CA TYR D 412 11.27 -2.53 20.33
C TYR D 412 11.23 -3.98 19.82
N ALA D 413 11.94 -4.22 18.70
CA ALA D 413 12.14 -5.49 18.01
C ALA D 413 13.43 -5.37 17.18
N TYR D 414 14.36 -6.33 17.32
CA TYR D 414 15.61 -6.28 16.55
C TYR D 414 15.41 -6.59 15.06
N ASP D 415 14.39 -7.43 14.72
CA ASP D 415 14.05 -7.79 13.35
C ASP D 415 12.54 -8.04 13.18
N LYS D 416 12.07 -8.21 11.93
CA LYS D 416 10.65 -8.46 11.64
C LYS D 416 10.17 -9.84 12.13
N ARG D 417 11.10 -10.81 12.25
CA ARG D 417 10.82 -12.16 12.72
C ARG D 417 10.68 -12.21 14.24
N ALA D 418 11.45 -11.36 14.95
CA ALA D 418 11.46 -11.25 16.41
C ALA D 418 10.14 -10.75 17.02
N ASN D 419 9.82 -11.24 18.23
CA ASN D 419 8.63 -10.88 19.01
C ASN D 419 8.74 -9.45 19.56
N PRO D 420 7.65 -8.65 19.46
CA PRO D 420 7.72 -7.25 19.94
C PRO D 420 7.79 -7.12 21.45
N GLN D 421 8.46 -6.04 21.88
CA GLN D 421 8.66 -5.71 23.29
C GLN D 421 8.17 -4.29 23.57
N VAL D 422 7.82 -4.02 24.83
CA VAL D 422 7.40 -2.71 25.33
C VAL D 422 8.30 -2.42 26.54
N GLY D 423 9.02 -1.31 26.50
CA GLY D 423 9.92 -0.95 27.58
C GLY D 423 10.13 0.54 27.80
N VAL D 424 11.01 0.85 28.76
CA VAL D 424 11.38 2.20 29.16
C VAL D 424 12.67 2.63 28.48
N ALA D 425 12.73 3.89 28.03
CA ALA D 425 13.89 4.52 27.41
C ALA D 425 14.11 5.79 28.21
N PHE D 426 15.07 5.76 29.15
CA PHE D 426 15.33 6.88 30.06
C PHE D 426 16.66 7.60 29.80
N PRO D 427 16.76 8.93 30.08
CA PRO D 427 18.03 9.63 29.84
C PRO D 427 19.17 9.17 30.74
N HIS D 428 20.41 9.31 30.25
CA HIS D 428 21.64 8.94 30.93
C HIS D 428 22.75 9.85 30.43
N ILE D 429 22.96 10.96 31.15
CA ILE D 429 23.96 11.97 30.78
C ILE D 429 25.17 11.90 31.71
N LYS D 430 26.34 11.73 31.12
CA LYS D 430 27.63 11.72 31.81
C LYS D 430 28.51 12.82 31.18
N HIS D 431 29.63 13.16 31.84
CA HIS D 431 30.56 14.20 31.38
C HIS D 431 31.12 13.94 29.98
N ASN D 432 31.42 12.67 29.67
CA ASN D 432 32.03 12.24 28.40
C ASN D 432 31.02 11.80 27.33
N TYR D 433 30.01 10.99 27.70
CA TYR D 433 28.99 10.49 26.75
C TYR D 433 27.55 10.85 27.13
N GLU D 434 26.63 10.71 26.16
CA GLU D 434 25.21 11.01 26.29
C GLU D 434 24.39 9.94 25.57
N CYS D 435 23.41 9.32 26.26
CA CYS D 435 22.59 8.26 25.66
C CYS D 435 21.27 8.03 26.39
N LEU D 436 20.38 7.27 25.74
CA LEU D 436 19.11 6.79 26.28
C LEU D 436 19.36 5.34 26.71
N VAL D 437 18.72 4.89 27.80
CA VAL D 437 18.90 3.51 28.26
C VAL D 437 17.59 2.75 28.16
N TYR D 438 17.57 1.70 27.31
CA TYR D 438 16.39 0.86 27.12
C TYR D 438 16.45 -0.37 28.00
N VAL D 439 15.36 -0.61 28.75
CA VAL D 439 15.16 -1.79 29.62
C VAL D 439 13.71 -2.23 29.36
N GLN D 440 13.50 -3.53 29.04
CA GLN D 440 12.19 -4.09 28.74
C GLN D 440 11.26 -4.04 29.94
N LEU D 441 9.98 -3.68 29.70
CA LEU D 441 8.96 -3.61 30.75
C LEU D 441 7.96 -4.77 30.61
N PRO D 442 7.04 -5.05 31.57
CA PRO D 442 6.16 -6.22 31.41
C PRO D 442 4.85 -5.99 30.71
N PHE D 443 4.30 -7.09 30.19
CA PHE D 443 2.97 -7.17 29.58
C PHE D 443 2.06 -7.63 30.72
N MET D 444 0.73 -7.44 30.57
CA MET D 444 -0.28 -7.83 31.57
C MET D 444 -0.17 -9.29 31.99
N GLU D 445 0.10 -10.19 31.02
CA GLU D 445 0.26 -11.64 31.19
C GLU D 445 1.44 -12.00 32.09
N ASP D 446 2.51 -11.20 32.05
CA ASP D 446 3.75 -11.40 32.83
C ASP D 446 3.58 -11.11 34.31
N LEU D 447 2.69 -10.15 34.66
CA LEU D 447 2.42 -9.74 36.03
C LEU D 447 1.67 -10.82 36.85
N ARG D 448 2.02 -10.92 38.14
CA ARG D 448 1.43 -11.88 39.08
C ARG D 448 0.99 -11.13 40.35
N GLN D 449 -0.27 -11.36 40.76
CA GLN D 449 -0.86 -10.68 41.91
C GLN D 449 -1.13 -11.59 43.10
N TYR D 450 -0.35 -11.41 44.19
CA TYR D 450 -0.50 -12.13 45.45
C TYR D 450 -0.61 -11.12 46.57
N MET D 451 -1.24 -11.48 47.69
CA MET D 451 -1.33 -10.58 48.84
C MET D 451 -0.62 -11.15 50.06
N PHE D 452 0.31 -10.35 50.61
CA PHE D 452 1.15 -10.68 51.75
C PHE D 452 0.65 -9.95 53.00
N SER D 453 0.88 -10.54 54.19
CA SER D 453 0.46 -9.94 55.45
C SER D 453 1.24 -8.66 55.78
N SER D 454 0.54 -7.67 56.37
CA SER D 454 1.13 -6.39 56.79
C SER D 454 2.07 -6.61 57.97
N LEU D 455 3.12 -5.79 58.07
CA LEU D 455 4.11 -5.93 59.14
C LEU D 455 4.26 -4.68 60.00
N LYS D 456 3.97 -3.48 59.43
CA LYS D 456 4.09 -2.16 60.06
C LYS D 456 3.44 -2.09 61.47
N ASN D 457 2.24 -2.67 61.63
CA ASN D 457 1.55 -2.65 62.91
C ASN D 457 1.10 -4.05 63.39
N SER D 458 1.91 -5.09 63.04
CA SER D 458 1.64 -6.48 63.44
C SER D 458 2.01 -6.69 64.90
N LYS D 459 0.98 -6.83 65.77
CA LYS D 459 1.10 -7.00 67.21
C LYS D 459 1.94 -8.22 67.62
N LYS D 460 1.83 -9.34 66.88
CA LYS D 460 2.55 -10.59 67.14
C LYS D 460 4.04 -10.56 66.78
N TYR D 461 4.41 -9.79 65.73
CA TYR D 461 5.80 -9.69 65.26
C TYR D 461 6.48 -8.33 65.46
N ALA D 462 5.81 -7.38 66.15
CA ALA D 462 6.37 -6.04 66.41
C ALA D 462 7.62 -6.11 67.31
N PRO D 463 8.77 -5.56 66.86
CA PRO D 463 9.97 -5.62 67.71
C PRO D 463 9.96 -4.57 68.81
N THR D 464 10.64 -4.86 69.94
CA THR D 464 10.74 -3.93 71.07
C THR D 464 11.69 -2.78 70.74
N GLU D 465 11.67 -1.71 71.56
CA GLU D 465 12.54 -0.54 71.38
C GLU D 465 14.01 -0.95 71.48
N ALA D 466 14.33 -1.92 72.36
CA ALA D 466 15.66 -2.48 72.56
C ALA D 466 16.08 -3.31 71.34
N GLN D 467 15.13 -4.05 70.73
CA GLN D 467 15.33 -4.89 69.55
C GLN D 467 15.66 -4.04 68.33
N LEU D 468 14.92 -2.93 68.14
CA LEU D 468 15.11 -1.98 67.02
C LEU D 468 16.45 -1.25 67.14
N ASN D 469 16.81 -0.82 68.36
CA ASN D 469 18.08 -0.13 68.63
C ASN D 469 19.30 -1.05 68.50
N ALA D 470 19.08 -2.38 68.50
CA ALA D 470 20.12 -3.39 68.34
C ALA D 470 20.42 -3.58 66.85
N VAL D 471 19.37 -3.58 66.00
CA VAL D 471 19.45 -3.70 64.54
C VAL D 471 20.01 -2.39 63.98
N ASP D 472 19.67 -1.23 64.60
CA ASP D 472 20.16 0.10 64.24
C ASP D 472 21.69 0.14 64.33
N ALA D 473 22.25 -0.45 65.40
CA ALA D 473 23.69 -0.55 65.66
C ALA D 473 24.36 -1.52 64.70
N LEU D 474 23.63 -2.57 64.27
CA LEU D 474 24.10 -3.59 63.35
C LEU D 474 24.34 -3.00 61.96
N ILE D 475 23.37 -2.23 61.45
CA ILE D 475 23.42 -1.59 60.12
C ILE D 475 24.55 -0.54 60.08
N ASP D 476 24.73 0.23 61.17
CA ASP D 476 25.80 1.23 61.27
C ASP D 476 27.18 0.57 61.27
N SER D 477 27.31 -0.58 61.97
CA SER D 477 28.55 -1.35 62.07
C SER D 477 28.88 -2.08 60.78
N MET D 478 27.86 -2.63 60.10
CA MET D 478 28.03 -3.38 58.87
C MET D 478 27.83 -2.54 57.58
N SER D 479 28.03 -1.21 57.64
CA SER D 479 27.89 -0.34 56.47
C SER D 479 29.05 -0.53 55.52
N LEU D 480 28.74 -0.68 54.21
CA LEU D 480 29.74 -0.90 53.16
C LEU D 480 30.13 0.39 52.41
N ALA D 481 29.89 1.56 53.04
CA ALA D 481 30.23 2.85 52.44
C ALA D 481 30.85 3.80 53.45
N LYS D 482 31.82 4.60 52.98
CA LYS D 482 32.55 5.59 53.78
C LYS D 482 32.38 6.97 53.14
N LYS D 483 32.23 8.00 53.97
CA LYS D 483 32.04 9.37 53.50
C LYS D 483 33.01 10.35 54.15
N ASP D 484 33.77 11.10 53.34
CA ASP D 484 34.67 12.16 53.80
C ASP D 484 33.87 13.46 53.82
N GLU D 485 33.89 14.19 54.95
CA GLU D 485 33.10 15.40 55.15
C GLU D 485 33.57 16.60 54.31
N LYS D 486 34.86 16.61 53.90
CA LYS D 486 35.40 17.68 53.06
C LYS D 486 34.94 17.49 51.60
N THR D 487 35.05 16.24 51.10
CA THR D 487 34.63 15.91 49.74
C THR D 487 33.10 15.83 49.60
N ASP D 488 32.40 15.39 50.68
CA ASP D 488 30.95 15.16 50.75
C ASP D 488 30.47 14.17 49.65
N THR D 489 31.39 13.25 49.25
CA THR D 489 31.20 12.20 48.24
C THR D 489 31.26 10.84 48.94
N LEU D 490 30.37 9.93 48.53
CA LEU D 490 30.26 8.58 49.08
C LEU D 490 31.17 7.58 48.37
N GLU D 491 32.03 6.89 49.14
CA GLU D 491 32.98 5.89 48.66
C GLU D 491 32.50 4.48 49.01
N ASP D 492 32.30 3.63 47.99
CA ASP D 492 31.88 2.24 48.17
C ASP D 492 33.06 1.37 48.57
N LEU D 493 32.91 0.57 49.64
CA LEU D 493 33.96 -0.31 50.17
C LEU D 493 33.87 -1.72 49.61
N PHE D 494 32.75 -2.05 48.93
CA PHE D 494 32.57 -3.37 48.35
C PHE D 494 31.99 -3.29 46.91
N PRO D 495 32.61 -2.57 45.94
CA PRO D 495 32.05 -2.59 44.57
C PRO D 495 32.07 -3.98 43.96
N THR D 496 30.91 -4.67 43.95
CA THR D 496 30.73 -6.05 43.45
C THR D 496 30.74 -6.12 41.92
N THR D 497 30.27 -5.04 41.27
CA THR D 497 30.21 -4.91 39.81
C THR D 497 31.61 -4.85 39.17
N LYS D 498 32.66 -4.67 39.99
CA LYS D 498 34.06 -4.63 39.58
C LYS D 498 34.71 -6.01 39.74
N ILE D 499 34.15 -6.88 40.60
CA ILE D 499 34.63 -8.23 40.87
C ILE D 499 34.25 -9.14 39.69
N PRO D 500 35.20 -9.95 39.14
CA PRO D 500 34.84 -10.87 38.06
C PRO D 500 34.09 -12.09 38.61
N ASN D 501 33.19 -12.68 37.81
CA ASN D 501 32.39 -13.87 38.18
C ASN D 501 33.34 -15.03 38.52
N PRO D 502 33.37 -15.51 39.80
CA PRO D 502 34.29 -16.58 40.18
C PRO D 502 34.16 -17.88 39.41
N ARG D 503 33.02 -18.10 38.72
CA ARG D 503 32.73 -19.28 37.91
C ARG D 503 33.81 -19.60 36.89
N PHE D 504 34.30 -18.57 36.16
CA PHE D 504 35.26 -18.73 35.07
C PHE D 504 36.66 -19.11 35.52
N GLN D 505 37.29 -18.30 36.40
CA GLN D 505 38.65 -18.61 36.86
C GLN D 505 38.72 -19.91 37.68
N ARG D 506 37.59 -20.32 38.30
CA ARG D 506 37.48 -21.58 39.03
C ARG D 506 37.45 -22.75 38.04
N LEU D 507 36.69 -22.57 36.92
CA LEU D 507 36.59 -23.58 35.86
C LEU D 507 37.95 -23.77 35.20
N PHE D 508 38.64 -22.65 34.88
CA PHE D 508 39.95 -22.65 34.24
C PHE D 508 41.01 -23.36 35.09
N GLN D 509 40.95 -23.15 36.42
CA GLN D 509 41.83 -23.74 37.43
C GLN D 509 41.74 -25.27 37.33
N CYS D 510 40.51 -25.80 37.36
CA CYS D 510 40.17 -27.22 37.29
C CYS D 510 40.50 -27.83 35.94
N LEU D 511 40.19 -27.11 34.83
CA LEU D 511 40.48 -27.54 33.47
C LEU D 511 41.98 -27.70 33.26
N LEU D 512 42.78 -26.73 33.76
CA LEU D 512 44.24 -26.76 33.67
C LEU D 512 44.83 -27.84 34.56
N HIS D 513 44.33 -27.97 35.81
CA HIS D 513 44.81 -28.98 36.76
C HIS D 513 44.64 -30.40 36.22
N ARG D 514 43.50 -30.70 35.54
CA ARG D 514 43.24 -32.01 34.95
C ARG D 514 44.13 -32.24 33.71
N ALA D 515 44.41 -31.16 32.96
CA ALA D 515 45.24 -31.19 31.76
C ALA D 515 46.71 -31.50 32.09
N LEU D 516 47.22 -30.94 33.21
CA LEU D 516 48.62 -31.13 33.64
C LEU D 516 48.82 -32.28 34.62
N HIS D 517 47.87 -32.45 35.57
CA HIS D 517 47.90 -33.50 36.59
C HIS D 517 46.65 -34.37 36.43
N PRO D 518 46.66 -35.37 35.51
CA PRO D 518 45.45 -36.17 35.28
C PRO D 518 45.09 -37.16 36.39
N ARG D 519 46.10 -37.70 37.11
CA ARG D 519 45.92 -38.67 38.19
C ARG D 519 45.34 -38.05 39.46
N GLU D 520 45.76 -36.81 39.80
CA GLU D 520 45.32 -36.07 40.99
C GLU D 520 43.86 -35.63 40.88
N PRO D 521 43.08 -35.59 41.98
CA PRO D 521 41.69 -35.09 41.88
C PRO D 521 41.63 -33.57 41.80
N LEU D 522 40.45 -32.99 41.56
CA LEU D 522 40.27 -31.54 41.42
C LEU D 522 40.77 -30.74 42.64
N PRO D 523 41.48 -29.61 42.40
CA PRO D 523 41.98 -28.81 43.54
C PRO D 523 40.91 -27.96 44.21
N PRO D 524 41.10 -27.51 45.47
CA PRO D 524 40.05 -26.68 46.10
C PRO D 524 40.06 -25.25 45.61
N ILE D 525 38.98 -24.48 45.90
CA ILE D 525 38.84 -23.06 45.52
C ILE D 525 39.99 -22.27 46.15
N GLN D 526 40.75 -21.51 45.33
CA GLN D 526 41.88 -20.71 45.79
C GLN D 526 41.43 -19.65 46.78
N GLN D 527 42.17 -19.48 47.89
CA GLN D 527 41.85 -18.56 48.98
C GLN D 527 41.59 -17.12 48.52
N HIS D 528 42.35 -16.61 47.53
CA HIS D 528 42.15 -15.26 47.02
C HIS D 528 40.77 -15.07 46.37
N ILE D 529 40.18 -16.15 45.80
CA ILE D 529 38.84 -16.15 45.22
C ILE D 529 37.82 -15.99 46.36
N TRP D 530 38.07 -16.66 47.50
CA TRP D 530 37.19 -16.54 48.66
C TRP D 530 37.33 -15.18 49.33
N ASN D 531 38.57 -14.64 49.35
CA ASN D 531 38.90 -13.34 49.94
C ASN D 531 38.20 -12.20 49.21
N MET D 532 38.11 -12.29 47.87
CA MET D 532 37.47 -11.26 47.06
C MET D 532 35.94 -11.31 47.16
N LEU D 533 35.37 -12.49 47.50
CA LEU D 533 33.93 -12.66 47.61
C LEU D 533 33.41 -12.23 48.99
N ASN D 534 34.24 -12.32 50.04
CA ASN D 534 33.86 -11.94 51.41
C ASN D 534 34.03 -10.42 51.68
N PRO D 535 33.22 -9.81 52.59
CA PRO D 535 33.35 -8.37 52.86
C PRO D 535 34.68 -7.94 53.49
N PRO D 536 35.06 -6.63 53.46
CA PRO D 536 36.34 -6.23 54.08
C PRO D 536 36.46 -6.62 55.56
N ALA D 537 37.66 -7.08 55.97
CA ALA D 537 37.96 -7.54 57.34
C ALA D 537 37.46 -6.59 58.42
N GLU D 538 37.50 -5.26 58.15
CA GLU D 538 37.05 -4.20 59.05
C GLU D 538 35.54 -4.25 59.28
N VAL D 539 34.76 -4.64 58.24
CA VAL D 539 33.30 -4.76 58.32
C VAL D 539 32.93 -6.01 59.16
N THR D 540 33.65 -7.13 58.95
CA THR D 540 33.47 -8.40 59.66
C THR D 540 33.80 -8.25 61.15
N THR D 541 34.89 -7.51 61.48
CA THR D 541 35.35 -7.26 62.85
C THR D 541 34.39 -6.34 63.61
N LYS D 542 33.93 -5.23 62.96
CA LYS D 542 33.00 -4.27 63.53
C LYS D 542 31.65 -4.91 63.92
N SER D 543 31.15 -5.81 63.06
CA SER D 543 29.88 -6.53 63.20
C SER D 543 29.81 -7.56 64.34
N GLN D 544 30.98 -8.05 64.83
CA GLN D 544 31.09 -9.08 65.88
C GLN D 544 30.24 -8.82 67.12
N ILE D 545 30.40 -7.63 67.74
CA ILE D 545 29.71 -7.19 68.97
C ILE D 545 28.18 -7.02 68.74
N PRO D 546 27.67 -6.24 67.73
CA PRO D 546 26.20 -6.14 67.56
C PRO D 546 25.52 -7.45 67.16
N LEU D 547 26.23 -8.36 66.44
CA LEU D 547 25.68 -9.66 66.01
C LEU D 547 25.41 -10.58 67.21
N SER D 548 26.34 -10.58 68.21
CA SER D 548 26.17 -11.36 69.44
C SER D 548 24.99 -10.81 70.24
N LYS D 549 24.80 -9.47 70.20
CA LYS D 549 23.72 -8.76 70.88
C LYS D 549 22.36 -9.03 70.25
N ILE D 550 22.29 -9.11 68.90
CA ILE D 550 21.02 -9.40 68.21
C ILE D 550 20.66 -10.89 68.35
N LYS D 551 21.68 -11.77 68.55
CA LYS D 551 21.46 -13.21 68.72
C LYS D 551 20.64 -13.51 69.99
N THR D 552 21.01 -12.87 71.12
CA THR D 552 20.35 -13.03 72.41
C THR D 552 18.97 -12.33 72.44
N LEU D 553 18.87 -11.14 71.83
CA LEU D 553 17.64 -10.34 71.77
C LEU D 553 16.57 -10.92 70.84
N PHE D 554 16.98 -11.55 69.72
CA PHE D 554 16.07 -12.15 68.75
C PHE D 554 16.09 -13.68 68.86
N PRO D 555 15.06 -14.31 69.47
CA PRO D 555 15.04 -15.77 69.59
C PRO D 555 14.66 -16.45 68.28
N LEU D 556 15.45 -17.46 67.88
CA LEU D 556 15.23 -18.23 66.66
C LEU D 556 15.27 -19.72 66.94
N ILE D 557 14.26 -20.46 66.43
CA ILE D 557 14.16 -21.91 66.63
C ILE D 557 13.53 -22.60 65.41
N GLU D 558 14.03 -23.80 65.08
CA GLU D 558 13.58 -24.61 63.96
C GLU D 558 12.28 -25.37 64.25
N ALA D 559 11.51 -25.69 63.19
CA ALA D 559 10.26 -26.44 63.28
C ALA D 559 10.52 -27.95 63.20
N ARG E 35 6.33 21.74 -46.63
CA ARG E 35 7.50 21.69 -45.76
C ARG E 35 8.16 23.07 -45.56
N ASP E 36 7.88 23.68 -44.39
CA ASP E 36 8.38 25.00 -43.97
C ASP E 36 9.70 24.86 -43.23
N SER E 37 10.62 25.79 -43.49
CA SER E 37 11.94 25.77 -42.86
C SER E 37 12.07 26.80 -41.75
N LEU E 38 12.60 26.38 -40.59
CA LEU E 38 12.79 27.24 -39.41
C LEU E 38 14.22 27.08 -38.87
N ILE E 39 14.95 28.21 -38.74
CA ILE E 39 16.34 28.20 -38.26
C ILE E 39 16.48 28.94 -36.92
N PHE E 40 17.06 28.25 -35.92
CA PHE E 40 17.32 28.81 -34.59
C PHE E 40 18.76 29.34 -34.54
N LEU E 41 18.90 30.67 -34.45
CA LEU E 41 20.19 31.35 -34.38
C LEU E 41 20.44 31.77 -32.93
N VAL E 42 21.52 31.24 -32.32
CA VAL E 42 21.84 31.53 -30.91
C VAL E 42 23.18 32.24 -30.76
N ASP E 43 23.17 33.37 -30.02
CA ASP E 43 24.35 34.17 -29.68
C ASP E 43 25.17 33.40 -28.66
N ALA E 44 26.49 33.31 -28.86
CA ALA E 44 27.39 32.61 -27.96
C ALA E 44 28.51 33.51 -27.42
N SER E 45 28.18 34.80 -27.19
CA SER E 45 29.13 35.77 -26.63
C SER E 45 29.17 35.63 -25.10
N LYS E 46 30.19 36.26 -24.46
CA LYS E 46 30.43 36.23 -23.01
C LYS E 46 29.18 36.58 -22.17
N ALA E 47 28.38 37.57 -22.62
CA ALA E 47 27.16 38.03 -21.95
C ALA E 47 26.05 36.98 -21.87
N MET E 48 25.95 36.09 -22.86
CA MET E 48 24.95 35.03 -22.95
C MET E 48 25.09 33.91 -21.91
N PHE E 49 26.30 33.72 -21.36
CA PHE E 49 26.60 32.68 -20.37
C PHE E 49 26.58 33.18 -18.92
N GLU E 50 26.16 34.44 -18.71
CA GLU E 50 26.11 35.07 -17.37
C GLU E 50 24.67 35.25 -16.89
N SER E 51 24.39 34.78 -15.66
CA SER E 51 23.07 34.90 -15.02
C SER E 51 22.99 36.24 -14.27
N GLN E 52 21.80 36.88 -14.29
CA GLN E 52 21.53 38.17 -13.63
C GLN E 52 21.39 38.03 -12.10
N SER E 53 22.44 37.46 -11.44
CA SER E 53 22.57 37.19 -10.01
C SER E 53 21.27 36.62 -9.38
N GLU E 54 20.70 35.59 -10.05
CA GLU E 54 19.45 34.92 -9.67
C GLU E 54 19.53 33.40 -9.81
N ASP E 55 18.48 32.69 -9.32
CA ASP E 55 18.32 31.24 -9.40
C ASP E 55 17.88 30.84 -10.82
N GLU E 56 17.48 31.84 -11.64
CA GLU E 56 17.05 31.69 -13.03
C GLU E 56 18.23 31.31 -13.95
N LEU E 57 17.93 30.54 -15.01
CA LEU E 57 18.87 30.05 -16.02
C LEU E 57 19.51 31.16 -16.85
N THR E 58 20.74 30.93 -17.35
CA THR E 58 21.48 31.86 -18.21
C THR E 58 20.75 32.03 -19.56
N PRO E 59 20.84 33.20 -20.24
CA PRO E 59 20.15 33.37 -21.54
C PRO E 59 20.42 32.25 -22.56
N PHE E 60 21.63 31.67 -22.54
CA PHE E 60 22.04 30.56 -23.41
C PHE E 60 21.27 29.28 -23.06
N ASP E 61 21.20 28.93 -21.76
CA ASP E 61 20.51 27.75 -21.23
C ASP E 61 19.03 27.77 -21.61
N MET E 62 18.41 28.97 -21.52
CA MET E 62 17.00 29.22 -21.87
C MET E 62 16.76 28.87 -23.33
N SER E 63 17.69 29.31 -24.21
CA SER E 63 17.64 29.12 -25.67
C SER E 63 17.73 27.64 -26.02
N ILE E 64 18.79 26.94 -25.54
CA ILE E 64 19.05 25.52 -25.75
C ILE E 64 17.84 24.66 -25.37
N GLN E 65 17.24 24.96 -24.21
CA GLN E 65 16.06 24.27 -23.72
C GLN E 65 14.81 24.56 -24.54
N CYS E 66 14.64 25.84 -24.97
CA CYS E 66 13.51 26.28 -25.80
C CYS E 66 13.50 25.57 -27.16
N ILE E 67 14.67 25.50 -27.83
CA ILE E 67 14.86 24.84 -29.12
C ILE E 67 14.51 23.35 -28.99
N GLN E 68 15.08 22.70 -27.96
CA GLN E 68 14.86 21.29 -27.63
C GLN E 68 13.36 21.01 -27.46
N SER E 69 12.65 21.90 -26.74
CA SER E 69 11.21 21.81 -26.47
C SER E 69 10.38 21.86 -27.75
N VAL E 70 10.77 22.74 -28.70
CA VAL E 70 10.12 22.90 -30.00
C VAL E 70 10.31 21.60 -30.81
N TYR E 71 11.56 21.07 -30.85
CA TYR E 71 11.93 19.83 -31.54
C TYR E 71 11.04 18.65 -31.08
N ILE E 72 10.88 18.49 -29.74
CA ILE E 72 10.05 17.44 -29.13
C ILE E 72 8.57 17.64 -29.50
N SER E 73 8.08 18.90 -29.39
CA SER E 73 6.71 19.29 -29.71
C SER E 73 6.35 18.99 -31.17
N LYS E 74 7.30 19.21 -32.09
CA LYS E 74 7.15 19.00 -33.53
C LYS E 74 6.98 17.51 -33.89
N ILE E 75 7.63 16.61 -33.11
CA ILE E 75 7.55 15.15 -33.31
C ILE E 75 6.18 14.64 -32.88
N ILE E 76 5.70 15.09 -31.69
CA ILE E 76 4.39 14.73 -31.12
C ILE E 76 3.28 15.23 -32.04
N SER E 77 3.29 16.53 -32.37
CA SER E 77 2.29 17.17 -33.25
C SER E 77 2.38 16.72 -34.73
N SER E 78 3.41 15.90 -35.06
CA SER E 78 3.69 15.33 -36.37
C SER E 78 3.81 16.39 -37.48
N ASP E 79 4.43 17.55 -37.15
CA ASP E 79 4.64 18.65 -38.09
C ASP E 79 5.77 18.30 -39.04
N ARG E 80 5.50 18.45 -40.35
CA ARG E 80 6.41 18.14 -41.45
C ARG E 80 7.59 19.15 -41.58
N ASP E 81 7.57 20.23 -40.75
CA ASP E 81 8.55 21.31 -40.71
C ASP E 81 10.00 20.86 -40.51
N LEU E 82 10.93 21.53 -41.21
CA LEU E 82 12.38 21.30 -41.18
C LEU E 82 13.04 22.31 -40.25
N LEU E 83 13.91 21.83 -39.34
CA LEU E 83 14.59 22.68 -38.35
C LEU E 83 16.10 22.72 -38.50
N ALA E 84 16.74 23.79 -37.96
CA ALA E 84 18.19 24.00 -37.99
C ALA E 84 18.70 24.76 -36.76
N VAL E 85 19.96 24.52 -36.36
CA VAL E 85 20.58 25.16 -35.18
C VAL E 85 21.92 25.78 -35.60
N VAL E 86 22.01 27.12 -35.56
CA VAL E 86 23.21 27.88 -35.94
C VAL E 86 23.68 28.75 -34.76
N PHE E 87 24.99 28.75 -34.47
CA PHE E 87 25.59 29.56 -33.42
C PHE E 87 26.54 30.58 -34.01
N TYR E 88 26.67 31.75 -33.34
CA TYR E 88 27.60 32.79 -33.76
C TYR E 88 28.36 33.37 -32.56
N GLY E 89 29.58 33.84 -32.80
CA GLY E 89 30.44 34.36 -31.76
C GLY E 89 31.25 33.28 -31.08
N THR E 90 31.37 32.12 -31.77
CA THR E 90 32.13 30.94 -31.33
C THR E 90 33.49 30.99 -32.03
N GLU E 91 34.57 30.54 -31.38
CA GLU E 91 35.90 30.53 -32.01
C GLU E 91 35.94 29.56 -33.20
N LYS E 92 35.48 28.31 -32.99
CA LYS E 92 35.42 27.26 -34.01
C LYS E 92 34.26 27.56 -34.97
N ASP E 93 34.57 27.60 -36.28
CA ASP E 93 33.57 27.88 -37.30
C ASP E 93 33.30 26.68 -38.20
N LYS E 94 32.01 26.35 -38.39
CA LYS E 94 31.57 25.25 -39.23
C LYS E 94 30.46 25.75 -40.15
N ASN E 95 30.81 26.13 -41.39
CA ASN E 95 29.89 26.61 -42.41
C ASN E 95 30.44 26.43 -43.82
N SER E 96 29.52 26.49 -44.82
CA SER E 96 29.74 26.30 -46.24
C SER E 96 30.98 26.95 -46.81
N VAL E 97 31.20 28.26 -46.55
CA VAL E 97 32.34 28.99 -47.10
C VAL E 97 33.43 29.33 -46.07
N ASN E 98 33.39 28.66 -44.90
CA ASN E 98 34.33 28.83 -43.79
C ASN E 98 34.46 30.30 -43.34
N PHE E 99 33.30 30.97 -43.17
CA PHE E 99 33.19 32.35 -42.68
C PHE E 99 33.50 32.28 -41.20
N LYS E 100 34.40 33.13 -40.72
CA LYS E 100 34.86 33.12 -39.34
C LYS E 100 33.76 33.36 -38.28
N ASN E 101 33.84 32.56 -37.21
CA ASN E 101 33.04 32.57 -35.98
C ASN E 101 31.54 32.23 -36.17
N ILE E 102 31.22 31.35 -37.12
CA ILE E 102 29.84 30.87 -37.38
C ILE E 102 29.82 29.33 -37.36
N TYR E 103 29.13 28.74 -36.37
CA TYR E 103 29.03 27.28 -36.25
C TYR E 103 27.62 26.76 -36.52
N VAL E 104 27.44 26.09 -37.68
CA VAL E 104 26.17 25.48 -38.07
C VAL E 104 26.15 24.07 -37.47
N LEU E 105 25.53 23.94 -36.29
CA LEU E 105 25.44 22.68 -35.56
C LEU E 105 24.57 21.66 -36.29
N GLN E 106 23.38 22.09 -36.74
CA GLN E 106 22.42 21.25 -37.45
C GLN E 106 21.88 21.94 -38.70
N GLU E 107 21.97 21.24 -39.85
CA GLU E 107 21.46 21.71 -41.14
C GLU E 107 19.92 21.62 -41.14
N LEU E 108 19.27 22.17 -42.18
CA LEU E 108 17.80 22.11 -42.27
C LEU E 108 17.30 20.70 -42.59
N ASP E 109 16.65 20.07 -41.60
CA ASP E 109 16.08 18.71 -41.70
C ASP E 109 15.03 18.48 -40.62
N ASN E 110 14.22 17.42 -40.77
CA ASN E 110 13.16 16.99 -39.85
C ASN E 110 13.72 16.72 -38.43
N PRO E 111 12.91 16.89 -37.36
CA PRO E 111 13.43 16.62 -36.01
C PRO E 111 13.65 15.13 -35.75
N GLY E 112 14.70 14.81 -35.02
CA GLY E 112 15.05 13.43 -34.69
C GLY E 112 15.46 13.22 -33.25
N ALA E 113 15.51 11.94 -32.83
CA ALA E 113 15.91 11.54 -31.48
C ALA E 113 17.39 11.82 -31.20
N LYS E 114 18.27 11.60 -32.21
CA LYS E 114 19.70 11.84 -32.10
C LYS E 114 20.00 13.34 -32.08
N ARG E 115 19.16 14.14 -32.79
CA ARG E 115 19.28 15.60 -32.87
C ARG E 115 18.99 16.28 -31.53
N ILE E 116 17.94 15.81 -30.83
CA ILE E 116 17.53 16.30 -29.50
C ILE E 116 18.62 15.93 -28.48
N LEU E 117 19.20 14.73 -28.64
CA LEU E 117 20.27 14.21 -27.80
C LEU E 117 21.53 15.09 -27.91
N GLU E 118 21.82 15.61 -29.13
CA GLU E 118 22.96 16.50 -29.39
C GLU E 118 22.75 17.85 -28.68
N LEU E 119 21.50 18.35 -28.67
CA LEU E 119 21.12 19.60 -28.01
C LEU E 119 21.21 19.47 -26.49
N ASP E 120 20.94 18.26 -25.96
CA ASP E 120 20.98 17.94 -24.53
C ASP E 120 22.40 18.01 -23.94
N GLN E 121 23.43 17.89 -24.80
CA GLN E 121 24.84 17.94 -24.42
C GLN E 121 25.29 19.35 -24.01
N PHE E 122 24.47 20.38 -24.31
CA PHE E 122 24.76 21.78 -23.98
C PHE E 122 23.84 22.32 -22.89
N LYS E 123 22.79 21.55 -22.52
CA LYS E 123 21.81 21.87 -21.49
C LYS E 123 22.46 21.81 -20.10
N GLY E 124 22.24 22.86 -19.31
CA GLY E 124 22.76 22.98 -17.95
C GLY E 124 24.13 23.61 -17.81
N GLN E 125 24.60 23.72 -16.55
CA GLN E 125 25.90 24.29 -16.18
C GLN E 125 27.06 23.36 -16.59
N GLN E 126 26.83 22.04 -16.51
CA GLN E 126 27.78 21.00 -16.91
C GLN E 126 27.77 20.91 -18.43
N GLY E 127 26.60 21.15 -19.03
CA GLY E 127 26.41 21.19 -20.47
C GLY E 127 27.07 22.41 -21.10
N GLN E 128 27.07 23.54 -20.35
CA GLN E 128 27.71 24.80 -20.74
C GLN E 128 29.21 24.59 -20.90
N LYS E 129 29.83 23.80 -19.99
CA LYS E 129 31.25 23.44 -20.00
C LYS E 129 31.62 22.70 -21.30
N ARG E 130 30.76 21.75 -21.74
CA ARG E 130 30.92 20.94 -22.94
C ARG E 130 30.90 21.79 -24.21
N PHE E 131 30.06 22.86 -24.22
CA PHE E 131 29.94 23.81 -25.33
C PHE E 131 31.24 24.60 -25.48
N GLN E 132 31.77 25.17 -24.38
CA GLN E 132 33.01 25.96 -24.33
C GLN E 132 34.23 25.15 -24.78
N ASP E 133 34.21 23.82 -24.55
CA ASP E 133 35.30 22.90 -24.91
C ASP E 133 35.30 22.54 -26.40
N MET E 134 34.11 22.19 -26.96
CA MET E 134 33.92 21.82 -28.37
C MET E 134 34.23 23.00 -29.30
N MET E 135 33.63 24.17 -29.02
CA MET E 135 33.79 25.42 -29.76
C MET E 135 33.98 26.60 -28.80
N GLY E 136 34.63 27.66 -29.26
CA GLY E 136 34.89 28.84 -28.45
C GLY E 136 33.69 29.69 -28.13
N HIS E 137 33.94 30.87 -27.51
CA HIS E 137 32.91 31.84 -27.12
C HIS E 137 33.45 33.27 -26.98
N GLY E 138 32.56 34.26 -27.07
CA GLY E 138 32.88 35.68 -26.95
C GLY E 138 33.78 36.22 -28.05
N SER E 139 33.76 35.57 -29.23
CA SER E 139 34.59 35.91 -30.39
C SER E 139 33.95 36.97 -31.25
N ASP E 140 34.79 37.79 -31.94
CA ASP E 140 34.32 38.87 -32.83
C ASP E 140 33.54 38.28 -34.01
N TYR E 141 32.30 38.70 -34.19
CA TYR E 141 31.45 38.23 -35.29
C TYR E 141 31.09 39.36 -36.24
N SER E 142 30.33 39.04 -37.28
CA SER E 142 29.84 39.98 -38.28
C SER E 142 28.43 39.54 -38.67
N LEU E 143 27.40 40.19 -38.07
CA LEU E 143 25.97 39.90 -38.31
C LEU E 143 25.60 39.80 -39.79
N SER E 144 26.30 40.55 -40.66
CA SER E 144 26.11 40.52 -42.11
C SER E 144 26.43 39.12 -42.64
N GLU E 145 27.60 38.56 -42.25
CA GLU E 145 28.05 37.21 -42.63
C GLU E 145 27.19 36.13 -41.94
N VAL E 146 26.77 36.38 -40.69
CA VAL E 146 25.95 35.46 -39.88
C VAL E 146 24.61 35.17 -40.55
N LEU E 147 23.88 36.24 -40.94
CA LEU E 147 22.57 36.13 -41.60
C LEU E 147 22.67 35.54 -42.98
N TRP E 148 23.79 35.81 -43.69
CA TRP E 148 24.05 35.29 -45.03
C TRP E 148 24.18 33.77 -45.01
N VAL E 149 24.92 33.22 -44.01
CA VAL E 149 25.11 31.78 -43.84
C VAL E 149 23.76 31.13 -43.60
N CYS E 150 22.96 31.73 -42.69
CA CYS E 150 21.61 31.29 -42.34
C CYS E 150 20.72 31.21 -43.57
N ALA E 151 20.73 32.26 -44.41
CA ALA E 151 19.96 32.32 -45.64
C ALA E 151 20.38 31.22 -46.60
N ASN E 152 21.70 30.94 -46.69
CA ASN E 152 22.27 29.92 -47.57
C ASN E 152 21.83 28.48 -47.21
N LEU E 153 21.36 28.26 -45.96
CA LEU E 153 20.86 26.96 -45.51
C LEU E 153 19.50 26.63 -46.16
N PHE E 154 18.71 27.67 -46.52
CA PHE E 154 17.40 27.52 -47.15
C PHE E 154 17.52 27.09 -48.62
N SER E 155 18.69 27.29 -49.25
CA SER E 155 18.98 26.95 -50.65
C SER E 155 18.57 25.53 -51.04
N ASP E 156 18.75 24.56 -50.11
CA ASP E 156 18.42 23.15 -50.31
C ASP E 156 16.90 22.88 -50.22
N VAL E 157 16.10 23.91 -49.87
CA VAL E 157 14.63 23.86 -49.76
C VAL E 157 13.99 24.80 -50.84
N GLN E 158 14.68 24.97 -52.01
CA GLN E 158 14.32 25.82 -53.15
C GLN E 158 12.83 25.82 -53.50
N SER E 162 8.13 26.68 -48.62
CA SER E 162 7.00 27.59 -48.39
C SER E 162 7.40 28.82 -47.55
N HIS E 163 7.45 28.70 -46.21
CA HIS E 163 7.84 29.80 -45.33
C HIS E 163 9.26 29.62 -44.79
N LYS E 164 10.08 30.66 -44.93
CA LYS E 164 11.48 30.69 -44.48
C LYS E 164 11.55 31.60 -43.26
N ARG E 165 12.06 31.09 -42.13
CA ARG E 165 12.10 31.87 -40.89
C ARG E 165 13.38 31.65 -40.07
N ILE E 166 13.97 32.77 -39.58
CA ILE E 166 15.16 32.78 -38.73
C ILE E 166 14.77 33.40 -37.37
N MET E 167 15.05 32.67 -36.27
CA MET E 167 14.76 33.12 -34.91
C MET E 167 16.04 33.37 -34.13
N LEU E 168 16.37 34.65 -33.94
CA LEU E 168 17.57 35.12 -33.26
C LEU E 168 17.42 35.26 -31.75
N PHE E 169 18.09 34.38 -30.99
CA PHE E 169 18.11 34.36 -29.54
C PHE E 169 19.36 35.11 -29.09
N THR E 170 19.18 36.33 -28.53
CA THR E 170 20.28 37.18 -28.07
C THR E 170 19.86 38.13 -26.94
N ASN E 171 20.84 38.52 -26.10
CA ASN E 171 20.65 39.45 -24.99
C ASN E 171 21.46 40.76 -25.23
N GLU E 172 22.04 40.91 -26.43
CA GLU E 172 22.80 42.10 -26.83
C GLU E 172 21.90 43.04 -27.64
N ASP E 173 21.50 44.19 -27.03
CA ASP E 173 20.62 45.18 -27.64
C ASP E 173 21.24 46.01 -28.76
N ASN E 174 22.57 46.24 -28.69
CA ASN E 174 23.28 47.01 -29.71
C ASN E 174 24.60 46.33 -30.18
N PRO E 175 24.52 45.22 -30.97
CA PRO E 175 25.77 44.62 -31.49
C PRO E 175 26.33 45.52 -32.58
N HIS E 176 27.66 45.57 -32.71
CA HIS E 176 28.38 46.46 -33.63
C HIS E 176 28.09 47.94 -33.28
N GLY E 177 28.05 48.24 -31.98
CA GLY E 177 27.83 49.60 -31.48
C GLY E 177 29.06 50.46 -31.70
N ASN E 178 30.24 49.83 -31.59
CA ASN E 178 31.56 50.41 -31.80
C ASN E 178 31.89 50.50 -33.29
N ASP E 179 31.51 49.46 -34.09
CA ASP E 179 31.78 49.40 -35.53
C ASP E 179 30.61 49.94 -36.37
N SER E 180 30.83 51.07 -37.04
CA SER E 180 29.82 51.71 -37.89
C SER E 180 29.61 50.95 -39.20
N ALA E 181 30.71 50.45 -39.80
CA ALA E 181 30.72 49.70 -41.07
C ALA E 181 29.98 48.36 -40.94
N LYS E 182 30.32 47.57 -39.89
CA LYS E 182 29.70 46.27 -39.59
C LYS E 182 28.19 46.39 -39.37
N ALA E 183 27.76 47.50 -38.72
CA ALA E 183 26.36 47.80 -38.42
C ALA E 183 25.55 48.07 -39.67
N SER E 184 26.09 48.87 -40.61
CA SER E 184 25.41 49.20 -41.87
C SER E 184 25.35 48.00 -42.81
N ARG E 185 26.43 47.18 -42.85
CA ARG E 185 26.52 45.97 -43.67
C ARG E 185 25.49 44.95 -43.24
N ALA E 186 25.26 44.84 -41.91
CA ALA E 186 24.28 43.95 -41.29
C ALA E 186 22.86 44.36 -41.68
N ARG E 187 22.59 45.68 -41.71
CA ARG E 187 21.29 46.25 -42.08
C ARG E 187 20.94 45.91 -43.52
N THR E 188 21.96 45.91 -44.41
CA THR E 188 21.82 45.62 -45.83
C THR E 188 21.46 44.14 -46.05
N LYS E 189 22.19 43.18 -45.40
CA LYS E 189 21.87 41.75 -45.55
C LYS E 189 20.54 41.40 -44.91
N ALA E 190 20.15 42.10 -43.82
CA ALA E 190 18.86 41.92 -43.15
C ALA E 190 17.75 42.37 -44.11
N GLY E 191 18.00 43.47 -44.81
CA GLY E 191 17.09 44.02 -45.81
C GLY E 191 16.94 43.05 -46.97
N ASP E 192 18.08 42.50 -47.45
CA ASP E 192 18.15 41.51 -48.54
C ASP E 192 17.37 40.24 -48.22
N LEU E 193 17.37 39.78 -46.95
CA LEU E 193 16.63 38.58 -46.55
C LEU E 193 15.13 38.83 -46.64
N ARG E 194 14.68 40.02 -46.16
CA ARG E 194 13.27 40.41 -46.14
C ARG E 194 12.71 40.55 -47.54
N ASP E 195 13.53 41.05 -48.48
CA ASP E 195 13.14 41.20 -49.89
C ASP E 195 13.04 39.84 -50.60
N THR E 196 13.68 38.79 -50.02
CA THR E 196 13.68 37.41 -50.54
C THR E 196 12.42 36.67 -50.07
N GLY E 197 11.99 36.94 -48.85
CA GLY E 197 10.81 36.32 -48.24
C GLY E 197 11.14 35.60 -46.95
N ILE E 198 12.37 35.78 -46.46
CA ILE E 198 12.86 35.18 -45.22
C ILE E 198 12.41 36.08 -44.06
N PHE E 199 11.80 35.46 -43.03
CA PHE E 199 11.32 36.17 -41.85
C PHE E 199 12.41 36.23 -40.79
N LEU E 200 12.60 37.41 -40.20
CA LEU E 200 13.58 37.64 -39.13
C LEU E 200 12.86 38.04 -37.86
N ASP E 201 12.87 37.16 -36.87
CA ASP E 201 12.19 37.39 -35.59
C ASP E 201 13.19 37.44 -34.46
N LEU E 202 13.09 38.49 -33.62
CA LEU E 202 13.99 38.69 -32.48
C LEU E 202 13.42 38.03 -31.23
N MET E 203 14.28 37.28 -30.54
CA MET E 203 13.95 36.63 -29.28
C MET E 203 14.85 37.25 -28.21
N HIS E 204 14.64 38.57 -28.00
CA HIS E 204 15.36 39.42 -27.04
C HIS E 204 15.21 38.88 -25.62
N LEU E 205 16.36 38.70 -24.95
CA LEU E 205 16.43 38.15 -23.60
C LEU E 205 16.85 39.21 -22.57
N LYS E 206 16.55 38.95 -21.28
CA LYS E 206 16.84 39.84 -20.15
C LYS E 206 18.29 40.32 -20.13
N LYS E 207 18.45 41.64 -20.15
CA LYS E 207 19.74 42.33 -20.16
C LYS E 207 19.77 43.39 -19.04
N PRO E 208 20.88 43.51 -18.26
CA PRO E 208 20.93 44.55 -17.21
C PRO E 208 20.75 45.96 -17.77
N GLY E 209 19.72 46.64 -17.27
CA GLY E 209 19.35 47.98 -17.72
C GLY E 209 18.40 47.97 -18.90
N GLY E 210 17.70 46.85 -19.07
CA GLY E 210 16.71 46.63 -20.13
C GLY E 210 17.29 46.42 -21.52
N PHE E 211 16.44 45.97 -22.45
CA PHE E 211 16.77 45.73 -23.87
C PHE E 211 16.12 46.84 -24.71
N ASP E 212 16.91 47.53 -25.56
CA ASP E 212 16.37 48.60 -26.41
C ASP E 212 16.31 48.17 -27.87
N ILE E 213 15.11 48.28 -28.45
CA ILE E 213 14.84 47.94 -29.84
C ILE E 213 15.28 49.11 -30.76
N SER E 214 15.05 50.37 -30.32
CA SER E 214 15.39 51.58 -31.07
C SER E 214 16.87 51.72 -31.44
N LEU E 215 17.79 51.22 -30.57
CA LEU E 215 19.24 51.30 -30.82
C LEU E 215 19.67 50.44 -32.01
N PHE E 216 19.22 49.17 -32.02
CA PHE E 216 19.51 48.20 -33.09
C PHE E 216 18.45 47.11 -33.05
N TYR E 217 18.19 46.47 -34.21
CA TYR E 217 17.23 45.39 -34.48
C TYR E 217 15.88 45.91 -34.96
N ARG E 218 15.60 47.22 -34.77
CA ARG E 218 14.36 47.87 -35.24
C ARG E 218 14.23 47.76 -36.77
N ASP E 219 15.36 47.91 -37.48
CA ASP E 219 15.44 47.80 -38.94
C ASP E 219 15.62 46.36 -39.38
N ILE E 220 16.32 45.55 -38.57
CA ILE E 220 16.63 44.14 -38.84
C ILE E 220 15.37 43.25 -38.84
N ILE E 221 14.55 43.35 -37.79
CA ILE E 221 13.33 42.53 -37.58
C ILE E 221 12.30 42.69 -38.69
N SER E 222 11.54 41.61 -38.93
CA SER E 222 10.47 41.58 -39.92
C SER E 222 9.21 42.13 -39.26
N ILE E 223 8.64 43.18 -39.83
CA ILE E 223 7.42 43.81 -39.34
C ILE E 223 6.26 43.50 -40.28
N ALA E 224 5.08 43.19 -39.72
CA ALA E 224 3.90 42.87 -40.52
C ALA E 224 3.38 44.13 -41.22
N GLU E 225 2.74 43.96 -42.39
CA GLU E 225 2.16 45.06 -43.19
C GLU E 225 1.00 45.71 -42.43
N ASP E 226 0.26 44.91 -41.64
CA ASP E 226 -0.87 45.36 -40.83
C ASP E 226 -0.43 45.74 -39.43
N GLU E 227 -0.76 46.98 -39.01
CA GLU E 227 -0.46 47.56 -37.69
C GLU E 227 -1.08 46.74 -36.56
N ASP E 228 -2.27 46.16 -36.83
CA ASP E 228 -3.07 45.34 -35.90
C ASP E 228 -2.50 43.92 -35.77
N LEU E 229 -1.87 43.40 -36.85
CA LEU E 229 -1.30 42.06 -36.87
C LEU E 229 -0.01 41.95 -36.07
N ARG E 230 0.84 42.99 -36.09
CA ARG E 230 2.11 42.94 -35.37
C ARG E 230 1.95 43.02 -33.85
N VAL E 231 2.69 42.14 -33.16
CA VAL E 231 2.74 42.00 -31.71
C VAL E 231 4.08 42.46 -31.17
N HIS E 232 4.04 43.25 -30.10
CA HIS E 232 5.23 43.80 -29.46
C HIS E 232 5.49 43.12 -28.10
N PHE E 233 6.17 41.97 -28.14
CA PHE E 233 6.49 41.17 -26.95
C PHE E 233 7.59 41.84 -26.13
N GLU E 234 7.56 41.60 -24.81
CA GLU E 234 8.54 42.11 -23.86
C GLU E 234 9.73 41.15 -23.82
N GLU E 235 10.88 41.56 -23.25
CA GLU E 235 12.08 40.74 -23.13
C GLU E 235 11.84 39.46 -22.29
N SER E 236 12.38 38.32 -22.74
CA SER E 236 12.19 37.04 -22.04
C SER E 236 13.17 36.85 -20.89
N SER E 237 12.63 36.51 -19.69
CA SER E 237 13.37 36.28 -18.46
C SER E 237 13.24 34.82 -18.01
N LYS E 238 12.08 34.20 -18.27
CA LYS E 238 11.77 32.80 -17.95
C LYS E 238 11.70 31.98 -19.23
N LEU E 239 11.99 30.66 -19.13
CA LEU E 239 11.93 29.71 -20.23
C LEU E 239 10.49 29.53 -20.73
N GLU E 240 9.51 29.50 -19.80
CA GLU E 240 8.07 29.33 -20.08
C GLU E 240 7.53 30.43 -20.98
N ASP E 241 8.00 31.68 -20.76
CA ASP E 241 7.60 32.87 -21.53
C ASP E 241 8.23 32.84 -22.92
N LEU E 242 9.55 32.53 -22.99
CA LEU E 242 10.32 32.43 -24.23
C LEU E 242 9.74 31.38 -25.16
N LEU E 243 9.49 30.15 -24.65
CA LEU E 243 8.92 29.03 -25.41
C LEU E 243 7.56 29.39 -26.00
N ARG E 244 6.72 30.12 -25.23
CA ARG E 244 5.40 30.56 -25.66
C ARG E 244 5.48 31.64 -26.73
N LYS E 245 6.48 32.54 -26.64
CA LYS E 245 6.72 33.62 -27.61
C LYS E 245 7.22 33.05 -28.94
N VAL E 246 8.11 32.03 -28.87
CA VAL E 246 8.67 31.34 -30.04
C VAL E 246 7.58 30.60 -30.82
N ARG E 247 6.75 29.80 -30.12
CA ARG E 247 5.64 29.06 -30.72
C ARG E 247 4.53 29.98 -31.24
N ALA E 248 4.47 31.24 -30.73
CA ALA E 248 3.49 32.25 -31.16
C ALA E 248 3.82 32.78 -32.56
N LYS E 249 5.11 33.12 -32.79
CA LYS E 249 5.61 33.65 -34.07
C LYS E 249 5.82 32.56 -35.12
N GLU E 250 6.22 31.35 -34.70
CA GLU E 250 6.47 30.17 -35.52
C GLU E 250 5.24 29.71 -36.30
N THR E 251 4.17 29.35 -35.56
CA THR E 251 2.90 28.80 -36.05
C THR E 251 2.19 29.67 -37.09
N ARG E 252 1.60 29.00 -38.10
CA ARG E 252 0.84 29.61 -39.18
C ARG E 252 -0.61 29.13 -39.07
N LYS E 253 -1.56 30.07 -39.26
CA LYS E 253 -3.00 29.82 -39.22
C LYS E 253 -3.40 28.78 -40.27
N ARG E 254 -4.15 27.76 -39.84
CA ARG E 254 -4.62 26.71 -40.74
C ARG E 254 -6.16 26.72 -40.71
N ALA E 255 -6.79 27.23 -41.77
CA ALA E 255 -8.24 27.28 -41.85
C ALA E 255 -8.80 25.91 -42.20
N LEU E 256 -9.72 25.40 -41.35
CA LEU E 256 -10.37 24.10 -41.53
C LEU E 256 -11.24 24.16 -42.81
N SER E 257 -11.93 25.29 -43.01
CA SER E 257 -12.79 25.57 -44.17
C SER E 257 -13.03 27.07 -44.34
N ARG E 258 -13.34 27.50 -45.56
CA ARG E 258 -13.66 28.88 -45.89
C ARG E 258 -15.09 28.84 -46.40
N LEU E 259 -16.03 29.37 -45.61
CA LEU E 259 -17.46 29.34 -45.94
C LEU E 259 -18.10 30.71 -46.07
N LYS E 260 -19.30 30.75 -46.67
CA LYS E 260 -20.07 31.97 -46.88
C LYS E 260 -21.04 32.19 -45.73
N LEU E 261 -21.03 33.37 -45.09
CA LEU E 261 -21.96 33.72 -44.01
C LEU E 261 -23.04 34.60 -44.65
N LYS E 262 -24.17 33.97 -45.00
CA LYS E 262 -25.27 34.61 -45.68
C LYS E 262 -26.26 35.27 -44.71
N LEU E 263 -26.16 36.62 -44.57
CA LEU E 263 -27.05 37.46 -43.73
C LEU E 263 -28.45 37.37 -44.31
N ASN E 264 -28.52 37.38 -45.66
CA ASN E 264 -29.68 37.31 -46.55
C ASN E 264 -29.15 36.80 -47.91
N LYS E 265 -30.06 36.35 -48.81
CA LYS E 265 -29.75 35.84 -50.16
C LYS E 265 -28.70 36.70 -50.91
N ASP E 266 -28.75 38.05 -50.72
CA ASP E 266 -27.86 39.01 -51.38
C ASP E 266 -26.74 39.55 -50.51
N ILE E 267 -26.92 39.61 -49.16
CA ILE E 267 -25.86 40.08 -48.26
C ILE E 267 -25.06 38.86 -47.79
N VAL E 268 -23.88 38.63 -48.42
CA VAL E 268 -23.02 37.48 -48.13
C VAL E 268 -21.57 37.92 -47.86
N ILE E 269 -21.04 37.59 -46.67
CA ILE E 269 -19.66 37.84 -46.31
C ILE E 269 -18.91 36.50 -46.29
N SER E 270 -17.59 36.50 -46.43
CA SER E 270 -16.83 35.25 -46.40
C SER E 270 -16.07 35.12 -45.10
N VAL E 271 -16.18 33.94 -44.47
CA VAL E 271 -15.53 33.63 -43.19
C VAL E 271 -14.69 32.35 -43.24
N GLY E 272 -13.65 32.32 -42.43
CA GLY E 272 -12.76 31.18 -42.24
C GLY E 272 -13.11 30.47 -40.95
N ILE E 273 -13.31 29.16 -41.01
CA ILE E 273 -13.65 28.33 -39.86
C ILE E 273 -12.36 27.69 -39.38
N TYR E 274 -11.94 28.00 -38.15
CA TYR E 274 -10.69 27.52 -37.55
C TYR E 274 -10.95 26.63 -36.34
N ASN E 275 -10.26 25.48 -36.25
CA ASN E 275 -10.36 24.56 -35.13
C ASN E 275 -9.23 24.83 -34.14
N LEU E 276 -9.52 25.66 -33.12
CA LEU E 276 -8.55 26.07 -32.10
C LEU E 276 -8.29 24.98 -31.06
N VAL E 277 -9.15 23.95 -31.04
CA VAL E 277 -9.04 22.75 -30.19
C VAL E 277 -9.33 21.53 -31.05
N GLN E 278 -8.42 20.55 -31.03
CA GLN E 278 -8.57 19.32 -31.80
C GLN E 278 -7.92 18.17 -31.03
N LYS E 279 -8.69 17.11 -30.75
CA LYS E 279 -8.21 15.94 -30.00
C LYS E 279 -6.95 15.33 -30.64
N ALA E 280 -5.83 15.42 -29.89
CA ALA E 280 -4.55 14.88 -30.27
C ALA E 280 -4.58 13.39 -29.99
N LEU E 281 -4.43 12.58 -31.04
CA LEU E 281 -4.51 11.13 -30.96
C LEU E 281 -3.20 10.42 -31.26
N LYS E 282 -3.09 9.14 -30.83
CA LYS E 282 -1.93 8.28 -31.05
C LYS E 282 -1.72 8.10 -32.57
N PRO E 283 -0.50 8.38 -33.08
CA PRO E 283 -0.27 8.25 -34.54
C PRO E 283 -0.53 6.84 -35.08
N PRO E 284 -1.13 6.71 -36.30
CA PRO E 284 -1.39 5.36 -36.84
C PRO E 284 -0.12 4.59 -37.23
N PRO E 285 -0.12 3.24 -37.06
CA PRO E 285 1.09 2.49 -37.41
C PRO E 285 1.35 2.35 -38.91
N ILE E 286 2.63 2.11 -39.26
CA ILE E 286 3.13 1.92 -40.62
C ILE E 286 3.54 0.45 -40.76
N LYS E 287 3.01 -0.21 -41.78
CA LYS E 287 3.30 -1.62 -42.07
C LYS E 287 4.67 -1.71 -42.74
N LEU E 288 5.64 -2.35 -42.05
CA LEU E 288 7.02 -2.50 -42.52
C LEU E 288 7.34 -3.96 -42.92
N TYR E 289 8.63 -4.25 -43.19
CA TYR E 289 9.14 -5.58 -43.53
C TYR E 289 10.13 -6.03 -42.43
N ARG E 290 10.15 -7.35 -42.15
CA ARG E 290 10.99 -7.96 -41.10
C ARG E 290 12.50 -7.80 -41.29
N GLU E 291 12.97 -7.76 -42.56
CA GLU E 291 14.40 -7.66 -42.90
C GLU E 291 14.86 -6.23 -43.24
N THR E 292 14.22 -5.60 -44.25
CA THR E 292 14.58 -4.27 -44.73
C THR E 292 14.15 -3.11 -43.82
N ASN E 293 12.99 -3.28 -43.11
CA ASN E 293 12.39 -2.29 -42.20
C ASN E 293 11.98 -0.99 -42.93
N GLU E 294 11.52 -1.14 -44.19
CA GLU E 294 11.06 -0.05 -45.05
C GLU E 294 9.51 -0.09 -45.18
N PRO E 295 8.82 1.07 -45.40
CA PRO E 295 7.35 1.03 -45.52
C PRO E 295 6.84 0.20 -46.69
N VAL E 296 5.66 -0.42 -46.52
CA VAL E 296 5.00 -1.28 -47.51
C VAL E 296 3.68 -0.64 -47.93
N LYS E 297 3.48 -0.42 -49.25
CA LYS E 297 2.26 0.19 -49.78
C LYS E 297 1.14 -0.84 -49.94
N THR E 298 -0.04 -0.51 -49.42
CA THR E 298 -1.23 -1.35 -49.45
C THR E 298 -2.19 -0.93 -50.57
N LYS E 299 -2.62 -1.88 -51.40
CA LYS E 299 -3.55 -1.68 -52.51
C LYS E 299 -4.83 -2.50 -52.27
N THR E 300 -5.91 -1.83 -51.81
CA THR E 300 -7.20 -2.48 -51.53
C THR E 300 -8.09 -2.41 -52.78
N ARG E 301 -8.11 -3.51 -53.55
CA ARG E 301 -8.88 -3.65 -54.80
C ARG E 301 -10.22 -4.36 -54.58
N THR E 302 -11.29 -3.81 -55.16
CA THR E 302 -12.65 -4.37 -55.06
C THR E 302 -13.06 -4.99 -56.39
N PHE E 303 -13.35 -6.30 -56.40
CA PHE E 303 -13.74 -7.05 -57.61
C PHE E 303 -14.73 -8.19 -57.35
N ASN E 304 -15.34 -8.72 -58.43
CA ASN E 304 -16.32 -9.81 -58.43
C ASN E 304 -15.68 -11.16 -58.04
N THR E 305 -16.49 -12.11 -57.53
CA THR E 305 -16.05 -13.45 -57.12
C THR E 305 -16.22 -14.46 -58.26
N SER E 306 -17.38 -14.41 -58.95
CA SER E 306 -17.73 -15.31 -60.06
C SER E 306 -16.90 -15.10 -61.32
N THR E 307 -16.64 -13.82 -61.71
CA THR E 307 -15.87 -13.48 -62.89
C THR E 307 -14.41 -13.13 -62.58
N GLY E 308 -14.19 -12.35 -61.52
CA GLY E 308 -12.86 -11.93 -61.10
C GLY E 308 -12.47 -10.54 -61.56
N GLY E 309 -13.25 -9.98 -62.49
CA GLY E 309 -13.04 -8.66 -63.06
C GLY E 309 -13.35 -7.53 -62.10
N LEU E 310 -12.58 -6.42 -62.20
CA LEU E 310 -12.72 -5.23 -61.37
C LEU E 310 -14.04 -4.50 -61.61
N LEU E 312 -17.22 -1.70 -62.43
CA LEU E 312 -17.36 -0.25 -62.59
C LEU E 312 -18.43 0.32 -61.65
N PRO E 313 -18.40 1.64 -61.28
CA PRO E 313 -19.44 2.18 -60.38
C PRO E 313 -20.86 2.18 -60.96
N SER E 314 -21.00 2.04 -62.29
CA SER E 314 -22.28 1.97 -63.00
C SER E 314 -22.99 0.64 -62.72
N ASP E 315 -22.21 -0.44 -62.50
CA ASP E 315 -22.67 -1.80 -62.20
C ASP E 315 -23.12 -1.97 -60.74
N THR E 316 -22.93 -0.94 -59.89
CA THR E 316 -23.29 -1.00 -58.47
C THR E 316 -24.54 -0.18 -58.13
N LYS E 317 -25.31 -0.68 -57.15
CA LYS E 317 -26.52 -0.09 -56.60
C LYS E 317 -26.51 -0.26 -55.08
N ARG E 318 -27.29 0.58 -54.35
CA ARG E 318 -27.35 0.53 -52.89
C ARG E 318 -28.66 -0.05 -52.38
N SER E 319 -28.58 -0.92 -51.35
CA SER E 319 -29.75 -1.59 -50.78
C SER E 319 -29.82 -1.55 -49.25
N GLN E 320 -31.07 -1.57 -48.75
CA GLN E 320 -31.43 -1.60 -47.33
C GLN E 320 -32.66 -2.50 -47.24
N ILE E 321 -32.56 -3.56 -46.42
CA ILE E 321 -33.63 -4.56 -46.29
C ILE E 321 -34.35 -4.45 -44.94
N TYR E 322 -35.65 -4.14 -45.00
CA TYR E 322 -36.54 -4.03 -43.84
C TYR E 322 -37.59 -5.15 -43.93
N GLY E 323 -37.38 -6.19 -43.14
CA GLY E 323 -38.24 -7.37 -43.11
C GLY E 323 -38.12 -8.19 -44.37
N SER E 324 -39.16 -8.13 -45.22
CA SER E 324 -39.21 -8.82 -46.51
C SER E 324 -38.86 -7.88 -47.67
N ARG E 325 -39.18 -6.59 -47.52
CA ARG E 325 -38.95 -5.54 -48.51
C ARG E 325 -37.49 -5.11 -48.63
N GLN E 326 -37.04 -4.90 -49.88
CA GLN E 326 -35.70 -4.42 -50.22
C GLN E 326 -35.86 -3.10 -50.98
N ILE E 327 -35.31 -2.02 -50.43
CA ILE E 327 -35.37 -0.68 -51.05
C ILE E 327 -34.09 -0.45 -51.86
N ILE E 328 -34.22 -0.13 -53.16
CA ILE E 328 -33.08 0.08 -54.06
C ILE E 328 -32.91 1.56 -54.47
N LEU E 329 -31.73 2.11 -54.20
CA LEU E 329 -31.38 3.50 -54.56
C LEU E 329 -30.00 3.57 -55.20
N GLU E 330 -29.85 4.49 -56.16
CA GLU E 330 -28.57 4.74 -56.85
C GLU E 330 -27.68 5.61 -55.96
N LYS E 331 -26.36 5.61 -56.19
CA LYS E 331 -25.40 6.39 -55.40
C LYS E 331 -25.72 7.90 -55.42
N GLU E 332 -26.24 8.40 -56.56
CA GLU E 332 -26.66 9.79 -56.76
C GLU E 332 -27.88 10.11 -55.86
N GLU E 333 -28.82 9.16 -55.77
CA GLU E 333 -30.05 9.26 -54.98
C GLU E 333 -29.76 9.25 -53.49
N THR E 334 -28.78 8.43 -53.04
CA THR E 334 -28.38 8.33 -51.63
C THR E 334 -27.78 9.63 -51.12
N GLU E 335 -27.17 10.42 -52.02
CA GLU E 335 -26.58 11.71 -51.70
C GLU E 335 -27.63 12.81 -51.81
N GLU E 336 -28.61 12.64 -52.74
CA GLU E 336 -29.72 13.57 -53.01
C GLU E 336 -30.61 13.78 -51.77
N LEU E 337 -30.86 12.70 -51.01
CA LEU E 337 -31.68 12.76 -49.79
C LEU E 337 -30.97 13.45 -48.61
N LYS E 338 -29.62 13.39 -48.58
CA LYS E 338 -28.78 14.03 -47.57
C LYS E 338 -28.75 15.56 -47.80
N ARG E 339 -28.90 16.00 -49.06
CA ARG E 339 -28.83 17.39 -49.48
C ARG E 339 -29.98 18.27 -49.00
N PHE E 340 -29.59 19.38 -48.34
CA PHE E 340 -30.38 20.48 -47.79
C PHE E 340 -29.47 21.70 -47.92
N ASP E 341 -30.06 22.91 -48.12
CA ASP E 341 -29.31 24.18 -48.24
C ASP E 341 -28.13 24.08 -49.25
N ASP E 342 -27.08 24.87 -49.01
CA ASP E 342 -25.83 24.92 -49.77
C ASP E 342 -24.71 25.17 -48.76
N PRO E 343 -23.44 24.79 -49.01
CA PRO E 343 -22.40 24.99 -47.98
C PRO E 343 -22.24 26.44 -47.54
N GLY E 344 -22.32 26.65 -46.22
CA GLY E 344 -22.19 27.95 -45.58
C GLY E 344 -23.05 28.12 -44.34
N LEU E 345 -22.97 29.31 -43.74
CA LEU E 345 -23.75 29.67 -42.55
C LEU E 345 -24.92 30.59 -42.95
N MET E 346 -26.14 30.26 -42.48
CA MET E 346 -27.34 31.04 -42.79
C MET E 346 -27.91 31.67 -41.54
N LEU E 347 -27.88 33.01 -41.46
CA LEU E 347 -28.38 33.77 -40.30
C LEU E 347 -29.88 33.61 -40.11
N MET E 348 -30.26 33.08 -38.94
CA MET E 348 -31.65 32.85 -38.54
C MET E 348 -32.17 34.04 -37.76
N GLY E 349 -31.31 34.55 -36.88
CA GLY E 349 -31.60 35.68 -36.02
C GLY E 349 -30.61 35.82 -34.90
N PHE E 350 -31.02 36.52 -33.84
CA PHE E 350 -30.16 36.79 -32.69
C PHE E 350 -30.79 36.39 -31.36
N LYS E 351 -30.23 35.34 -30.75
CA LYS E 351 -30.68 34.79 -29.47
C LYS E 351 -29.79 35.30 -28.30
N PRO E 352 -30.37 35.89 -27.23
CA PRO E 352 -29.54 36.35 -26.10
C PRO E 352 -28.77 35.19 -25.46
N LEU E 353 -27.50 35.43 -25.09
CA LEU E 353 -26.57 34.45 -24.51
C LEU E 353 -27.13 33.66 -23.32
N VAL E 354 -28.01 34.29 -22.51
CA VAL E 354 -28.64 33.68 -21.33
C VAL E 354 -29.46 32.43 -21.69
N LEU E 355 -30.11 32.44 -22.86
CA LEU E 355 -30.92 31.31 -23.36
C LEU E 355 -30.06 30.13 -23.78
N LEU E 356 -28.78 30.38 -24.14
CA LEU E 356 -27.84 29.32 -24.52
C LEU E 356 -27.35 28.66 -23.22
N LYS E 357 -27.66 27.37 -23.04
CA LYS E 357 -27.33 26.63 -21.81
C LYS E 357 -25.93 26.04 -21.81
N LYS E 358 -25.27 26.03 -20.63
CA LYS E 358 -23.89 25.54 -20.40
C LYS E 358 -23.71 24.07 -20.76
N HIS E 359 -24.76 23.26 -20.55
CA HIS E 359 -24.78 21.87 -21.00
C HIS E 359 -25.14 21.93 -22.49
N HIS E 360 -25.93 20.99 -23.05
CA HIS E 360 -26.23 21.00 -24.50
C HIS E 360 -24.94 21.00 -25.36
N TYR E 361 -23.85 20.43 -24.83
CA TYR E 361 -22.61 20.34 -25.55
C TYR E 361 -22.75 19.13 -26.47
N LEU E 362 -22.46 19.30 -27.77
CA LEU E 362 -22.61 18.22 -28.74
C LEU E 362 -21.28 17.70 -29.26
N ARG E 363 -20.45 18.60 -29.81
CA ARG E 363 -19.12 18.33 -30.36
C ARG E 363 -18.25 19.58 -30.16
N PRO E 364 -16.90 19.51 -30.22
CA PRO E 364 -16.09 20.71 -29.92
C PRO E 364 -16.31 21.92 -30.84
N SER E 365 -16.39 23.11 -30.21
CA SER E 365 -16.64 24.40 -30.84
C SER E 365 -15.56 24.82 -31.83
N LEU E 366 -15.94 25.67 -32.81
CA LEU E 366 -15.03 26.19 -33.83
C LEU E 366 -14.87 27.72 -33.69
N PHE E 367 -13.98 28.33 -34.48
CA PHE E 367 -13.74 29.77 -34.44
C PHE E 367 -13.99 30.38 -35.81
N VAL E 368 -14.82 31.41 -35.83
CA VAL E 368 -15.20 32.12 -37.04
C VAL E 368 -14.45 33.45 -37.08
N TYR E 369 -13.73 33.70 -38.18
CA TYR E 369 -12.96 34.92 -38.40
C TYR E 369 -13.20 35.34 -39.86
N PRO E 370 -13.23 36.66 -40.25
CA PRO E 370 -13.52 36.98 -41.65
C PRO E 370 -12.41 36.61 -42.63
N GLU E 371 -12.76 36.52 -43.92
CA GLU E 371 -11.84 36.18 -45.00
C GLU E 371 -11.97 37.24 -46.11
N GLU E 372 -11.23 38.36 -45.96
CA GLU E 372 -11.24 39.48 -46.90
C GLU E 372 -10.75 39.11 -48.31
N SER E 373 -9.88 38.07 -48.40
CA SER E 373 -9.30 37.54 -49.64
C SER E 373 -10.34 37.02 -50.65
N LEU E 374 -11.50 36.54 -50.16
CA LEU E 374 -12.58 36.02 -51.02
C LEU E 374 -13.65 37.07 -51.31
N VAL E 375 -14.20 37.72 -50.27
CA VAL E 375 -15.20 38.78 -50.41
C VAL E 375 -14.65 40.04 -49.72
N ILE E 376 -14.46 41.11 -50.51
CA ILE E 376 -13.94 42.40 -50.05
C ILE E 376 -15.06 43.20 -49.36
N GLY E 377 -14.80 43.56 -48.10
CA GLY E 377 -15.72 44.30 -47.25
C GLY E 377 -16.32 43.45 -46.16
N SER E 378 -15.90 42.16 -46.09
CA SER E 378 -16.35 41.16 -45.12
C SER E 378 -15.94 41.55 -43.71
N SER E 379 -14.64 41.88 -43.53
CA SER E 379 -14.01 42.25 -42.26
C SER E 379 -14.69 43.44 -41.59
N THR E 380 -15.14 44.43 -42.39
CA THR E 380 -15.83 45.63 -41.89
C THR E 380 -17.20 45.26 -41.30
N LEU E 381 -18.01 44.47 -42.03
CA LEU E 381 -19.33 44.01 -41.58
C LEU E 381 -19.21 43.04 -40.40
N PHE E 382 -18.17 42.18 -40.41
CA PHE E 382 -17.89 41.21 -39.35
C PHE E 382 -17.58 41.98 -38.07
N SER E 383 -16.75 43.05 -38.18
CA SER E 383 -16.35 43.93 -37.07
C SER E 383 -17.59 44.61 -36.49
N ALA E 384 -18.47 45.16 -37.35
CA ALA E 384 -19.71 45.81 -36.96
C ALA E 384 -20.63 44.84 -36.22
N LEU E 385 -20.68 43.57 -36.69
CA LEU E 385 -21.49 42.51 -36.07
C LEU E 385 -20.92 42.13 -34.72
N LEU E 386 -19.58 41.96 -34.63
CA LEU E 386 -18.87 41.60 -33.39
C LEU E 386 -19.05 42.65 -32.29
N ILE E 387 -18.86 43.95 -32.64
CA ILE E 387 -18.98 45.10 -31.74
C ILE E 387 -20.40 45.19 -31.16
N LYS E 388 -21.44 45.10 -32.03
CA LYS E 388 -22.85 45.19 -31.62
C LYS E 388 -23.37 43.92 -30.92
N CYS E 389 -22.80 42.74 -31.20
CA CYS E 389 -23.21 41.50 -30.53
C CYS E 389 -22.72 41.47 -29.09
N LEU E 390 -21.45 41.89 -28.86
CA LEU E 390 -20.81 41.97 -27.55
C LEU E 390 -21.56 42.97 -26.67
N GLU E 391 -21.90 44.13 -27.26
CA GLU E 391 -22.62 45.26 -26.68
C GLU E 391 -24.00 44.84 -26.20
N LYS E 392 -24.73 44.09 -27.04
CA LYS E 392 -26.10 43.64 -26.77
C LYS E 392 -26.19 42.31 -26.02
N GLU E 393 -25.04 41.64 -25.76
CA GLU E 393 -24.94 40.32 -25.08
C GLU E 393 -25.91 39.34 -25.75
N VAL E 394 -25.65 39.08 -27.05
CA VAL E 394 -26.47 38.26 -27.92
C VAL E 394 -25.58 37.44 -28.90
N ALA E 395 -26.02 36.21 -29.27
CA ALA E 395 -25.31 35.34 -30.20
C ALA E 395 -26.07 35.25 -31.53
N ALA E 396 -25.34 35.04 -32.64
CA ALA E 396 -25.94 34.93 -33.96
C ALA E 396 -26.28 33.48 -34.27
N LEU E 397 -27.58 33.16 -34.34
CA LEU E 397 -28.04 31.81 -34.63
C LEU E 397 -28.00 31.55 -36.14
N CYS E 398 -27.30 30.46 -36.55
CA CYS E 398 -27.12 30.08 -37.95
C CYS E 398 -27.51 28.63 -38.24
N ARG E 399 -27.72 28.33 -39.53
CA ARG E 399 -28.01 26.97 -40.02
C ARG E 399 -26.74 26.54 -40.80
N TYR E 400 -25.83 25.85 -40.09
CA TYR E 400 -24.50 25.42 -40.56
C TYR E 400 -24.50 24.16 -41.42
N THR E 401 -23.95 24.30 -42.63
CA THR E 401 -23.76 23.23 -43.61
C THR E 401 -22.27 23.27 -44.00
N PRO E 402 -21.44 22.35 -43.45
CA PRO E 402 -19.99 22.43 -43.73
C PRO E 402 -19.59 22.09 -45.17
N ARG E 403 -20.19 21.06 -45.75
CA ARG E 403 -19.87 20.61 -47.10
C ARG E 403 -21.13 20.28 -47.89
N ARG E 404 -20.97 20.06 -49.22
CA ARG E 404 -22.05 19.73 -50.17
C ARG E 404 -22.73 18.40 -49.78
N ASN E 405 -24.06 18.30 -50.04
CA ASN E 405 -24.92 17.14 -49.77
C ASN E 405 -24.80 16.61 -48.31
N ILE E 406 -25.03 17.53 -47.35
CA ILE E 406 -24.97 17.26 -45.91
C ILE E 406 -26.16 17.93 -45.19
N PRO E 407 -26.84 17.21 -44.27
CA PRO E 407 -27.98 17.81 -43.54
C PRO E 407 -27.53 18.92 -42.60
N PRO E 408 -28.37 19.95 -42.36
CA PRO E 408 -27.92 21.08 -41.52
C PRO E 408 -27.95 20.83 -40.02
N TYR E 409 -27.30 21.75 -39.29
CA TYR E 409 -27.22 21.80 -37.82
C TYR E 409 -27.26 23.25 -37.36
N PHE E 410 -28.02 23.51 -36.30
CA PHE E 410 -28.13 24.87 -35.77
C PHE E 410 -26.95 25.19 -34.90
N VAL E 411 -26.26 26.29 -35.22
CA VAL E 411 -25.10 26.73 -34.47
C VAL E 411 -25.31 28.14 -33.94
N ALA E 412 -24.65 28.48 -32.84
CA ALA E 412 -24.73 29.80 -32.26
C ALA E 412 -23.36 30.46 -32.26
N LEU E 413 -23.21 31.56 -33.02
CA LEU E 413 -21.96 32.31 -33.12
C LEU E 413 -21.88 33.27 -31.94
N VAL E 414 -21.13 32.87 -30.90
CA VAL E 414 -20.97 33.63 -29.66
C VAL E 414 -19.87 34.71 -29.81
N PRO E 415 -20.18 36.00 -29.54
CA PRO E 415 -19.16 37.05 -29.71
C PRO E 415 -18.02 36.95 -28.72
N GLN E 416 -16.81 36.71 -29.27
CA GLN E 416 -15.56 36.55 -28.55
C GLN E 416 -14.71 37.82 -28.72
N GLU E 417 -14.39 38.48 -27.59
CA GLU E 417 -13.57 39.69 -27.55
C GLU E 417 -12.08 39.30 -27.48
N GLU E 418 -11.19 40.17 -27.98
CA GLU E 418 -9.75 39.91 -27.96
C GLU E 418 -9.16 40.00 -26.55
N GLU E 419 -8.23 39.08 -26.22
CA GLU E 419 -7.57 39.05 -24.92
C GLU E 419 -6.08 38.74 -25.08
N LEU E 420 -5.22 39.58 -24.45
CA LEU E 420 -3.77 39.46 -24.46
C LEU E 420 -3.29 39.35 -23.02
N ASP E 421 -2.37 38.40 -22.75
CA ASP E 421 -1.84 38.19 -21.40
C ASP E 421 -0.75 39.22 -21.00
N ASP E 422 -0.17 39.04 -19.80
CA ASP E 422 0.89 39.87 -19.23
C ASP E 422 2.17 39.88 -20.08
N GLN E 423 2.39 38.80 -20.86
CA GLN E 423 3.55 38.64 -21.76
C GLN E 423 3.29 39.25 -23.16
N LYS E 424 2.10 39.89 -23.35
CA LYS E 424 1.60 40.54 -24.57
C LYS E 424 1.29 39.52 -25.69
N ILE E 425 0.93 38.28 -25.30
CA ILE E 425 0.58 37.17 -26.22
C ILE E 425 -0.94 37.03 -26.30
N GLN E 426 -1.50 36.99 -27.52
CA GLN E 426 -2.93 36.86 -27.77
C GLN E 426 -3.45 35.50 -27.29
N VAL E 427 -4.05 35.48 -26.09
CA VAL E 427 -4.59 34.25 -25.49
C VAL E 427 -6.02 33.94 -26.00
N THR E 428 -6.78 34.97 -26.40
CA THR E 428 -8.15 34.84 -26.92
C THR E 428 -8.30 35.72 -28.17
N PRO E 429 -8.48 35.13 -29.39
CA PRO E 429 -8.60 35.95 -30.60
C PRO E 429 -9.96 36.64 -30.78
N PRO E 430 -10.04 37.78 -31.51
CA PRO E 430 -11.36 38.41 -31.72
C PRO E 430 -12.16 37.78 -32.86
N GLY E 431 -13.40 37.41 -32.59
CA GLY E 431 -14.29 36.79 -33.57
C GLY E 431 -15.50 36.13 -32.94
N PHE E 432 -16.01 35.05 -33.56
CA PHE E 432 -17.16 34.34 -33.04
C PHE E 432 -16.85 32.88 -32.77
N GLN E 433 -17.35 32.34 -31.65
CA GLN E 433 -17.21 30.94 -31.29
C GLN E 433 -18.41 30.17 -31.87
N LEU E 434 -18.16 29.23 -32.81
CA LEU E 434 -19.22 28.43 -33.44
C LEU E 434 -19.62 27.31 -32.48
N VAL E 435 -20.71 27.52 -31.75
CA VAL E 435 -21.24 26.60 -30.74
C VAL E 435 -22.30 25.67 -31.36
N PHE E 436 -22.00 24.36 -31.41
CA PHE E 436 -22.90 23.34 -31.96
C PHE E 436 -24.05 23.08 -31.00
N LEU E 437 -25.28 23.21 -31.51
CA LEU E 437 -26.50 23.00 -30.74
C LEU E 437 -27.17 21.66 -31.11
N PRO E 438 -27.61 20.88 -30.09
CA PRO E 438 -28.22 19.58 -30.40
C PRO E 438 -29.68 19.66 -30.86
N PHE E 439 -30.10 18.67 -31.67
CA PHE E 439 -31.49 18.55 -32.11
C PHE E 439 -32.20 17.73 -31.02
N ALA E 440 -33.55 17.59 -31.11
CA ALA E 440 -34.34 16.83 -30.16
C ALA E 440 -33.83 15.39 -29.96
N ASP E 441 -33.28 14.80 -31.03
CA ASP E 441 -32.74 13.45 -31.10
C ASP E 441 -31.47 13.26 -30.26
N ASP E 442 -30.62 14.29 -30.19
CA ASP E 442 -29.34 14.22 -29.47
C ASP E 442 -29.50 14.30 -27.95
N LYS E 443 -30.63 14.88 -27.47
CA LYS E 443 -30.96 14.99 -26.06
C LYS E 443 -31.58 13.65 -25.62
N ARG E 444 -30.88 12.92 -24.73
CA ARG E 444 -31.31 11.61 -24.22
C ARG E 444 -32.17 11.74 -22.98
N LYS E 445 -33.25 10.91 -22.90
CA LYS E 445 -34.20 10.86 -21.78
C LYS E 445 -33.50 10.49 -20.48
N MET E 446 -33.94 11.06 -19.38
CA MET E 446 -33.28 10.82 -18.10
C MET E 446 -34.18 10.06 -17.12
N PRO E 447 -33.62 9.05 -16.40
CA PRO E 447 -34.45 8.33 -15.41
C PRO E 447 -34.82 9.24 -14.24
N PHE E 448 -36.10 9.67 -14.20
CA PHE E 448 -36.65 10.60 -13.20
C PHE E 448 -36.54 10.04 -11.79
N THR E 449 -35.72 10.71 -10.97
CA THR E 449 -35.41 10.33 -9.60
C THR E 449 -35.97 11.32 -8.58
N GLU E 450 -36.26 10.85 -7.36
CA GLU E 450 -36.82 11.66 -6.27
C GLU E 450 -35.79 12.62 -5.70
N LYS E 451 -36.16 13.91 -5.60
CA LYS E 451 -35.28 14.97 -5.10
C LYS E 451 -35.13 14.89 -3.57
N ILE E 452 -33.90 14.65 -3.12
CA ILE E 452 -33.53 14.58 -1.70
C ILE E 452 -32.49 15.67 -1.47
N MET E 453 -32.87 16.76 -0.77
CA MET E 453 -31.97 17.89 -0.53
C MET E 453 -31.33 17.85 0.85
N ALA E 454 -30.01 18.11 0.88
CA ALA E 454 -29.18 18.12 2.08
C ALA E 454 -29.50 19.30 3.00
N THR E 455 -29.28 19.13 4.31
CA THR E 455 -29.50 20.15 5.33
C THR E 455 -28.43 21.26 5.22
N PRO E 456 -28.69 22.52 5.65
CA PRO E 456 -27.65 23.57 5.52
C PRO E 456 -26.33 23.28 6.25
N GLU E 457 -26.36 22.40 7.27
CA GLU E 457 -25.20 21.98 8.05
C GLU E 457 -24.29 21.08 7.18
N GLN E 458 -24.90 20.16 6.42
CA GLN E 458 -24.22 19.21 5.53
C GLN E 458 -23.60 19.95 4.33
N VAL E 459 -24.32 20.96 3.80
CA VAL E 459 -23.89 21.80 2.68
C VAL E 459 -22.70 22.64 3.14
N GLY E 460 -22.79 23.18 4.36
CA GLY E 460 -21.76 24.00 4.98
C GLY E 460 -20.44 23.29 5.20
N LYS E 461 -20.50 21.96 5.48
CA LYS E 461 -19.30 21.14 5.68
C LYS E 461 -18.63 20.82 4.36
N MET E 462 -19.44 20.59 3.31
CA MET E 462 -18.93 20.32 1.97
C MET E 462 -18.29 21.59 1.38
N LYS E 463 -18.79 22.79 1.78
CA LYS E 463 -18.27 24.11 1.38
C LYS E 463 -16.82 24.24 1.86
N ALA E 464 -16.54 23.76 3.11
CA ALA E 464 -15.21 23.77 3.73
C ALA E 464 -14.24 22.85 3.00
N ILE E 465 -14.76 21.69 2.51
CA ILE E 465 -14.00 20.68 1.75
C ILE E 465 -13.58 21.28 0.40
N VAL E 466 -14.52 21.98 -0.28
CA VAL E 466 -14.30 22.64 -1.57
C VAL E 466 -13.28 23.78 -1.40
N GLU E 467 -13.48 24.65 -0.38
CA GLU E 467 -12.60 25.80 -0.06
C GLU E 467 -11.15 25.40 0.21
N LYS E 468 -10.94 24.22 0.84
CA LYS E 468 -9.62 23.69 1.17
C LYS E 468 -8.93 23.00 -0.01
N LEU E 469 -9.72 22.39 -0.93
CA LEU E 469 -9.17 21.73 -2.11
C LEU E 469 -9.15 22.65 -3.35
N ARG E 470 -9.29 23.98 -3.10
CA ARG E 470 -9.28 25.04 -4.11
C ARG E 470 -7.97 25.08 -4.85
N PHE E 471 -8.05 25.22 -6.17
CA PHE E 471 -6.87 25.31 -7.03
C PHE E 471 -7.17 26.17 -8.24
N THR E 472 -6.09 26.59 -8.95
CA THR E 472 -6.22 27.42 -10.15
C THR E 472 -6.09 26.57 -11.41
N TYR E 473 -7.18 26.49 -12.19
CA TYR E 473 -7.23 25.71 -13.42
C TYR E 473 -6.76 26.50 -14.64
N ARG E 474 -5.91 25.85 -15.44
CA ARG E 474 -5.40 26.34 -16.71
C ARG E 474 -5.79 25.27 -17.72
N SER E 475 -6.13 25.65 -18.97
CA SER E 475 -6.50 24.68 -20.01
C SER E 475 -5.33 23.71 -20.34
N ASP E 476 -4.09 24.23 -20.22
CA ASP E 476 -2.84 23.52 -20.46
C ASP E 476 -2.22 22.91 -19.19
N SER E 477 -3.02 22.70 -18.13
CA SER E 477 -2.57 22.15 -16.85
C SER E 477 -2.12 20.69 -16.93
N PHE E 478 -2.77 19.88 -17.80
CA PHE E 478 -2.50 18.45 -17.90
C PHE E 478 -2.01 17.98 -19.27
N GLU E 479 -1.14 16.97 -19.27
CA GLU E 479 -0.61 16.33 -20.47
C GLU E 479 -1.25 14.96 -20.61
N ASN E 480 -1.53 14.53 -21.86
CA ASN E 480 -2.13 13.23 -22.16
C ASN E 480 -1.16 12.12 -21.73
N PRO E 481 -1.52 11.31 -20.71
CA PRO E 481 -0.57 10.29 -20.23
C PRO E 481 -0.31 9.15 -21.21
N VAL E 482 -1.32 8.84 -22.05
CA VAL E 482 -1.24 7.78 -23.07
C VAL E 482 -0.22 8.17 -24.13
N LEU E 483 -0.30 9.43 -24.63
CA LEU E 483 0.60 10.00 -25.63
C LEU E 483 2.02 10.19 -25.09
N GLN E 484 2.16 10.81 -23.89
CA GLN E 484 3.46 11.06 -23.26
C GLN E 484 4.29 9.79 -23.09
N GLN E 485 3.64 8.69 -22.65
CA GLN E 485 4.31 7.39 -22.49
C GLN E 485 4.65 6.78 -23.85
N HIS E 486 3.75 6.91 -24.85
CA HIS E 486 3.93 6.41 -26.22
C HIS E 486 5.17 6.99 -26.88
N PHE E 487 5.35 8.32 -26.78
CA PHE E 487 6.51 8.98 -27.36
C PHE E 487 7.78 8.79 -26.51
N ARG E 488 7.64 8.49 -25.21
CA ARG E 488 8.77 8.19 -24.31
C ARG E 488 9.33 6.82 -24.66
N ASN E 489 8.45 5.89 -25.08
CA ASN E 489 8.80 4.53 -25.51
C ASN E 489 9.53 4.56 -26.85
N LEU E 490 9.01 5.33 -27.83
CA LEU E 490 9.58 5.47 -29.17
C LEU E 490 10.93 6.19 -29.14
N GLU E 491 11.09 7.17 -28.24
CA GLU E 491 12.34 7.96 -28.05
C GLU E 491 13.48 7.02 -27.62
N ALA E 492 13.23 6.19 -26.58
CA ALA E 492 14.19 5.22 -26.06
C ALA E 492 14.50 4.13 -27.09
N LEU E 493 13.49 3.70 -27.85
CA LEU E 493 13.64 2.67 -28.89
C LEU E 493 14.48 3.15 -30.08
N ALA E 494 14.35 4.44 -30.45
CA ALA E 494 15.10 5.08 -31.53
C ALA E 494 16.59 5.21 -31.17
N LEU E 495 16.88 5.45 -29.87
CA LEU E 495 18.25 5.59 -29.33
C LEU E 495 18.82 4.23 -28.91
N ASP E 496 18.10 3.13 -29.25
CA ASP E 496 18.43 1.71 -28.98
C ASP E 496 18.57 1.39 -27.48
N LEU E 497 17.93 2.20 -26.61
CA LEU E 497 17.92 2.03 -25.16
C LEU E 497 16.90 0.95 -24.80
N MET E 498 17.36 -0.17 -24.23
CA MET E 498 16.52 -1.30 -23.82
C MET E 498 15.52 -0.92 -22.72
N GLU E 499 15.95 -0.09 -21.77
CA GLU E 499 15.14 0.39 -20.64
C GLU E 499 14.23 1.59 -20.99
N PRO E 500 12.90 1.41 -21.01
CA PRO E 500 12.01 2.56 -21.31
C PRO E 500 11.73 3.41 -20.07
N GLU E 501 11.72 4.74 -20.23
CA GLU E 501 11.45 5.67 -19.12
C GLU E 501 9.96 5.66 -18.72
N GLN E 502 9.65 5.01 -17.58
CA GLN E 502 8.29 4.88 -17.05
C GLN E 502 7.84 6.12 -16.27
N ALA E 503 7.02 6.97 -16.91
CA ALA E 503 6.50 8.23 -16.36
C ALA E 503 5.42 8.07 -15.29
N VAL E 504 5.17 9.15 -14.52
CA VAL E 504 4.16 9.22 -13.46
C VAL E 504 2.92 9.94 -13.99
N ASP E 505 1.73 9.34 -13.80
CA ASP E 505 0.46 9.87 -14.26
C ASP E 505 0.00 11.11 -13.49
N LEU E 506 -0.07 12.24 -14.21
CA LEU E 506 -0.47 13.56 -13.70
C LEU E 506 -1.99 13.69 -13.53
N THR E 507 -2.76 12.87 -14.26
CA THR E 507 -4.23 12.86 -14.22
C THR E 507 -4.76 12.24 -12.92
N LEU E 508 -3.90 11.56 -12.15
CA LEU E 508 -4.28 10.96 -10.87
C LEU E 508 -4.24 12.02 -9.78
N PRO E 509 -5.21 12.05 -8.84
CA PRO E 509 -5.20 13.08 -7.78
C PRO E 509 -4.13 12.83 -6.74
N LYS E 510 -3.55 13.92 -6.20
CA LYS E 510 -2.52 13.87 -5.17
C LYS E 510 -3.18 13.48 -3.83
N VAL E 511 -3.53 12.19 -3.72
CA VAL E 511 -4.23 11.52 -2.62
C VAL E 511 -3.66 11.92 -1.24
N GLU E 512 -2.35 11.73 -1.01
CA GLU E 512 -1.71 12.05 0.26
C GLU E 512 -1.74 13.54 0.60
N ALA E 513 -1.53 14.40 -0.42
CA ALA E 513 -1.54 15.85 -0.27
C ALA E 513 -2.94 16.38 0.10
N MET E 514 -3.98 15.77 -0.51
CA MET E 514 -5.39 16.10 -0.26
C MET E 514 -5.79 15.63 1.15
N ASN E 515 -5.30 14.44 1.57
CA ASN E 515 -5.55 13.87 2.89
C ASN E 515 -4.85 14.69 3.98
N LYS E 516 -3.72 15.33 3.63
CA LYS E 516 -2.96 16.19 4.53
C LYS E 516 -3.71 17.50 4.77
N ARG E 517 -4.30 18.08 3.69
CA ARG E 517 -5.08 19.33 3.73
C ARG E 517 -6.36 19.15 4.56
N LEU E 518 -7.02 17.99 4.44
CA LEU E 518 -8.23 17.70 5.20
C LEU E 518 -8.21 16.35 5.86
N GLY E 519 -8.06 16.35 7.18
CA GLY E 519 -8.04 15.15 7.98
C GLY E 519 -9.33 15.01 8.75
N SER E 520 -9.66 16.05 9.54
CA SER E 520 -10.87 16.11 10.35
C SER E 520 -12.14 16.25 9.51
N LEU E 521 -12.13 17.10 8.46
CA LEU E 521 -13.27 17.39 7.58
C LEU E 521 -13.92 16.18 6.93
N VAL E 522 -13.11 15.21 6.44
CA VAL E 522 -13.61 13.99 5.77
C VAL E 522 -14.39 13.11 6.76
N ASP E 523 -13.81 12.87 7.95
CA ASP E 523 -14.42 12.07 9.02
C ASP E 523 -15.65 12.77 9.61
N GLU E 524 -15.63 14.13 9.64
CA GLU E 524 -16.72 14.97 10.14
C GLU E 524 -17.91 14.90 9.20
N PHE E 525 -17.67 14.99 7.87
CA PHE E 525 -18.71 14.91 6.84
C PHE E 525 -19.34 13.51 6.77
N LYS E 526 -18.49 12.45 6.76
CA LYS E 526 -18.91 11.05 6.73
C LYS E 526 -19.89 10.72 7.86
N GLU E 527 -19.61 11.26 9.07
CA GLU E 527 -20.42 11.08 10.28
C GLU E 527 -21.79 11.77 10.14
N LEU E 528 -21.84 12.92 9.44
CA LEU E 528 -23.04 13.72 9.25
C LEU E 528 -24.05 13.13 8.26
N VAL E 529 -23.57 12.57 7.14
CA VAL E 529 -24.44 12.01 6.09
C VAL E 529 -24.55 10.48 6.14
N TYR E 530 -23.42 9.76 6.23
CA TYR E 530 -23.40 8.29 6.24
C TYR E 530 -23.59 7.70 7.65
N PRO E 531 -24.63 6.85 7.86
CA PRO E 531 -24.81 6.23 9.18
C PRO E 531 -23.76 5.14 9.45
N PRO E 532 -23.55 4.67 10.72
CA PRO E 532 -22.51 3.65 10.95
C PRO E 532 -22.80 2.28 10.33
N ASP E 533 -24.09 1.96 10.07
CA ASP E 533 -24.54 0.70 9.47
C ASP E 533 -24.49 0.69 7.92
N TYR E 534 -23.84 1.72 7.31
CA TYR E 534 -23.71 1.84 5.86
C TYR E 534 -22.72 0.81 5.30
N ASN E 535 -23.09 0.19 4.15
CA ASN E 535 -22.34 -0.83 3.42
C ASN E 535 -20.97 -0.32 2.94
N ASN F 23 -40.05 -4.93 -22.65
CA ASN F 23 -39.47 -3.63 -22.96
C ASN F 23 -40.16 -2.91 -24.17
N LYS F 24 -41.21 -3.55 -24.73
CA LYS F 24 -42.02 -3.02 -25.83
C LYS F 24 -43.27 -2.33 -25.27
N ALA F 25 -43.92 -1.49 -26.09
CA ALA F 25 -45.12 -0.78 -25.66
C ALA F 25 -46.28 -0.97 -26.61
N ALA F 26 -47.50 -1.13 -26.06
CA ALA F 26 -48.72 -1.30 -26.82
C ALA F 26 -49.28 0.09 -27.13
N VAL F 27 -49.25 0.49 -28.41
CA VAL F 27 -49.72 1.81 -28.84
C VAL F 27 -50.97 1.70 -29.70
N VAL F 28 -52.01 2.49 -29.37
CA VAL F 28 -53.25 2.56 -30.14
C VAL F 28 -53.42 3.99 -30.61
N LEU F 29 -53.41 4.18 -31.95
CA LEU F 29 -53.59 5.49 -32.57
C LEU F 29 -55.07 5.63 -32.90
N CYS F 30 -55.74 6.60 -32.26
CA CYS F 30 -57.17 6.88 -32.41
C CYS F 30 -57.38 8.11 -33.27
N MET F 31 -57.66 7.91 -34.56
CA MET F 31 -57.82 8.98 -35.55
C MET F 31 -59.27 9.32 -35.90
N ASP F 32 -59.62 10.62 -35.86
CA ASP F 32 -60.92 11.11 -36.26
C ASP F 32 -60.88 11.26 -37.77
N VAL F 33 -61.80 10.58 -38.47
CA VAL F 33 -61.90 10.65 -39.94
C VAL F 33 -63.24 11.26 -40.33
N GLY F 34 -63.97 11.77 -39.33
CA GLY F 34 -65.27 12.41 -39.47
C GLY F 34 -65.33 13.49 -40.52
N PHE F 35 -66.55 13.79 -41.01
CA PHE F 35 -66.80 14.81 -42.03
C PHE F 35 -66.05 16.12 -41.77
N THR F 36 -66.18 16.67 -40.56
CA THR F 36 -65.60 17.94 -40.11
C THR F 36 -64.07 18.01 -40.20
N MET F 37 -63.38 16.84 -40.19
CA MET F 37 -61.91 16.77 -40.30
C MET F 37 -61.47 17.15 -41.72
N SER F 38 -62.35 16.92 -42.71
CA SER F 38 -62.11 17.21 -44.11
C SER F 38 -62.33 18.69 -44.48
N ASN F 39 -63.12 19.42 -43.65
CA ASN F 39 -63.43 20.84 -43.85
C ASN F 39 -62.18 21.72 -43.73
N SER F 40 -61.81 22.39 -44.85
CA SER F 40 -60.61 23.22 -44.93
C SER F 40 -60.86 24.69 -45.25
N ILE F 41 -60.09 25.57 -44.58
CA ILE F 41 -60.10 27.02 -44.78
C ILE F 41 -58.96 27.31 -45.77
N PRO F 42 -59.19 28.12 -46.85
CA PRO F 42 -58.12 28.37 -47.84
C PRO F 42 -56.74 28.71 -47.26
N GLY F 43 -55.72 28.00 -47.76
CA GLY F 43 -54.34 28.15 -47.32
C GLY F 43 -53.94 27.23 -46.19
N ILE F 44 -54.90 26.93 -45.30
CA ILE F 44 -54.75 26.06 -44.14
C ILE F 44 -55.12 24.63 -44.53
N GLU F 45 -54.24 23.66 -44.19
CA GLU F 45 -54.46 22.24 -44.46
C GLU F 45 -55.58 21.70 -43.57
N SER F 46 -56.46 20.84 -44.12
CA SER F 46 -57.58 20.26 -43.36
C SER F 46 -57.08 19.41 -42.19
N PRO F 47 -57.70 19.49 -40.99
CA PRO F 47 -57.24 18.67 -39.85
C PRO F 47 -56.98 17.18 -40.18
N PHE F 48 -57.71 16.63 -41.18
CA PHE F 48 -57.54 15.24 -41.63
C PHE F 48 -56.18 15.05 -42.31
N GLU F 49 -55.81 15.98 -43.21
CA GLU F 49 -54.51 15.91 -43.89
C GLU F 49 -53.37 16.17 -42.90
N GLN F 50 -53.62 17.06 -41.91
CA GLN F 50 -52.68 17.39 -40.85
C GLN F 50 -52.43 16.18 -39.95
N ALA F 51 -53.51 15.49 -39.51
CA ALA F 51 -53.44 14.31 -38.64
C ALA F 51 -52.74 13.16 -39.37
N LYS F 52 -53.02 13.01 -40.68
CA LYS F 52 -52.44 11.99 -41.56
C LYS F 52 -50.92 12.12 -41.55
N LYS F 53 -50.42 13.36 -41.71
CA LYS F 53 -48.99 13.72 -41.70
C LYS F 53 -48.32 13.40 -40.37
N VAL F 54 -49.02 13.63 -39.24
CA VAL F 54 -48.49 13.34 -37.91
C VAL F 54 -48.42 11.82 -37.71
N ILE F 55 -49.47 11.08 -38.13
CA ILE F 55 -49.53 9.62 -38.01
C ILE F 55 -48.42 8.97 -38.82
N THR F 56 -48.26 9.39 -40.10
CA THR F 56 -47.23 8.87 -41.01
C THR F 56 -45.85 9.07 -40.38
N MET F 57 -45.62 10.26 -39.77
CA MET F 57 -44.39 10.63 -39.07
C MET F 57 -44.09 9.63 -37.96
N PHE F 58 -45.10 9.25 -37.18
CA PHE F 58 -44.98 8.31 -36.07
C PHE F 58 -44.65 6.90 -36.59
N VAL F 59 -45.49 6.36 -37.49
CA VAL F 59 -45.34 5.01 -38.06
C VAL F 59 -44.00 4.85 -38.82
N GLN F 60 -43.59 5.87 -39.62
CA GLN F 60 -42.31 5.84 -40.36
C GLN F 60 -41.13 5.56 -39.43
N ARG F 61 -41.07 6.26 -38.27
CA ARG F 61 -40.01 6.09 -37.27
C ARG F 61 -40.05 4.68 -36.70
N GLN F 62 -41.22 4.19 -36.33
CA GLN F 62 -41.39 2.84 -35.76
C GLN F 62 -41.04 1.73 -36.76
N VAL F 63 -41.29 1.97 -38.07
CA VAL F 63 -41.01 0.99 -39.11
C VAL F 63 -39.52 0.98 -39.46
N PHE F 64 -38.96 2.13 -39.87
CA PHE F 64 -37.57 2.23 -40.30
C PHE F 64 -36.55 2.14 -39.18
N ALA F 65 -36.89 2.55 -37.94
CA ALA F 65 -35.94 2.42 -36.82
C ALA F 65 -36.01 1.00 -36.23
N GLU F 66 -36.93 0.17 -36.77
CA GLU F 66 -37.17 -1.23 -36.44
C GLU F 66 -37.41 -1.45 -34.94
N ASN F 67 -38.30 -0.62 -34.36
CA ASN F 67 -38.72 -0.69 -32.96
C ASN F 67 -39.68 -1.86 -32.80
N LYS F 68 -39.57 -2.58 -31.67
CA LYS F 68 -40.39 -3.77 -31.40
C LYS F 68 -41.79 -3.44 -30.83
N ASP F 69 -42.12 -2.14 -30.65
CA ASP F 69 -43.41 -1.67 -30.15
C ASP F 69 -44.53 -2.05 -31.13
N GLU F 70 -45.66 -2.59 -30.60
CA GLU F 70 -46.80 -2.99 -31.41
C GLU F 70 -47.79 -1.83 -31.54
N ILE F 71 -48.28 -1.58 -32.77
CA ILE F 71 -49.19 -0.46 -33.05
C ILE F 71 -50.53 -0.93 -33.65
N ALA F 72 -51.63 -0.42 -33.06
CA ALA F 72 -53.00 -0.64 -33.49
C ALA F 72 -53.58 0.70 -33.99
N LEU F 73 -54.53 0.66 -34.92
CA LEU F 73 -55.15 1.86 -35.46
C LEU F 73 -56.66 1.77 -35.46
N VAL F 74 -57.31 2.72 -34.76
CA VAL F 74 -58.76 2.86 -34.64
C VAL F 74 -59.16 4.18 -35.29
N LEU F 75 -60.21 4.15 -36.13
CA LEU F 75 -60.71 5.33 -36.83
C LEU F 75 -62.14 5.62 -36.40
N PHE F 76 -62.45 6.87 -36.06
CA PHE F 76 -63.80 7.24 -35.63
C PHE F 76 -64.39 8.32 -36.52
N GLY F 77 -65.64 8.12 -36.92
CA GLY F 77 -66.37 8.98 -37.84
C GLY F 77 -66.41 8.39 -39.24
N THR F 78 -66.12 7.07 -39.33
CA THR F 78 -66.12 6.28 -40.57
C THR F 78 -67.56 6.10 -41.04
N ASP F 79 -67.75 5.77 -42.34
CA ASP F 79 -69.07 5.52 -42.90
C ASP F 79 -69.70 4.25 -42.32
N GLY F 80 -68.87 3.21 -42.12
CA GLY F 80 -69.30 1.96 -41.52
C GLY F 80 -68.90 1.81 -40.07
N THR F 81 -69.23 0.65 -39.47
CA THR F 81 -68.92 0.35 -38.06
C THR F 81 -68.32 -1.05 -37.97
N ASP F 82 -67.03 -1.12 -37.58
CA ASP F 82 -66.31 -2.39 -37.44
C ASP F 82 -65.45 -2.41 -36.18
N ASN F 83 -66.06 -2.81 -35.05
CA ASN F 83 -65.41 -2.89 -33.74
C ASN F 83 -66.10 -3.94 -32.84
N PRO F 84 -65.42 -4.50 -31.80
CA PRO F 84 -66.07 -5.53 -30.96
C PRO F 84 -67.19 -5.03 -30.05
N LEU F 85 -67.24 -3.73 -29.74
CA LEU F 85 -68.25 -3.14 -28.85
C LEU F 85 -69.52 -2.63 -29.57
N SER F 86 -69.48 -2.63 -30.92
CA SER F 86 -70.55 -2.21 -31.83
C SER F 86 -71.86 -2.96 -31.53
N GLY F 87 -72.91 -2.21 -31.25
CA GLY F 87 -74.23 -2.77 -30.93
C GLY F 87 -75.30 -1.71 -30.78
N GLY F 88 -76.40 -1.87 -31.52
CA GLY F 88 -77.51 -0.94 -31.52
C GLY F 88 -77.08 0.46 -31.94
N ASP F 89 -77.11 1.40 -30.98
CA ASP F 89 -76.66 2.78 -31.20
C ASP F 89 -75.33 3.04 -30.48
N GLN F 90 -74.84 2.02 -29.72
CA GLN F 90 -73.59 2.09 -28.97
C GLN F 90 -72.38 1.80 -29.85
N TYR F 91 -71.33 2.65 -29.70
CA TYR F 91 -70.02 2.56 -30.37
C TYR F 91 -70.15 2.50 -31.89
N GLN F 92 -71.05 3.33 -32.44
CA GLN F 92 -71.30 3.39 -33.88
C GLN F 92 -70.28 4.28 -34.59
N ASN F 93 -70.02 3.98 -35.87
CA ASN F 93 -69.10 4.69 -36.77
C ASN F 93 -67.63 4.69 -36.28
N ILE F 94 -67.19 3.55 -35.71
CA ILE F 94 -65.84 3.33 -35.21
C ILE F 94 -65.31 2.05 -35.85
N THR F 95 -64.17 2.15 -36.53
CA THR F 95 -63.56 1.03 -37.24
C THR F 95 -62.16 0.74 -36.71
N VAL F 96 -61.90 -0.53 -36.36
CA VAL F 96 -60.58 -0.98 -35.91
C VAL F 96 -59.83 -1.37 -37.20
N HIS F 97 -59.12 -0.38 -37.77
CA HIS F 97 -58.40 -0.54 -39.04
C HIS F 97 -57.23 -1.49 -38.93
N ARG F 98 -56.49 -1.39 -37.83
CA ARG F 98 -55.32 -2.22 -37.62
C ARG F 98 -55.32 -2.76 -36.21
N HIS F 99 -55.24 -4.10 -36.10
CA HIS F 99 -55.17 -4.74 -34.80
C HIS F 99 -53.73 -4.64 -34.28
N LEU F 100 -53.54 -4.77 -32.96
CA LEU F 100 -52.25 -4.63 -32.30
C LEU F 100 -51.22 -5.66 -32.80
N MET F 101 -50.17 -5.14 -33.47
CA MET F 101 -49.05 -5.89 -34.06
C MET F 101 -47.96 -4.92 -34.53
N LEU F 102 -46.76 -5.46 -34.83
CA LEU F 102 -45.62 -4.67 -35.32
C LEU F 102 -46.00 -3.96 -36.62
N PRO F 103 -45.75 -2.63 -36.73
CA PRO F 103 -46.15 -1.91 -37.95
C PRO F 103 -45.34 -2.31 -39.18
N ASP F 104 -45.97 -2.23 -40.36
CA ASP F 104 -45.34 -2.59 -41.63
C ASP F 104 -45.60 -1.54 -42.70
N PHE F 105 -45.08 -1.79 -43.92
CA PHE F 105 -45.22 -0.92 -45.09
C PHE F 105 -46.66 -0.87 -45.56
N ASP F 106 -47.41 -1.98 -45.36
CA ASP F 106 -48.82 -2.08 -45.70
C ASP F 106 -49.65 -1.09 -44.88
N LEU F 107 -49.32 -0.93 -43.57
CA LEU F 107 -49.98 0.03 -42.69
C LEU F 107 -49.69 1.45 -43.16
N LEU F 108 -48.43 1.75 -43.53
CA LEU F 108 -47.99 3.05 -44.04
C LEU F 108 -48.67 3.39 -45.37
N GLU F 109 -48.85 2.38 -46.24
CA GLU F 109 -49.52 2.50 -47.53
C GLU F 109 -50.98 2.86 -47.30
N ASP F 110 -51.60 2.29 -46.25
CA ASP F 110 -52.99 2.54 -45.89
C ASP F 110 -53.21 4.00 -45.48
N ILE F 111 -52.30 4.55 -44.63
CA ILE F 111 -52.36 5.96 -44.18
C ILE F 111 -52.23 6.87 -45.43
N GLU F 112 -51.25 6.56 -46.29
CA GLU F 112 -50.93 7.29 -47.52
C GLU F 112 -52.07 7.39 -48.53
N SER F 113 -52.78 6.27 -48.81
CA SER F 113 -53.82 6.29 -49.85
C SER F 113 -55.11 5.51 -49.56
N LYS F 114 -55.06 4.39 -48.80
CA LYS F 114 -56.26 3.56 -48.54
C LYS F 114 -57.29 4.25 -47.62
N ILE F 115 -56.85 4.82 -46.48
CA ILE F 115 -57.74 5.49 -45.52
C ILE F 115 -58.22 6.81 -46.10
N GLN F 116 -59.55 6.93 -46.26
CA GLN F 116 -60.24 8.10 -46.82
C GLN F 116 -61.13 8.75 -45.74
N PRO F 117 -61.41 10.07 -45.80
CA PRO F 117 -62.29 10.68 -44.79
C PRO F 117 -63.75 10.23 -44.95
N GLY F 118 -64.41 10.00 -43.82
CA GLY F 118 -65.79 9.54 -43.75
C GLY F 118 -66.80 10.68 -43.74
N SER F 119 -68.09 10.34 -43.88
CA SER F 119 -69.20 11.30 -43.92
C SER F 119 -69.94 11.43 -42.60
N GLN F 120 -69.79 10.44 -41.71
CA GLN F 120 -70.42 10.41 -40.39
C GLN F 120 -69.55 11.14 -39.37
N GLN F 121 -70.04 11.24 -38.11
CA GLN F 121 -69.36 11.82 -36.96
C GLN F 121 -69.52 10.84 -35.79
N ALA F 122 -68.46 10.66 -34.98
CA ALA F 122 -68.54 9.74 -33.85
C ALA F 122 -68.24 10.39 -32.50
N ASP F 123 -68.55 9.68 -31.40
CA ASP F 123 -68.31 10.11 -30.03
C ASP F 123 -66.84 9.79 -29.73
N PHE F 124 -66.01 10.82 -29.46
CA PHE F 124 -64.58 10.59 -29.20
C PHE F 124 -64.34 9.74 -27.95
N LEU F 125 -65.21 9.86 -26.93
CA LEU F 125 -65.11 9.06 -25.72
C LEU F 125 -65.45 7.61 -26.01
N ASP F 126 -66.39 7.36 -26.95
CA ASP F 126 -66.77 6.02 -27.40
C ASP F 126 -65.55 5.40 -28.11
N ALA F 127 -64.84 6.22 -28.90
CA ALA F 127 -63.64 5.83 -29.63
C ALA F 127 -62.50 5.49 -28.66
N LEU F 128 -62.37 6.29 -27.57
CA LEU F 128 -61.38 6.10 -26.52
C LEU F 128 -61.60 4.74 -25.81
N ILE F 129 -62.87 4.35 -25.64
CA ILE F 129 -63.27 3.08 -25.03
C ILE F 129 -62.93 1.91 -25.96
N VAL F 130 -63.18 2.07 -27.28
CA VAL F 130 -62.86 1.05 -28.28
C VAL F 130 -61.34 0.80 -28.26
N SER F 131 -60.55 1.89 -28.21
CA SER F 131 -59.09 1.88 -28.14
C SER F 131 -58.64 1.16 -26.86
N MET F 132 -59.30 1.46 -25.73
CA MET F 132 -59.02 0.84 -24.44
C MET F 132 -59.30 -0.66 -24.50
N ASP F 133 -60.42 -1.06 -25.15
CA ASP F 133 -60.82 -2.45 -25.33
C ASP F 133 -59.79 -3.21 -26.17
N VAL F 134 -59.14 -2.52 -27.13
CA VAL F 134 -58.10 -3.12 -27.98
C VAL F 134 -56.91 -3.54 -27.11
N ILE F 135 -56.44 -2.64 -26.22
CA ILE F 135 -55.34 -2.90 -25.29
C ILE F 135 -55.68 -4.02 -24.31
N GLN F 136 -56.89 -3.98 -23.71
CA GLN F 136 -57.33 -4.98 -22.74
C GLN F 136 -57.38 -6.42 -23.31
N HIS F 137 -57.82 -6.58 -24.56
CA HIS F 137 -57.93 -7.90 -25.18
C HIS F 137 -56.71 -8.36 -26.00
N GLU F 138 -56.03 -7.43 -26.72
CA GLU F 138 -54.92 -7.84 -27.60
C GLU F 138 -53.53 -7.91 -26.93
N THR F 139 -53.42 -7.57 -25.62
CA THR F 139 -52.15 -7.66 -24.90
C THR F 139 -52.10 -8.91 -24.00
N ILE F 140 -53.18 -9.73 -24.01
CA ILE F 140 -53.34 -10.92 -23.17
C ILE F 140 -52.14 -11.90 -23.28
N GLY F 141 -51.77 -12.27 -24.50
CA GLY F 141 -50.65 -13.18 -24.75
C GLY F 141 -49.28 -12.56 -24.55
N LYS F 142 -49.07 -11.39 -25.17
CA LYS F 142 -47.82 -10.63 -25.16
C LYS F 142 -47.47 -9.97 -23.80
N LYS F 143 -46.21 -9.50 -23.66
CA LYS F 143 -45.70 -8.84 -22.46
C LYS F 143 -45.23 -7.40 -22.77
N PHE F 144 -46.06 -6.40 -22.37
CA PHE F 144 -45.78 -4.98 -22.62
C PHE F 144 -45.43 -4.20 -21.36
N GLU F 145 -44.38 -3.37 -21.45
CA GLU F 145 -43.89 -2.51 -20.37
C GLU F 145 -44.80 -1.26 -20.22
N LYS F 146 -45.21 -0.66 -21.36
CA LYS F 146 -46.05 0.55 -21.42
C LYS F 146 -47.28 0.36 -22.32
N ARG F 147 -48.40 1.02 -21.96
CA ARG F 147 -49.68 1.02 -22.69
C ARG F 147 -50.00 2.47 -23.01
N HIS F 148 -50.23 2.79 -24.30
CA HIS F 148 -50.44 4.18 -24.70
C HIS F 148 -51.47 4.38 -25.81
N ILE F 149 -52.31 5.43 -25.68
CA ILE F 149 -53.32 5.82 -26.66
C ILE F 149 -53.08 7.28 -27.10
N GLU F 150 -53.13 7.53 -28.41
CA GLU F 150 -52.94 8.86 -29.00
C GLU F 150 -54.17 9.24 -29.82
N ILE F 151 -54.93 10.24 -29.32
CA ILE F 151 -56.16 10.74 -29.95
C ILE F 151 -55.85 11.91 -30.87
N PHE F 152 -56.32 11.83 -32.14
CA PHE F 152 -56.14 12.84 -33.19
C PHE F 152 -57.53 13.27 -33.61
N THR F 153 -58.00 14.44 -33.12
CA THR F 153 -59.35 14.92 -33.41
C THR F 153 -59.46 16.45 -33.53
N ASP F 154 -60.65 16.95 -33.93
CA ASP F 154 -60.98 18.37 -34.04
C ASP F 154 -61.99 18.81 -32.97
N LEU F 155 -62.63 17.84 -32.28
CA LEU F 155 -63.59 17.99 -31.18
C LEU F 155 -64.94 18.64 -31.57
N SER F 156 -65.18 18.80 -32.88
CA SER F 156 -66.39 19.41 -33.47
C SER F 156 -67.65 18.55 -33.36
N SER F 157 -67.46 17.26 -33.10
CA SER F 157 -68.55 16.27 -33.00
C SER F 157 -69.12 16.23 -31.58
N ARG F 158 -70.45 15.97 -31.46
CA ARG F 158 -71.17 15.83 -30.19
C ARG F 158 -70.75 14.55 -29.48
N PHE F 159 -70.84 14.53 -28.13
CA PHE F 159 -70.45 13.39 -27.29
C PHE F 159 -71.23 13.31 -25.98
N SER F 160 -71.18 12.14 -25.32
CA SER F 160 -71.84 11.89 -24.04
C SER F 160 -70.83 11.74 -22.90
N LYS F 161 -71.11 12.37 -21.75
CA LYS F 161 -70.24 12.31 -20.57
C LYS F 161 -70.65 11.13 -19.66
N SER F 162 -71.56 10.24 -20.13
CA SER F 162 -72.07 9.08 -19.39
C SER F 162 -70.97 8.12 -18.97
N GLN F 163 -70.85 7.89 -17.65
CA GLN F 163 -69.88 7.00 -16.99
C GLN F 163 -68.41 7.42 -17.25
N LEU F 164 -68.16 8.73 -17.48
CA LEU F 164 -66.82 9.28 -17.73
C LEU F 164 -65.87 9.04 -16.56
N ASP F 165 -66.40 9.17 -15.33
CA ASP F 165 -65.68 8.95 -14.08
C ASP F 165 -65.07 7.53 -14.03
N ILE F 166 -65.79 6.52 -14.57
CA ILE F 166 -65.33 5.13 -14.65
C ILE F 166 -64.26 4.98 -15.72
N ILE F 167 -64.46 5.66 -16.88
CA ILE F 167 -63.52 5.70 -18.02
C ILE F 167 -62.13 6.15 -17.54
N ILE F 168 -62.10 7.26 -16.76
CA ILE F 168 -60.88 7.85 -16.17
C ILE F 168 -60.25 6.85 -15.22
N HIS F 169 -61.08 6.19 -14.40
CA HIS F 169 -60.63 5.21 -13.42
C HIS F 169 -59.99 3.97 -14.07
N SER F 170 -60.62 3.42 -15.14
CA SER F 170 -60.11 2.25 -15.86
C SER F 170 -58.77 2.51 -16.54
N LEU F 171 -58.55 3.77 -17.00
CA LEU F 171 -57.29 4.20 -17.64
C LEU F 171 -56.16 4.13 -16.61
N LYS F 172 -56.45 4.56 -15.36
CA LYS F 172 -55.52 4.56 -14.24
C LYS F 172 -55.18 3.13 -13.83
N LYS F 173 -56.22 2.29 -13.62
CA LYS F 173 -56.11 0.89 -13.21
C LYS F 173 -55.36 0.01 -14.23
N CYS F 174 -55.57 0.25 -15.55
CA CYS F 174 -54.92 -0.49 -16.63
C CYS F 174 -53.53 0.04 -16.94
N ASP F 175 -53.16 1.21 -16.36
CA ASP F 175 -51.90 1.90 -16.59
C ASP F 175 -51.72 2.25 -18.08
N ILE F 176 -52.71 2.97 -18.63
CA ILE F 176 -52.70 3.44 -20.02
C ILE F 176 -52.56 4.96 -19.99
N SER F 177 -51.61 5.48 -20.77
CA SER F 177 -51.37 6.93 -20.86
C SER F 177 -52.06 7.53 -22.07
N LEU F 178 -52.40 8.82 -21.99
CA LEU F 178 -53.05 9.53 -23.07
C LEU F 178 -52.20 10.67 -23.60
N GLN F 179 -52.51 11.09 -24.83
CA GLN F 179 -51.91 12.20 -25.54
C GLN F 179 -52.95 12.66 -26.55
N PHE F 180 -53.29 13.96 -26.52
CA PHE F 180 -54.27 14.53 -27.45
C PHE F 180 -53.59 15.38 -28.53
N PHE F 181 -54.14 15.33 -29.75
CA PHE F 181 -53.63 16.05 -30.91
C PHE F 181 -54.80 16.72 -31.62
N LEU F 182 -54.83 18.06 -31.56
CA LEU F 182 -55.92 18.88 -32.10
C LEU F 182 -55.44 19.80 -33.25
N PRO F 183 -56.34 20.40 -34.07
CA PRO F 183 -55.85 21.30 -35.14
C PRO F 183 -55.36 22.64 -34.59
N PHE F 184 -55.84 23.00 -33.40
CA PHE F 184 -55.51 24.23 -32.69
C PHE F 184 -54.67 23.94 -31.44
N SER F 185 -53.89 24.94 -31.01
CA SER F 185 -53.06 24.85 -29.80
C SER F 185 -53.79 25.54 -28.64
N LEU F 186 -53.55 25.09 -27.40
CA LEU F 186 -54.18 25.64 -26.20
C LEU F 186 -53.73 27.08 -25.90
N GLY F 198 -50.90 36.76 -38.69
CA GLY F 198 -50.24 36.60 -39.98
C GLY F 198 -50.65 35.35 -40.74
N PRO F 199 -49.75 34.78 -41.59
CA PRO F 199 -50.13 33.57 -42.35
C PRO F 199 -49.84 32.24 -41.64
N PHE F 200 -50.68 31.21 -41.91
CA PHE F 200 -50.50 29.87 -41.33
C PHE F 200 -49.49 29.06 -42.13
N ARG F 201 -48.49 28.52 -41.43
CA ARG F 201 -47.46 27.67 -41.99
C ARG F 201 -47.33 26.42 -41.13
N LEU F 202 -47.66 25.24 -41.72
CA LEU F 202 -47.62 23.94 -41.02
C LEU F 202 -46.19 23.61 -40.65
N GLY F 203 -45.97 23.33 -39.37
CA GLY F 203 -44.65 23.04 -38.82
C GLY F 203 -43.89 24.27 -38.38
N GLY F 204 -44.42 25.43 -38.73
CA GLY F 204 -43.83 26.73 -38.40
C GLY F 204 -43.88 27.07 -36.93
N HIS F 205 -43.06 28.05 -36.54
CA HIS F 205 -42.96 28.53 -35.17
C HIS F 205 -43.93 29.70 -35.01
N GLY F 206 -44.87 29.59 -34.08
CA GLY F 206 -45.85 30.65 -33.86
C GLY F 206 -47.25 30.21 -33.47
N PRO F 207 -48.29 31.04 -33.77
CA PRO F 207 -49.66 30.68 -33.36
C PRO F 207 -50.39 29.74 -34.31
N SER F 208 -50.82 28.56 -33.79
CA SER F 208 -51.57 27.53 -34.52
C SER F 208 -53.09 27.75 -34.37
N PHE F 209 -53.45 28.68 -33.47
CA PHE F 209 -54.82 29.09 -33.14
C PHE F 209 -55.48 29.79 -34.35
N PRO F 210 -56.67 29.36 -34.80
CA PRO F 210 -57.31 30.03 -35.95
C PRO F 210 -57.87 31.41 -35.60
N LEU F 211 -57.98 32.30 -36.62
CA LEU F 211 -58.49 33.67 -36.46
C LEU F 211 -59.96 33.69 -36.06
N LYS F 212 -60.77 32.79 -36.64
CA LYS F 212 -62.18 32.65 -36.30
C LYS F 212 -62.24 31.83 -35.01
N GLY F 213 -63.12 32.23 -34.09
CA GLY F 213 -63.31 31.57 -32.82
C GLY F 213 -63.78 30.13 -32.93
N ILE F 214 -63.27 29.27 -32.04
CA ILE F 214 -63.58 27.85 -31.91
C ILE F 214 -65.09 27.65 -31.65
N THR F 215 -65.71 26.67 -32.32
CA THR F 215 -67.15 26.39 -32.17
C THR F 215 -67.46 25.96 -30.72
N GLU F 216 -68.63 26.37 -30.20
CA GLU F 216 -69.06 26.05 -28.83
C GLU F 216 -68.95 24.56 -28.48
N GLN F 217 -69.11 23.68 -29.48
CA GLN F 217 -69.00 22.22 -29.34
C GLN F 217 -67.53 21.82 -29.14
N GLN F 218 -66.59 22.48 -29.85
CA GLN F 218 -65.16 22.22 -29.69
C GLN F 218 -64.71 22.70 -28.31
N LYS F 219 -65.26 23.85 -27.85
CA LYS F 219 -65.00 24.46 -26.53
C LYS F 219 -65.43 23.51 -25.42
N GLU F 220 -66.65 22.94 -25.55
CA GLU F 220 -67.25 21.98 -24.63
C GLU F 220 -66.41 20.69 -24.60
N GLY F 221 -66.01 20.23 -25.78
CA GLY F 221 -65.18 19.04 -25.96
C GLY F 221 -63.80 19.17 -25.34
N LEU F 222 -63.19 20.38 -25.50
CA LEU F 222 -61.88 20.73 -24.97
C LEU F 222 -61.83 20.66 -23.45
N GLU F 223 -62.89 21.17 -22.77
CA GLU F 223 -62.97 21.17 -21.31
C GLU F 223 -62.92 19.76 -20.72
N ILE F 224 -63.57 18.78 -21.40
CA ILE F 224 -63.59 17.37 -20.98
C ILE F 224 -62.19 16.79 -21.20
N VAL F 225 -61.53 17.16 -22.32
CA VAL F 225 -60.16 16.72 -22.65
C VAL F 225 -59.21 17.23 -21.56
N LYS F 226 -59.33 18.53 -21.18
CA LYS F 226 -58.53 19.19 -20.14
C LYS F 226 -58.72 18.46 -18.80
N MET F 227 -59.99 18.34 -18.35
CA MET F 227 -60.39 17.67 -17.12
C MET F 227 -59.79 16.25 -17.04
N VAL F 228 -59.90 15.45 -18.13
CA VAL F 228 -59.39 14.08 -18.25
C VAL F 228 -57.86 14.06 -18.11
N MET F 229 -57.17 14.97 -18.82
CA MET F 229 -55.71 15.06 -18.77
C MET F 229 -55.18 15.47 -17.40
N ILE F 230 -55.86 16.43 -16.73
CA ILE F 230 -55.49 16.89 -15.40
C ILE F 230 -55.73 15.77 -14.39
N SER F 231 -56.86 15.06 -14.55
CA SER F 231 -57.23 13.92 -13.70
C SER F 231 -56.24 12.76 -13.81
N LEU F 232 -55.57 12.60 -14.98
CA LEU F 232 -54.63 11.51 -15.20
C LEU F 232 -53.19 11.82 -14.82
N GLU F 233 -52.64 12.94 -15.34
CA GLU F 233 -51.24 13.30 -15.13
C GLU F 233 -51.00 14.57 -14.30
N GLY F 234 -52.02 15.00 -13.57
CA GLY F 234 -51.93 16.19 -12.73
C GLY F 234 -51.92 17.48 -13.53
N GLU F 235 -51.48 18.56 -12.88
CA GLU F 235 -51.38 19.92 -13.43
C GLU F 235 -50.62 19.97 -14.77
N ASP F 236 -49.54 19.18 -14.87
CA ASP F 236 -48.69 19.10 -16.05
C ASP F 236 -49.27 18.20 -17.18
N GLY F 237 -50.48 17.69 -16.95
CA GLY F 237 -51.21 16.86 -17.90
C GLY F 237 -51.61 17.63 -19.14
N LEU F 238 -51.89 18.94 -18.99
CA LEU F 238 -52.28 19.86 -20.07
C LEU F 238 -51.21 19.98 -21.14
N ASP F 239 -49.95 19.70 -20.78
CA ASP F 239 -48.80 19.73 -21.68
C ASP F 239 -48.83 18.56 -22.67
N GLU F 240 -49.70 17.54 -22.40
CA GLU F 240 -49.85 16.38 -23.27
C GLU F 240 -50.96 16.57 -24.33
N ILE F 241 -51.43 17.82 -24.50
CA ILE F 241 -52.42 18.20 -25.52
C ILE F 241 -51.65 19.09 -26.50
N TYR F 242 -51.41 18.58 -27.71
CA TYR F 242 -50.64 19.27 -28.75
C TYR F 242 -51.47 19.66 -29.96
N SER F 243 -50.93 20.56 -30.81
CA SER F 243 -51.55 20.93 -32.08
C SER F 243 -50.81 20.10 -33.14
N PHE F 244 -51.48 19.72 -34.26
CA PHE F 244 -50.87 18.90 -35.31
C PHE F 244 -49.57 19.52 -35.84
N SER F 245 -49.57 20.85 -36.06
CA SER F 245 -48.41 21.61 -36.56
C SER F 245 -47.18 21.44 -35.67
N GLU F 246 -47.31 21.75 -34.35
CA GLU F 246 -46.19 21.63 -33.41
C GLU F 246 -45.72 20.19 -33.23
N SER F 247 -46.63 19.21 -33.35
CA SER F 247 -46.32 17.79 -33.21
C SER F 247 -45.33 17.31 -34.25
N LEU F 248 -45.40 17.88 -35.47
CA LEU F 248 -44.53 17.56 -36.60
C LEU F 248 -43.09 18.04 -36.37
N ARG F 249 -42.92 19.11 -35.54
CA ARG F 249 -41.62 19.71 -35.20
C ARG F 249 -41.20 19.41 -33.76
N LYS F 250 -41.55 18.21 -33.28
CA LYS F 250 -41.26 17.71 -31.94
C LYS F 250 -41.17 16.19 -31.97
N LEU F 251 -40.66 15.57 -30.88
CA LEU F 251 -40.59 14.11 -30.79
C LEU F 251 -41.60 13.60 -29.75
N CYS F 252 -42.58 14.48 -29.38
CA CYS F 252 -43.64 14.25 -28.39
C CYS F 252 -44.50 13.00 -28.65
N VAL F 253 -44.65 12.58 -29.93
CA VAL F 253 -45.40 11.37 -30.29
C VAL F 253 -44.73 10.11 -29.75
N PHE F 254 -43.41 10.16 -29.51
CA PHE F 254 -42.63 9.04 -29.00
C PHE F 254 -42.32 9.15 -27.50
N LYS F 255 -42.50 10.36 -26.92
CA LYS F 255 -42.26 10.73 -25.52
C LYS F 255 -42.60 9.64 -24.51
N LYS F 256 -43.82 9.09 -24.58
CA LYS F 256 -44.33 8.07 -23.65
C LYS F 256 -43.90 6.64 -23.97
N ILE F 257 -43.47 6.35 -25.22
CA ILE F 257 -43.04 5.00 -25.59
C ILE F 257 -41.51 4.95 -25.83
N GLU F 258 -40.82 6.04 -25.44
CA GLU F 258 -39.38 6.21 -25.54
C GLU F 258 -38.73 5.31 -24.51
N ARG F 259 -37.70 4.56 -24.93
CA ARG F 259 -37.02 3.65 -24.02
C ARG F 259 -36.12 4.38 -23.01
N HIS F 260 -36.25 4.01 -21.72
CA HIS F 260 -35.49 4.57 -20.59
C HIS F 260 -34.00 4.46 -20.86
N SER F 261 -33.22 5.52 -20.54
CA SER F 261 -31.79 5.50 -20.82
C SER F 261 -30.99 4.58 -19.92
N ILE F 262 -30.01 3.88 -20.54
CA ILE F 262 -29.10 2.93 -19.90
C ILE F 262 -28.14 3.72 -19.03
N HIS F 263 -28.17 3.48 -17.71
CA HIS F 263 -27.30 4.13 -16.74
C HIS F 263 -26.28 3.12 -16.25
N TRP F 264 -25.13 3.61 -15.78
CA TRP F 264 -24.08 2.75 -15.25
C TRP F 264 -23.49 3.31 -13.94
N PRO F 265 -23.14 2.45 -12.95
CA PRO F 265 -22.62 2.98 -11.70
C PRO F 265 -21.11 3.11 -11.62
N CYS F 266 -20.66 4.08 -10.82
CA CYS F 266 -19.26 4.37 -10.51
C CYS F 266 -19.21 5.09 -9.15
N ARG F 267 -18.03 5.60 -8.74
CA ARG F 267 -17.89 6.29 -7.47
C ARG F 267 -17.10 7.59 -7.60
N LEU F 268 -17.65 8.69 -7.05
CA LEU F 268 -17.02 10.01 -7.04
C LEU F 268 -16.13 10.03 -5.79
N THR F 269 -14.80 10.15 -5.99
CA THR F 269 -13.86 10.11 -4.86
C THR F 269 -13.14 11.43 -4.59
N ILE F 270 -13.50 12.08 -3.46
CA ILE F 270 -12.89 13.32 -2.97
C ILE F 270 -11.79 12.84 -2.02
N GLY F 271 -10.54 12.91 -2.49
CA GLY F 271 -9.38 12.43 -1.75
C GLY F 271 -9.26 10.93 -1.92
N SER F 272 -9.34 10.18 -0.81
CA SER F 272 -9.28 8.71 -0.82
C SER F 272 -10.28 8.10 0.14
N ASN F 273 -10.43 8.69 1.33
CA ASN F 273 -11.31 8.24 2.40
C ASN F 273 -12.80 8.48 2.10
N LEU F 274 -13.11 9.49 1.26
CA LEU F 274 -14.48 9.80 0.86
C LEU F 274 -14.75 9.26 -0.55
N SER F 275 -15.85 8.50 -0.69
CA SER F 275 -16.26 7.85 -1.94
C SER F 275 -17.79 7.81 -2.06
N ILE F 276 -18.35 8.84 -2.74
CA ILE F 276 -19.81 8.96 -2.95
C ILE F 276 -20.25 8.01 -4.08
N ARG F 277 -21.20 7.11 -3.76
CA ARG F 277 -21.76 6.14 -4.70
C ARG F 277 -22.65 6.87 -5.69
N ILE F 278 -22.28 6.86 -6.97
CA ILE F 278 -23.01 7.54 -8.03
C ILE F 278 -23.44 6.62 -9.16
N ALA F 279 -24.20 7.17 -10.12
CA ALA F 279 -24.70 6.49 -11.31
C ALA F 279 -24.89 7.54 -12.41
N ALA F 280 -24.05 7.48 -13.45
CA ALA F 280 -24.09 8.44 -14.55
C ALA F 280 -24.56 7.81 -15.86
N TYR F 281 -25.20 8.62 -16.70
CA TYR F 281 -25.74 8.24 -18.00
C TYR F 281 -25.36 9.32 -19.02
N LYS F 282 -25.43 9.01 -20.33
CA LYS F 282 -25.13 9.98 -21.39
C LYS F 282 -26.34 10.89 -21.64
N SER F 283 -26.25 12.15 -21.14
CA SER F 283 -27.25 13.21 -21.25
C SER F 283 -27.43 13.64 -22.70
N ILE F 284 -26.32 13.97 -23.39
CA ILE F 284 -26.28 14.34 -24.79
C ILE F 284 -25.35 13.34 -25.48
N LEU F 285 -25.79 12.79 -26.62
CA LEU F 285 -25.05 11.86 -27.46
C LEU F 285 -25.69 11.95 -28.83
N GLN F 286 -24.88 12.31 -29.84
CA GLN F 286 -25.36 12.54 -31.20
C GLN F 286 -26.03 11.32 -31.79
N GLU F 287 -27.35 11.45 -32.05
CA GLU F 287 -28.17 10.40 -32.65
C GLU F 287 -27.81 10.35 -34.14
N ARG F 288 -27.25 9.21 -34.58
CA ARG F 288 -26.78 8.95 -35.94
C ARG F 288 -27.56 7.83 -36.62
N VAL F 289 -27.45 7.74 -37.96
CA VAL F 289 -28.12 6.75 -38.81
C VAL F 289 -27.64 5.32 -38.48
N LYS F 290 -28.59 4.45 -38.10
CA LYS F 290 -28.31 3.06 -37.72
C LYS F 290 -28.05 2.16 -38.93
N LYS F 291 -28.95 2.18 -39.92
CA LYS F 291 -28.87 1.34 -41.11
C LYS F 291 -27.84 1.84 -42.13
N THR F 292 -27.15 0.89 -42.77
CA THR F 292 -26.11 1.17 -43.76
C THR F 292 -26.51 0.69 -45.17
N TRP F 293 -26.05 1.43 -46.19
CA TRP F 293 -26.31 1.08 -47.59
C TRP F 293 -25.36 -0.03 -48.03
N THR F 294 -25.89 -1.25 -48.18
CA THR F 294 -25.11 -2.42 -48.61
C THR F 294 -24.93 -2.37 -50.13
N VAL F 295 -23.67 -2.41 -50.60
CA VAL F 295 -23.35 -2.34 -52.03
C VAL F 295 -23.66 -3.69 -52.69
N VAL F 296 -24.59 -3.66 -53.66
CA VAL F 296 -25.03 -4.85 -54.42
C VAL F 296 -24.85 -4.64 -55.93
N ASP F 297 -24.83 -5.75 -56.71
CA ASP F 297 -24.70 -5.69 -58.17
C ASP F 297 -26.04 -5.25 -58.78
N ALA F 298 -25.99 -4.40 -59.82
CA ALA F 298 -27.18 -3.85 -60.51
C ALA F 298 -28.10 -4.91 -61.14
N LYS F 299 -27.55 -6.07 -61.53
CA LYS F 299 -28.31 -7.16 -62.14
C LYS F 299 -28.85 -8.16 -61.12
N THR F 300 -27.96 -8.75 -60.30
CA THR F 300 -28.29 -9.78 -59.30
C THR F 300 -28.90 -9.25 -58.01
N LEU F 301 -28.47 -8.05 -57.56
CA LEU F 301 -28.88 -7.39 -56.31
C LEU F 301 -28.46 -8.20 -55.07
N LYS F 302 -27.16 -8.59 -55.04
CA LYS F 302 -26.59 -9.37 -53.94
C LYS F 302 -25.23 -8.87 -53.47
N LYS F 303 -25.03 -8.90 -52.14
CA LYS F 303 -23.80 -8.49 -51.44
C LYS F 303 -22.68 -9.50 -51.70
N GLU F 304 -23.02 -10.81 -51.71
CA GLU F 304 -22.14 -11.98 -51.91
C GLU F 304 -21.28 -11.92 -53.17
N ASP F 305 -21.83 -11.40 -54.28
CA ASP F 305 -21.15 -11.27 -55.58
C ASP F 305 -20.04 -10.19 -55.58
N ILE F 306 -20.10 -9.24 -54.64
CA ILE F 306 -19.13 -8.14 -54.50
C ILE F 306 -18.11 -8.47 -53.38
N GLN F 307 -16.80 -8.30 -53.64
CA GLN F 307 -15.74 -8.59 -52.67
C GLN F 307 -14.58 -7.58 -52.67
N LYS F 308 -14.08 -7.21 -51.47
CA LYS F 308 -12.93 -6.32 -51.29
C LYS F 308 -11.71 -7.14 -50.84
N GLU F 309 -10.61 -7.10 -51.63
CA GLU F 309 -9.37 -7.84 -51.35
C GLU F 309 -8.16 -6.90 -51.17
N THR F 310 -7.29 -7.21 -50.17
CA THR F 310 -6.09 -6.42 -49.87
C THR F 310 -4.82 -7.01 -50.53
N VAL F 311 -4.01 -6.15 -51.18
CA VAL F 311 -2.77 -6.50 -51.88
C VAL F 311 -1.60 -5.68 -51.28
N TYR F 312 -0.42 -6.30 -51.12
CA TYR F 312 0.77 -5.64 -50.55
C TYR F 312 1.95 -5.59 -51.54
N CYS F 313 2.59 -4.40 -51.66
CA CYS F 313 3.73 -4.15 -52.55
C CYS F 313 4.79 -3.23 -51.92
N LEU F 314 6.05 -3.37 -52.36
CA LEU F 314 7.19 -2.58 -51.87
C LEU F 314 7.21 -1.15 -52.42
N ASN F 315 7.59 -0.18 -51.56
CA ASN F 315 7.67 1.26 -51.85
C ASN F 315 8.72 1.65 -52.90
N ASP F 316 9.84 0.91 -52.97
CA ASP F 316 10.94 1.15 -53.91
C ASP F 316 10.53 0.88 -55.37
N ASP F 317 11.26 1.51 -56.33
CA ASP F 317 11.05 1.40 -57.79
C ASP F 317 11.07 -0.06 -58.25
N ASP F 318 10.17 -0.41 -59.20
CA ASP F 318 9.94 -1.76 -59.74
C ASP F 318 9.40 -2.65 -58.62
N GLU F 319 8.18 -2.30 -58.14
CA GLU F 319 7.45 -2.92 -57.03
C GLU F 319 7.24 -4.42 -57.18
N THR F 320 7.42 -5.14 -56.06
CA THR F 320 7.27 -6.60 -55.93
C THR F 320 6.29 -6.91 -54.79
N GLU F 321 5.54 -8.02 -54.90
CA GLU F 321 4.55 -8.47 -53.91
C GLU F 321 5.19 -8.79 -52.56
N VAL F 322 4.66 -8.17 -51.49
CA VAL F 322 5.14 -8.32 -50.11
C VAL F 322 4.34 -9.41 -49.37
N LEU F 323 5.05 -10.35 -48.72
CA LEU F 323 4.50 -11.47 -47.96
C LEU F 323 3.66 -10.96 -46.79
N LYS F 324 2.39 -11.44 -46.70
CA LYS F 324 1.40 -11.07 -45.68
C LYS F 324 1.83 -11.44 -44.25
N GLU F 325 2.60 -12.53 -44.08
CA GLU F 325 3.10 -13.02 -42.79
C GLU F 325 4.33 -12.24 -42.28
N ASP F 326 5.23 -11.83 -43.20
CA ASP F 326 6.46 -11.11 -42.89
C ASP F 326 6.26 -9.63 -42.51
N ILE F 327 5.04 -9.09 -42.71
CA ILE F 327 4.69 -7.70 -42.38
C ILE F 327 4.72 -7.48 -40.86
N ILE F 328 5.54 -6.51 -40.41
CA ILE F 328 5.69 -6.12 -39.00
C ILE F 328 5.20 -4.70 -38.75
N GLN F 329 4.64 -4.46 -37.55
CA GLN F 329 4.12 -3.14 -37.14
C GLN F 329 5.27 -2.19 -36.79
N GLY F 330 5.13 -0.93 -37.22
CA GLY F 330 6.11 0.12 -36.96
C GLY F 330 5.50 1.49 -36.75
N PHE F 331 6.25 2.40 -36.10
CA PHE F 331 5.81 3.76 -35.81
C PHE F 331 6.89 4.79 -36.13
N ARG F 332 6.49 5.98 -36.60
CA ARG F 332 7.42 7.07 -36.94
C ARG F 332 7.66 7.97 -35.73
N TYR F 333 8.92 8.33 -35.51
CA TYR F 333 9.35 9.26 -34.46
C TYR F 333 10.18 10.35 -35.16
N GLY F 334 9.47 11.22 -35.87
CA GLY F 334 10.08 12.30 -36.65
C GLY F 334 10.72 11.74 -37.90
N SER F 335 12.04 11.94 -38.02
CA SER F 335 12.84 11.44 -39.15
C SER F 335 12.98 9.91 -39.07
N ASP F 336 13.19 9.39 -37.85
CA ASP F 336 13.38 7.98 -37.53
C ASP F 336 12.12 7.15 -37.74
N ILE F 337 12.31 5.90 -38.16
CA ILE F 337 11.26 4.89 -38.38
C ILE F 337 11.57 3.75 -37.40
N VAL F 338 10.72 3.60 -36.37
CA VAL F 338 10.92 2.64 -35.29
C VAL F 338 10.05 1.38 -35.44
N PRO F 339 10.64 0.16 -35.50
CA PRO F 339 9.82 -1.06 -35.58
C PRO F 339 9.32 -1.43 -34.18
N PHE F 340 7.98 -1.41 -33.99
CA PHE F 340 7.35 -1.72 -32.71
C PHE F 340 6.15 -2.65 -32.90
N SER F 341 6.35 -3.95 -32.58
CA SER F 341 5.33 -5.00 -32.71
C SER F 341 4.22 -4.86 -31.67
N LYS F 342 3.01 -5.36 -32.00
CA LYS F 342 1.82 -5.34 -31.13
C LYS F 342 2.02 -6.10 -29.82
N VAL F 343 2.90 -7.14 -29.84
CA VAL F 343 3.26 -7.99 -28.70
C VAL F 343 3.97 -7.17 -27.62
N ASP F 344 5.03 -6.42 -28.03
CA ASP F 344 5.82 -5.55 -27.16
C ASP F 344 5.03 -4.31 -26.75
N GLU F 345 4.08 -3.88 -27.61
CA GLU F 345 3.22 -2.71 -27.40
C GLU F 345 2.31 -2.87 -26.18
N GLU F 346 1.57 -4.01 -26.09
CA GLU F 346 0.65 -4.33 -24.99
C GLU F 346 1.32 -4.28 -23.61
N GLN F 347 2.60 -4.69 -23.53
CA GLN F 347 3.37 -4.71 -22.29
C GLN F 347 3.91 -3.31 -21.93
N MET F 348 4.48 -2.59 -22.91
CA MET F 348 5.08 -1.28 -22.71
C MET F 348 4.11 -0.09 -22.67
N LYS F 349 2.87 -0.26 -23.22
CA LYS F 349 1.85 0.80 -23.27
C LYS F 349 1.41 1.30 -21.88
N TYR F 350 0.78 2.50 -21.85
CA TYR F 350 0.27 3.13 -20.62
C TYR F 350 -0.83 2.25 -20.01
N LYS F 351 -0.61 1.81 -18.77
CA LYS F 351 -1.54 0.98 -18.03
C LYS F 351 -2.34 1.88 -17.10
N SER F 352 -3.65 2.02 -17.37
CA SER F 352 -4.58 2.86 -16.59
C SER F 352 -4.80 2.25 -15.22
N GLU F 353 -4.88 3.11 -14.18
CA GLU F 353 -5.06 2.67 -12.79
C GLU F 353 -6.47 2.09 -12.49
N GLY F 354 -7.40 2.20 -13.44
CA GLY F 354 -8.77 1.68 -13.33
C GLY F 354 -9.86 2.72 -13.49
N LYS F 355 -11.14 2.26 -13.65
CA LYS F 355 -12.30 3.15 -13.79
C LYS F 355 -12.59 3.90 -12.51
N CYS F 356 -12.84 5.21 -12.61
CA CYS F 356 -13.09 6.09 -11.49
C CYS F 356 -13.68 7.44 -11.91
N PHE F 357 -14.14 8.20 -10.92
CA PHE F 357 -14.68 9.55 -11.06
C PHE F 357 -14.05 10.41 -9.96
N SER F 358 -12.72 10.35 -9.86
CA SER F 358 -11.90 11.03 -8.84
C SER F 358 -11.77 12.53 -9.05
N VAL F 359 -11.91 13.31 -7.95
CA VAL F 359 -11.80 14.77 -7.95
C VAL F 359 -10.34 15.17 -7.84
N LEU F 360 -9.86 15.96 -8.80
CA LEU F 360 -8.49 16.46 -8.83
C LEU F 360 -8.38 17.71 -7.95
N GLY F 361 -9.40 18.55 -8.02
CA GLY F 361 -9.51 19.78 -7.25
C GLY F 361 -10.77 20.55 -7.58
N PHE F 362 -10.88 21.77 -7.06
CA PHE F 362 -12.02 22.64 -7.27
C PHE F 362 -11.55 24.04 -7.65
N CYS F 363 -12.19 24.64 -8.66
CA CYS F 363 -11.88 25.99 -9.14
C CYS F 363 -13.18 26.76 -9.38
N LYS F 364 -13.10 28.11 -9.53
CA LYS F 364 -14.25 28.96 -9.79
C LYS F 364 -14.83 28.71 -11.20
N SER F 365 -16.16 28.92 -11.34
CA SER F 365 -16.94 28.75 -12.57
C SER F 365 -16.32 29.49 -13.77
N SER F 366 -15.74 30.68 -13.51
CA SER F 366 -15.12 31.56 -14.49
C SER F 366 -13.91 30.95 -15.18
N GLN F 367 -13.13 30.10 -14.46
CA GLN F 367 -11.90 29.48 -14.95
C GLN F 367 -12.10 28.43 -16.06
N VAL F 368 -13.30 27.79 -16.10
CA VAL F 368 -13.66 26.78 -17.10
C VAL F 368 -14.54 27.41 -18.18
N GLN F 369 -13.98 27.60 -19.39
CA GLN F 369 -14.68 28.23 -20.53
C GLN F 369 -15.23 27.19 -21.49
N ARG F 370 -16.50 27.40 -21.96
CA ARG F 370 -17.23 26.52 -22.88
C ARG F 370 -16.46 26.22 -24.18
N ARG F 371 -15.57 27.14 -24.58
CA ARG F 371 -14.76 27.00 -25.79
C ARG F 371 -13.73 25.84 -25.68
N PHE F 372 -13.41 25.41 -24.45
CA PHE F 372 -12.45 24.33 -24.20
C PHE F 372 -13.11 22.96 -24.00
N PHE F 373 -14.45 22.88 -24.10
CA PHE F 373 -15.18 21.62 -23.95
C PHE F 373 -14.80 20.67 -25.09
N MET F 374 -14.58 19.40 -24.74
CA MET F 374 -14.15 18.37 -25.68
C MET F 374 -14.99 17.08 -25.60
N GLY F 375 -14.83 16.21 -26.60
CA GLY F 375 -15.55 14.95 -26.68
C GLY F 375 -16.82 15.00 -27.49
N ASN F 376 -17.57 13.89 -27.50
CA ASN F 376 -18.81 13.75 -28.27
C ASN F 376 -20.02 13.35 -27.39
N GLN F 377 -19.95 13.66 -26.08
CA GLN F 377 -20.99 13.35 -25.10
C GLN F 377 -20.99 14.28 -23.88
N VAL F 378 -22.11 14.26 -23.14
CA VAL F 378 -22.33 14.98 -21.88
C VAL F 378 -22.85 13.94 -20.89
N LEU F 379 -22.26 13.86 -19.70
CA LEU F 379 -22.70 12.90 -18.70
C LEU F 379 -23.41 13.62 -17.56
N LYS F 380 -24.54 13.06 -17.10
CA LYS F 380 -25.25 13.62 -15.96
C LYS F 380 -25.03 12.67 -14.80
N VAL F 381 -24.21 13.10 -13.83
CA VAL F 381 -23.86 12.33 -12.63
C VAL F 381 -24.97 12.48 -11.59
N PHE F 382 -25.77 11.43 -11.46
CA PHE F 382 -26.91 11.34 -10.54
C PHE F 382 -26.53 10.49 -9.33
N ALA F 383 -27.32 10.60 -8.27
CA ALA F 383 -27.12 9.83 -7.05
C ALA F 383 -27.59 8.39 -7.27
N ALA F 384 -26.80 7.41 -6.75
CA ALA F 384 -27.09 5.97 -6.86
C ALA F 384 -28.52 5.64 -6.44
N ARG F 385 -29.26 4.93 -7.31
CA ARG F 385 -30.66 4.55 -7.08
C ARG F 385 -30.83 3.64 -5.86
N ASP F 386 -31.89 3.89 -5.05
CA ASP F 386 -32.25 3.18 -3.81
C ASP F 386 -31.14 3.25 -2.71
N ASP F 387 -30.44 4.40 -2.67
CA ASP F 387 -29.38 4.70 -1.69
C ASP F 387 -29.61 6.14 -1.22
N GLU F 388 -30.14 6.27 0.02
CA GLU F 388 -30.47 7.56 0.62
C GLU F 388 -29.24 8.34 1.09
N ALA F 389 -28.28 7.65 1.74
CA ALA F 389 -27.06 8.25 2.27
C ALA F 389 -26.14 8.85 1.21
N ALA F 390 -26.01 8.18 0.05
CA ALA F 390 -25.19 8.65 -1.07
C ALA F 390 -25.88 9.80 -1.79
N ALA F 391 -27.24 9.82 -1.79
CA ALA F 391 -28.06 10.86 -2.41
C ALA F 391 -27.87 12.21 -1.73
N VAL F 392 -27.76 12.22 -0.39
CA VAL F 392 -27.53 13.41 0.43
C VAL F 392 -26.07 13.86 0.26
N ALA F 393 -25.13 12.88 0.24
CA ALA F 393 -23.68 13.10 0.07
C ALA F 393 -23.36 13.80 -1.24
N LEU F 394 -24.07 13.45 -2.34
CA LEU F 394 -23.87 14.10 -3.64
C LEU F 394 -24.56 15.47 -3.64
N SER F 395 -25.79 15.54 -3.06
CA SER F 395 -26.59 16.77 -2.94
C SER F 395 -25.81 17.87 -2.21
N SER F 396 -25.02 17.50 -1.18
CA SER F 396 -24.15 18.40 -0.40
C SER F 396 -23.11 19.03 -1.30
N LEU F 397 -22.51 18.23 -2.21
CA LEU F 397 -21.50 18.69 -3.16
C LEU F 397 -22.09 19.58 -4.24
N ILE F 398 -23.29 19.25 -4.75
CA ILE F 398 -24.00 20.02 -5.77
C ILE F 398 -24.30 21.43 -5.27
N HIS F 399 -24.88 21.53 -4.06
CA HIS F 399 -25.22 22.82 -3.45
C HIS F 399 -24.02 23.62 -2.97
N ALA F 400 -22.94 22.95 -2.51
CA ALA F 400 -21.72 23.64 -2.06
C ALA F 400 -21.05 24.35 -3.23
N LEU F 401 -21.02 23.69 -4.41
CA LEU F 401 -20.43 24.22 -5.64
C LEU F 401 -21.28 25.35 -6.24
N ASP F 402 -22.62 25.24 -6.11
CA ASP F 402 -23.59 26.23 -6.61
C ASP F 402 -23.47 27.56 -5.87
N ASP F 403 -23.51 27.51 -4.52
CA ASP F 403 -23.43 28.67 -3.63
C ASP F 403 -22.07 29.37 -3.70
N LEU F 404 -20.97 28.59 -3.84
CA LEU F 404 -19.61 29.13 -3.92
C LEU F 404 -19.23 29.57 -5.35
N ASP F 405 -20.12 29.32 -6.35
CA ASP F 405 -19.92 29.57 -7.78
C ASP F 405 -18.63 28.90 -8.25
N MET F 406 -18.54 27.60 -7.96
CA MET F 406 -17.39 26.77 -8.28
C MET F 406 -17.75 25.50 -9.03
N VAL F 407 -16.73 24.87 -9.63
CA VAL F 407 -16.84 23.64 -10.41
C VAL F 407 -15.83 22.62 -9.87
N ALA F 408 -15.88 21.39 -10.39
CA ALA F 408 -14.97 20.33 -9.95
C ALA F 408 -14.20 19.76 -11.12
N ILE F 409 -12.86 19.82 -11.05
CA ILE F 409 -12.00 19.25 -12.08
C ILE F 409 -11.81 17.79 -11.70
N VAL F 410 -12.33 16.86 -12.53
CA VAL F 410 -12.29 15.43 -12.23
C VAL F 410 -11.58 14.59 -13.30
N ARG F 411 -11.16 13.36 -12.91
CA ARG F 411 -10.54 12.37 -13.79
C ARG F 411 -11.59 11.29 -14.05
N TYR F 412 -11.85 10.96 -15.32
CA TYR F 412 -12.86 9.97 -15.68
C TYR F 412 -12.37 8.93 -16.70
N ALA F 413 -12.84 7.68 -16.53
CA ALA F 413 -12.59 6.51 -17.38
C ALA F 413 -13.73 5.52 -17.12
N TYR F 414 -14.40 5.03 -18.18
CA TYR F 414 -15.50 4.08 -18.00
C TYR F 414 -15.02 2.69 -17.55
N ASP F 415 -13.80 2.27 -17.95
CA ASP F 415 -13.18 0.99 -17.56
C ASP F 415 -11.66 1.11 -17.44
N LYS F 416 -10.98 0.05 -16.94
CA LYS F 416 -9.51 0.06 -16.79
C LYS F 416 -8.78 0.04 -18.14
N ARG F 417 -9.44 -0.49 -19.19
CA ARG F 417 -8.89 -0.59 -20.55
C ARG F 417 -8.97 0.77 -21.28
N ALA F 418 -10.02 1.56 -21.00
CA ALA F 418 -10.28 2.87 -21.58
C ALA F 418 -9.24 3.94 -21.19
N ASN F 419 -8.98 4.89 -22.12
CA ASN F 419 -8.03 5.99 -21.95
C ASN F 419 -8.57 7.03 -20.95
N PRO F 420 -7.73 7.53 -20.02
CA PRO F 420 -8.20 8.51 -19.03
C PRO F 420 -8.52 9.87 -19.62
N GLN F 421 -9.49 10.55 -18.99
CA GLN F 421 -9.97 11.87 -19.37
C GLN F 421 -9.91 12.81 -18.18
N VAL F 422 -9.81 14.12 -18.46
CA VAL F 422 -9.82 15.18 -17.44
C VAL F 422 -10.92 16.14 -17.89
N GLY F 423 -11.88 16.41 -17.03
CA GLY F 423 -12.99 17.30 -17.35
C GLY F 423 -13.59 18.06 -16.19
N VAL F 424 -14.65 18.83 -16.49
CA VAL F 424 -15.40 19.64 -15.55
C VAL F 424 -16.65 18.91 -15.08
N ALA F 425 -16.99 19.03 -13.79
CA ALA F 425 -18.16 18.47 -13.16
C ALA F 425 -18.82 19.65 -12.44
N PHE F 426 -19.86 20.24 -13.06
CA PHE F 426 -20.52 21.42 -12.54
C PHE F 426 -21.94 21.18 -12.02
N PRO F 427 -22.44 21.98 -11.03
CA PRO F 427 -23.81 21.74 -10.52
C PRO F 427 -24.90 22.05 -11.53
N HIS F 428 -26.05 21.36 -11.39
CA HIS F 428 -27.21 21.51 -12.25
C HIS F 428 -28.45 21.19 -11.41
N ILE F 429 -29.06 22.23 -10.84
CA ILE F 429 -30.23 22.08 -9.97
C ILE F 429 -31.50 22.57 -10.64
N LYS F 430 -32.48 21.68 -10.74
CA LYS F 430 -33.80 21.98 -11.28
C LYS F 430 -34.87 21.65 -10.20
N HIS F 431 -36.13 22.08 -10.41
CA HIS F 431 -37.22 21.86 -9.44
C HIS F 431 -37.47 20.38 -9.13
N ASN F 432 -37.37 19.51 -10.13
CA ASN F 432 -37.64 18.09 -10.02
C ASN F 432 -36.41 17.22 -9.72
N TYR F 433 -35.28 17.46 -10.42
CA TYR F 433 -34.05 16.68 -10.26
C TYR F 433 -32.84 17.53 -9.85
N GLU F 434 -31.79 16.85 -9.38
CA GLU F 434 -30.53 17.44 -8.93
C GLU F 434 -29.36 16.56 -9.38
N CYS F 435 -28.37 17.15 -10.09
CA CYS F 435 -27.21 16.39 -10.59
C CYS F 435 -25.99 17.25 -10.90
N LEU F 436 -24.85 16.58 -11.12
CA LEU F 436 -23.60 17.18 -11.56
C LEU F 436 -23.50 16.90 -13.05
N VAL F 437 -22.93 17.81 -13.83
CA VAL F 437 -22.80 17.61 -15.28
C VAL F 437 -21.32 17.51 -15.68
N TYR F 438 -20.92 16.35 -16.20
CA TYR F 438 -19.55 16.13 -16.65
C TYR F 438 -19.42 16.38 -18.14
N VAL F 439 -18.42 17.20 -18.51
CA VAL F 439 -18.04 17.55 -19.90
C VAL F 439 -16.51 17.48 -19.93
N GLN F 440 -15.95 16.71 -20.87
CA GLN F 440 -14.50 16.51 -21.00
C GLN F 440 -13.77 17.79 -21.35
N LEU F 441 -12.62 18.03 -20.73
CA LEU F 441 -11.79 19.21 -20.97
C LEU F 441 -10.51 18.82 -21.76
N PRO F 442 -9.70 19.77 -22.30
CA PRO F 442 -8.55 19.35 -23.10
C PRO F 442 -7.24 19.14 -22.37
N PHE F 443 -6.38 18.34 -23.02
CA PHE F 443 -5.01 18.07 -22.61
C PHE F 443 -4.17 19.08 -23.39
N MET F 444 -2.94 19.34 -22.93
CA MET F 444 -2.01 20.30 -23.53
C MET F 444 -1.80 20.05 -25.04
N GLU F 445 -1.70 18.78 -25.43
CA GLU F 445 -1.50 18.30 -26.81
C GLU F 445 -2.68 18.66 -27.74
N ASP F 446 -3.90 18.69 -27.19
CA ASP F 446 -5.15 19.00 -27.91
C ASP F 446 -5.25 20.48 -28.32
N LEU F 447 -4.71 21.38 -27.48
CA LEU F 447 -4.74 22.83 -27.69
C LEU F 447 -3.91 23.29 -28.89
N ARG F 448 -4.42 24.29 -29.64
CA ARG F 448 -3.77 24.89 -30.80
C ARG F 448 -3.76 26.40 -30.65
N GLN F 449 -2.58 27.01 -30.78
CA GLN F 449 -2.42 28.46 -30.63
C GLN F 449 -1.99 29.16 -31.92
N TYR F 450 -2.89 30.00 -32.45
CA TYR F 450 -2.65 30.82 -33.62
C TYR F 450 -2.94 32.26 -33.24
N MET F 451 -2.36 33.22 -33.97
CA MET F 451 -2.64 34.62 -33.72
C MET F 451 -3.35 35.27 -34.90
N PHE F 452 -4.51 35.88 -34.60
CA PHE F 452 -5.39 36.54 -35.55
C PHE F 452 -5.22 38.05 -35.44
N SER F 453 -5.44 38.77 -36.55
CA SER F 453 -5.31 40.24 -36.56
C SER F 453 -6.37 40.91 -35.69
N SER F 454 -5.98 41.97 -34.97
CA SER F 454 -6.88 42.73 -34.11
C SER F 454 -7.93 43.44 -34.95
N LEU F 455 -9.13 43.63 -34.39
CA LEU F 455 -10.24 44.30 -35.08
C LEU F 455 -10.74 45.52 -34.31
N LYS F 456 -10.55 45.51 -32.97
CA LYS F 456 -10.97 46.53 -32.00
C LYS F 456 -10.65 47.97 -32.44
N ASN F 457 -9.42 48.22 -32.93
CA ASN F 457 -9.00 49.54 -33.39
C ASN F 457 -8.34 49.50 -34.77
N SER F 458 -8.84 48.61 -35.66
CA SER F 458 -8.33 48.47 -37.03
C SER F 458 -8.86 49.60 -37.89
N LYS F 459 -7.98 50.56 -38.25
CA LYS F 459 -8.29 51.76 -39.03
C LYS F 459 -8.86 51.45 -40.42
N LYS F 460 -8.38 50.38 -41.07
CA LYS F 460 -8.84 49.95 -42.40
C LYS F 460 -10.23 49.29 -42.41
N TYR F 461 -10.60 48.57 -41.32
CA TYR F 461 -11.88 47.87 -41.24
C TYR F 461 -12.89 48.43 -40.21
N ALA F 462 -12.56 49.55 -39.54
CA ALA F 462 -13.45 50.18 -38.55
C ALA F 462 -14.75 50.68 -39.17
N PRO F 463 -15.93 50.25 -38.67
CA PRO F 463 -17.19 50.73 -39.27
C PRO F 463 -17.56 52.14 -38.80
N THR F 464 -18.29 52.89 -39.65
CA THR F 464 -18.74 54.24 -39.33
C THR F 464 -19.88 54.21 -38.31
N GLU F 465 -20.20 55.38 -37.71
CA GLU F 465 -21.29 55.50 -36.73
C GLU F 465 -22.63 55.11 -37.36
N ALA F 466 -22.83 55.45 -38.66
CA ALA F 466 -24.02 55.12 -39.44
C ALA F 466 -24.09 53.62 -39.72
N GLN F 467 -22.91 52.99 -39.96
CA GLN F 467 -22.77 51.55 -40.22
C GLN F 467 -23.13 50.73 -38.98
N LEU F 468 -22.64 51.16 -37.80
CA LEU F 468 -22.91 50.50 -36.51
C LEU F 468 -24.37 50.62 -36.12
N ASN F 469 -24.98 51.81 -36.34
CA ASN F 469 -26.40 52.07 -36.03
C ASN F 469 -27.35 51.31 -36.95
N ALA F 470 -26.83 50.80 -38.09
CA ALA F 470 -27.57 50.01 -39.06
C ALA F 470 -27.62 48.54 -38.62
N VAL F 471 -26.49 48.02 -38.09
CA VAL F 471 -26.35 46.66 -37.55
C VAL F 471 -27.11 46.56 -36.21
N ASP F 472 -27.14 47.67 -35.44
CA ASP F 472 -27.85 47.79 -34.16
C ASP F 472 -29.34 47.56 -34.39
N ALA F 473 -29.89 48.14 -35.48
CA ALA F 473 -31.29 48.02 -35.88
C ALA F 473 -31.60 46.61 -36.39
N LEU F 474 -30.60 45.95 -37.03
CA LEU F 474 -30.70 44.60 -37.57
C LEU F 474 -30.88 43.55 -36.46
N ILE F 475 -30.03 43.64 -35.41
CA ILE F 475 -30.06 42.73 -34.27
C ILE F 475 -31.38 42.87 -33.49
N ASP F 476 -31.87 44.11 -33.31
CA ASP F 476 -33.13 44.40 -32.63
C ASP F 476 -34.32 43.82 -33.41
N SER F 477 -34.29 43.95 -34.75
CA SER F 477 -35.35 43.46 -35.65
C SER F 477 -35.34 41.94 -35.76
N MET F 478 -34.15 41.34 -35.81
CA MET F 478 -34.00 39.89 -35.95
C MET F 478 -33.83 39.13 -34.62
N SER F 479 -34.34 39.71 -33.50
CA SER F 479 -34.24 39.04 -32.19
C SER F 479 -35.20 37.86 -32.09
N LEU F 480 -34.69 36.71 -31.60
CA LEU F 480 -35.43 35.46 -31.45
C LEU F 480 -35.97 35.24 -30.04
N ALA F 481 -36.11 36.30 -29.26
CA ALA F 481 -36.63 36.21 -27.90
C ALA F 481 -37.62 37.32 -27.58
N LYS F 482 -38.66 36.98 -26.81
CA LYS F 482 -39.72 37.88 -26.36
C LYS F 482 -39.75 37.89 -24.83
N LYS F 483 -39.96 39.07 -24.25
CA LYS F 483 -39.99 39.21 -22.81
C LYS F 483 -41.27 39.91 -22.37
N ASP F 484 -42.05 39.23 -21.50
CA ASP F 484 -43.26 39.78 -20.90
C ASP F 484 -42.85 40.47 -19.60
N GLU F 485 -43.24 41.74 -19.40
CA GLU F 485 -42.85 42.53 -18.24
C GLU F 485 -43.53 42.10 -16.93
N LYS F 486 -44.70 41.40 -17.02
CA LYS F 486 -45.38 40.90 -15.83
C LYS F 486 -44.66 39.65 -15.31
N THR F 487 -44.31 38.72 -16.23
CA THR F 487 -43.62 37.48 -15.89
C THR F 487 -42.12 37.72 -15.62
N ASP F 488 -41.52 38.72 -16.32
CA ASP F 488 -40.10 39.10 -16.27
C ASP F 488 -39.15 37.92 -16.63
N THR F 489 -39.70 36.97 -17.42
CA THR F 489 -39.03 35.76 -17.91
C THR F 489 -38.84 35.88 -19.42
N LEU F 490 -37.68 35.43 -19.92
CA LEU F 490 -37.35 35.48 -21.34
C LEU F 490 -37.85 34.22 -22.06
N GLU F 491 -38.69 34.43 -23.10
CA GLU F 491 -39.30 33.38 -23.91
C GLU F 491 -38.59 33.26 -25.25
N ASP F 492 -38.06 32.07 -25.55
CA ASP F 492 -37.37 31.76 -26.80
C ASP F 492 -38.39 31.49 -27.91
N LEU F 493 -38.24 32.17 -29.05
CA LEU F 493 -39.14 32.05 -30.20
C LEU F 493 -38.62 31.03 -31.22
N PHE F 494 -37.40 30.54 -31.03
CA PHE F 494 -36.84 29.55 -31.94
C PHE F 494 -36.11 28.43 -31.17
N PRO F 495 -36.75 27.70 -30.20
CA PRO F 495 -36.01 26.60 -29.53
C PRO F 495 -35.65 25.49 -30.51
N THR F 496 -34.37 25.45 -30.95
CA THR F 496 -33.83 24.50 -31.93
C THR F 496 -33.61 23.12 -31.31
N THR F 497 -33.31 23.09 -30.00
CA THR F 497 -33.07 21.87 -29.24
C THR F 497 -34.32 20.97 -29.16
N LYS F 498 -35.49 21.53 -29.48
CA LYS F 498 -36.79 20.85 -29.47
C LYS F 498 -37.16 20.30 -30.87
N ILE F 499 -36.54 20.86 -31.93
CA ILE F 499 -36.75 20.48 -33.32
C ILE F 499 -36.02 19.15 -33.60
N PRO F 500 -36.69 18.15 -34.22
CA PRO F 500 -35.97 16.90 -34.54
C PRO F 500 -35.06 17.09 -35.74
N ASN F 501 -33.93 16.34 -35.80
CA ASN F 501 -32.95 16.38 -36.90
C ASN F 501 -33.65 16.01 -38.22
N PRO F 502 -33.76 16.95 -39.19
CA PRO F 502 -34.48 16.66 -40.45
C PRO F 502 -33.97 15.48 -41.26
N ARG F 503 -32.73 15.04 -40.99
CA ARG F 503 -32.07 13.93 -41.67
C ARG F 503 -32.91 12.64 -41.68
N PHE F 504 -33.49 12.29 -40.52
CA PHE F 504 -34.24 11.04 -40.33
C PHE F 504 -35.58 11.01 -41.05
N GLN F 505 -36.48 11.98 -40.79
CA GLN F 505 -37.80 11.98 -41.45
C GLN F 505 -37.69 12.18 -42.97
N ARG F 506 -36.61 12.82 -43.45
CA ARG F 506 -36.35 13.00 -44.88
C ARG F 506 -35.92 11.65 -45.49
N LEU F 507 -35.06 10.89 -44.77
CA LEU F 507 -34.58 9.57 -45.18
C LEU F 507 -35.76 8.60 -45.26
N PHE F 508 -36.63 8.61 -44.23
CA PHE F 508 -37.81 7.75 -44.12
C PHE F 508 -38.78 8.00 -45.26
N GLN F 509 -38.95 9.29 -45.64
CA GLN F 509 -39.82 9.76 -46.72
C GLN F 509 -39.41 9.09 -48.02
N CYS F 510 -38.11 9.19 -48.36
CA CYS F 510 -37.48 8.64 -49.56
C CYS F 510 -37.47 7.11 -49.57
N LEU F 511 -37.16 6.50 -48.41
CA LEU F 511 -37.15 5.04 -48.25
C LEU F 511 -38.54 4.45 -48.50
N LEU F 512 -39.59 5.10 -47.94
CA LEU F 512 -40.99 4.69 -48.12
C LEU F 512 -41.46 4.93 -49.56
N HIS F 513 -41.14 6.12 -50.14
CA HIS F 513 -41.53 6.46 -51.50
C HIS F 513 -40.99 5.47 -52.52
N ARG F 514 -39.72 5.02 -52.36
CA ARG F 514 -39.11 4.05 -53.26
C ARG F 514 -39.73 2.65 -53.07
N ALA F 515 -40.12 2.32 -51.82
CA ALA F 515 -40.73 1.05 -51.47
C ALA F 515 -42.14 0.90 -52.05
N LEU F 516 -42.93 2.00 -52.08
CA LEU F 516 -44.31 1.99 -52.60
C LEU F 516 -44.40 2.39 -54.07
N HIS F 517 -43.59 3.37 -54.50
CA HIS F 517 -43.57 3.87 -55.88
C HIS F 517 -42.15 3.69 -56.44
N PRO F 518 -41.82 2.47 -56.95
CA PRO F 518 -40.44 2.22 -57.42
C PRO F 518 -40.06 2.91 -58.73
N ARG F 519 -41.04 3.11 -59.65
CA ARG F 519 -40.81 3.75 -60.94
C ARG F 519 -40.58 5.27 -60.84
N GLU F 520 -41.32 5.94 -59.94
CA GLU F 520 -41.23 7.39 -59.72
C GLU F 520 -39.89 7.80 -59.09
N PRO F 521 -39.32 8.99 -59.41
CA PRO F 521 -38.07 9.40 -58.76
C PRO F 521 -38.32 9.92 -57.34
N LEU F 522 -37.25 10.21 -56.57
CA LEU F 522 -37.36 10.70 -55.19
C LEU F 522 -38.20 11.97 -55.04
N PRO F 523 -39.06 12.04 -54.01
CA PRO F 523 -39.89 13.24 -53.84
C PRO F 523 -39.12 14.41 -53.22
N PRO F 524 -39.60 15.68 -53.34
CA PRO F 524 -38.85 16.80 -52.73
C PRO F 524 -39.08 16.88 -51.22
N ILE F 525 -38.24 17.68 -50.52
CA ILE F 525 -38.35 17.89 -49.07
C ILE F 525 -39.72 18.50 -48.77
N GLN F 526 -40.49 17.88 -47.85
CA GLN F 526 -41.82 18.35 -47.45
C GLN F 526 -41.75 19.76 -46.88
N GLN F 527 -42.67 20.64 -47.31
CA GLN F 527 -42.73 22.05 -46.90
C GLN F 527 -42.70 22.25 -45.39
N HIS F 528 -43.42 21.41 -44.61
CA HIS F 528 -43.43 21.52 -43.15
C HIS F 528 -42.03 21.33 -42.53
N ILE F 529 -41.15 20.53 -43.17
CA ILE F 529 -39.76 20.31 -42.75
C ILE F 529 -38.98 21.62 -42.98
N TRP F 530 -39.26 22.32 -44.09
CA TRP F 530 -38.60 23.60 -44.36
C TRP F 530 -39.13 24.69 -43.44
N ASN F 531 -40.43 24.65 -43.14
CA ASN F 531 -41.12 25.61 -42.27
C ASN F 531 -40.58 25.57 -40.84
N MET F 532 -40.26 24.36 -40.35
CA MET F 532 -39.74 24.19 -39.00
C MET F 532 -38.27 24.59 -38.89
N LEU F 533 -37.52 24.53 -40.01
CA LEU F 533 -36.10 24.89 -40.02
C LEU F 533 -35.87 26.39 -40.17
N ASN F 534 -36.79 27.12 -40.83
CA ASN F 534 -36.70 28.57 -41.03
C ASN F 534 -37.22 29.37 -39.82
N PRO F 535 -36.68 30.60 -39.57
CA PRO F 535 -37.15 31.41 -38.43
C PRO F 535 -38.62 31.84 -38.52
N PRO F 536 -39.28 32.26 -37.40
CA PRO F 536 -40.69 32.68 -37.48
C PRO F 536 -40.93 33.79 -38.49
N ALA F 537 -42.05 33.72 -39.23
CA ALA F 537 -42.43 34.66 -40.29
C ALA F 537 -42.30 36.12 -39.86
N GLU F 538 -42.58 36.41 -38.58
CA GLU F 538 -42.50 37.74 -37.97
C GLU F 538 -41.07 38.27 -37.94
N VAL F 539 -40.09 37.37 -37.72
CA VAL F 539 -38.65 37.68 -37.68
C VAL F 539 -38.16 38.00 -39.11
N THR F 540 -38.58 37.18 -40.09
CA THR F 540 -38.22 37.33 -41.51
C THR F 540 -38.76 38.65 -42.08
N THR F 541 -40.01 39.00 -41.74
CA THR F 541 -40.69 40.22 -42.19
C THR F 541 -40.08 41.49 -41.58
N LYS F 542 -39.78 41.45 -40.26
CA LYS F 542 -39.17 42.57 -39.53
C LYS F 542 -37.79 42.93 -40.07
N SER F 543 -36.99 41.91 -40.41
CA SER F 543 -35.63 42.02 -40.93
C SER F 543 -35.48 42.62 -42.33
N GLN F 544 -36.56 42.61 -43.14
CA GLN F 544 -36.59 43.10 -44.53
C GLN F 544 -35.97 44.50 -44.73
N ILE F 545 -36.48 45.49 -43.97
CA ILE F 545 -36.07 46.90 -44.02
C ILE F 545 -34.60 47.09 -43.54
N PRO F 546 -34.14 46.63 -42.34
CA PRO F 546 -32.73 46.85 -41.98
C PRO F 546 -31.71 46.11 -42.85
N LEU F 547 -32.10 44.95 -43.43
CA LEU F 547 -31.23 44.17 -44.32
C LEU F 547 -30.93 44.92 -45.62
N SER F 548 -31.96 45.60 -46.19
CA SER F 548 -31.80 46.42 -47.41
C SER F 548 -30.89 47.62 -47.10
N LYS F 549 -31.00 48.17 -45.88
CA LYS F 549 -30.21 49.30 -45.38
C LYS F 549 -28.75 48.92 -45.16
N ILE F 550 -28.47 47.71 -44.63
CA ILE F 550 -27.10 47.26 -44.42
C ILE F 550 -26.44 46.86 -45.74
N LYS F 551 -27.25 46.46 -46.75
CA LYS F 551 -26.77 46.07 -48.08
C LYS F 551 -26.08 47.25 -48.77
N THR F 552 -26.72 48.43 -48.75
CA THR F 552 -26.22 49.67 -49.36
C THR F 552 -25.05 50.27 -48.58
N LEU F 553 -25.13 50.24 -47.23
CA LEU F 553 -24.11 50.78 -46.32
C LEU F 553 -22.82 49.96 -46.30
N PHE F 554 -22.93 48.62 -46.41
CA PHE F 554 -21.79 47.70 -46.40
C PHE F 554 -21.50 47.14 -47.81
N PRO F 555 -20.44 47.65 -48.48
CA PRO F 555 -20.13 47.17 -49.83
C PRO F 555 -19.42 45.82 -49.82
N LEU F 556 -19.90 44.88 -50.64
CA LEU F 556 -19.38 43.52 -50.75
C LEU F 556 -19.15 43.13 -52.21
N ILE F 557 -17.95 42.61 -52.53
CA ILE F 557 -17.59 42.20 -53.89
C ILE F 557 -16.62 41.00 -53.89
N GLU F 558 -16.78 40.06 -54.85
CA GLU F 558 -15.95 38.87 -54.99
C GLU F 558 -14.62 39.16 -55.69
N ALA F 559 -13.57 38.37 -55.35
CA ALA F 559 -12.23 38.49 -55.90
C ALA F 559 -12.08 37.57 -57.11
N ARG G 35 9.21 -36.80 -46.17
CA ARG G 35 8.12 -36.69 -47.13
C ARG G 35 8.52 -37.14 -48.55
N ASP G 36 8.08 -38.36 -48.92
CA ASP G 36 8.33 -38.98 -50.21
C ASP G 36 7.22 -38.64 -51.20
N SER G 37 7.58 -38.41 -52.45
CA SER G 37 6.64 -38.07 -53.51
C SER G 37 6.35 -39.25 -54.43
N LEU G 38 5.06 -39.51 -54.68
CA LEU G 38 4.59 -40.61 -55.53
C LEU G 38 3.58 -40.08 -56.57
N ILE G 39 3.85 -40.33 -57.86
CA ILE G 39 2.98 -39.85 -58.96
C ILE G 39 2.33 -41.01 -59.72
N PHE G 40 1.00 -40.99 -59.82
CA PHE G 40 0.22 -42.00 -60.55
C PHE G 40 -0.08 -41.49 -61.96
N LEU G 41 0.55 -42.14 -62.96
CA LEU G 41 0.41 -41.80 -64.37
C LEU G 41 -0.51 -42.81 -65.03
N VAL G 42 -1.66 -42.33 -65.55
CA VAL G 42 -2.66 -43.21 -66.17
C VAL G 42 -2.87 -42.89 -67.65
N ASP G 43 -2.79 -43.94 -68.49
CA ASP G 43 -3.02 -43.89 -69.92
C ASP G 43 -4.52 -43.71 -70.16
N ALA G 44 -4.89 -42.77 -71.04
CA ALA G 44 -6.29 -42.50 -71.36
C ALA G 44 -6.60 -42.67 -72.85
N SER G 45 -5.94 -43.65 -73.50
CA SER G 45 -6.16 -43.96 -74.92
C SER G 45 -7.38 -44.87 -75.08
N LYS G 46 -7.90 -45.00 -76.32
CA LYS G 46 -9.09 -45.81 -76.67
C LYS G 46 -9.05 -47.24 -76.09
N ALA G 47 -7.86 -47.90 -76.10
CA ALA G 47 -7.65 -49.26 -75.61
C ALA G 47 -7.91 -49.44 -74.11
N MET G 48 -7.61 -48.40 -73.30
CA MET G 48 -7.77 -48.40 -71.84
C MET G 48 -9.22 -48.44 -71.36
N PHE G 49 -10.19 -48.01 -72.21
CA PHE G 49 -11.61 -47.97 -71.87
C PHE G 49 -12.41 -49.19 -72.41
N GLU G 50 -11.70 -50.20 -72.95
CA GLU G 50 -12.31 -51.41 -73.50
C GLU G 50 -12.05 -52.63 -72.62
N SER G 51 -13.11 -53.35 -72.24
CA SER G 51 -13.05 -54.56 -71.42
C SER G 51 -12.83 -55.78 -72.32
N GLN G 52 -12.03 -56.75 -71.84
CA GLN G 52 -11.69 -57.98 -72.56
C GLN G 52 -12.87 -58.99 -72.56
N SER G 53 -14.07 -58.54 -73.00
CA SER G 53 -15.34 -59.27 -73.07
C SER G 53 -15.62 -60.12 -71.82
N GLU G 54 -15.49 -59.49 -70.64
CA GLU G 54 -15.65 -60.09 -69.31
C GLU G 54 -16.48 -59.18 -68.38
N ASP G 55 -16.88 -59.72 -67.22
CA ASP G 55 -17.61 -59.01 -66.17
C ASP G 55 -16.66 -58.08 -65.40
N GLU G 56 -15.34 -58.34 -65.50
CA GLU G 56 -14.28 -57.57 -64.87
C GLU G 56 -14.12 -56.19 -65.51
N LEU G 57 -13.73 -55.21 -64.69
CA LEU G 57 -13.58 -53.79 -65.03
C LEU G 57 -12.51 -53.50 -66.07
N THR G 58 -12.68 -52.39 -66.80
CA THR G 58 -11.78 -51.88 -67.84
C THR G 58 -10.43 -51.50 -67.22
N PRO G 59 -9.30 -51.60 -67.97
CA PRO G 59 -7.98 -51.23 -67.41
C PRO G 59 -7.94 -49.85 -66.73
N PHE G 60 -8.73 -48.88 -67.24
CA PHE G 60 -8.84 -47.53 -66.71
C PHE G 60 -9.52 -47.54 -65.33
N ASP G 61 -10.65 -48.25 -65.23
CA ASP G 61 -11.46 -48.39 -64.02
C ASP G 61 -10.65 -49.02 -62.88
N MET G 62 -9.82 -50.03 -63.22
CA MET G 62 -8.92 -50.73 -62.29
C MET G 62 -7.92 -49.75 -61.69
N SER G 63 -7.35 -48.86 -62.54
CA SER G 63 -6.36 -47.85 -62.19
C SER G 63 -6.95 -46.81 -61.22
N ILE G 64 -8.09 -46.18 -61.62
CA ILE G 64 -8.83 -45.17 -60.84
C ILE G 64 -9.16 -45.70 -59.44
N GLN G 65 -9.64 -46.95 -59.35
CA GLN G 65 -9.96 -47.60 -58.08
C GLN G 65 -8.71 -47.90 -57.25
N CYS G 66 -7.62 -48.35 -57.91
CA CYS G 66 -6.34 -48.68 -57.26
C CYS G 66 -5.72 -47.44 -56.60
N ILE G 67 -5.69 -46.30 -57.33
CA ILE G 67 -5.16 -45.02 -56.85
C ILE G 67 -5.97 -44.55 -55.64
N GLN G 68 -7.32 -44.59 -55.76
CA GLN G 68 -8.27 -44.22 -54.70
C GLN G 68 -8.00 -45.05 -53.44
N SER G 69 -7.79 -46.37 -53.60
CA SER G 69 -7.50 -47.32 -52.52
C SER G 69 -6.21 -46.95 -51.78
N VAL G 70 -5.15 -46.55 -52.52
CA VAL G 70 -3.86 -46.14 -51.97
C VAL G 70 -4.05 -44.86 -51.14
N TYR G 71 -4.78 -43.87 -51.71
CA TYR G 71 -5.11 -42.59 -51.07
C TYR G 71 -5.77 -42.79 -49.70
N ILE G 72 -6.79 -43.69 -49.64
CA ILE G 72 -7.53 -44.05 -48.43
C ILE G 72 -6.59 -44.74 -47.42
N SER G 73 -5.78 -45.71 -47.90
CA SER G 73 -4.81 -46.48 -47.11
C SER G 73 -3.78 -45.59 -46.45
N LYS G 74 -3.31 -44.54 -47.17
CA LYS G 74 -2.33 -43.57 -46.71
C LYS G 74 -2.84 -42.69 -45.57
N ILE G 75 -4.16 -42.39 -45.56
CA ILE G 75 -4.81 -41.58 -44.52
C ILE G 75 -4.93 -42.39 -43.23
N ILE G 76 -5.40 -43.66 -43.33
CA ILE G 76 -5.55 -44.59 -42.22
C ILE G 76 -4.18 -44.86 -41.57
N SER G 77 -3.19 -45.28 -42.39
CA SER G 77 -1.82 -45.59 -41.94
C SER G 77 -1.01 -44.33 -41.51
N SER G 78 -1.60 -43.14 -41.69
CA SER G 78 -1.03 -41.82 -41.35
C SER G 78 0.35 -41.57 -41.98
N ASP G 79 0.51 -41.99 -43.26
CA ASP G 79 1.75 -41.80 -44.02
C ASP G 79 1.84 -40.36 -44.50
N ARG G 80 2.98 -39.72 -44.22
CA ARG G 80 3.28 -38.32 -44.56
C ARG G 80 3.52 -38.08 -46.07
N ASP G 81 3.52 -39.17 -46.87
CA ASP G 81 3.76 -39.19 -48.32
C ASP G 81 2.84 -38.27 -49.13
N LEU G 82 3.41 -37.61 -50.17
CA LEU G 82 2.72 -36.69 -51.09
C LEU G 82 2.36 -37.45 -52.37
N LEU G 83 1.10 -37.32 -52.81
CA LEU G 83 0.59 -38.01 -53.99
C LEU G 83 0.17 -37.08 -55.13
N ALA G 84 0.14 -37.61 -56.37
CA ALA G 84 -0.26 -36.87 -57.58
C ALA G 84 -0.93 -37.78 -58.60
N VAL G 85 -1.86 -37.22 -59.41
CA VAL G 85 -2.59 -37.94 -60.45
C VAL G 85 -2.43 -37.22 -61.79
N VAL G 86 -1.73 -37.86 -62.74
CA VAL G 86 -1.47 -37.31 -64.08
C VAL G 86 -2.02 -38.25 -65.15
N PHE G 87 -2.72 -37.69 -66.14
CA PHE G 87 -3.29 -38.43 -67.28
C PHE G 87 -2.62 -38.00 -68.58
N TYR G 88 -2.50 -38.94 -69.53
CA TYR G 88 -1.95 -38.66 -70.86
C TYR G 88 -2.81 -39.30 -71.95
N GLY G 89 -2.82 -38.69 -73.12
CA GLY G 89 -3.62 -39.14 -74.25
C GLY G 89 -5.03 -38.59 -74.21
N THR G 90 -5.22 -37.49 -73.43
CA THR G 90 -6.48 -36.77 -73.27
C THR G 90 -6.44 -35.55 -74.21
N GLU G 91 -7.58 -35.14 -74.78
CA GLU G 91 -7.60 -33.97 -75.67
C GLU G 91 -7.27 -32.70 -74.90
N LYS G 92 -7.97 -32.47 -73.75
CA LYS G 92 -7.78 -31.33 -72.87
C LYS G 92 -6.47 -31.49 -72.09
N ASP G 93 -5.59 -30.48 -72.16
CA ASP G 93 -4.30 -30.51 -71.47
C ASP G 93 -4.21 -29.48 -70.35
N LYS G 94 -3.77 -29.93 -69.16
CA LYS G 94 -3.59 -29.08 -67.99
C LYS G 94 -2.22 -29.36 -67.39
N ASN G 95 -1.22 -28.52 -67.74
CA ASN G 95 0.16 -28.63 -67.25
C ASN G 95 0.91 -27.31 -67.34
N SER G 96 2.02 -27.21 -66.58
CA SER G 96 2.91 -26.07 -66.41
C SER G 96 3.21 -25.28 -67.69
N VAL G 97 3.67 -25.97 -68.75
CA VAL G 97 4.08 -25.32 -70.01
C VAL G 97 3.09 -25.56 -71.17
N ASN G 98 1.87 -26.01 -70.85
CA ASN G 98 0.79 -26.27 -71.80
C ASN G 98 1.23 -27.24 -72.94
N PHE G 99 1.90 -28.34 -72.56
CA PHE G 99 2.34 -29.41 -73.46
C PHE G 99 1.07 -30.17 -73.83
N LYS G 100 0.86 -30.39 -75.14
CA LYS G 100 -0.35 -31.04 -75.64
C LYS G 100 -0.57 -32.46 -75.14
N ASN G 101 -1.84 -32.74 -74.81
CA ASN G 101 -2.44 -34.02 -74.40
C ASN G 101 -1.95 -34.58 -73.04
N ILE G 102 -1.61 -33.69 -72.09
CA ILE G 102 -1.17 -34.05 -70.73
C ILE G 102 -2.03 -33.31 -69.70
N TYR G 103 -2.87 -34.06 -68.93
CA TYR G 103 -3.74 -33.49 -67.90
C TYR G 103 -3.31 -33.86 -66.49
N VAL G 104 -2.76 -32.89 -65.76
CA VAL G 104 -2.32 -33.05 -64.37
C VAL G 104 -3.56 -32.74 -63.51
N LEU G 105 -4.29 -33.80 -63.14
CA LEU G 105 -5.52 -33.72 -62.34
C LEU G 105 -5.22 -33.22 -60.92
N GLN G 106 -4.20 -33.81 -60.27
CA GLN G 106 -3.79 -33.47 -58.91
C GLN G 106 -2.28 -33.28 -58.82
N GLU G 107 -1.85 -32.12 -58.28
CA GLU G 107 -0.44 -31.80 -58.06
C GLU G 107 0.09 -32.62 -56.87
N LEU G 108 1.41 -32.58 -56.61
CA LEU G 108 1.97 -33.32 -55.49
C LEU G 108 1.60 -32.69 -54.15
N ASP G 109 0.75 -33.39 -53.37
CA ASP G 109 0.28 -32.97 -52.05
C ASP G 109 -0.26 -34.17 -51.25
N ASN G 110 -0.45 -33.98 -49.92
CA ASN G 110 -0.98 -34.98 -48.99
C ASN G 110 -2.38 -35.46 -49.41
N PRO G 111 -2.78 -36.72 -49.06
CA PRO G 111 -4.12 -37.18 -49.46
C PRO G 111 -5.24 -36.49 -48.68
N GLY G 112 -6.36 -36.23 -49.35
CA GLY G 112 -7.51 -35.56 -48.74
C GLY G 112 -8.86 -36.15 -49.10
N ALA G 113 -9.91 -35.74 -48.36
CA ALA G 113 -11.29 -36.18 -48.55
C ALA G 113 -11.86 -35.68 -49.87
N LYS G 114 -11.57 -34.41 -50.23
CA LYS G 114 -12.02 -33.79 -51.48
C LYS G 114 -11.30 -34.39 -52.69
N ARG G 115 -10.03 -34.81 -52.50
CA ARG G 115 -9.18 -35.44 -53.52
C ARG G 115 -9.70 -36.82 -53.92
N ILE G 116 -10.10 -37.65 -52.92
CA ILE G 116 -10.67 -38.98 -53.11
C ILE G 116 -12.04 -38.86 -53.81
N LEU G 117 -12.81 -37.81 -53.43
CA LEU G 117 -14.12 -37.49 -54.00
C LEU G 117 -13.99 -37.17 -55.48
N GLU G 118 -12.91 -36.46 -55.88
CA GLU G 118 -12.63 -36.10 -57.28
C GLU G 118 -12.33 -37.35 -58.10
N LEU G 119 -11.58 -38.32 -57.51
CA LEU G 119 -11.23 -39.60 -58.13
C LEU G 119 -12.47 -40.48 -58.31
N ASP G 120 -13.44 -40.38 -57.37
CA ASP G 120 -14.70 -41.13 -57.37
C ASP G 120 -15.63 -40.75 -58.54
N GLN G 121 -15.43 -39.55 -59.10
CA GLN G 121 -16.21 -39.03 -60.22
C GLN G 121 -15.89 -39.74 -61.54
N PHE G 122 -14.78 -40.52 -61.58
CA PHE G 122 -14.35 -41.26 -62.76
C PHE G 122 -14.53 -42.76 -62.60
N LYS G 123 -14.85 -43.21 -61.36
CA LYS G 123 -15.09 -44.60 -60.99
C LYS G 123 -16.39 -45.11 -61.61
N GLY G 124 -16.32 -46.27 -62.26
CA GLY G 124 -17.45 -46.93 -62.89
C GLY G 124 -17.68 -46.57 -64.35
N GLN G 125 -18.72 -47.21 -64.96
CA GLN G 125 -19.14 -47.00 -66.35
C GLN G 125 -19.77 -45.62 -66.53
N GLN G 126 -20.50 -45.14 -65.50
CA GLN G 126 -21.13 -43.82 -65.47
C GLN G 126 -20.05 -42.77 -65.19
N GLY G 127 -19.05 -43.16 -64.40
CA GLY G 127 -17.89 -42.33 -64.07
C GLY G 127 -16.99 -42.16 -65.26
N GLN G 128 -16.90 -43.21 -66.12
CA GLN G 128 -16.12 -43.21 -67.38
C GLN G 128 -16.68 -42.13 -68.32
N LYS G 129 -18.03 -42.00 -68.38
CA LYS G 129 -18.74 -41.01 -69.20
C LYS G 129 -18.34 -39.59 -68.80
N ARG G 130 -18.24 -39.33 -67.47
CA ARG G 130 -17.86 -38.03 -66.89
C ARG G 130 -16.43 -37.63 -67.27
N PHE G 131 -15.52 -38.63 -67.36
CA PHE G 131 -14.12 -38.44 -67.74
C PHE G 131 -14.04 -37.98 -69.20
N GLN G 132 -14.73 -38.69 -70.13
CA GLN G 132 -14.78 -38.40 -71.57
C GLN G 132 -15.36 -37.00 -71.85
N ASP G 133 -16.27 -36.52 -70.99
CA ASP G 133 -16.91 -35.22 -71.13
C ASP G 133 -16.01 -34.05 -70.67
N MET G 134 -15.36 -34.21 -69.49
CA MET G 134 -14.46 -33.19 -68.91
C MET G 134 -13.21 -32.99 -69.80
N MET G 135 -12.55 -34.10 -70.17
CA MET G 135 -11.35 -34.11 -71.01
C MET G 135 -11.48 -35.23 -72.07
N GLY G 136 -10.78 -35.09 -73.18
CA GLY G 136 -10.83 -36.06 -74.28
C GLY G 136 -10.13 -37.37 -74.00
N HIS G 137 -10.02 -38.23 -75.06
CA HIS G 137 -9.37 -39.54 -75.00
C HIS G 137 -8.88 -40.03 -76.37
N GLY G 138 -7.93 -40.97 -76.36
CA GLY G 138 -7.33 -41.57 -77.55
C GLY G 138 -6.57 -40.59 -78.43
N SER G 139 -6.06 -39.50 -77.83
CA SER G 139 -5.31 -38.45 -78.51
C SER G 139 -3.83 -38.78 -78.62
N ASP G 140 -3.16 -38.26 -79.68
CA ASP G 140 -1.73 -38.47 -79.93
C ASP G 140 -0.90 -37.85 -78.81
N TYR G 141 -0.09 -38.67 -78.15
CA TYR G 141 0.78 -38.21 -77.08
C TYR G 141 2.26 -38.36 -77.44
N SER G 142 3.14 -37.95 -76.52
CA SER G 142 4.59 -38.04 -76.67
C SER G 142 5.15 -38.36 -75.30
N LEU G 143 5.45 -39.65 -75.05
CA LEU G 143 5.98 -40.16 -73.78
C LEU G 143 7.16 -39.35 -73.23
N SER G 144 7.97 -38.76 -74.13
CA SER G 144 9.10 -37.91 -73.78
C SER G 144 8.60 -36.67 -73.01
N GLU G 145 7.56 -35.98 -73.55
CA GLU G 145 6.92 -34.82 -72.94
C GLU G 145 6.13 -35.21 -71.69
N VAL G 146 5.49 -36.40 -71.71
CA VAL G 146 4.67 -36.93 -70.61
C VAL G 146 5.51 -37.11 -69.33
N LEU G 147 6.66 -37.80 -69.45
CA LEU G 147 7.57 -38.07 -68.33
C LEU G 147 8.24 -36.79 -67.83
N TRP G 148 8.49 -35.83 -68.75
CA TRP G 148 9.11 -34.55 -68.42
C TRP G 148 8.19 -33.73 -67.50
N VAL G 149 6.88 -33.68 -67.81
CA VAL G 149 5.88 -32.95 -67.02
C VAL G 149 5.83 -33.56 -65.63
N CYS G 150 5.78 -34.91 -65.55
CA CYS G 150 5.77 -35.69 -64.32
C CYS G 150 6.97 -35.34 -63.46
N ALA G 151 8.18 -35.32 -64.06
CA ALA G 151 9.42 -34.98 -63.37
C ALA G 151 9.38 -33.57 -62.82
N ASN G 152 8.80 -32.62 -63.57
CA ASN G 152 8.67 -31.21 -63.18
C ASN G 152 7.75 -30.99 -61.97
N LEU G 153 6.89 -31.96 -61.65
CA LEU G 153 6.01 -31.88 -60.47
C LEU G 153 6.81 -32.06 -59.16
N PHE G 154 7.92 -32.81 -59.23
CA PHE G 154 8.81 -33.08 -58.09
C PHE G 154 9.64 -31.86 -57.70
N SER G 155 9.80 -30.87 -58.62
CA SER G 155 10.59 -29.64 -58.42
C SER G 155 10.34 -28.94 -57.09
N ASP G 156 9.08 -28.97 -56.58
CA ASP G 156 8.71 -28.36 -55.30
C ASP G 156 9.20 -29.20 -54.12
N SER G 162 14.88 -37.54 -50.18
CA SER G 162 13.59 -38.23 -50.29
C SER G 162 13.50 -39.12 -51.55
N HIS G 163 12.41 -39.92 -51.67
CA HIS G 163 12.21 -40.80 -52.82
C HIS G 163 11.21 -40.25 -53.82
N LYS G 164 11.60 -40.22 -55.10
CA LYS G 164 10.77 -39.73 -56.20
C LYS G 164 10.34 -40.96 -57.01
N ARG G 165 9.02 -41.17 -57.20
CA ARG G 165 8.53 -42.35 -57.90
C ARG G 165 7.33 -42.07 -58.82
N ILE G 166 7.37 -42.61 -60.06
CA ILE G 166 6.31 -42.51 -61.07
C ILE G 166 5.79 -43.92 -61.36
N MET G 167 4.47 -44.11 -61.23
CA MET G 167 3.80 -45.40 -61.49
C MET G 167 2.88 -45.31 -62.71
N LEU G 168 3.34 -45.89 -63.82
CA LEU G 168 2.65 -45.88 -65.10
C LEU G 168 1.67 -47.03 -65.28
N PHE G 169 0.36 -46.71 -65.30
CA PHE G 169 -0.74 -47.64 -65.49
C PHE G 169 -1.12 -47.61 -66.97
N THR G 170 -0.79 -48.68 -67.72
CA THR G 170 -1.06 -48.78 -69.15
C THR G 170 -1.22 -50.24 -69.61
N ASN G 171 -1.99 -50.43 -70.70
CA ASN G 171 -2.23 -51.73 -71.34
C ASN G 171 -1.59 -51.78 -72.75
N GLU G 172 -0.80 -50.74 -73.10
CA GLU G 172 -0.10 -50.63 -74.38
C GLU G 172 1.35 -51.09 -74.23
N ASP G 173 1.67 -52.26 -74.79
CA ASP G 173 2.99 -52.89 -74.73
C ASP G 173 4.04 -52.20 -75.60
N ASN G 174 3.63 -51.59 -76.73
CA ASN G 174 4.57 -50.89 -77.61
C ASN G 174 4.03 -49.50 -78.06
N PRO G 175 4.04 -48.48 -77.17
CA PRO G 175 3.63 -47.13 -77.61
C PRO G 175 4.72 -46.54 -78.50
N HIS G 176 4.33 -45.71 -79.49
CA HIS G 176 5.23 -45.13 -80.50
C HIS G 176 5.89 -46.26 -81.33
N GLY G 177 5.10 -47.27 -81.69
CA GLY G 177 5.53 -48.42 -82.49
C GLY G 177 5.76 -48.01 -83.92
N ASN G 178 4.94 -47.08 -84.41
CA ASN G 178 4.96 -46.49 -85.74
C ASN G 178 6.02 -45.38 -85.82
N ASP G 179 6.16 -44.56 -84.75
CA ASP G 179 7.10 -43.44 -84.68
C ASP G 179 8.44 -43.84 -84.07
N SER G 180 9.51 -43.84 -84.89
CA SER G 180 10.87 -44.17 -84.47
C SER G 180 11.50 -43.07 -83.64
N ALA G 181 11.27 -41.79 -84.05
CA ALA G 181 11.77 -40.58 -83.39
C ALA G 181 11.20 -40.40 -81.99
N LYS G 182 9.85 -40.53 -81.83
CA LYS G 182 9.14 -40.42 -80.56
C LYS G 182 9.59 -41.48 -79.56
N ALA G 183 9.88 -42.69 -80.05
CA ALA G 183 10.33 -43.84 -79.26
C ALA G 183 11.73 -43.61 -78.69
N SER G 184 12.66 -43.08 -79.50
CA SER G 184 14.03 -42.80 -79.05
C SER G 184 14.08 -41.62 -78.08
N ARG G 185 13.25 -40.57 -78.33
CA ARG G 185 13.14 -39.37 -77.49
C ARG G 185 12.63 -39.74 -76.11
N ALA G 186 11.67 -40.68 -76.03
CA ALA G 186 11.09 -41.19 -74.80
C ALA G 186 12.14 -41.95 -73.98
N ARG G 187 13.00 -42.74 -74.66
CA ARG G 187 14.09 -43.51 -74.03
C ARG G 187 15.09 -42.58 -73.36
N THR G 188 15.37 -41.42 -74.00
CA THR G 188 16.31 -40.41 -73.51
C THR G 188 15.78 -39.74 -72.24
N LYS G 189 14.50 -39.29 -72.21
CA LYS G 189 13.92 -38.66 -71.02
C LYS G 189 13.75 -39.67 -69.89
N ALA G 190 13.48 -40.94 -70.21
CA ALA G 190 13.37 -42.02 -69.22
C ALA G 190 14.73 -42.26 -68.59
N GLY G 191 15.79 -42.21 -69.40
CA GLY G 191 17.17 -42.34 -68.96
C GLY G 191 17.55 -41.19 -68.05
N ASP G 192 17.17 -39.96 -68.45
CA ASP G 192 17.41 -38.72 -67.71
C ASP G 192 16.74 -38.74 -66.32
N LEU G 193 15.55 -39.35 -66.20
CA LEU G 193 14.83 -39.44 -64.92
C LEU G 193 15.58 -40.36 -63.96
N ARG G 194 16.06 -41.51 -64.47
CA ARG G 194 16.79 -42.52 -63.71
C ARG G 194 18.13 -41.98 -63.20
N ASP G 195 18.81 -41.16 -64.00
CA ASP G 195 20.07 -40.54 -63.62
C ASP G 195 19.88 -39.46 -62.54
N THR G 196 18.64 -38.93 -62.41
CA THR G 196 18.25 -37.90 -61.43
C THR G 196 17.95 -38.54 -60.07
N GLY G 197 17.34 -39.72 -60.10
CA GLY G 197 16.97 -40.47 -58.91
C GLY G 197 15.49 -40.79 -58.85
N ILE G 198 14.76 -40.48 -59.94
CA ILE G 198 13.33 -40.73 -60.08
C ILE G 198 13.13 -42.20 -60.48
N PHE G 199 12.24 -42.92 -59.78
CA PHE G 199 11.94 -44.31 -60.06
C PHE G 199 10.79 -44.43 -61.05
N LEU G 200 10.93 -45.31 -62.04
CA LEU G 200 9.90 -45.56 -63.04
C LEU G 200 9.46 -47.00 -62.96
N ASP G 201 8.22 -47.22 -62.51
CA ASP G 201 7.64 -48.54 -62.34
C ASP G 201 6.46 -48.75 -63.26
N LEU G 202 6.45 -49.87 -64.01
CA LEU G 202 5.38 -50.20 -64.93
C LEU G 202 4.31 -51.02 -64.26
N MET G 203 3.05 -50.61 -64.47
CA MET G 203 1.87 -51.28 -63.95
C MET G 203 1.09 -51.80 -65.15
N HIS G 204 1.73 -52.71 -65.91
CA HIS G 204 1.23 -53.37 -67.12
C HIS G 204 -0.06 -54.11 -66.85
N LEU G 205 -1.07 -53.82 -67.66
CA LEU G 205 -2.41 -54.38 -67.54
C LEU G 205 -2.73 -55.35 -68.69
N LYS G 206 -3.73 -56.23 -68.47
CA LYS G 206 -4.18 -57.25 -69.41
C LYS G 206 -4.44 -56.69 -70.82
N LYS G 207 -3.74 -57.26 -71.81
CA LYS G 207 -3.83 -56.88 -73.21
C LYS G 207 -4.08 -58.14 -74.06
N PRO G 208 -5.00 -58.10 -75.07
CA PRO G 208 -5.22 -59.29 -75.91
C PRO G 208 -3.94 -59.77 -76.61
N GLY G 209 -3.58 -61.01 -76.31
CA GLY G 209 -2.37 -61.63 -76.85
C GLY G 209 -1.13 -61.38 -76.01
N GLY G 210 -1.36 -61.03 -74.75
CA GLY G 210 -0.30 -60.75 -73.78
C GLY G 210 0.39 -59.41 -73.90
N PHE G 211 1.14 -59.04 -72.85
CA PHE G 211 1.93 -57.80 -72.77
C PHE G 211 3.42 -58.16 -72.90
N ASP G 212 4.12 -57.50 -73.84
CA ASP G 212 5.54 -57.76 -74.05
C ASP G 212 6.42 -56.63 -73.53
N ILE G 213 7.34 -56.98 -72.62
CA ILE G 213 8.29 -56.05 -72.01
C ILE G 213 9.47 -55.79 -72.98
N SER G 214 9.91 -56.84 -73.71
CA SER G 214 11.04 -56.77 -74.65
C SER G 214 10.86 -55.76 -75.79
N LEU G 215 9.60 -55.53 -76.25
CA LEU G 215 9.29 -54.59 -77.34
C LEU G 215 9.53 -53.14 -76.93
N PHE G 216 8.99 -52.74 -75.77
CA PHE G 216 9.13 -51.41 -75.18
C PHE G 216 8.87 -51.49 -73.69
N TYR G 217 9.48 -50.56 -72.93
CA TYR G 217 9.43 -50.38 -71.47
C TYR G 217 10.57 -51.11 -70.76
N ARG G 218 11.26 -52.05 -71.45
CA ARG G 218 12.41 -52.78 -70.91
C ARG G 218 13.53 -51.80 -70.52
N ASP G 219 13.76 -50.77 -71.36
CA ASP G 219 14.76 -49.73 -71.15
C ASP G 219 14.22 -48.60 -70.27
N ILE G 220 12.92 -48.32 -70.37
CA ILE G 220 12.22 -47.26 -69.62
C ILE G 220 12.19 -47.53 -68.11
N ILE G 221 11.77 -48.75 -67.70
CA ILE G 221 11.60 -49.16 -66.30
C ILE G 221 12.89 -49.11 -65.49
N SER G 222 12.75 -48.83 -64.18
CA SER G 222 13.85 -48.80 -63.24
C SER G 222 14.13 -50.23 -62.77
N ILE G 223 15.36 -50.72 -63.02
CA ILE G 223 15.79 -52.06 -62.60
C ILE G 223 16.80 -51.96 -61.45
N ALA G 224 16.68 -52.84 -60.45
CA ALA G 224 17.59 -52.85 -59.30
C ALA G 224 18.97 -53.37 -59.71
N GLU G 225 20.03 -52.91 -59.02
CA GLU G 225 21.40 -53.34 -59.28
C GLU G 225 21.63 -54.80 -58.92
N ASP G 226 20.87 -55.30 -57.92
CA ASP G 226 20.92 -56.69 -57.46
C ASP G 226 19.85 -57.53 -58.16
N GLU G 227 20.30 -58.65 -58.79
CA GLU G 227 19.48 -59.62 -59.53
C GLU G 227 18.40 -60.23 -58.64
N ASP G 228 18.73 -60.44 -57.36
CA ASP G 228 17.88 -61.02 -56.31
C ASP G 228 16.83 -60.03 -55.80
N LEU G 229 17.17 -58.72 -55.80
CA LEU G 229 16.27 -57.66 -55.33
C LEU G 229 15.11 -57.37 -56.29
N ARG G 230 15.37 -57.42 -57.62
CA ARG G 230 14.33 -57.14 -58.62
C ARG G 230 13.29 -58.24 -58.73
N VAL G 231 12.02 -57.81 -58.79
CA VAL G 231 10.87 -58.69 -58.92
C VAL G 231 10.19 -58.50 -60.28
N HIS G 232 9.84 -59.62 -60.94
CA HIS G 232 9.21 -59.62 -62.25
C HIS G 232 7.74 -60.04 -62.16
N PHE G 233 6.87 -59.06 -61.88
CA PHE G 233 5.43 -59.27 -61.75
C PHE G 233 4.77 -59.52 -63.09
N GLU G 234 3.68 -60.29 -63.07
CA GLU G 234 2.88 -60.62 -64.27
C GLU G 234 1.88 -59.50 -64.51
N GLU G 235 1.28 -59.43 -65.72
CA GLU G 235 0.30 -58.41 -66.09
C GLU G 235 -0.97 -58.47 -65.20
N SER G 236 -1.48 -57.31 -64.76
CA SER G 236 -2.64 -57.23 -63.88
C SER G 236 -3.97 -57.35 -64.64
N SER G 237 -4.84 -58.27 -64.17
CA SER G 237 -6.18 -58.55 -64.73
C SER G 237 -7.28 -58.19 -63.71
N LYS G 238 -6.99 -58.37 -62.42
CA LYS G 238 -7.89 -58.07 -61.30
C LYS G 238 -7.36 -56.86 -60.51
N LEU G 239 -8.27 -56.10 -59.89
CA LEU G 239 -7.96 -54.93 -59.05
C LEU G 239 -7.16 -55.34 -57.80
N GLU G 240 -7.51 -56.49 -57.18
CA GLU G 240 -6.87 -57.05 -56.00
C GLU G 240 -5.36 -57.32 -56.20
N ASP G 241 -5.00 -57.81 -57.39
CA ASP G 241 -3.62 -58.12 -57.78
C ASP G 241 -2.85 -56.83 -58.05
N LEU G 242 -3.47 -55.88 -58.80
CA LEU G 242 -2.89 -54.58 -59.15
C LEU G 242 -2.57 -53.76 -57.89
N LEU G 243 -3.55 -53.65 -56.96
CA LEU G 243 -3.39 -52.91 -55.70
C LEU G 243 -2.25 -53.47 -54.85
N ARG G 244 -2.12 -54.81 -54.83
CA ARG G 244 -1.05 -55.50 -54.09
C ARG G 244 0.33 -55.28 -54.72
N LYS G 245 0.39 -55.23 -56.08
CA LYS G 245 1.63 -55.00 -56.82
C LYS G 245 2.10 -53.55 -56.65
N VAL G 246 1.15 -52.58 -56.62
CA VAL G 246 1.41 -51.15 -56.45
C VAL G 246 1.99 -50.88 -55.05
N ARG G 247 1.33 -51.42 -54.00
CA ARG G 247 1.79 -51.27 -52.61
C ARG G 247 3.10 -52.02 -52.34
N ALA G 248 3.43 -53.02 -53.19
CA ALA G 248 4.68 -53.80 -53.09
C ALA G 248 5.88 -52.96 -53.52
N LYS G 249 5.77 -52.27 -54.68
CA LYS G 249 6.83 -51.42 -55.24
C LYS G 249 6.93 -50.06 -54.52
N GLU G 250 5.77 -49.51 -54.06
CA GLU G 250 5.66 -48.22 -53.37
C GLU G 250 6.46 -48.17 -52.06
N THR G 251 6.13 -49.08 -51.14
CA THR G 251 6.70 -49.19 -49.80
C THR G 251 8.22 -49.38 -49.76
N ARG G 252 8.84 -48.71 -48.79
CA ARG G 252 10.29 -48.76 -48.52
C ARG G 252 10.43 -49.40 -47.14
N LYS G 253 11.42 -50.30 -46.98
CA LYS G 253 11.67 -51.01 -45.72
C LYS G 253 12.00 -50.01 -44.60
N ARG G 254 11.29 -50.11 -43.47
CA ARG G 254 11.47 -49.23 -42.32
C ARG G 254 11.92 -50.09 -41.13
N ALA G 255 13.22 -50.01 -40.79
CA ALA G 255 13.78 -50.79 -39.69
C ALA G 255 13.42 -50.18 -38.33
N LEU G 256 12.86 -51.01 -37.44
CA LEU G 256 12.48 -50.62 -36.08
C LEU G 256 13.75 -50.27 -35.28
N SER G 257 14.81 -51.07 -35.48
CA SER G 257 16.14 -50.90 -34.86
C SER G 257 17.21 -51.68 -35.64
N ARG G 258 18.48 -51.23 -35.53
CA ARG G 258 19.63 -51.87 -36.13
C ARG G 258 20.51 -52.29 -34.96
N LEU G 259 20.60 -53.61 -34.71
CA LEU G 259 21.31 -54.17 -33.56
C LEU G 259 22.47 -55.10 -33.94
N LYS G 260 23.35 -55.40 -32.97
CA LYS G 260 24.48 -56.29 -33.13
C LYS G 260 24.09 -57.71 -32.69
N LEU G 261 24.31 -58.71 -33.56
CA LEU G 261 24.05 -60.11 -33.24
C LEU G 261 25.40 -60.74 -32.89
N LYS G 262 25.68 -60.81 -31.58
CA LYS G 262 26.95 -61.30 -31.04
C LYS G 262 26.96 -62.82 -30.85
N LEU G 263 27.60 -63.54 -31.80
CA LEU G 263 27.78 -65.01 -31.80
C LEU G 263 28.67 -65.38 -30.59
N ASN G 264 29.66 -64.51 -30.34
CA ASN G 264 30.69 -64.55 -29.31
C ASN G 264 31.20 -63.09 -29.17
N LYS G 265 31.92 -62.79 -28.07
CA LYS G 265 32.51 -61.47 -27.77
C LYS G 265 33.21 -60.81 -28.99
N ASP G 266 33.84 -61.63 -29.85
CA ASP G 266 34.59 -61.19 -31.03
C ASP G 266 33.86 -61.39 -32.37
N ILE G 267 32.98 -62.42 -32.47
CA ILE G 267 32.20 -62.66 -33.70
C ILE G 267 30.87 -61.92 -33.60
N VAL G 268 30.79 -60.75 -34.25
CA VAL G 268 29.62 -59.87 -34.23
C VAL G 268 29.18 -59.46 -35.63
N ILE G 269 27.93 -59.78 -36.01
CA ILE G 269 27.32 -59.39 -37.28
C ILE G 269 26.26 -58.33 -36.98
N SER G 270 25.88 -57.51 -37.97
CA SER G 270 24.87 -56.47 -37.76
C SER G 270 23.56 -56.85 -38.43
N VAL G 271 22.46 -56.73 -37.68
CA VAL G 271 21.10 -57.07 -38.14
C VAL G 271 20.09 -55.95 -37.94
N GLY G 272 19.09 -55.93 -38.80
CA GLY G 272 17.97 -55.00 -38.75
C GLY G 272 16.74 -55.70 -38.23
N ILE G 273 16.09 -55.09 -37.24
CA ILE G 273 14.88 -55.63 -36.60
C ILE G 273 13.68 -54.91 -37.22
N TYR G 274 12.81 -55.66 -37.91
CA TYR G 274 11.64 -55.13 -38.62
C TYR G 274 10.33 -55.66 -38.03
N ASN G 275 9.36 -54.75 -37.82
CA ASN G 275 8.05 -55.12 -37.29
C ASN G 275 7.06 -55.28 -38.45
N LEU G 276 6.91 -56.53 -38.93
CA LEU G 276 6.04 -56.87 -40.06
C LEU G 276 4.55 -56.89 -39.71
N VAL G 277 4.24 -56.85 -38.41
CA VAL G 277 2.89 -56.77 -37.85
C VAL G 277 2.92 -55.78 -36.70
N GLN G 278 2.02 -54.79 -36.74
CA GLN G 278 1.93 -53.77 -35.70
C GLN G 278 0.49 -53.32 -35.57
N LYS G 279 -0.07 -53.44 -34.36
CA LYS G 279 -1.46 -53.09 -34.07
C LYS G 279 -1.78 -51.65 -34.45
N ALA G 280 -2.63 -51.51 -35.48
CA ALA G 280 -3.12 -50.24 -35.98
C ALA G 280 -4.22 -49.79 -35.03
N LEU G 281 -4.01 -48.65 -34.36
CA LEU G 281 -4.94 -48.13 -33.37
C LEU G 281 -5.50 -46.77 -33.79
N LYS G 282 -6.60 -46.34 -33.13
CA LYS G 282 -7.27 -45.06 -33.40
C LYS G 282 -6.27 -43.90 -33.23
N PRO G 283 -6.11 -43.01 -34.24
CA PRO G 283 -5.14 -41.91 -34.12
C PRO G 283 -5.41 -40.97 -32.94
N PRO G 284 -4.34 -40.50 -32.24
CA PRO G 284 -4.57 -39.60 -31.09
C PRO G 284 -5.15 -38.23 -31.46
N PRO G 285 -6.01 -37.62 -30.61
CA PRO G 285 -6.58 -36.31 -30.96
C PRO G 285 -5.59 -35.15 -30.91
N ILE G 286 -5.90 -34.09 -31.66
CA ILE G 286 -5.10 -32.87 -31.78
C ILE G 286 -5.87 -31.72 -31.14
N LYS G 287 -5.22 -31.00 -30.21
CA LYS G 287 -5.80 -29.86 -29.52
C LYS G 287 -5.77 -28.65 -30.46
N LEU G 288 -6.96 -28.15 -30.85
CA LEU G 288 -7.10 -27.01 -31.77
C LEU G 288 -7.63 -25.75 -31.07
N TYR G 289 -8.00 -24.71 -31.84
CA TYR G 289 -8.57 -23.46 -31.35
C TYR G 289 -9.99 -23.32 -31.89
N ARG G 290 -10.91 -22.72 -31.10
CA ARG G 290 -12.32 -22.54 -31.44
C ARG G 290 -12.58 -21.68 -32.68
N GLU G 291 -11.72 -20.68 -32.96
CA GLU G 291 -11.87 -19.76 -34.09
C GLU G 291 -11.03 -20.11 -35.32
N THR G 292 -9.70 -20.24 -35.16
CA THR G 292 -8.75 -20.53 -36.24
C THR G 292 -8.77 -21.98 -36.72
N ASN G 293 -9.04 -22.95 -35.80
CA ASN G 293 -9.08 -24.41 -36.04
C ASN G 293 -7.70 -24.95 -36.50
N GLU G 294 -6.62 -24.37 -35.96
CA GLU G 294 -5.24 -24.75 -36.23
C GLU G 294 -4.62 -25.48 -35.02
N PRO G 295 -3.63 -26.39 -35.21
CA PRO G 295 -3.06 -27.11 -34.05
C PRO G 295 -2.37 -26.19 -33.03
N VAL G 296 -2.42 -26.61 -31.75
CA VAL G 296 -1.84 -25.89 -30.62
C VAL G 296 -0.73 -26.75 -29.99
N LYS G 297 0.49 -26.18 -29.84
CA LYS G 297 1.63 -26.86 -29.25
C LYS G 297 1.55 -26.81 -27.71
N THR G 298 1.74 -27.98 -27.07
CA THR G 298 1.68 -28.13 -25.62
C THR G 298 3.09 -28.15 -25.00
N LYS G 299 3.30 -27.30 -23.98
CA LYS G 299 4.56 -27.19 -23.23
C LYS G 299 4.30 -27.56 -21.77
N THR G 300 4.74 -28.75 -21.34
CA THR G 300 4.56 -29.24 -19.98
C THR G 300 5.77 -28.83 -19.13
N ARG G 301 5.61 -27.75 -18.36
CA ARG G 301 6.64 -27.15 -17.50
C ARG G 301 6.52 -27.62 -16.05
N THR G 302 7.67 -27.98 -15.44
CA THR G 302 7.74 -28.44 -14.05
C THR G 302 8.41 -27.37 -13.18
N PHE G 303 7.68 -26.88 -12.16
CA PHE G 303 8.18 -25.83 -11.26
C PHE G 303 7.66 -25.99 -9.82
N ASN G 304 8.28 -25.25 -8.88
CA ASN G 304 7.97 -25.22 -7.46
C ASN G 304 6.60 -24.57 -7.17
N THR G 305 6.00 -24.92 -6.02
CA THR G 305 4.69 -24.40 -5.57
C THR G 305 4.89 -23.17 -4.67
N SER G 306 5.83 -23.26 -3.70
CA SER G 306 6.13 -22.21 -2.73
C SER G 306 6.76 -20.95 -3.34
N THR G 307 7.72 -21.12 -4.28
CA THR G 307 8.41 -20.01 -4.94
C THR G 307 7.84 -19.67 -6.33
N GLY G 308 7.55 -20.71 -7.12
CA GLY G 308 7.01 -20.56 -8.46
C GLY G 308 8.04 -20.67 -9.57
N GLY G 309 9.32 -20.62 -9.18
CA GLY G 309 10.45 -20.69 -10.10
C GLY G 309 10.67 -22.08 -10.68
N LEU G 310 11.13 -22.14 -11.95
CA LEU G 310 11.40 -23.38 -12.69
C LEU G 310 12.50 -24.20 -12.03
N LEU G 311 12.25 -25.51 -11.86
CA LEU G 311 13.19 -26.43 -11.23
C LEU G 311 13.99 -27.23 -12.25
N LEU G 312 15.32 -27.22 -12.09
CA LEU G 312 16.28 -27.94 -12.91
C LEU G 312 16.24 -29.44 -12.59
N PRO G 313 16.71 -30.35 -13.49
CA PRO G 313 16.68 -31.80 -13.16
C PRO G 313 17.56 -32.22 -11.98
N SER G 314 18.53 -31.37 -11.59
CA SER G 314 19.43 -31.58 -10.45
C SER G 314 18.69 -31.43 -9.12
N ASP G 315 17.64 -30.58 -9.10
CA ASP G 315 16.80 -30.30 -7.93
C ASP G 315 15.73 -31.38 -7.69
N THR G 316 15.62 -32.36 -8.59
CA THR G 316 14.65 -33.46 -8.49
C THR G 316 15.28 -34.79 -8.10
N LYS G 317 14.53 -35.59 -7.34
CA LYS G 317 14.91 -36.93 -6.86
C LYS G 317 13.70 -37.88 -6.98
N ARG G 318 13.93 -39.20 -7.01
CA ARG G 318 12.86 -40.17 -7.14
C ARG G 318 12.61 -40.94 -5.85
N SER G 319 11.32 -41.22 -5.54
CA SER G 319 10.94 -41.91 -4.31
C SER G 319 9.93 -43.04 -4.51
N GLN G 320 10.00 -44.03 -3.59
CA GLN G 320 9.12 -45.18 -3.47
C GLN G 320 8.93 -45.41 -1.97
N ILE G 321 7.67 -45.38 -1.52
CA ILE G 321 7.33 -45.50 -0.10
C ILE G 321 6.68 -46.85 0.21
N TYR G 322 7.35 -47.63 1.06
CA TYR G 322 6.90 -48.94 1.54
C TYR G 322 6.64 -48.83 3.04
N GLY G 323 5.36 -48.70 3.39
CA GLY G 323 4.89 -48.54 4.77
C GLY G 323 5.25 -47.17 5.33
N SER G 324 6.24 -47.14 6.23
CA SER G 324 6.74 -45.91 6.85
C SER G 324 8.04 -45.43 6.18
N ARG G 325 8.85 -46.39 5.66
CA ARG G 325 10.13 -46.14 5.00
C ARG G 325 9.99 -45.56 3.59
N GLN G 326 10.84 -44.58 3.28
CA GLN G 326 10.92 -43.91 1.98
C GLN G 326 12.32 -44.13 1.42
N ILE G 327 12.41 -44.80 0.26
CA ILE G 327 13.67 -45.09 -0.42
C ILE G 327 13.92 -44.00 -1.47
N ILE G 328 15.09 -43.34 -1.40
CA ILE G 328 15.46 -42.23 -2.30
C ILE G 328 16.56 -42.62 -3.29
N LEU G 329 16.29 -42.47 -4.59
CA LEU G 329 17.24 -42.75 -5.67
C LEU G 329 17.26 -41.62 -6.69
N GLU G 330 18.44 -41.35 -7.27
CA GLU G 330 18.63 -40.34 -8.31
C GLU G 330 18.16 -40.93 -9.65
N LYS G 331 17.86 -40.07 -10.64
CA LYS G 331 17.40 -40.51 -11.97
C LYS G 331 18.41 -41.44 -12.64
N GLU G 332 19.72 -41.20 -12.42
CA GLU G 332 20.80 -42.03 -12.96
C GLU G 332 20.81 -43.42 -12.30
N GLU G 333 20.53 -43.47 -10.98
CA GLU G 333 20.46 -44.70 -10.19
C GLU G 333 19.26 -45.57 -10.58
N THR G 334 18.11 -44.94 -10.90
CA THR G 334 16.88 -45.63 -11.31
C THR G 334 17.05 -46.32 -12.66
N GLU G 335 17.96 -45.80 -13.50
CA GLU G 335 18.30 -46.36 -14.81
C GLU G 335 19.40 -47.40 -14.66
N GLU G 336 20.33 -47.21 -13.70
CA GLU G 336 21.46 -48.10 -13.38
C GLU G 336 20.99 -49.51 -12.98
N LEU G 337 19.88 -49.60 -12.21
CA LEU G 337 19.31 -50.88 -11.77
C LEU G 337 18.62 -51.63 -12.92
N LYS G 338 18.08 -50.92 -13.91
CA LYS G 338 17.43 -51.49 -15.10
C LYS G 338 18.47 -52.11 -16.04
N ARG G 339 19.70 -51.56 -16.05
CA ARG G 339 20.80 -51.94 -16.92
C ARG G 339 21.37 -53.33 -16.65
N PHE G 340 21.40 -54.13 -17.72
CA PHE G 340 21.93 -55.49 -17.87
C PHE G 340 22.43 -55.53 -19.32
N ASP G 341 23.48 -56.33 -19.60
CA ASP G 341 24.05 -56.48 -20.95
C ASP G 341 24.31 -55.13 -21.65
N ASP G 342 24.25 -55.11 -22.99
CA ASP G 342 24.42 -53.96 -23.85
C ASP G 342 23.44 -54.15 -25.01
N PRO G 343 22.95 -53.10 -25.71
CA PRO G 343 21.97 -53.33 -26.77
C PRO G 343 22.45 -54.26 -27.88
N GLY G 344 21.64 -55.30 -28.13
CA GLY G 344 21.91 -56.32 -29.13
C GLY G 344 21.41 -57.71 -28.77
N LEU G 345 21.62 -58.67 -29.68
CA LEU G 345 21.25 -60.08 -29.50
C LEU G 345 22.47 -60.91 -29.13
N MET G 346 22.37 -61.71 -28.06
CA MET G 346 23.47 -62.55 -27.58
C MET G 346 23.13 -64.02 -27.74
N LEU G 347 23.84 -64.72 -28.64
CA LEU G 347 23.61 -66.13 -28.93
C LEU G 347 23.93 -67.01 -27.71
N MET G 348 22.90 -67.72 -27.24
CA MET G 348 22.99 -68.64 -26.09
C MET G 348 23.31 -70.04 -26.61
N GLY G 349 22.63 -70.42 -27.68
CA GLY G 349 22.77 -71.71 -28.33
C GLY G 349 21.66 -71.99 -29.32
N PHE G 350 21.44 -73.28 -29.59
CA PHE G 350 20.45 -73.72 -30.56
C PHE G 350 19.47 -74.75 -29.99
N LYS G 351 18.21 -74.33 -29.83
CA LYS G 351 17.10 -75.14 -29.30
C LYS G 351 16.23 -75.69 -30.45
N PRO G 352 16.00 -77.03 -30.52
CA PRO G 352 15.15 -77.57 -31.60
C PRO G 352 13.74 -77.01 -31.54
N LEU G 353 13.15 -76.69 -32.71
CA LEU G 353 11.81 -76.09 -32.88
C LEU G 353 10.69 -76.81 -32.13
N VAL G 354 10.80 -78.15 -31.95
CA VAL G 354 9.82 -79.00 -31.25
C VAL G 354 9.64 -78.58 -29.78
N LEU G 355 10.74 -78.13 -29.12
CA LEU G 355 10.71 -77.66 -27.73
C LEU G 355 9.98 -76.32 -27.57
N LEU G 356 9.94 -75.51 -28.64
CA LEU G 356 9.23 -74.22 -28.66
C LEU G 356 7.74 -74.52 -28.82
N LYS G 357 6.94 -74.19 -27.79
CA LYS G 357 5.49 -74.48 -27.77
C LYS G 357 4.64 -73.41 -28.47
N LYS G 358 3.52 -73.85 -29.11
CA LYS G 358 2.57 -72.99 -29.85
C LYS G 358 1.97 -71.90 -28.98
N HIS G 359 1.73 -72.19 -27.68
CA HIS G 359 1.29 -71.18 -26.72
C HIS G 359 2.57 -70.43 -26.29
N HIS G 360 2.73 -70.02 -25.01
CA HIS G 360 3.91 -69.24 -24.59
C HIS G 360 4.08 -67.94 -25.43
N TYR G 361 2.97 -67.41 -25.95
CA TYR G 361 2.98 -66.19 -26.72
C TYR G 361 2.97 -65.04 -25.71
N LEU G 362 3.92 -64.11 -25.84
CA LEU G 362 4.04 -63.00 -24.91
C LEU G 362 3.65 -61.67 -25.53
N ARG G 363 4.33 -61.31 -26.64
CA ARG G 363 4.12 -60.07 -27.39
C ARG G 363 4.38 -60.35 -28.87
N PRO G 364 3.90 -59.51 -29.84
CA PRO G 364 4.08 -59.85 -31.27
C PRO G 364 5.53 -59.98 -31.73
N SER G 365 5.78 -61.01 -32.55
CA SER G 365 7.07 -61.38 -33.11
C SER G 365 7.63 -60.34 -34.06
N LEU G 366 8.98 -60.31 -34.19
CA LEU G 366 9.69 -59.38 -35.06
C LEU G 366 10.42 -60.14 -36.17
N PHE G 367 11.03 -59.41 -37.11
CA PHE G 367 11.77 -60.02 -38.22
C PHE G 367 13.21 -59.54 -38.22
N VAL G 368 14.14 -60.51 -38.25
CA VAL G 368 15.57 -60.26 -38.26
C VAL G 368 16.11 -60.50 -39.67
N TYR G 369 16.78 -59.49 -40.22
CA TYR G 369 17.39 -59.52 -41.55
C TYR G 369 18.80 -58.89 -41.45
N PRO G 370 19.84 -59.32 -42.22
CA PRO G 370 21.17 -58.71 -42.02
C PRO G 370 21.28 -57.27 -42.48
N GLU G 371 22.30 -56.55 -41.99
CA GLU G 371 22.57 -55.15 -42.31
C GLU G 371 24.04 -55.02 -42.74
N GLU G 372 24.30 -55.28 -44.04
CA GLU G 372 25.65 -55.24 -44.63
C GLU G 372 26.27 -53.84 -44.59
N SER G 373 25.42 -52.78 -44.55
CA SER G 373 25.82 -51.37 -44.48
C SER G 373 26.65 -51.01 -43.23
N LEU G 374 26.43 -51.73 -42.10
CA LEU G 374 27.16 -51.49 -40.85
C LEU G 374 28.38 -52.41 -40.69
N VAL G 375 28.18 -53.74 -40.82
CA VAL G 375 29.26 -54.73 -40.75
C VAL G 375 29.27 -55.51 -42.07
N ILE G 376 30.39 -55.44 -42.81
CA ILE G 376 30.58 -56.11 -44.09
C ILE G 376 30.93 -57.60 -43.86
N GLY G 377 30.12 -58.47 -44.44
CA GLY G 377 30.25 -59.92 -44.30
C GLY G 377 29.18 -60.53 -43.43
N SER G 378 28.24 -59.69 -42.92
CA SER G 378 27.12 -60.08 -42.07
C SER G 378 26.16 -61.00 -42.80
N SER G 379 25.75 -60.57 -44.03
CA SER G 379 24.82 -61.26 -44.92
C SER G 379 25.26 -62.69 -45.25
N THR G 380 26.58 -62.91 -45.44
CA THR G 380 27.16 -64.23 -45.74
C THR G 380 26.99 -65.18 -44.54
N LEU G 381 27.36 -64.72 -43.32
CA LEU G 381 27.24 -65.51 -42.09
C LEU G 381 25.77 -65.74 -41.70
N PHE G 382 24.91 -64.72 -41.94
CA PHE G 382 23.48 -64.79 -41.69
C PHE G 382 22.87 -65.86 -42.58
N SER G 383 23.27 -65.86 -43.88
CA SER G 383 22.81 -66.82 -44.89
C SER G 383 23.23 -68.24 -44.49
N ALA G 384 24.50 -68.42 -44.06
CA ALA G 384 25.04 -69.70 -43.59
C ALA G 384 24.26 -70.22 -42.39
N LEU G 385 23.89 -69.30 -41.46
CA LEU G 385 23.12 -69.61 -40.26
C LEU G 385 21.69 -69.99 -40.62
N LEU G 386 21.06 -69.23 -41.55
CA LEU G 386 19.69 -69.49 -42.01
C LEU G 386 19.57 -70.85 -42.71
N ILE G 387 20.50 -71.14 -43.64
CA ILE G 387 20.53 -72.40 -44.42
C ILE G 387 20.68 -73.61 -43.50
N LYS G 388 21.64 -73.57 -42.56
CA LYS G 388 21.90 -74.66 -41.62
C LYS G 388 20.85 -74.79 -40.51
N CYS G 389 20.16 -73.70 -40.13
CA CYS G 389 19.11 -73.76 -39.11
C CYS G 389 17.84 -74.42 -39.67
N LEU G 390 17.46 -74.07 -40.93
CA LEU G 390 16.31 -74.64 -41.64
C LEU G 390 16.52 -76.14 -41.85
N GLU G 391 17.76 -76.50 -42.27
CA GLU G 391 18.23 -77.85 -42.53
C GLU G 391 18.14 -78.74 -41.28
N LYS G 392 18.59 -78.19 -40.13
CA LYS G 392 18.63 -78.89 -38.84
C LYS G 392 17.34 -78.78 -38.02
N GLU G 393 16.34 -77.99 -38.49
CA GLU G 393 15.06 -77.74 -37.82
C GLU G 393 15.31 -77.33 -36.35
N VAL G 394 16.01 -76.20 -36.20
CA VAL G 394 16.47 -75.65 -34.93
C VAL G 394 16.39 -74.10 -34.94
N ALA G 395 16.10 -73.48 -33.78
CA ALA G 395 16.02 -72.03 -33.63
C ALA G 395 17.20 -71.50 -32.82
N ALA G 396 17.63 -70.26 -33.08
CA ALA G 396 18.75 -69.66 -32.37
C ALA G 396 18.25 -68.90 -31.14
N LEU G 397 18.60 -69.40 -29.93
CA LEU G 397 18.20 -68.77 -28.68
C LEU G 397 19.13 -67.60 -28.35
N CYS G 398 18.56 -66.42 -28.11
CA CYS G 398 19.30 -65.19 -27.83
C CYS G 398 18.80 -64.46 -26.58
N ARG G 399 19.64 -63.55 -26.04
CA ARG G 399 19.31 -62.70 -24.89
C ARG G 399 19.20 -61.28 -25.46
N TYR G 400 17.95 -60.89 -25.82
CA TYR G 400 17.56 -59.65 -26.48
C TYR G 400 17.44 -58.44 -25.57
N THR G 401 18.20 -57.39 -25.91
CA THR G 401 18.22 -56.09 -25.24
C THR G 401 18.00 -55.04 -26.36
N PRO G 402 16.76 -54.50 -26.50
CA PRO G 402 16.49 -53.56 -27.61
C PRO G 402 17.19 -52.22 -27.52
N ARG G 403 17.19 -51.62 -26.34
CA ARG G 403 17.81 -50.30 -26.12
C ARG G 403 18.64 -50.27 -24.83
N ARG G 404 19.41 -49.20 -24.63
CA ARG G 404 20.26 -48.96 -23.47
C ARG G 404 19.44 -48.95 -22.18
N ASN G 405 20.05 -49.45 -21.07
CA ASN G 405 19.49 -49.52 -19.70
C ASN G 405 18.08 -50.17 -19.67
N ILE G 406 17.99 -51.40 -20.20
CA ILE G 406 16.77 -52.20 -20.28
C ILE G 406 17.06 -53.66 -19.88
N PRO G 407 16.19 -54.29 -19.03
CA PRO G 407 16.41 -55.69 -18.63
C PRO G 407 16.23 -56.65 -19.81
N PRO G 408 16.97 -57.80 -19.84
CA PRO G 408 16.88 -58.68 -21.00
C PRO G 408 15.67 -59.59 -21.04
N TYR G 409 15.45 -60.20 -22.22
CA TYR G 409 14.40 -61.17 -22.50
C TYR G 409 14.93 -62.23 -23.44
N PHE G 410 14.58 -63.50 -23.19
CA PHE G 410 15.03 -64.59 -24.04
C PHE G 410 14.16 -64.69 -25.26
N VAL G 411 14.79 -64.64 -26.43
CA VAL G 411 14.08 -64.74 -27.70
C VAL G 411 14.60 -65.91 -28.51
N ALA G 412 13.74 -66.48 -29.38
CA ALA G 412 14.13 -67.58 -30.24
C ALA G 412 14.00 -67.16 -31.70
N LEU G 413 15.14 -67.10 -32.40
CA LEU G 413 15.20 -66.73 -33.81
C LEU G 413 14.86 -67.95 -34.66
N VAL G 414 13.60 -68.03 -35.12
CA VAL G 414 13.07 -69.14 -35.90
C VAL G 414 13.42 -68.97 -37.39
N PRO G 415 14.10 -69.98 -38.02
CA PRO G 415 14.48 -69.83 -39.43
C PRO G 415 13.29 -69.80 -40.39
N GLN G 416 13.12 -68.65 -41.06
CA GLN G 416 12.05 -68.35 -42.00
C GLN G 416 12.58 -68.41 -43.44
N GLU G 417 12.00 -69.31 -44.25
CA GLU G 417 12.34 -69.52 -45.66
C GLU G 417 11.55 -68.53 -46.55
N GLU G 418 12.10 -68.16 -47.72
CA GLU G 418 11.43 -67.23 -48.64
C GLU G 418 10.25 -67.87 -49.36
N GLU G 419 9.15 -67.10 -49.52
CA GLU G 419 7.93 -67.55 -50.19
C GLU G 419 7.34 -66.45 -51.08
N LEU G 420 7.05 -66.79 -52.35
CA LEU G 420 6.45 -65.91 -53.35
C LEU G 420 5.15 -66.53 -53.84
N ASP G 421 4.08 -65.72 -53.94
CA ASP G 421 2.77 -66.21 -54.39
C ASP G 421 2.65 -66.35 -55.92
N ASP G 422 1.44 -66.72 -56.39
CA ASP G 422 1.10 -66.90 -57.80
C ASP G 422 1.26 -65.61 -58.64
N GLN G 423 1.15 -64.44 -57.98
CA GLN G 423 1.30 -63.12 -58.61
C GLN G 423 2.77 -62.64 -58.62
N LYS G 424 3.69 -63.50 -58.13
CA LYS G 424 5.14 -63.30 -58.03
C LYS G 424 5.52 -62.25 -56.95
N ILE G 425 4.65 -62.09 -55.93
CA ILE G 425 4.84 -61.15 -54.81
C ILE G 425 5.38 -61.89 -53.58
N GLN G 426 6.47 -61.38 -52.97
CA GLN G 426 7.10 -61.97 -51.79
C GLN G 426 6.15 -61.90 -50.58
N VAL G 427 5.48 -63.03 -50.29
CA VAL G 427 4.52 -63.13 -49.19
C VAL G 427 5.22 -63.43 -47.84
N THR G 428 6.38 -64.11 -47.89
CA THR G 428 7.17 -64.48 -46.70
C THR G 428 8.66 -64.18 -46.98
N PRO G 429 9.27 -63.19 -46.29
CA PRO G 429 10.68 -62.86 -46.55
C PRO G 429 11.70 -63.83 -45.95
N PRO G 430 12.93 -63.96 -46.50
CA PRO G 430 13.91 -64.87 -45.90
C PRO G 430 14.68 -64.22 -44.75
N GLY G 431 14.73 -64.91 -43.61
CA GLY G 431 15.40 -64.43 -42.41
C GLY G 431 14.99 -65.19 -41.16
N PHE G 432 15.00 -64.51 -40.00
CA PHE G 432 14.62 -65.13 -38.74
C PHE G 432 13.46 -64.40 -38.08
N GLN G 433 12.52 -65.17 -37.51
CA GLN G 433 11.38 -64.63 -36.78
C GLN G 433 11.79 -64.53 -35.31
N LEU G 434 11.84 -63.30 -34.77
CA LEU G 434 12.22 -63.07 -33.37
C LEU G 434 11.01 -63.36 -32.49
N VAL G 435 10.99 -64.57 -31.89
CA VAL G 435 9.91 -65.07 -31.04
C VAL G 435 10.21 -64.78 -29.56
N PHE G 436 9.38 -63.91 -28.93
CA PHE G 436 9.51 -63.55 -27.51
C PHE G 436 9.06 -64.68 -26.62
N LEU G 437 9.95 -65.11 -25.71
CA LEU G 437 9.69 -66.18 -24.75
C LEU G 437 9.42 -65.65 -23.35
N PRO G 438 8.40 -66.18 -22.65
CA PRO G 438 8.09 -65.67 -21.31
C PRO G 438 8.99 -66.18 -20.20
N PHE G 439 9.16 -65.37 -19.15
CA PHE G 439 9.91 -65.77 -17.95
C PHE G 439 8.92 -66.50 -17.05
N ALA G 440 9.39 -67.08 -15.94
CA ALA G 440 8.53 -67.81 -14.99
C ALA G 440 7.36 -66.95 -14.48
N ASP G 441 7.60 -65.63 -14.37
CA ASP G 441 6.65 -64.63 -13.90
C ASP G 441 5.49 -64.43 -14.84
N ASP G 442 5.73 -64.51 -16.16
CA ASP G 442 4.70 -64.27 -17.17
C ASP G 442 3.72 -65.44 -17.32
N LYS G 443 4.12 -66.64 -16.91
CA LYS G 443 3.28 -67.82 -16.95
C LYS G 443 2.40 -67.82 -15.69
N ARG G 444 1.07 -67.72 -15.87
CA ARG G 444 0.10 -67.68 -14.78
C ARG G 444 -0.42 -69.08 -14.43
N LYS G 445 -0.54 -69.36 -13.11
CA LYS G 445 -1.01 -70.64 -12.53
C LYS G 445 -2.44 -70.95 -13.00
N MET G 446 -2.76 -72.23 -13.19
CA MET G 446 -4.09 -72.58 -13.68
C MET G 446 -4.99 -73.26 -12.63
N PRO G 447 -6.30 -72.90 -12.59
CA PRO G 447 -7.21 -73.55 -11.63
C PRO G 447 -7.45 -75.01 -12.02
N PHE G 448 -6.87 -75.93 -11.24
CA PHE G 448 -6.91 -77.38 -11.47
C PHE G 448 -8.34 -77.93 -11.46
N THR G 449 -8.79 -78.38 -12.64
CA THR G 449 -10.14 -78.90 -12.89
C THR G 449 -10.13 -80.40 -13.23
N GLU G 450 -11.26 -81.08 -12.96
CA GLU G 450 -11.44 -82.51 -13.23
C GLU G 450 -11.66 -82.77 -14.73
N LYS G 451 -10.87 -83.70 -15.29
CA LYS G 451 -10.92 -84.07 -16.70
C LYS G 451 -12.12 -84.97 -17.00
N ILE G 452 -13.04 -84.48 -17.86
CA ILE G 452 -14.24 -85.20 -18.31
C ILE G 452 -14.14 -85.31 -19.84
N MET G 453 -13.90 -86.53 -20.36
CA MET G 453 -13.74 -86.75 -21.80
C MET G 453 -15.02 -87.24 -22.48
N ALA G 454 -15.31 -86.67 -23.66
CA ALA G 454 -16.47 -87.00 -24.49
C ALA G 454 -16.37 -88.37 -25.15
N THR G 455 -17.53 -89.00 -25.42
CA THR G 455 -17.63 -90.31 -26.07
C THR G 455 -17.28 -90.18 -27.57
N PRO G 456 -16.78 -91.25 -28.26
CA PRO G 456 -16.45 -91.11 -29.69
C PRO G 456 -17.61 -90.70 -30.61
N GLU G 457 -18.86 -90.93 -30.17
CA GLU G 457 -20.08 -90.55 -30.90
C GLU G 457 -20.26 -89.02 -30.87
N GLN G 458 -20.01 -88.41 -29.69
CA GLN G 458 -20.11 -86.96 -29.47
C GLN G 458 -19.01 -86.21 -30.23
N VAL G 459 -17.79 -86.79 -30.26
CA VAL G 459 -16.61 -86.25 -30.95
C VAL G 459 -16.88 -86.29 -32.48
N GLY G 460 -17.44 -87.41 -32.94
CA GLY G 460 -17.79 -87.65 -34.34
C GLY G 460 -18.83 -86.70 -34.89
N LYS G 461 -19.79 -86.27 -34.04
CA LYS G 461 -20.84 -85.33 -34.45
C LYS G 461 -20.29 -83.91 -34.55
N MET G 462 -19.35 -83.55 -33.65
CA MET G 462 -18.70 -82.24 -33.67
C MET G 462 -17.77 -82.13 -34.89
N LYS G 463 -17.19 -83.26 -35.33
CA LYS G 463 -16.33 -83.35 -36.52
C LYS G 463 -17.12 -82.94 -37.76
N ALA G 464 -18.41 -83.37 -37.86
CA ALA G 464 -19.34 -83.05 -38.94
C ALA G 464 -19.69 -81.56 -38.97
N ILE G 465 -19.82 -80.95 -37.77
CA ILE G 465 -20.11 -79.52 -37.58
C ILE G 465 -18.93 -78.68 -38.08
N VAL G 466 -17.70 -79.10 -37.73
CA VAL G 466 -16.44 -78.45 -38.14
C VAL G 466 -16.25 -78.56 -39.67
N GLU G 467 -16.43 -79.78 -40.23
CA GLU G 467 -16.30 -80.08 -41.67
C GLU G 467 -17.25 -79.25 -42.54
N LYS G 468 -18.46 -78.95 -42.04
CA LYS G 468 -19.47 -78.17 -42.75
C LYS G 468 -19.25 -76.66 -42.66
N LEU G 469 -18.67 -76.17 -41.54
CA LEU G 469 -18.37 -74.75 -41.33
C LEU G 469 -16.94 -74.39 -41.78
N ARG G 470 -16.30 -75.29 -42.56
CA ARG G 470 -14.95 -75.13 -43.11
C ARG G 470 -14.85 -73.91 -44.01
N PHE G 471 -13.75 -73.16 -43.86
CA PHE G 471 -13.48 -71.96 -44.64
C PHE G 471 -11.97 -71.74 -44.80
N THR G 472 -11.59 -70.87 -45.74
CA THR G 472 -10.19 -70.54 -46.03
C THR G 472 -9.79 -69.22 -45.37
N TYR G 473 -8.85 -69.29 -44.40
CA TYR G 473 -8.36 -68.13 -43.66
C TYR G 473 -7.19 -67.44 -44.35
N ARG G 474 -7.28 -66.11 -44.43
CA ARG G 474 -6.25 -65.21 -44.93
C ARG G 474 -5.99 -64.24 -43.79
N SER G 475 -4.74 -63.79 -43.59
CA SER G 475 -4.40 -62.83 -42.53
C SER G 475 -5.14 -61.50 -42.71
N ASP G 476 -5.36 -61.10 -43.98
CA ASP G 476 -6.04 -59.89 -44.41
C ASP G 476 -7.55 -60.07 -44.67
N SER G 477 -8.16 -61.14 -44.11
CA SER G 477 -9.58 -61.45 -44.26
C SER G 477 -10.51 -60.42 -43.60
N PHE G 478 -10.09 -59.84 -42.47
CA PHE G 478 -10.92 -58.92 -41.69
C PHE G 478 -10.34 -57.52 -41.54
N GLU G 479 -11.23 -56.52 -41.51
CA GLU G 479 -10.89 -55.11 -41.30
C GLU G 479 -11.35 -54.71 -39.91
N ASN G 480 -10.58 -53.84 -39.23
CA ASN G 480 -10.89 -53.35 -37.88
C ASN G 480 -12.20 -52.53 -37.94
N PRO G 481 -13.30 -52.99 -37.30
CA PRO G 481 -14.56 -52.25 -37.40
C PRO G 481 -14.55 -50.90 -36.68
N VAL G 482 -13.76 -50.78 -35.61
CA VAL G 482 -13.63 -49.54 -34.83
C VAL G 482 -12.96 -48.47 -35.69
N LEU G 483 -11.86 -48.83 -36.38
CA LEU G 483 -11.11 -47.94 -37.26
C LEU G 483 -11.90 -47.56 -38.51
N GLN G 484 -12.48 -48.56 -39.21
CA GLN G 484 -13.25 -48.35 -40.42
C GLN G 484 -14.40 -47.36 -40.23
N GLN G 485 -15.13 -47.47 -39.09
CA GLN G 485 -16.21 -46.55 -38.74
C GLN G 485 -15.67 -45.15 -38.38
N HIS G 486 -14.51 -45.09 -37.67
CA HIS G 486 -13.86 -43.85 -37.25
C HIS G 486 -13.47 -42.99 -38.46
N PHE G 487 -12.85 -43.61 -39.48
CA PHE G 487 -12.45 -42.89 -40.68
C PHE G 487 -13.65 -42.61 -41.62
N ARG G 488 -14.74 -43.40 -41.51
CA ARG G 488 -15.98 -43.19 -42.26
C ARG G 488 -16.70 -41.95 -41.72
N ASN G 489 -16.60 -41.73 -40.39
CA ASN G 489 -17.18 -40.58 -39.68
C ASN G 489 -16.43 -39.30 -40.05
N LEU G 490 -15.07 -39.35 -40.03
CA LEU G 490 -14.22 -38.21 -40.36
C LEU G 490 -14.33 -37.80 -41.82
N GLU G 491 -14.51 -38.79 -42.73
CA GLU G 491 -14.66 -38.60 -44.18
C GLU G 491 -15.91 -37.76 -44.46
N ALA G 492 -17.07 -38.16 -43.88
CA ALA G 492 -18.35 -37.47 -44.02
C ALA G 492 -18.32 -36.09 -43.40
N LEU G 493 -17.62 -35.95 -42.25
CA LEU G 493 -17.48 -34.67 -41.53
C LEU G 493 -16.65 -33.65 -42.30
N ALA G 494 -15.59 -34.13 -43.00
CA ALA G 494 -14.69 -33.31 -43.82
C ALA G 494 -15.41 -32.76 -45.05
N LEU G 495 -16.33 -33.56 -45.62
CA LEU G 495 -17.15 -33.21 -46.78
C LEU G 495 -18.45 -32.48 -46.38
N ASP G 496 -18.57 -32.12 -45.08
CA ASP G 496 -19.69 -31.41 -44.44
C ASP G 496 -21.04 -32.14 -44.54
N LEU G 497 -21.00 -33.47 -44.73
CA LEU G 497 -22.16 -34.34 -44.82
C LEU G 497 -22.67 -34.63 -43.41
N MET G 498 -23.92 -34.20 -43.10
CA MET G 498 -24.56 -34.38 -41.79
C MET G 498 -24.77 -35.86 -41.45
N GLU G 499 -25.17 -36.66 -42.46
CA GLU G 499 -25.45 -38.10 -42.32
C GLU G 499 -24.18 -38.97 -42.44
N PRO G 500 -23.77 -39.66 -41.34
CA PRO G 500 -22.59 -40.52 -41.43
C PRO G 500 -22.91 -41.92 -41.97
N GLU G 501 -22.02 -42.47 -42.81
CA GLU G 501 -22.18 -43.81 -43.40
C GLU G 501 -21.95 -44.92 -42.35
N GLN G 502 -23.06 -45.53 -41.87
CA GLN G 502 -23.05 -46.59 -40.85
C GLN G 502 -22.77 -47.97 -41.45
N ALA G 503 -21.52 -48.45 -41.26
CA ALA G 503 -21.03 -49.74 -41.79
C ALA G 503 -21.54 -50.96 -41.01
N VAL G 504 -21.47 -52.15 -41.65
CA VAL G 504 -21.88 -53.44 -41.06
C VAL G 504 -20.63 -54.18 -40.61
N ASP G 505 -20.65 -54.66 -39.36
CA ASP G 505 -19.56 -55.38 -38.71
C ASP G 505 -19.25 -56.74 -39.35
N LEU G 506 -18.05 -56.85 -39.95
CA LEU G 506 -17.52 -58.05 -40.62
C LEU G 506 -17.03 -59.10 -39.61
N THR G 507 -16.69 -58.67 -38.37
CA THR G 507 -16.21 -59.55 -37.30
C THR G 507 -17.32 -60.44 -36.73
N LEU G 508 -18.59 -60.13 -37.03
CA LEU G 508 -19.74 -60.91 -36.60
C LEU G 508 -19.92 -62.11 -37.52
N PRO G 509 -20.26 -63.30 -36.98
CA PRO G 509 -20.44 -64.48 -37.86
C PRO G 509 -21.74 -64.43 -38.64
N LYS G 510 -21.74 -65.01 -39.85
CA LYS G 510 -22.91 -65.09 -40.75
C LYS G 510 -23.89 -66.13 -40.19
N VAL G 511 -24.58 -65.76 -39.09
CA VAL G 511 -25.53 -66.53 -38.29
C VAL G 511 -26.52 -67.33 -39.16
N GLU G 512 -27.27 -66.65 -40.04
CA GLU G 512 -28.27 -67.29 -40.90
C GLU G 512 -27.66 -68.26 -41.91
N ALA G 513 -26.48 -67.91 -42.49
CA ALA G 513 -25.76 -68.75 -43.44
C ALA G 513 -25.24 -70.04 -42.80
N MET G 514 -24.77 -69.94 -41.54
CA MET G 514 -24.26 -71.06 -40.74
C MET G 514 -25.43 -71.97 -40.33
N ASN G 515 -26.59 -71.38 -39.98
CA ASN G 515 -27.81 -72.10 -39.59
C ASN G 515 -28.40 -72.84 -40.81
N LYS G 516 -28.18 -72.29 -42.03
CA LYS G 516 -28.64 -72.89 -43.29
C LYS G 516 -27.79 -74.14 -43.61
N ARG G 517 -26.45 -74.05 -43.39
CA ARG G 517 -25.49 -75.14 -43.63
C ARG G 517 -25.76 -76.33 -42.70
N LEU G 518 -26.08 -76.06 -41.43
CA LEU G 518 -26.39 -77.10 -40.44
C LEU G 518 -27.65 -76.81 -39.66
N GLY G 519 -28.69 -77.60 -39.95
CA GLY G 519 -29.99 -77.51 -39.31
C GLY G 519 -30.19 -78.67 -38.37
N SER G 520 -30.06 -79.89 -38.90
CA SER G 520 -30.21 -81.15 -38.15
C SER G 520 -29.06 -81.40 -37.17
N LEU G 521 -27.80 -81.13 -37.59
CA LEU G 521 -26.57 -81.34 -36.82
C LEU G 521 -26.54 -80.67 -35.44
N VAL G 522 -27.01 -79.40 -35.35
CA VAL G 522 -27.04 -78.61 -34.11
C VAL G 522 -28.00 -79.25 -33.08
N ASP G 523 -29.23 -79.57 -33.52
CA ASP G 523 -30.27 -80.21 -32.69
C ASP G 523 -29.87 -81.64 -32.31
N GLU G 524 -29.14 -82.35 -33.20
CA GLU G 524 -28.64 -83.71 -33.00
C GLU G 524 -27.57 -83.73 -31.91
N PHE G 525 -26.62 -82.78 -31.97
CA PHE G 525 -25.53 -82.65 -31.00
C PHE G 525 -26.05 -82.22 -29.61
N LYS G 526 -26.96 -81.22 -29.56
CA LYS G 526 -27.58 -80.70 -28.33
C LYS G 526 -28.26 -81.82 -27.55
N GLU G 527 -28.94 -82.73 -28.26
CA GLU G 527 -29.65 -83.89 -27.70
C GLU G 527 -28.67 -84.92 -27.10
N LEU G 528 -27.49 -85.07 -27.71
CA LEU G 528 -26.45 -86.01 -27.28
C LEU G 528 -25.70 -85.60 -26.02
N VAL G 529 -25.36 -84.31 -25.87
CA VAL G 529 -24.59 -83.82 -24.71
C VAL G 529 -25.47 -83.15 -23.63
N TYR G 530 -26.37 -82.22 -24.02
CA TYR G 530 -27.24 -81.51 -23.09
C TYR G 530 -28.54 -82.26 -22.79
N PRO G 531 -28.83 -82.58 -21.50
CA PRO G 531 -30.10 -83.27 -21.18
C PRO G 531 -31.31 -82.32 -21.31
N PRO G 532 -32.58 -82.82 -21.38
CA PRO G 532 -33.71 -81.88 -21.52
C PRO G 532 -33.97 -80.97 -20.32
N ASP G 533 -33.51 -81.39 -19.12
CA ASP G 533 -33.66 -80.64 -17.86
C ASP G 533 -32.56 -79.57 -17.63
N TYR G 534 -31.73 -79.30 -18.66
CA TYR G 534 -30.65 -78.30 -18.60
C TYR G 534 -31.19 -76.88 -18.59
N ASN H 23 -7.51 -64.72 2.43
CA ASN H 23 -6.73 -64.89 1.19
C ASN H 23 -5.18 -64.81 1.41
N LYS H 24 -4.76 -64.69 2.69
CA LYS H 24 -3.36 -64.64 3.11
C LYS H 24 -2.92 -66.03 3.56
N ALA H 25 -1.59 -66.26 3.61
CA ALA H 25 -1.03 -67.54 4.01
C ALA H 25 -0.02 -67.41 5.14
N ALA H 26 -0.08 -68.34 6.11
CA ALA H 26 0.82 -68.39 7.25
C ALA H 26 2.06 -69.18 6.84
N VAL H 27 3.21 -68.49 6.71
CA VAL H 27 4.46 -69.12 6.29
C VAL H 27 5.47 -69.15 7.43
N VAL H 28 6.07 -70.32 7.67
CA VAL H 28 7.12 -70.49 8.67
C VAL H 28 8.38 -70.97 7.96
N LEU H 29 9.44 -70.16 8.00
CA LEU H 29 10.72 -70.47 7.38
C LEU H 29 11.59 -71.09 8.47
N CYS H 30 11.95 -72.37 8.27
CA CYS H 30 12.75 -73.16 9.22
C CYS H 30 14.17 -73.31 8.68
N MET H 31 15.08 -72.48 9.20
CA MET H 31 16.47 -72.45 8.74
C MET H 31 17.45 -73.14 9.69
N ASP H 32 18.31 -74.01 9.12
CA ASP H 32 19.37 -74.69 9.86
C ASP H 32 20.54 -73.71 9.92
N VAL H 33 20.99 -73.36 11.12
CA VAL H 33 22.14 -72.46 11.33
C VAL H 33 23.28 -73.20 12.01
N GLY H 34 23.12 -74.52 12.15
CA GLY H 34 24.08 -75.44 12.74
C GLY H 34 25.50 -75.31 12.21
N PHE H 35 26.50 -75.78 12.99
CA PHE H 35 27.91 -75.64 12.62
C PHE H 35 28.28 -76.28 11.28
N THR H 36 27.59 -77.35 10.87
CA THR H 36 27.83 -78.03 9.60
C THR H 36 27.37 -77.21 8.39
N MET H 37 26.44 -76.25 8.57
CA MET H 37 25.94 -75.37 7.50
C MET H 37 27.04 -74.38 7.09
N SER H 38 27.94 -74.07 8.02
CA SER H 38 29.06 -73.14 7.82
C SER H 38 30.26 -73.79 7.11
N ASN H 39 30.35 -75.15 7.12
CA ASN H 39 31.43 -75.93 6.49
C ASN H 39 31.39 -75.81 4.97
N SER H 40 32.45 -75.21 4.40
CA SER H 40 32.55 -74.95 2.97
C SER H 40 33.75 -75.60 2.28
N ILE H 41 33.54 -76.08 1.04
CA ILE H 41 34.55 -76.66 0.16
C ILE H 41 34.99 -75.50 -0.78
N PRO H 42 36.30 -75.24 -0.94
CA PRO H 42 36.73 -74.10 -1.79
C PRO H 42 36.02 -73.98 -3.15
N GLY H 43 35.56 -72.77 -3.45
CA GLY H 43 34.82 -72.46 -4.67
C GLY H 43 33.32 -72.55 -4.51
N ILE H 44 32.87 -73.52 -3.68
CA ILE H 44 31.47 -73.80 -3.38
C ILE H 44 31.06 -72.99 -2.14
N GLU H 45 29.96 -72.22 -2.25
CA GLU H 45 29.43 -71.42 -1.14
C GLU H 45 28.85 -72.33 -0.06
N SER H 46 29.06 -71.98 1.23
CA SER H 46 28.59 -72.79 2.36
C SER H 46 27.07 -72.88 2.37
N PRO H 47 26.48 -74.08 2.64
CA PRO H 47 25.00 -74.18 2.67
C PRO H 47 24.29 -73.09 3.46
N PHE H 48 24.94 -72.50 4.51
CA PHE H 48 24.40 -71.40 5.29
C PHE H 48 24.29 -70.13 4.44
N GLU H 49 25.34 -69.78 3.69
CA GLU H 49 25.30 -68.60 2.83
C GLU H 49 24.33 -68.81 1.68
N GLN H 50 24.23 -70.07 1.19
CA GLN H 50 23.32 -70.47 0.12
C GLN H 50 21.87 -70.33 0.57
N ALA H 51 21.54 -70.85 1.77
CA ALA H 51 20.20 -70.79 2.36
C ALA H 51 19.79 -69.34 2.65
N LYS H 52 20.74 -68.51 3.12
CA LYS H 52 20.55 -67.09 3.42
C LYS H 52 20.08 -66.37 2.17
N LYS H 53 20.74 -66.63 1.01
CA LYS H 53 20.43 -66.06 -0.30
C LYS H 53 19.03 -66.45 -0.78
N VAL H 54 18.60 -67.71 -0.51
CA VAL H 54 17.27 -68.19 -0.90
C VAL H 54 16.21 -67.53 -0.02
N ILE H 55 16.47 -67.41 1.30
CA ILE H 55 15.55 -66.77 2.25
C ILE H 55 15.35 -65.29 1.91
N THR H 56 16.48 -64.55 1.66
CA THR H 56 16.45 -63.13 1.30
C THR H 56 15.60 -62.94 0.05
N MET H 57 15.76 -63.83 -0.94
CA MET H 57 15.02 -63.85 -2.20
C MET H 57 13.52 -63.93 -1.94
N PHE H 58 13.11 -64.81 -1.01
CA PHE H 58 11.72 -65.02 -0.64
C PHE H 58 11.15 -63.78 0.06
N VAL H 59 11.80 -63.33 1.15
CA VAL H 59 11.37 -62.19 1.97
C VAL H 59 11.32 -60.88 1.14
N GLN H 60 12.34 -60.63 0.28
CA GLN H 60 12.38 -59.43 -0.59
C GLN H 60 11.12 -59.31 -1.43
N ARG H 61 10.66 -60.42 -2.05
CA ARG H 61 9.45 -60.45 -2.87
C ARG H 61 8.22 -60.15 -2.02
N GLN H 62 8.10 -60.77 -0.85
CA GLN H 62 6.97 -60.57 0.06
C GLN H 62 6.92 -59.14 0.62
N VAL H 63 8.10 -58.51 0.81
CA VAL H 63 8.18 -57.15 1.35
C VAL H 63 7.87 -56.11 0.26
N PHE H 64 8.63 -56.13 -0.84
CA PHE H 64 8.49 -55.14 -1.91
C PHE H 64 7.26 -55.32 -2.78
N ALA H 65 6.71 -56.55 -2.93
CA ALA H 65 5.48 -56.74 -3.70
C ALA H 65 4.25 -56.43 -2.84
N GLU H 66 4.49 -56.13 -1.55
CA GLU H 66 3.52 -55.76 -0.52
C GLU H 66 2.39 -56.80 -0.37
N ASN H 67 2.79 -58.09 -0.28
CA ASN H 67 1.88 -59.23 -0.07
C ASN H 67 1.46 -59.24 1.39
N LYS H 68 0.18 -59.58 1.64
CA LYS H 68 -0.39 -59.60 2.99
C LYS H 68 -0.11 -60.90 3.79
N ASP H 69 0.66 -61.85 3.21
CA ASP H 69 1.05 -63.11 3.83
C ASP H 69 1.94 -62.84 5.04
N GLU H 70 1.65 -63.53 6.16
CA GLU H 70 2.42 -63.40 7.41
C GLU H 70 3.56 -64.43 7.43
N ILE H 71 4.77 -63.99 7.80
CA ILE H 71 5.96 -64.84 7.83
C ILE H 71 6.61 -64.90 9.22
N ALA H 72 6.88 -66.14 9.68
CA ALA H 72 7.57 -66.45 10.93
C ALA H 72 8.92 -67.10 10.59
N LEU H 73 9.92 -66.92 11.45
CA LEU H 73 11.25 -67.49 11.23
C LEU H 73 11.77 -68.25 12.45
N VAL H 74 12.05 -69.55 12.25
CA VAL H 74 12.60 -70.45 13.27
C VAL H 74 13.99 -70.88 12.81
N LEU H 75 14.98 -70.82 13.73
CA LEU H 75 16.36 -71.21 13.44
C LEU H 75 16.74 -72.39 14.32
N PHE H 76 17.32 -73.45 13.70
CA PHE H 76 17.73 -74.64 14.45
C PHE H 76 19.24 -74.89 14.31
N GLY H 77 19.88 -75.16 15.44
CA GLY H 77 21.32 -75.34 15.54
C GLY H 77 22.00 -74.11 16.11
N THR H 78 21.18 -73.22 16.73
CA THR H 78 21.61 -71.99 17.39
C THR H 78 22.40 -72.33 18.66
N ASP H 79 23.20 -71.38 19.16
CA ASP H 79 23.97 -71.57 20.38
C ASP H 79 23.03 -71.67 21.60
N GLY H 80 21.99 -70.85 21.62
CA GLY H 80 21.00 -70.82 22.69
C GLY H 80 19.71 -71.54 22.33
N THR H 81 18.73 -71.54 23.25
CA THR H 81 17.43 -72.18 23.05
C THR H 81 16.30 -71.22 23.47
N ASP H 82 15.49 -70.78 22.50
CA ASP H 82 14.37 -69.86 22.74
C ASP H 82 13.12 -70.27 21.93
N ASN H 83 12.31 -71.17 22.50
CA ASN H 83 11.07 -71.67 21.90
C ASN H 83 10.06 -72.14 22.98
N PRO H 84 8.73 -72.21 22.71
CA PRO H 84 7.78 -72.60 23.77
C PRO H 84 7.82 -74.07 24.20
N LEU H 85 8.38 -74.96 23.36
CA LEU H 85 8.46 -76.40 23.65
C LEU H 85 9.76 -76.81 24.38
N SER H 86 10.72 -75.87 24.49
CA SER H 86 12.02 -76.03 25.14
C SER H 86 11.87 -76.52 26.58
N GLY H 87 12.50 -77.66 26.88
CA GLY H 87 12.44 -78.26 28.20
C GLY H 87 13.36 -79.45 28.34
N GLY H 88 14.24 -79.40 29.33
CA GLY H 88 15.22 -80.44 29.61
C GLY H 88 16.12 -80.68 28.43
N ASP H 89 15.95 -81.84 27.77
CA ASP H 89 16.71 -82.25 26.59
C ASP H 89 15.85 -82.14 25.31
N GLN H 90 14.54 -81.88 25.48
CA GLN H 90 13.57 -81.76 24.40
C GLN H 90 13.57 -80.39 23.74
N TYR H 91 13.58 -80.37 22.39
CA TYR H 91 13.54 -79.18 21.52
C TYR H 91 14.65 -78.17 21.85
N GLN H 92 15.88 -78.69 22.07
CA GLN H 92 17.05 -77.86 22.38
C GLN H 92 17.70 -77.28 21.13
N ASN H 93 18.35 -76.10 21.29
CA ASN H 93 19.07 -75.36 20.25
C ASN H 93 18.16 -74.91 19.08
N ILE H 94 16.92 -74.50 19.42
CA ILE H 94 15.93 -74.01 18.46
C ILE H 94 15.46 -72.65 18.95
N THR H 95 15.58 -71.63 18.10
CA THR H 95 15.21 -70.26 18.42
C THR H 95 14.14 -69.74 17.47
N VAL H 96 13.04 -69.19 18.02
CA VAL H 96 11.95 -68.59 17.25
C VAL H 96 12.38 -67.14 17.06
N HIS H 97 13.10 -66.86 15.97
CA HIS H 97 13.65 -65.54 15.65
C HIS H 97 12.57 -64.52 15.33
N ARG H 98 11.55 -64.94 14.60
CA ARG H 98 10.47 -64.05 14.22
C ARG H 98 9.14 -64.75 14.38
N HIS H 99 8.26 -64.10 15.13
CA HIS H 99 6.92 -64.61 15.35
C HIS H 99 6.06 -64.27 14.12
N LEU H 100 4.96 -65.01 13.90
CA LEU H 100 4.09 -64.84 12.73
C LEU H 100 3.48 -63.45 12.64
N MET H 101 3.89 -62.70 11.60
CA MET H 101 3.47 -61.33 11.28
C MET H 101 3.94 -60.92 9.89
N LEU H 102 3.41 -59.80 9.35
CA LEU H 102 3.79 -59.26 8.04
C LEU H 102 5.28 -58.93 8.02
N PRO H 103 6.05 -59.41 7.00
CA PRO H 103 7.50 -59.15 6.98
C PRO H 103 7.85 -57.68 6.78
N ASP H 104 8.98 -57.25 7.34
CA ASP H 104 9.45 -55.87 7.23
C ASP H 104 10.93 -55.81 6.89
N PHE H 105 11.46 -54.57 6.79
CA PHE H 105 12.86 -54.29 6.50
C PHE H 105 13.76 -54.75 7.64
N ASP H 106 13.25 -54.71 8.88
CA ASP H 106 13.96 -55.16 10.07
C ASP H 106 14.25 -56.65 9.97
N LEU H 107 13.28 -57.46 9.48
CA LEU H 107 13.46 -58.91 9.27
C LEU H 107 14.53 -59.15 8.21
N LEU H 108 14.49 -58.38 7.10
CA LEU H 108 15.46 -58.46 6.00
C LEU H 108 16.87 -58.08 6.46
N GLU H 109 16.96 -57.06 7.34
CA GLU H 109 18.22 -56.58 7.92
C GLU H 109 18.81 -57.69 8.78
N ASP H 110 17.95 -58.45 9.51
CA ASP H 110 18.35 -59.57 10.35
C ASP H 110 18.98 -60.71 9.53
N ILE H 111 18.36 -61.09 8.39
CA ILE H 111 18.87 -62.13 7.48
C ILE H 111 20.25 -61.69 6.97
N GLU H 112 20.33 -60.43 6.52
CA GLU H 112 21.52 -59.79 5.96
C GLU H 112 22.73 -59.75 6.89
N SER H 113 22.55 -59.36 8.18
CA SER H 113 23.69 -59.21 9.09
C SER H 113 23.50 -59.67 10.55
N LYS H 114 22.29 -59.61 11.12
CA LYS H 114 22.07 -60.00 12.52
C LYS H 114 22.18 -61.51 12.78
N ILE H 115 21.54 -62.35 11.93
CA ILE H 115 21.57 -63.81 12.07
C ILE H 115 22.96 -64.33 11.66
N GLN H 116 23.63 -65.00 12.60
CA GLN H 116 24.98 -65.55 12.42
C GLN H 116 24.92 -67.08 12.56
N PRO H 117 25.86 -67.84 11.93
CA PRO H 117 25.83 -69.31 12.10
C PRO H 117 26.23 -69.74 13.52
N GLY H 118 25.53 -70.74 14.03
CA GLY H 118 25.73 -71.28 15.37
C GLY H 118 26.76 -72.37 15.43
N SER H 119 27.12 -72.77 16.67
CA SER H 119 28.14 -73.79 16.94
C SER H 119 27.54 -75.15 17.30
N GLN H 120 26.24 -75.18 17.65
CA GLN H 120 25.54 -76.42 18.01
C GLN H 120 24.90 -77.06 16.78
N GLN H 121 24.23 -78.22 16.97
CA GLN H 121 23.50 -78.98 15.96
C GLN H 121 22.10 -79.31 16.53
N ALA H 122 21.05 -79.24 15.72
CA ALA H 122 19.73 -79.59 16.24
C ALA H 122 19.03 -80.68 15.42
N ASP H 123 17.92 -81.22 15.98
CA ASP H 123 17.09 -82.26 15.36
C ASP H 123 16.13 -81.52 14.41
N PHE H 124 16.22 -81.80 13.09
CA PHE H 124 15.37 -81.12 12.11
C PHE H 124 13.89 -81.41 12.30
N LEU H 125 13.56 -82.63 12.79
CA LEU H 125 12.18 -83.00 13.07
C LEU H 125 11.66 -82.25 14.29
N ASP H 126 12.56 -81.99 15.28
CA ASP H 126 12.24 -81.20 16.49
C ASP H 126 11.93 -79.77 16.05
N ALA H 127 12.71 -79.25 15.08
CA ALA H 127 12.56 -77.92 14.49
C ALA H 127 11.26 -77.81 13.72
N LEU H 128 10.90 -78.89 12.98
CA LEU H 128 9.65 -78.99 12.21
C LEU H 128 8.45 -78.89 13.16
N ILE H 129 8.58 -79.50 14.37
CA ILE H 129 7.54 -79.48 15.40
C ILE H 129 7.38 -78.08 16.00
N VAL H 130 8.52 -77.38 16.22
CA VAL H 130 8.52 -76.01 16.76
C VAL H 130 7.80 -75.11 15.78
N SER H 131 8.09 -75.28 14.46
CA SER H 131 7.48 -74.57 13.35
C SER H 131 5.97 -74.83 13.31
N MET H 132 5.58 -76.11 13.50
CA MET H 132 4.18 -76.53 13.52
C MET H 132 3.44 -75.88 14.69
N ASP H 133 4.10 -75.82 15.87
CA ASP H 133 3.56 -75.20 17.09
C ASP H 133 3.35 -73.70 16.88
N VAL H 134 4.21 -73.04 16.06
CA VAL H 134 4.08 -71.62 15.74
C VAL H 134 2.75 -71.37 14.99
N ILE H 135 2.48 -72.18 13.95
CA ILE H 135 1.24 -72.09 13.16
C ILE H 135 0.00 -72.38 14.03
N GLN H 136 0.05 -73.44 14.85
CA GLN H 136 -1.07 -73.83 15.70
C GLN H 136 -1.49 -72.75 16.70
N HIS H 137 -0.52 -72.04 17.31
CA HIS H 137 -0.81 -71.01 18.31
C HIS H 137 -0.94 -69.57 17.78
N GLU H 138 -0.14 -69.18 16.77
CA GLU H 138 -0.16 -67.80 16.27
C GLU H 138 -1.22 -67.50 15.17
N THR H 139 -2.00 -68.50 14.72
CA THR H 139 -3.05 -68.29 13.72
C THR H 139 -4.45 -68.26 14.36
N ILE H 140 -4.53 -68.41 15.71
CA ILE H 140 -5.78 -68.47 16.49
C ILE H 140 -6.72 -67.28 16.20
N GLY H 141 -6.20 -66.06 16.28
CA GLY H 141 -6.99 -64.85 16.03
C GLY H 141 -7.27 -64.57 14.56
N LYS H 142 -6.19 -64.62 13.74
CA LYS H 142 -6.20 -64.35 12.30
C LYS H 142 -6.92 -65.43 11.46
N LYS H 143 -7.20 -65.09 10.17
CA LYS H 143 -7.86 -65.99 9.21
C LYS H 143 -6.97 -66.24 7.99
N PHE H 144 -6.35 -67.43 7.93
CA PHE H 144 -5.44 -67.83 6.85
C PHE H 144 -6.00 -68.90 5.92
N GLU H 145 -5.85 -68.67 4.60
CA GLU H 145 -6.31 -69.58 3.55
C GLU H 145 -5.37 -70.80 3.43
N LYS H 146 -4.04 -70.55 3.50
CA LYS H 146 -2.99 -71.58 3.38
C LYS H 146 -2.01 -71.53 4.55
N ARG H 147 -1.48 -72.70 4.93
CA ARG H 147 -0.48 -72.87 5.99
C ARG H 147 0.72 -73.56 5.36
N HIS H 148 1.92 -72.97 5.49
CA HIS H 148 3.11 -73.51 4.83
C HIS H 148 4.41 -73.40 5.63
N ILE H 149 5.23 -74.49 5.59
CA ILE H 149 6.55 -74.56 6.24
C ILE H 149 7.63 -74.86 5.18
N GLU H 150 8.74 -74.11 5.22
CA GLU H 150 9.87 -74.26 4.32
C GLU H 150 11.15 -74.56 5.10
N ILE H 151 11.64 -75.79 5.00
CA ILE H 151 12.85 -76.25 5.70
C ILE H 151 14.08 -76.04 4.82
N PHE H 152 15.12 -75.40 5.38
CA PHE H 152 16.39 -75.13 4.73
C PHE H 152 17.45 -75.80 5.58
N THR H 153 17.97 -76.96 5.13
CA THR H 153 18.96 -77.74 5.89
C THR H 153 19.98 -78.48 5.00
N ASP H 154 21.00 -79.10 5.63
CA ASP H 154 22.03 -79.91 4.95
C ASP H 154 21.89 -81.39 5.28
N LEU H 155 21.07 -81.72 6.31
CA LEU H 155 20.75 -83.07 6.79
C LEU H 155 21.92 -83.83 7.43
N SER H 156 23.04 -83.14 7.69
CA SER H 156 24.27 -83.68 8.29
C SER H 156 24.16 -83.95 9.80
N SER H 157 23.14 -83.36 10.45
CA SER H 157 22.89 -83.47 11.88
C SER H 157 22.07 -84.73 12.20
N ARG H 158 22.35 -85.34 13.36
CA ARG H 158 21.65 -86.52 13.90
C ARG H 158 20.20 -86.14 14.28
N PHE H 159 19.27 -87.12 14.22
CA PHE H 159 17.85 -86.90 14.52
C PHE H 159 17.16 -88.19 15.00
N SER H 160 15.95 -88.03 15.60
CA SER H 160 15.14 -89.14 16.10
C SER H 160 13.85 -89.30 15.30
N LYS H 161 13.50 -90.56 14.97
CA LYS H 161 12.29 -90.88 14.21
C LYS H 161 11.09 -91.10 15.15
N SER H 162 11.27 -90.82 16.47
CA SER H 162 10.25 -91.00 17.51
C SER H 162 8.99 -90.19 17.24
N GLN H 163 7.84 -90.91 17.18
CA GLN H 163 6.50 -90.37 16.94
C GLN H 163 6.35 -89.66 15.59
N LEU H 164 7.18 -90.04 14.58
CA LEU H 164 7.16 -89.44 13.24
C LEU H 164 5.82 -89.61 12.55
N ASP H 165 5.21 -90.80 12.72
CA ASP H 165 3.90 -91.16 12.18
C ASP H 165 2.83 -90.16 12.62
N ILE H 166 2.91 -89.66 13.87
CA ILE H 166 1.99 -88.67 14.44
C ILE H 166 2.28 -87.30 13.83
N ILE H 167 3.59 -86.94 13.69
CA ILE H 167 4.07 -85.69 13.08
C ILE H 167 3.45 -85.51 11.68
N ILE H 168 3.51 -86.59 10.86
CA ILE H 168 2.97 -86.63 9.48
C ILE H 168 1.45 -86.46 9.54
N HIS H 169 0.80 -87.11 10.51
CA HIS H 169 -0.65 -87.04 10.69
C HIS H 169 -1.13 -85.63 11.07
N SER H 170 -0.43 -84.96 12.01
CA SER H 170 -0.76 -83.60 12.47
C SER H 170 -0.62 -82.56 11.36
N LEU H 171 0.35 -82.76 10.44
CA LEU H 171 0.57 -81.88 9.28
C LEU H 171 -0.64 -81.96 8.35
N LYS H 172 -1.19 -83.18 8.17
CA LYS H 172 -2.34 -83.45 7.33
C LYS H 172 -3.60 -82.82 7.94
N LYS H 173 -3.83 -83.07 9.25
CA LYS H 173 -4.98 -82.58 10.02
C LYS H 173 -5.04 -81.05 10.12
N CYS H 174 -3.87 -80.40 10.24
CA CYS H 174 -3.79 -78.94 10.32
C CYS H 174 -3.75 -78.26 8.95
N ASP H 175 -3.65 -79.06 7.87
CA ASP H 175 -3.55 -78.63 6.48
C ASP H 175 -2.34 -77.69 6.27
N ILE H 176 -1.15 -78.21 6.64
CA ILE H 176 0.14 -77.51 6.49
C ILE H 176 0.95 -78.24 5.44
N SER H 177 1.48 -77.49 4.46
CA SER H 177 2.28 -78.04 3.37
C SER H 177 3.77 -77.88 3.66
N LEU H 178 4.58 -78.77 3.10
CA LEU H 178 6.03 -78.74 3.27
C LEU H 178 6.75 -78.49 1.95
N GLN H 179 7.99 -78.01 2.08
CA GLN H 179 8.93 -77.76 1.00
C GLN H 179 10.32 -77.85 1.62
N PHE H 180 11.18 -78.72 1.06
CA PHE H 180 12.53 -78.89 1.55
C PHE H 180 13.55 -78.22 0.62
N PHE H 181 14.61 -77.67 1.21
CA PHE H 181 15.69 -76.99 0.49
C PHE H 181 17.03 -77.47 1.05
N LEU H 182 17.77 -78.20 0.20
CA LEU H 182 19.03 -78.84 0.56
C LEU H 182 20.22 -78.29 -0.25
N PRO H 183 21.50 -78.51 0.14
CA PRO H 183 22.60 -77.99 -0.69
C PRO H 183 22.80 -78.78 -1.98
N PHE H 184 22.33 -80.04 -2.00
CA PHE H 184 22.38 -80.95 -3.13
C PHE H 184 20.98 -81.21 -3.71
N SER H 185 20.92 -81.61 -4.98
CA SER H 185 19.69 -81.92 -5.69
C SER H 185 19.49 -83.44 -5.72
N LEU H 186 18.23 -83.91 -5.79
CA LEU H 186 17.91 -85.34 -5.81
C LEU H 186 18.36 -86.06 -7.10
N GLY H 198 32.93 -81.49 -13.12
CA GLY H 198 32.36 -80.21 -13.54
C GLY H 198 32.44 -79.12 -12.50
N PRO H 199 32.53 -77.82 -12.91
CA PRO H 199 32.63 -76.74 -11.91
C PRO H 199 31.29 -76.24 -11.37
N PHE H 200 31.25 -75.91 -10.06
CA PHE H 200 30.05 -75.42 -9.39
C PHE H 200 29.82 -73.94 -9.60
N ARG H 201 28.62 -73.59 -10.09
CA ARG H 201 28.17 -72.22 -10.28
C ARG H 201 26.77 -72.09 -9.69
N LEU H 202 26.64 -71.27 -8.62
CA LEU H 202 25.37 -71.04 -7.92
C LEU H 202 24.38 -70.34 -8.85
N GLY H 203 23.20 -70.95 -9.01
CA GLY H 203 22.16 -70.46 -9.90
C GLY H 203 22.29 -71.01 -11.31
N GLY H 204 23.43 -71.65 -11.60
CA GLY H 204 23.74 -72.24 -12.90
C GLY H 204 22.88 -73.41 -13.29
N HIS H 205 22.85 -73.71 -14.60
CA HIS H 205 22.07 -74.80 -15.16
C HIS H 205 22.78 -76.11 -15.17
N GLY H 206 22.07 -77.10 -14.63
CA GLY H 206 22.52 -78.48 -14.47
C GLY H 206 22.16 -78.98 -13.09
N PRO H 207 22.14 -80.32 -12.86
CA PRO H 207 21.80 -80.82 -11.51
C PRO H 207 22.99 -80.71 -10.54
N SER H 208 22.76 -79.97 -9.44
CA SER H 208 23.75 -79.71 -8.38
C SER H 208 23.94 -80.93 -7.47
N PHE H 209 25.11 -81.58 -7.57
CA PHE H 209 25.44 -82.77 -6.79
C PHE H 209 26.94 -82.82 -6.46
N PRO H 210 27.34 -83.08 -5.18
CA PRO H 210 28.77 -83.17 -4.86
C PRO H 210 29.39 -84.40 -5.49
N LEU H 211 30.49 -84.22 -6.24
CA LEU H 211 31.21 -85.28 -6.96
C LEU H 211 31.84 -86.32 -6.03
N LYS H 212 32.05 -85.97 -4.74
CA LYS H 212 32.58 -86.89 -3.73
C LYS H 212 31.45 -87.78 -3.19
N GLY H 213 30.25 -87.20 -3.08
CA GLY H 213 29.06 -87.88 -2.60
C GLY H 213 28.39 -87.24 -1.40
N ILE H 214 27.28 -87.85 -0.95
CA ILE H 214 26.50 -87.41 0.21
C ILE H 214 26.84 -88.31 1.41
N THR H 215 27.06 -87.73 2.60
CA THR H 215 27.43 -88.48 3.82
C THR H 215 26.33 -89.46 4.26
N GLU H 216 26.71 -90.52 5.00
CA GLU H 216 25.79 -91.55 5.47
C GLU H 216 24.67 -91.00 6.38
N GLN H 217 24.95 -89.92 7.14
CA GLN H 217 23.97 -89.25 7.99
C GLN H 217 23.01 -88.44 7.11
N GLN H 218 23.54 -87.81 6.05
CA GLN H 218 22.72 -87.05 5.09
C GLN H 218 21.82 -88.02 4.31
N LYS H 219 22.35 -89.22 3.94
CA LYS H 219 21.65 -90.28 3.22
C LYS H 219 20.45 -90.74 4.05
N GLU H 220 20.70 -91.01 5.36
CA GLU H 220 19.72 -91.45 6.36
C GLU H 220 18.63 -90.37 6.52
N GLY H 221 19.05 -89.12 6.62
CA GLY H 221 18.17 -87.96 6.76
C GLY H 221 17.30 -87.73 5.56
N LEU H 222 17.87 -87.94 4.34
CA LEU H 222 17.19 -87.79 3.06
C LEU H 222 16.04 -88.78 2.90
N GLU H 223 16.24 -90.05 3.31
CA GLU H 223 15.22 -91.09 3.22
C GLU H 223 13.96 -90.76 4.01
N ILE H 224 14.13 -90.13 5.19
CA ILE H 224 13.02 -89.69 6.05
C ILE H 224 12.32 -88.51 5.37
N VAL H 225 13.10 -87.58 4.78
CA VAL H 225 12.58 -86.43 4.04
C VAL H 225 11.72 -86.92 2.86
N LYS H 226 12.25 -87.89 2.08
CA LYS H 226 11.57 -88.51 0.94
C LYS H 226 10.25 -89.13 1.41
N MET H 227 10.33 -90.05 2.40
CA MET H 227 9.20 -90.76 3.02
C MET H 227 8.10 -89.79 3.45
N VAL H 228 8.47 -88.69 4.15
CA VAL H 228 7.57 -87.65 4.64
C VAL H 228 6.87 -86.94 3.48
N MET H 229 7.64 -86.54 2.45
CA MET H 229 7.10 -85.85 1.28
C MET H 229 6.16 -86.72 0.46
N ILE H 230 6.49 -88.02 0.29
CA ILE H 230 5.66 -88.98 -0.44
C ILE H 230 4.37 -89.22 0.36
N SER H 231 4.51 -89.34 1.70
CA SER H 231 3.37 -89.55 2.60
C SER H 231 2.39 -88.37 2.61
N LEU H 232 2.88 -87.15 2.33
CA LEU H 232 2.05 -85.95 2.33
C LEU H 232 1.41 -85.61 0.99
N GLU H 233 2.21 -85.55 -0.09
CA GLU H 233 1.73 -85.13 -1.41
C GLU H 233 1.79 -86.24 -2.49
N GLY H 234 1.92 -87.49 -2.07
CA GLY H 234 1.98 -88.62 -3.00
C GLY H 234 3.30 -88.71 -3.74
N GLU H 235 3.30 -89.47 -4.86
CA GLU H 235 4.46 -89.71 -5.74
C GLU H 235 5.13 -88.41 -6.19
N ASP H 236 4.33 -87.38 -6.49
CA ASP H 236 4.80 -86.07 -6.94
C ASP H 236 5.31 -85.17 -5.80
N GLY H 237 5.33 -85.70 -4.58
CA GLY H 237 5.81 -85.01 -3.39
C GLY H 237 7.31 -84.76 -3.42
N LEU H 238 8.07 -85.68 -4.07
CA LEU H 238 9.51 -85.62 -4.24
C LEU H 238 9.96 -84.37 -5.00
N ASP H 239 9.06 -83.81 -5.81
CA ASP H 239 9.29 -82.60 -6.60
C ASP H 239 9.37 -81.36 -5.71
N GLU H 240 8.92 -81.47 -4.44
CA GLU H 240 8.94 -80.37 -3.48
C GLU H 240 10.23 -80.33 -2.63
N ILE H 241 11.25 -81.09 -3.05
CA ILE H 241 12.58 -81.12 -2.43
C ILE H 241 13.52 -80.50 -3.46
N TYR H 242 14.01 -79.29 -3.18
CA TYR H 242 14.87 -78.53 -4.10
C TYR H 242 16.29 -78.34 -3.56
N SER H 243 17.22 -77.92 -4.45
CA SER H 243 18.59 -77.58 -4.07
C SER H 243 18.62 -76.06 -4.00
N PHE H 244 19.47 -75.47 -3.11
CA PHE H 244 19.54 -74.01 -2.94
C PHE H 244 19.78 -73.27 -4.26
N SER H 245 20.70 -73.81 -5.09
CA SER H 245 21.08 -73.27 -6.39
C SER H 245 19.88 -73.14 -7.33
N GLU H 246 19.14 -74.25 -7.58
CA GLU H 246 17.98 -74.24 -8.47
C GLU H 246 16.86 -73.38 -7.94
N SER H 247 16.71 -73.27 -6.61
CA SER H 247 15.67 -72.47 -5.96
C SER H 247 15.78 -71.00 -6.30
N LEU H 248 17.03 -70.50 -6.47
CA LEU H 248 17.33 -69.11 -6.81
C LEU H 248 16.91 -68.77 -8.24
N ARG H 249 16.89 -69.78 -9.14
CA ARG H 249 16.50 -69.64 -10.55
C ARG H 249 15.12 -70.25 -10.87
N LYS H 250 14.20 -70.13 -9.90
CA LYS H 250 12.83 -70.64 -9.96
C LYS H 250 11.93 -69.78 -9.05
N LEU H 251 10.61 -69.97 -9.16
CA LEU H 251 9.67 -69.24 -8.30
C LEU H 251 9.00 -70.22 -7.32
N CYS H 252 9.60 -71.43 -7.18
CA CYS H 252 9.16 -72.54 -6.35
C CYS H 252 8.92 -72.17 -4.87
N VAL H 253 9.65 -71.17 -4.33
CA VAL H 253 9.49 -70.71 -2.94
C VAL H 253 8.10 -70.08 -2.70
N PHE H 254 7.48 -69.58 -3.78
CA PHE H 254 6.16 -68.95 -3.73
C PHE H 254 5.04 -69.86 -4.23
N LYS H 255 5.39 -70.97 -4.91
CA LYS H 255 4.51 -72.00 -5.50
C LYS H 255 3.26 -72.30 -4.66
N LYS H 256 3.45 -72.62 -3.36
CA LYS H 256 2.37 -72.99 -2.45
C LYS H 256 1.60 -71.80 -1.85
N ILE H 257 2.18 -70.59 -1.84
CA ILE H 257 1.51 -69.41 -1.26
C ILE H 257 1.10 -68.42 -2.37
N GLU H 258 1.19 -68.89 -3.63
CA GLU H 258 0.84 -68.14 -4.84
C GLU H 258 -0.68 -67.97 -4.87
N ARG H 259 -1.15 -66.76 -5.16
CA ARG H 259 -2.59 -66.48 -5.18
C ARG H 259 -3.28 -67.03 -6.43
N HIS H 260 -4.39 -67.76 -6.19
CA HIS H 260 -5.27 -68.41 -7.17
C HIS H 260 -5.67 -67.44 -8.29
N SER H 261 -5.65 -67.91 -9.54
CA SER H 261 -5.96 -67.09 -10.71
C SER H 261 -7.42 -66.71 -10.83
N ILE H 262 -7.67 -65.42 -11.14
CA ILE H 262 -9.00 -64.86 -11.34
C ILE H 262 -9.50 -65.29 -12.71
N HIS H 263 -10.60 -66.05 -12.74
CA HIS H 263 -11.24 -66.52 -13.97
C HIS H 263 -12.55 -65.77 -14.15
N TRP H 264 -13.02 -65.67 -15.40
CA TRP H 264 -14.28 -65.01 -15.71
C TRP H 264 -15.11 -65.83 -16.69
N PRO H 265 -16.46 -65.86 -16.55
CA PRO H 265 -17.27 -66.66 -17.48
C PRO H 265 -17.77 -65.92 -18.71
N CYS H 266 -17.97 -66.69 -19.79
CA CYS H 266 -18.51 -66.25 -21.08
C CYS H 266 -19.13 -67.48 -21.78
N ARG H 267 -19.55 -67.33 -23.05
CA ARG H 267 -20.15 -68.43 -23.80
C ARG H 267 -19.58 -68.54 -25.21
N LEU H 268 -19.16 -69.76 -25.59
CA LEU H 268 -18.66 -70.06 -26.93
C LEU H 268 -19.88 -70.37 -27.78
N THR H 269 -20.15 -69.56 -28.82
CA THR H 269 -21.35 -69.75 -29.64
C THR H 269 -21.04 -70.18 -31.08
N ILE H 270 -21.39 -71.44 -31.40
CA ILE H 270 -21.28 -72.02 -32.74
C ILE H 270 -22.66 -71.78 -33.36
N GLY H 271 -22.72 -70.81 -34.25
CA GLY H 271 -23.97 -70.41 -34.90
C GLY H 271 -24.79 -69.53 -33.98
N SER H 272 -26.02 -69.97 -33.67
CA SER H 272 -26.95 -69.24 -32.81
C SER H 272 -27.62 -70.13 -31.78
N ASN H 273 -28.08 -71.33 -32.21
CA ASN H 273 -28.77 -72.30 -31.37
C ASN H 273 -27.85 -73.00 -30.36
N LEU H 274 -26.54 -73.10 -30.67
CA LEU H 274 -25.54 -73.72 -29.80
C LEU H 274 -24.74 -72.67 -29.06
N SER H 275 -24.65 -72.83 -27.71
CA SER H 275 -23.95 -71.91 -26.82
C SER H 275 -23.32 -72.68 -25.63
N ILE H 276 -22.03 -73.06 -25.77
CA ILE H 276 -21.28 -73.80 -24.75
C ILE H 276 -20.83 -72.85 -23.64
N ARG H 277 -21.25 -73.14 -22.39
CA ARG H 277 -20.91 -72.35 -21.20
C ARG H 277 -19.44 -72.58 -20.87
N ILE H 278 -18.63 -71.51 -20.97
CA ILE H 278 -17.18 -71.56 -20.71
C ILE H 278 -16.74 -70.59 -19.61
N ALA H 279 -15.44 -70.68 -19.24
CA ALA H 279 -14.78 -69.84 -18.25
C ALA H 279 -13.30 -69.74 -18.65
N ALA H 280 -12.87 -68.55 -19.07
CA ALA H 280 -11.49 -68.34 -19.48
C ALA H 280 -10.73 -67.42 -18.54
N TYR H 281 -9.41 -67.62 -18.47
CA TYR H 281 -8.48 -66.83 -17.65
C TYR H 281 -7.23 -66.54 -18.49
N LYS H 282 -6.42 -65.57 -18.06
CA LYS H 282 -5.19 -65.21 -18.76
C LYS H 282 -4.04 -66.18 -18.40
N SER H 283 -3.73 -67.08 -19.34
CA SER H 283 -2.68 -68.11 -19.28
C SER H 283 -1.29 -67.46 -19.20
N ILE H 284 -1.00 -66.54 -20.14
CA ILE H 284 0.25 -65.77 -20.20
C ILE H 284 -0.16 -64.29 -20.16
N LEU H 285 0.52 -63.51 -19.33
CA LEU H 285 0.33 -62.07 -19.18
C LEU H 285 1.63 -61.51 -18.62
N GLN H 286 2.27 -60.58 -19.36
CA GLN H 286 3.55 -60.00 -18.95
C GLN H 286 3.49 -59.35 -17.57
N GLU H 287 4.22 -59.95 -16.62
CA GLU H 287 4.32 -59.47 -15.24
C GLU H 287 5.24 -58.25 -15.27
N ARG H 288 4.69 -57.08 -14.90
CA ARG H 288 5.37 -55.78 -14.91
C ARG H 288 5.51 -55.17 -13.52
N VAL H 289 6.39 -54.15 -13.38
CA VAL H 289 6.65 -53.42 -12.14
C VAL H 289 5.39 -52.66 -11.69
N LYS H 290 4.94 -52.95 -10.47
CA LYS H 290 3.75 -52.34 -9.88
C LYS H 290 3.98 -50.91 -9.37
N LYS H 291 5.04 -50.70 -8.57
CA LYS H 291 5.37 -49.40 -7.97
C LYS H 291 6.02 -48.43 -8.95
N THR H 292 5.71 -47.14 -8.76
CA THR H 292 6.19 -46.02 -9.59
C THR H 292 7.12 -45.07 -8.82
N TRP H 293 8.12 -44.50 -9.53
CA TRP H 293 9.06 -43.55 -8.95
C TRP H 293 8.44 -42.15 -8.90
N THR H 294 8.08 -41.71 -7.69
CA THR H 294 7.47 -40.40 -7.45
C THR H 294 8.54 -39.31 -7.44
N VAL H 295 8.34 -38.24 -8.23
CA VAL H 295 9.28 -37.12 -8.31
C VAL H 295 9.17 -36.23 -7.07
N VAL H 296 10.27 -36.10 -6.31
CA VAL H 296 10.37 -35.32 -5.08
C VAL H 296 11.50 -34.26 -5.17
N ASP H 297 11.45 -33.23 -4.30
CA ASP H 297 12.48 -32.17 -4.25
C ASP H 297 13.74 -32.72 -3.57
N ALA H 298 14.94 -32.33 -4.07
CA ALA H 298 16.24 -32.77 -3.54
C ALA H 298 16.50 -32.40 -2.08
N LYS H 299 15.90 -31.30 -1.59
CA LYS H 299 16.07 -30.82 -0.22
C LYS H 299 15.02 -31.38 0.74
N THR H 300 13.72 -31.19 0.43
CA THR H 300 12.59 -31.61 1.27
C THR H 300 12.21 -33.09 1.16
N LEU H 301 12.36 -33.69 -0.05
CA LEU H 301 12.01 -35.08 -0.36
C LEU H 301 10.49 -35.31 -0.25
N LYS H 302 9.69 -34.43 -0.88
CA LYS H 302 8.23 -34.50 -0.87
C LYS H 302 7.59 -34.26 -2.23
N LYS H 303 6.51 -35.01 -2.51
CA LYS H 303 5.70 -34.95 -3.73
C LYS H 303 4.89 -33.65 -3.77
N GLU H 304 4.33 -33.25 -2.62
CA GLU H 304 3.47 -32.07 -2.40
C GLU H 304 4.07 -30.74 -2.89
N ASP H 305 5.38 -30.56 -2.70
CA ASP H 305 6.11 -29.34 -3.09
C ASP H 305 6.26 -29.19 -4.61
N ILE H 306 6.14 -30.30 -5.36
CA ILE H 306 6.26 -30.32 -6.82
C ILE H 306 4.88 -30.36 -7.47
N GLN H 307 4.65 -29.48 -8.47
CA GLN H 307 3.40 -29.40 -9.21
C GLN H 307 3.64 -29.26 -10.71
N LYS H 308 2.90 -30.07 -11.51
CA LYS H 308 3.01 -30.09 -12.96
C LYS H 308 1.91 -29.26 -13.59
N GLU H 309 2.30 -28.22 -14.35
CA GLU H 309 1.40 -27.29 -15.04
C GLU H 309 1.61 -27.35 -16.55
N THR H 310 0.50 -27.40 -17.30
CA THR H 310 0.48 -27.45 -18.76
C THR H 310 0.31 -26.04 -19.36
N VAL H 311 1.11 -25.72 -20.39
CA VAL H 311 1.09 -24.42 -21.07
C VAL H 311 0.74 -24.63 -22.56
N TYR H 312 -0.09 -23.72 -23.12
CA TYR H 312 -0.54 -23.79 -24.52
C TYR H 312 -0.10 -22.58 -25.34
N CYS H 313 0.47 -22.86 -26.53
CA CYS H 313 0.98 -21.85 -27.48
C CYS H 313 0.67 -22.24 -28.93
N LEU H 314 0.56 -21.23 -29.82
CA LEU H 314 0.26 -21.43 -31.24
C LEU H 314 1.47 -21.95 -32.03
N ASN H 315 1.22 -22.90 -32.97
CA ASN H 315 2.22 -23.55 -33.82
C ASN H 315 2.96 -22.62 -34.78
N ASP H 316 2.27 -21.59 -35.29
CA ASP H 316 2.82 -20.61 -36.24
C ASP H 316 3.91 -19.72 -35.62
N ASP H 317 4.78 -19.13 -36.47
CA ASP H 317 5.89 -18.24 -36.08
C ASP H 317 5.41 -17.06 -35.23
N ASP H 318 6.21 -16.68 -34.20
CA ASP H 318 5.92 -15.64 -33.21
C ASP H 318 4.74 -16.12 -32.33
N GLU H 319 4.98 -17.22 -31.60
CA GLU H 319 4.01 -17.92 -30.74
C GLU H 319 3.37 -17.03 -29.65
N THR H 320 2.05 -17.21 -29.47
CA THR H 320 1.22 -16.49 -28.49
C THR H 320 0.46 -17.52 -27.65
N GLU H 321 0.17 -17.19 -26.37
CA GLU H 321 -0.55 -18.05 -25.42
C GLU H 321 -1.97 -18.35 -25.88
N VAL H 322 -2.34 -19.65 -25.93
CA VAL H 322 -3.65 -20.13 -26.35
C VAL H 322 -4.56 -20.35 -25.14
N LEU H 323 -5.79 -19.81 -25.19
CA LEU H 323 -6.82 -19.90 -24.14
C LEU H 323 -7.21 -21.35 -23.85
N LYS H 324 -7.11 -21.76 -22.58
CA LYS H 324 -7.40 -23.13 -22.11
C LYS H 324 -8.87 -23.55 -22.30
N GLU H 325 -9.80 -22.58 -22.23
CA GLU H 325 -11.24 -22.83 -22.40
C GLU H 325 -11.66 -23.00 -23.87
N ASP H 326 -11.03 -22.22 -24.79
CA ASP H 326 -11.31 -22.23 -26.23
C ASP H 326 -10.78 -23.47 -26.97
N ILE H 327 -9.93 -24.30 -26.32
CA ILE H 327 -9.36 -25.51 -26.91
C ILE H 327 -10.43 -26.59 -27.10
N ILE H 328 -10.61 -27.04 -28.36
CA ILE H 328 -11.56 -28.08 -28.77
C ILE H 328 -10.85 -29.32 -29.32
N GLN H 329 -11.46 -30.52 -29.15
CA GLN H 329 -10.90 -31.77 -29.65
C GLN H 329 -11.05 -31.87 -31.17
N GLY H 330 -9.99 -32.32 -31.84
CA GLY H 330 -9.95 -32.48 -33.28
C GLY H 330 -9.15 -33.67 -33.75
N PHE H 331 -9.41 -34.13 -34.98
CA PHE H 331 -8.72 -35.27 -35.59
C PHE H 331 -8.31 -34.98 -37.02
N ARG H 332 -7.15 -35.51 -37.43
CA ARG H 332 -6.63 -35.33 -38.78
C ARG H 332 -7.10 -36.45 -39.70
N TYR H 333 -7.54 -36.08 -40.92
CA TYR H 333 -7.95 -37.01 -41.97
C TYR H 333 -7.11 -36.65 -43.20
N GLY H 334 -5.84 -37.03 -43.15
CA GLY H 334 -4.86 -36.73 -44.18
C GLY H 334 -4.47 -35.28 -44.14
N SER H 335 -4.74 -34.55 -45.24
CA SER H 335 -4.46 -33.13 -45.37
C SER H 335 -5.44 -32.32 -44.52
N ASP H 336 -6.71 -32.74 -44.51
CA ASP H 336 -7.82 -32.12 -43.78
C ASP H 336 -7.68 -32.25 -42.26
N ILE H 337 -8.13 -31.21 -41.54
CA ILE H 337 -8.15 -31.13 -40.09
C ILE H 337 -9.63 -31.00 -39.70
N VAL H 338 -10.18 -32.07 -39.09
CA VAL H 338 -11.60 -32.15 -38.73
C VAL H 338 -11.85 -31.89 -37.23
N PRO H 339 -12.69 -30.89 -36.87
CA PRO H 339 -13.00 -30.68 -35.45
C PRO H 339 -14.07 -31.67 -34.99
N PHE H 340 -13.71 -32.53 -34.03
CA PHE H 340 -14.60 -33.57 -33.52
C PHE H 340 -14.55 -33.65 -31.99
N SER H 341 -15.58 -33.09 -31.32
CA SER H 341 -15.70 -33.06 -29.86
C SER H 341 -16.01 -34.45 -29.27
N LYS H 342 -15.60 -34.68 -28.01
CA LYS H 342 -15.81 -35.93 -27.26
C LYS H 342 -17.29 -36.28 -27.09
N VAL H 343 -18.17 -35.26 -27.04
CA VAL H 343 -19.62 -35.38 -26.87
C VAL H 343 -20.23 -36.07 -28.11
N ASP H 344 -19.90 -35.56 -29.33
CA ASP H 344 -20.35 -36.12 -30.61
C ASP H 344 -19.67 -37.45 -30.91
N GLU H 345 -18.45 -37.66 -30.38
CA GLU H 345 -17.65 -38.87 -30.55
C GLU H 345 -18.33 -40.11 -29.95
N GLU H 346 -18.79 -40.03 -28.68
CA GLU H 346 -19.46 -41.10 -27.95
C GLU H 346 -20.72 -41.63 -28.67
N GLN H 347 -21.45 -40.74 -29.36
CA GLN H 347 -22.66 -41.09 -30.09
C GLN H 347 -22.35 -41.71 -31.46
N MET H 348 -21.41 -41.11 -32.21
CA MET H 348 -21.03 -41.55 -33.56
C MET H 348 -20.06 -42.73 -33.62
N LYS H 349 -19.33 -43.03 -32.53
CA LYS H 349 -18.34 -44.13 -32.46
C LYS H 349 -18.97 -45.51 -32.66
N TYR H 350 -18.13 -46.51 -33.01
CA TYR H 350 -18.53 -47.89 -33.22
C TYR H 350 -19.10 -48.49 -31.94
N LYS H 351 -20.37 -48.93 -32.00
CA LYS H 351 -21.05 -49.54 -30.87
C LYS H 351 -20.97 -51.05 -31.01
N SER H 352 -20.21 -51.70 -30.11
CA SER H 352 -20.02 -53.15 -30.10
C SER H 352 -21.32 -53.85 -29.70
N GLU H 353 -21.60 -55.00 -30.34
CA GLU H 353 -22.82 -55.79 -30.14
C GLU H 353 -22.89 -56.47 -28.76
N GLY H 354 -21.78 -56.49 -28.03
CA GLY H 354 -21.69 -57.08 -26.70
C GLY H 354 -20.59 -58.12 -26.55
N LYS H 355 -20.29 -58.53 -25.29
CA LYS H 355 -19.25 -59.53 -25.00
C LYS H 355 -19.70 -60.92 -25.46
N CYS H 356 -18.79 -61.64 -26.13
CA CYS H 356 -19.04 -62.97 -26.69
C CYS H 356 -17.75 -63.70 -27.06
N PHE H 357 -17.88 -64.98 -27.36
CA PHE H 357 -16.79 -65.86 -27.81
C PHE H 357 -17.32 -66.69 -29.01
N SER H 358 -17.94 -65.98 -29.98
CA SER H 358 -18.56 -66.53 -31.18
C SER H 358 -17.60 -67.05 -32.23
N VAL H 359 -17.89 -68.24 -32.77
CA VAL H 359 -17.10 -68.91 -33.80
C VAL H 359 -17.45 -68.36 -35.18
N LEU H 360 -16.45 -67.87 -35.90
CA LEU H 360 -16.61 -67.33 -37.24
C LEU H 360 -16.60 -68.47 -38.25
N GLY H 361 -15.72 -69.43 -38.02
CA GLY H 361 -15.54 -70.61 -38.86
C GLY H 361 -14.41 -71.49 -38.36
N PHE H 362 -14.05 -72.50 -39.17
CA PHE H 362 -12.98 -73.44 -38.86
C PHE H 362 -12.06 -73.62 -40.07
N CYS H 363 -10.75 -73.63 -39.83
CA CYS H 363 -9.74 -73.82 -40.88
C CYS H 363 -8.64 -74.77 -40.38
N LYS H 364 -7.81 -75.28 -41.30
CA LYS H 364 -6.70 -76.19 -40.97
C LYS H 364 -5.59 -75.48 -40.17
N SER H 365 -4.88 -76.25 -39.30
CA SER H 365 -3.79 -75.78 -38.44
C SER H 365 -2.70 -75.03 -39.21
N SER H 366 -2.43 -75.46 -40.46
CA SER H 366 -1.42 -74.90 -41.36
C SER H 366 -1.70 -73.46 -41.78
N GLN H 367 -2.99 -73.07 -41.89
CA GLN H 367 -3.43 -71.74 -42.33
C GLN H 367 -3.12 -70.63 -41.32
N VAL H 368 -3.05 -70.95 -40.01
CA VAL H 368 -2.74 -69.99 -38.94
C VAL H 368 -1.27 -70.13 -38.53
N GLN H 369 -0.46 -69.11 -38.89
CA GLN H 369 0.98 -69.06 -38.60
C GLN H 369 1.27 -68.23 -37.34
N ARG H 370 2.19 -68.75 -36.47
CA ARG H 370 2.61 -68.11 -35.22
C ARG H 370 3.14 -66.68 -35.39
N ARG H 371 3.64 -66.36 -36.60
CA ARG H 371 4.17 -65.03 -36.92
C ARG H 371 3.08 -63.95 -36.95
N PHE H 372 1.80 -64.35 -37.10
CA PHE H 372 0.66 -63.43 -37.14
C PHE H 372 -0.04 -63.24 -35.80
N PHE H 373 0.47 -63.88 -34.73
CA PHE H 373 -0.09 -63.75 -33.39
C PHE H 373 0.06 -62.31 -32.89
N MET H 374 -1.01 -61.76 -32.29
CA MET H 374 -1.07 -60.39 -31.79
C MET H 374 -1.59 -60.29 -30.35
N GLY H 375 -1.43 -59.10 -29.76
CA GLY H 375 -1.86 -58.82 -28.40
C GLY H 375 -0.79 -59.01 -27.35
N ASN H 376 -1.17 -58.88 -26.07
CA ASN H 376 -0.26 -59.01 -24.93
C ASN H 376 -0.71 -60.08 -23.91
N GLN H 377 -1.51 -61.06 -24.35
CA GLN H 377 -2.03 -62.13 -23.49
C GLN H 377 -2.38 -63.39 -24.27
N VAL H 378 -2.54 -64.50 -23.53
CA VAL H 378 -2.95 -65.81 -24.02
C VAL H 378 -4.10 -66.24 -23.10
N LEU H 379 -5.23 -66.64 -23.67
CA LEU H 379 -6.36 -67.07 -22.87
C LEU H 379 -6.54 -68.57 -22.97
N LYS H 380 -6.79 -69.22 -21.82
CA LYS H 380 -7.06 -70.65 -21.81
C LYS H 380 -8.54 -70.81 -21.54
N VAL H 381 -9.30 -71.20 -22.57
CA VAL H 381 -10.75 -71.40 -22.52
C VAL H 381 -11.04 -72.79 -21.95
N PHE H 382 -11.44 -72.80 -20.67
CA PHE H 382 -11.77 -73.99 -19.90
C PHE H 382 -13.29 -74.15 -19.80
N ALA H 383 -13.73 -75.36 -19.43
CA ALA H 383 -15.15 -75.66 -19.25
C ALA H 383 -15.64 -75.06 -17.94
N ALA H 384 -16.85 -74.47 -17.96
CA ALA H 384 -17.50 -73.82 -16.81
C ALA H 384 -17.53 -74.73 -15.58
N ARG H 385 -17.06 -74.20 -14.43
CA ARG H 385 -16.99 -74.92 -13.16
C ARG H 385 -18.38 -75.32 -12.66
N ASP H 386 -18.49 -76.55 -12.10
CA ASP H 386 -19.71 -77.18 -11.57
C ASP H 386 -20.83 -77.35 -12.64
N ASP H 387 -20.41 -77.61 -13.90
CA ASP H 387 -21.30 -77.83 -15.04
C ASP H 387 -20.75 -79.01 -15.85
N GLU H 388 -21.39 -80.18 -15.74
CA GLU H 388 -20.96 -81.41 -16.41
C GLU H 388 -21.29 -81.43 -17.90
N ALA H 389 -22.50 -80.97 -18.26
CA ALA H 389 -22.99 -80.95 -19.65
C ALA H 389 -22.18 -80.03 -20.57
N ALA H 390 -21.76 -78.86 -20.06
CA ALA H 390 -20.95 -77.91 -20.82
C ALA H 390 -19.50 -78.40 -20.95
N ALA H 391 -19.02 -79.18 -19.95
CA ALA H 391 -17.67 -79.75 -19.92
C ALA H 391 -17.45 -80.76 -21.04
N VAL H 392 -18.49 -81.59 -21.33
CA VAL H 392 -18.48 -82.59 -22.39
C VAL H 392 -18.62 -81.88 -23.75
N ALA H 393 -19.49 -80.85 -23.80
CA ALA H 393 -19.75 -80.03 -24.99
C ALA H 393 -18.50 -79.34 -25.52
N LEU H 394 -17.63 -78.84 -24.61
CA LEU H 394 -16.37 -78.21 -24.99
C LEU H 394 -15.35 -79.29 -25.37
N SER H 395 -15.30 -80.40 -24.59
CA SER H 395 -14.41 -81.55 -24.82
C SER H 395 -14.58 -82.14 -26.22
N SER H 396 -15.84 -82.18 -26.71
CA SER H 396 -16.20 -82.66 -28.04
C SER H 396 -15.54 -81.81 -29.12
N LEU H 397 -15.54 -80.46 -28.93
CA LEU H 397 -14.94 -79.51 -29.85
C LEU H 397 -13.41 -79.59 -29.84
N ILE H 398 -12.81 -79.75 -28.64
CA ILE H 398 -11.35 -79.86 -28.46
C ILE H 398 -10.80 -81.07 -29.22
N HIS H 399 -11.42 -82.25 -29.04
CA HIS H 399 -11.00 -83.49 -29.69
C HIS H 399 -11.29 -83.55 -31.18
N ALA H 400 -12.40 -82.91 -31.64
CA ALA H 400 -12.75 -82.87 -33.06
C ALA H 400 -11.71 -82.07 -33.85
N LEU H 401 -11.24 -80.93 -33.28
CA LEU H 401 -10.23 -80.06 -33.87
C LEU H 401 -8.84 -80.69 -33.87
N ASP H 402 -8.52 -81.46 -32.81
CA ASP H 402 -7.25 -82.15 -32.64
C ASP H 402 -7.04 -83.25 -33.69
N ASP H 403 -8.05 -84.14 -33.83
CA ASP H 403 -8.04 -85.27 -34.77
C ASP H 403 -8.05 -84.83 -36.23
N LEU H 404 -8.79 -83.75 -36.56
CA LEU H 404 -8.89 -83.21 -37.92
C LEU H 404 -7.74 -82.27 -38.27
N ASP H 405 -6.85 -81.97 -37.29
CA ASP H 405 -5.72 -81.02 -37.40
C ASP H 405 -6.25 -79.65 -37.88
N MET H 406 -7.24 -79.13 -37.13
CA MET H 406 -7.91 -77.87 -37.42
C MET H 406 -7.97 -76.94 -36.21
N VAL H 407 -8.26 -75.66 -36.47
CA VAL H 407 -8.37 -74.59 -35.48
C VAL H 407 -9.72 -73.87 -35.61
N ALA H 408 -10.04 -72.95 -34.70
CA ALA H 408 -11.29 -72.20 -34.74
C ALA H 408 -11.04 -70.71 -34.77
N ILE H 409 -11.51 -70.03 -35.81
CA ILE H 409 -11.38 -68.57 -35.93
C ILE H 409 -12.58 -67.99 -35.17
N VAL H 410 -12.32 -67.27 -34.08
CA VAL H 410 -13.38 -66.73 -33.23
C VAL H 410 -13.32 -65.20 -33.07
N ARG H 411 -14.44 -64.59 -32.64
CA ARG H 411 -14.59 -63.17 -32.34
C ARG H 411 -14.66 -63.05 -30.82
N TYR H 412 -13.81 -62.19 -30.22
CA TYR H 412 -13.76 -62.02 -28.77
C TYR H 412 -13.77 -60.55 -28.31
N ALA H 413 -14.45 -60.32 -27.17
CA ALA H 413 -14.59 -59.04 -26.46
C ALA H 413 -14.92 -59.36 -25.01
N TYR H 414 -14.18 -58.80 -24.03
CA TYR H 414 -14.45 -59.07 -22.61
C TYR H 414 -15.74 -58.38 -22.12
N ASP H 415 -16.10 -57.23 -22.71
CA ASP H 415 -17.32 -56.47 -22.38
C ASP H 415 -17.89 -55.74 -23.61
N LYS H 416 -19.08 -55.14 -23.48
CA LYS H 416 -19.72 -54.41 -24.59
C LYS H 416 -18.98 -53.10 -24.93
N ARG H 417 -18.26 -52.51 -23.95
CA ARG H 417 -17.49 -51.29 -24.13
C ARG H 417 -16.17 -51.54 -24.85
N ALA H 418 -15.56 -52.73 -24.63
CA ALA H 418 -14.28 -53.15 -25.21
C ALA H 418 -14.34 -53.34 -26.74
N ASN H 419 -13.19 -53.08 -27.43
CA ASN H 419 -13.04 -53.21 -28.88
C ASN H 419 -13.03 -54.69 -29.30
N PRO H 420 -13.73 -55.06 -30.40
CA PRO H 420 -13.76 -56.47 -30.82
C PRO H 420 -12.44 -56.97 -31.39
N GLN H 421 -12.17 -58.27 -31.18
CA GLN H 421 -10.96 -58.94 -31.64
C GLN H 421 -11.32 -60.15 -32.47
N VAL H 422 -10.40 -60.57 -33.34
CA VAL H 422 -10.52 -61.77 -34.18
C VAL H 422 -9.24 -62.58 -33.91
N GLY H 423 -9.40 -63.84 -33.49
CA GLY H 423 -8.26 -64.69 -33.18
C GLY H 423 -8.47 -66.18 -33.40
N VAL H 424 -7.43 -66.95 -33.07
CA VAL H 424 -7.38 -68.41 -33.18
C VAL H 424 -7.70 -69.05 -31.83
N ALA H 425 -8.48 -70.14 -31.86
CA ALA H 425 -8.85 -70.94 -30.70
C ALA H 425 -8.46 -72.37 -31.09
N PHE H 426 -7.29 -72.83 -30.61
CA PHE H 426 -6.76 -74.15 -30.96
C PHE H 426 -6.78 -75.16 -29.81
N PRO H 427 -6.88 -76.49 -30.09
CA PRO H 427 -6.92 -77.47 -28.99
C PRO H 427 -5.60 -77.60 -28.23
N HIS H 428 -5.71 -78.00 -26.96
CA HIS H 428 -4.58 -78.18 -26.05
C HIS H 428 -4.96 -79.27 -25.04
N ILE H 429 -4.58 -80.52 -25.34
CA ILE H 429 -4.90 -81.68 -24.51
C ILE H 429 -3.67 -82.21 -23.78
N LYS H 430 -3.79 -82.28 -22.45
CA LYS H 430 -2.76 -82.83 -21.57
C LYS H 430 -3.39 -83.96 -20.73
N HIS H 431 -2.56 -84.75 -20.02
CA HIS H 431 -3.01 -85.88 -19.21
C HIS H 431 -4.00 -85.49 -18.10
N ASN H 432 -3.77 -84.32 -17.47
CA ASN H 432 -4.57 -83.82 -16.35
C ASN H 432 -5.71 -82.88 -16.76
N TYR H 433 -5.43 -81.90 -17.66
CA TYR H 433 -6.43 -80.92 -18.10
C TYR H 433 -6.66 -80.92 -19.62
N GLU H 434 -7.77 -80.29 -20.03
CA GLU H 434 -8.20 -80.18 -21.42
C GLU H 434 -8.79 -78.78 -21.65
N CYS H 435 -8.27 -78.05 -22.67
CA CYS H 435 -8.75 -76.69 -22.97
C CYS H 435 -8.46 -76.23 -24.39
N LEU H 436 -9.09 -75.10 -24.77
CA LEU H 436 -8.86 -74.40 -26.03
C LEU H 436 -7.95 -73.23 -25.69
N VAL H 437 -7.06 -72.85 -26.60
CA VAL H 437 -6.14 -71.73 -26.35
C VAL H 437 -6.43 -70.59 -27.33
N TYR H 438 -6.87 -69.44 -26.81
CA TYR H 438 -7.14 -68.26 -27.62
C TYR H 438 -5.94 -67.34 -27.66
N VAL H 439 -5.55 -66.94 -28.88
CA VAL H 439 -4.47 -65.98 -29.18
C VAL H 439 -5.04 -65.07 -30.28
N GLN H 440 -4.97 -63.74 -30.06
CA GLN H 440 -5.49 -62.74 -31.00
C GLN H 440 -4.73 -62.75 -32.33
N LEU H 441 -5.47 -62.62 -33.43
CA LEU H 441 -4.90 -62.59 -34.78
C LEU H 441 -4.98 -61.17 -35.37
N PRO H 442 -4.34 -60.84 -36.51
CA PRO H 442 -4.39 -59.44 -36.98
C PRO H 442 -5.53 -59.09 -37.93
N PHE H 443 -5.82 -57.79 -37.98
CA PHE H 443 -6.76 -57.18 -38.92
C PHE H 443 -5.90 -56.71 -40.09
N MET H 444 -6.51 -56.45 -41.25
CA MET H 444 -5.84 -56.01 -42.48
C MET H 444 -4.97 -54.76 -42.25
N GLU H 445 -5.47 -53.80 -41.43
CA GLU H 445 -4.82 -52.54 -41.07
C GLU H 445 -3.52 -52.75 -40.28
N ASP H 446 -3.47 -53.82 -39.45
CA ASP H 446 -2.33 -54.17 -38.61
C ASP H 446 -1.13 -54.69 -39.40
N LEU H 447 -1.39 -55.40 -40.53
CA LEU H 447 -0.36 -55.99 -41.39
C LEU H 447 0.50 -54.96 -42.10
N ARG H 448 1.81 -55.26 -42.26
CA ARG H 448 2.79 -54.41 -42.95
C ARG H 448 3.52 -55.22 -44.01
N GLN H 449 3.56 -54.70 -45.25
CA GLN H 449 4.18 -55.40 -46.39
C GLN H 449 5.42 -54.70 -46.93
N TYR H 450 6.59 -55.34 -46.73
CA TYR H 450 7.89 -54.88 -47.24
C TYR H 450 8.52 -56.00 -48.04
N MET H 451 9.45 -55.66 -48.95
CA MET H 451 10.16 -56.66 -49.74
C MET H 451 11.65 -56.63 -49.44
N PHE H 452 12.20 -57.79 -49.07
CA PHE H 452 13.60 -58.00 -48.72
C PHE H 452 14.30 -58.78 -49.84
N SER H 453 15.61 -58.59 -49.99
CA SER H 453 16.42 -59.26 -51.03
C SER H 453 16.50 -60.77 -50.80
N SER H 454 16.47 -61.56 -51.88
CA SER H 454 16.57 -63.03 -51.84
C SER H 454 17.97 -63.45 -51.37
N LEU H 455 18.07 -64.59 -50.66
CA LEU H 455 19.35 -65.06 -50.14
C LEU H 455 19.72 -66.46 -50.62
N LYS H 456 18.71 -67.32 -50.92
CA LYS H 456 18.87 -68.71 -51.36
C LYS H 456 19.87 -68.90 -52.51
N ASN H 457 19.83 -68.02 -53.53
CA ASN H 457 20.73 -68.11 -54.67
C ASN H 457 21.48 -66.78 -54.95
N SER H 458 21.82 -66.03 -53.88
CA SER H 458 22.57 -64.77 -53.98
C SER H 458 24.05 -65.09 -54.18
N LYS H 459 24.56 -64.87 -55.40
CA LYS H 459 25.94 -65.15 -55.80
C LYS H 459 27.01 -64.39 -54.99
N LYS H 460 26.69 -63.16 -54.57
CA LYS H 460 27.59 -62.31 -53.78
C LYS H 460 27.70 -62.72 -52.30
N TYR H 461 26.62 -63.28 -51.71
CA TYR H 461 26.60 -63.67 -50.29
C TYR H 461 26.51 -65.20 -50.04
N ALA H 462 26.57 -66.03 -51.11
CA ALA H 462 26.51 -67.49 -50.97
C ALA H 462 27.73 -68.05 -50.21
N PRO H 463 27.53 -68.79 -49.10
CA PRO H 463 28.69 -69.32 -48.35
C PRO H 463 29.31 -70.54 -49.01
N THR H 464 30.63 -70.75 -48.81
CA THR H 464 31.36 -71.88 -49.36
C THR H 464 30.98 -73.19 -48.63
N GLU H 465 31.33 -74.34 -49.21
CA GLU H 465 31.06 -75.66 -48.61
C GLU H 465 31.77 -75.78 -47.25
N ALA H 466 32.97 -75.20 -47.12
CA ALA H 466 33.77 -75.17 -45.90
C ALA H 466 33.11 -74.25 -44.85
N GLN H 467 32.52 -73.12 -45.30
CA GLN H 467 31.82 -72.15 -44.46
C GLN H 467 30.55 -72.75 -43.84
N LEU H 468 29.77 -73.49 -44.66
CA LEU H 468 28.54 -74.17 -44.23
C LEU H 468 28.83 -75.31 -43.25
N ASN H 469 29.90 -76.09 -43.51
CA ASN H 469 30.32 -77.20 -42.66
C ASN H 469 30.90 -76.73 -41.32
N ALA H 470 31.27 -75.44 -41.23
CA ALA H 470 31.79 -74.80 -40.03
C ALA H 470 30.63 -74.38 -39.11
N VAL H 471 29.52 -73.85 -39.71
CA VAL H 471 28.30 -73.43 -39.03
C VAL H 471 27.55 -74.70 -38.57
N ASP H 472 27.62 -75.79 -39.37
CA ASP H 472 27.01 -77.09 -39.08
C ASP H 472 27.58 -77.65 -37.76
N ALA H 473 28.91 -77.52 -37.58
CA ALA H 473 29.63 -77.94 -36.39
C ALA H 473 29.32 -77.05 -35.19
N LEU H 474 29.03 -75.76 -35.43
CA LEU H 474 28.71 -74.77 -34.41
C LEU H 474 27.36 -75.07 -33.76
N ILE H 475 26.32 -75.37 -34.59
CA ILE H 475 24.97 -75.70 -34.14
C ILE H 475 24.96 -77.00 -33.33
N ASP H 476 25.74 -78.01 -33.77
CA ASP H 476 25.87 -79.29 -33.09
C ASP H 476 26.54 -79.13 -31.72
N SER H 477 27.58 -78.26 -31.65
CA SER H 477 28.32 -77.99 -30.41
C SER H 477 27.54 -77.13 -29.43
N MET H 478 26.78 -76.15 -29.95
CA MET H 478 25.99 -75.25 -29.12
C MET H 478 24.52 -75.69 -28.94
N SER H 479 24.23 -77.01 -29.05
CA SER H 479 22.86 -77.52 -28.88
C SER H 479 22.45 -77.48 -27.42
N LEU H 480 21.24 -76.97 -27.16
CA LEU H 480 20.67 -76.81 -25.82
C LEU H 480 19.71 -77.96 -25.44
N ALA H 481 19.79 -79.09 -26.15
CA ALA H 481 18.94 -80.24 -25.87
C ALA H 481 19.71 -81.56 -25.92
N LYS H 482 19.34 -82.49 -25.03
CA LYS H 482 19.94 -83.82 -24.92
C LYS H 482 18.86 -84.87 -25.13
N LYS H 483 19.18 -85.91 -25.91
CA LYS H 483 18.26 -87.00 -26.18
C LYS H 483 18.89 -88.34 -25.89
N ASP H 484 18.28 -89.11 -25.00
CA ASP H 484 18.71 -90.47 -24.66
C ASP H 484 17.89 -91.41 -25.55
N GLU H 485 18.55 -92.34 -26.25
CA GLU H 485 17.90 -93.26 -27.18
C GLU H 485 17.08 -94.36 -26.48
N LYS H 486 17.35 -94.65 -25.20
CA LYS H 486 16.58 -95.63 -24.43
C LYS H 486 15.24 -95.00 -23.99
N THR H 487 15.28 -93.76 -23.48
CA THR H 487 14.09 -93.02 -23.04
C THR H 487 13.29 -92.46 -24.24
N ASP H 488 13.99 -92.10 -25.34
CA ASP H 488 13.46 -91.51 -26.59
C ASP H 488 12.69 -90.20 -26.33
N THR H 489 13.06 -89.50 -25.25
CA THR H 489 12.49 -88.23 -24.80
C THR H 489 13.55 -87.12 -24.95
N LEU H 490 13.13 -85.94 -25.43
CA LEU H 490 14.02 -84.78 -25.60
C LEU H 490 14.05 -83.94 -24.33
N GLU H 491 15.25 -83.77 -23.76
CA GLU H 491 15.48 -83.02 -22.52
C GLU H 491 16.11 -81.67 -22.80
N ASP H 492 15.44 -80.58 -22.38
CA ASP H 492 15.91 -79.21 -22.54
C ASP H 492 16.93 -78.88 -21.46
N LEU H 493 18.09 -78.35 -21.88
CA LEU H 493 19.19 -78.00 -20.96
C LEU H 493 19.14 -76.54 -20.53
N PHE H 494 18.28 -75.74 -21.18
CA PHE H 494 18.15 -74.33 -20.83
C PHE H 494 16.69 -73.85 -20.79
N PRO H 495 15.77 -74.50 -20.02
CA PRO H 495 14.40 -73.97 -19.95
C PRO H 495 14.34 -72.55 -19.38
N THR H 496 14.18 -71.54 -20.28
CA THR H 496 14.12 -70.11 -19.94
C THR H 496 12.78 -69.71 -19.33
N THR H 497 11.71 -70.42 -19.71
CA THR H 497 10.35 -70.20 -19.24
C THR H 497 10.21 -70.50 -17.74
N LYS H 498 11.21 -71.18 -17.15
CA LYS H 498 11.26 -71.55 -15.74
C LYS H 498 12.05 -70.53 -14.91
N ILE H 499 12.93 -69.75 -15.59
CA ILE H 499 13.77 -68.73 -14.97
C ILE H 499 12.92 -67.49 -14.66
N PRO H 500 13.02 -66.91 -13.44
CA PRO H 500 12.26 -65.69 -13.17
C PRO H 500 12.92 -64.48 -13.82
N ASN H 501 12.13 -63.45 -14.20
CA ASN H 501 12.60 -62.21 -14.82
C ASN H 501 13.61 -61.51 -13.89
N PRO H 502 14.90 -61.39 -14.27
CA PRO H 502 15.91 -60.81 -13.38
C PRO H 502 15.63 -59.37 -12.93
N ARG H 503 14.74 -58.65 -13.64
CA ARG H 503 14.35 -57.28 -13.35
C ARG H 503 13.88 -57.07 -11.90
N PHE H 504 13.06 -57.99 -11.37
CA PHE H 504 12.47 -57.87 -10.04
C PHE H 504 13.44 -58.05 -8.89
N GLN H 505 14.14 -59.19 -8.82
CA GLN H 505 15.08 -59.43 -7.72
C GLN H 505 16.27 -58.45 -7.75
N ARG H 506 16.59 -57.88 -8.94
CA ARG H 506 17.63 -56.85 -9.10
C ARG H 506 17.13 -55.53 -8.51
N LEU H 507 15.85 -55.19 -8.77
CA LEU H 507 15.22 -53.98 -8.25
C LEU H 507 15.14 -54.04 -6.73
N PHE H 508 14.70 -55.20 -6.19
CA PHE H 508 14.56 -55.44 -4.76
C PHE H 508 15.89 -55.32 -4.03
N GLN H 509 16.97 -55.83 -4.66
CA GLN H 509 18.34 -55.79 -4.16
C GLN H 509 18.76 -54.34 -3.89
N CYS H 510 18.59 -53.49 -4.91
CA CYS H 510 18.90 -52.06 -4.91
C CYS H 510 18.02 -51.25 -3.96
N LEU H 511 16.69 -51.55 -3.95
CA LEU H 511 15.73 -50.90 -3.06
C LEU H 511 16.09 -51.17 -1.60
N LEU H 512 16.45 -52.42 -1.26
CA LEU H 512 16.83 -52.83 0.09
C LEU H 512 18.19 -52.22 0.48
N HIS H 513 19.18 -52.26 -0.44
CA HIS H 513 20.52 -51.72 -0.19
C HIS H 513 20.48 -50.24 0.13
N ARG H 514 19.64 -49.46 -0.56
CA ARG H 514 19.49 -48.02 -0.31
C ARG H 514 18.76 -47.77 1.03
N ALA H 515 17.81 -48.66 1.37
CA ALA H 515 17.03 -48.56 2.60
C ALA H 515 17.87 -48.83 3.84
N LEU H 516 18.83 -49.78 3.75
CA LEU H 516 19.71 -50.15 4.88
C LEU H 516 21.05 -49.39 4.88
N HIS H 517 21.64 -49.18 3.70
CA HIS H 517 22.92 -48.47 3.53
C HIS H 517 22.68 -47.25 2.62
N PRO H 518 22.22 -46.12 3.18
CA PRO H 518 21.92 -44.95 2.33
C PRO H 518 23.14 -44.21 1.77
N ARG H 519 24.27 -44.21 2.52
CA ARG H 519 25.51 -43.53 2.12
C ARG H 519 26.24 -44.25 0.97
N GLU H 520 26.25 -45.60 0.99
CA GLU H 520 26.90 -46.45 -0.02
C GLU H 520 26.20 -46.37 -1.39
N PRO H 521 26.93 -46.48 -2.53
CA PRO H 521 26.23 -46.48 -3.83
C PRO H 521 25.61 -47.85 -4.14
N LEU H 522 24.81 -47.95 -5.22
CA LEU H 522 24.12 -49.19 -5.61
C LEU H 522 25.04 -50.38 -5.79
N PRO H 523 24.65 -51.59 -5.31
CA PRO H 523 25.53 -52.75 -5.45
C PRO H 523 25.46 -53.37 -6.85
N PRO H 524 26.48 -54.17 -7.27
CA PRO H 524 26.42 -54.75 -8.63
C PRO H 524 25.48 -55.96 -8.71
N ILE H 525 25.13 -56.39 -9.94
CA ILE H 525 24.25 -57.55 -10.18
C ILE H 525 24.91 -58.80 -9.55
N GLN H 526 24.17 -59.52 -8.69
CA GLN H 526 24.68 -60.72 -8.01
C GLN H 526 25.07 -61.80 -9.01
N GLN H 527 26.23 -62.45 -8.80
CA GLN H 527 26.78 -63.48 -9.68
C GLN H 527 25.80 -64.59 -10.03
N HIS H 528 24.99 -65.06 -9.05
CA HIS H 528 24.02 -66.11 -9.30
C HIS H 528 22.94 -65.69 -10.33
N ILE H 529 22.63 -64.37 -10.42
CA ILE H 529 21.68 -63.83 -11.41
C ILE H 529 22.33 -63.93 -12.80
N TRP H 530 23.64 -63.68 -12.89
CA TRP H 530 24.36 -63.79 -14.16
C TRP H 530 24.52 -65.26 -14.56
N ASN H 531 24.72 -66.15 -13.57
CA ASN H 531 24.90 -67.58 -13.76
C ASN H 531 23.64 -68.23 -14.33
N MET H 532 22.47 -67.78 -13.87
CA MET H 532 21.20 -68.32 -14.34
C MET H 532 20.81 -67.81 -15.72
N LEU H 533 21.34 -66.63 -16.12
CA LEU H 533 21.04 -66.04 -17.43
C LEU H 533 21.93 -66.59 -18.53
N ASN H 534 23.14 -67.03 -18.20
CA ASN H 534 24.09 -67.57 -19.18
C ASN H 534 23.84 -69.08 -19.46
N PRO H 535 24.18 -69.59 -20.67
CA PRO H 535 23.97 -71.02 -20.97
C PRO H 535 24.83 -71.97 -20.11
N PRO H 536 24.50 -73.29 -20.01
CA PRO H 536 25.34 -74.20 -19.19
C PRO H 536 26.81 -74.19 -19.60
N ALA H 537 27.72 -74.23 -18.61
CA ALA H 537 29.18 -74.19 -18.81
C ALA H 537 29.67 -75.16 -19.88
N GLU H 538 29.02 -76.34 -20.00
CA GLU H 538 29.33 -77.37 -20.98
C GLU H 538 29.07 -76.90 -22.42
N VAL H 539 28.02 -76.06 -22.62
CA VAL H 539 27.66 -75.50 -23.92
C VAL H 539 28.69 -74.42 -24.32
N THR H 540 29.10 -73.57 -23.36
CA THR H 540 30.08 -72.50 -23.55
C THR H 540 31.47 -73.07 -23.89
N THR H 541 31.88 -74.17 -23.21
CA THR H 541 33.17 -74.85 -23.41
C THR H 541 33.22 -75.57 -24.76
N LYS H 542 32.13 -76.28 -25.14
CA LYS H 542 32.01 -77.00 -26.40
C LYS H 542 32.13 -76.08 -27.62
N SER H 543 31.50 -74.89 -27.53
CA SER H 543 31.46 -73.86 -28.57
C SER H 543 32.78 -73.15 -28.88
N GLN H 544 33.76 -73.19 -27.95
CA GLN H 544 35.07 -72.53 -28.06
C GLN H 544 35.81 -72.79 -29.39
N ILE H 545 36.00 -74.07 -29.73
CA ILE H 545 36.70 -74.55 -30.94
C ILE H 545 35.94 -74.16 -32.25
N PRO H 546 34.63 -74.47 -32.45
CA PRO H 546 33.97 -74.06 -33.71
C PRO H 546 33.84 -72.54 -33.89
N LEU H 547 33.74 -71.77 -32.79
CA LEU H 547 33.64 -70.30 -32.83
C LEU H 547 34.92 -69.67 -33.36
N SER H 548 36.10 -70.19 -32.95
CA SER H 548 37.40 -69.71 -33.42
C SER H 548 37.55 -70.02 -34.92
N LYS H 549 37.00 -71.18 -35.35
CA LYS H 549 37.00 -71.65 -36.74
C LYS H 549 36.09 -70.81 -37.63
N ILE H 550 34.90 -70.40 -37.13
CA ILE H 550 33.98 -69.56 -37.92
C ILE H 550 34.50 -68.12 -37.99
N LYS H 551 35.29 -67.67 -36.99
CA LYS H 551 35.88 -66.33 -36.93
C LYS H 551 36.81 -66.09 -38.12
N THR H 552 37.71 -67.05 -38.38
CA THR H 552 38.69 -66.99 -39.48
C THR H 552 38.05 -67.20 -40.85
N LEU H 553 37.06 -68.12 -40.94
CA LEU H 553 36.34 -68.43 -42.17
C LEU H 553 35.38 -67.33 -42.62
N PHE H 554 34.72 -66.63 -41.66
CA PHE H 554 33.78 -65.54 -41.95
C PHE H 554 34.40 -64.16 -41.64
N PRO H 555 34.82 -63.40 -42.68
CA PRO H 555 35.41 -62.08 -42.42
C PRO H 555 34.35 -61.03 -42.11
N LEU H 556 34.60 -60.24 -41.05
CA LEU H 556 33.71 -59.19 -40.58
C LEU H 556 34.48 -57.89 -40.34
N ILE H 557 33.97 -56.78 -40.89
CA ILE H 557 34.58 -55.46 -40.74
C ILE H 557 33.52 -54.35 -40.68
N GLU H 558 33.73 -53.34 -39.81
CA GLU H 558 32.81 -52.21 -39.63
C GLU H 558 32.99 -51.15 -40.71
N ALA H 559 31.93 -50.36 -40.99
CA ALA H 559 31.94 -49.30 -42.00
C ALA H 559 32.48 -48.00 -41.42
N ALA Q 7 -16.01 72.86 -35.34
CA ALA Q 7 -14.64 73.30 -35.07
C ALA Q 7 -14.42 73.58 -33.57
N GLU Q 8 -13.13 73.62 -33.16
CA GLU Q 8 -12.71 73.87 -31.77
C GLU Q 8 -12.80 75.37 -31.44
N ARG Q 9 -13.21 75.68 -30.19
CA ARG Q 9 -13.33 77.04 -29.68
C ARG Q 9 -11.94 77.58 -29.37
N LYS Q 10 -11.58 78.75 -29.92
CA LYS Q 10 -10.29 79.40 -29.69
C LYS Q 10 -10.18 79.89 -28.24
N ARG Q 11 -8.95 80.04 -27.70
CA ARG Q 11 -8.73 80.46 -26.32
C ARG Q 11 -7.70 81.60 -26.22
N ILE Q 12 -7.93 82.56 -25.31
CA ILE Q 12 -6.97 83.64 -25.05
C ILE Q 12 -6.44 83.44 -23.63
N LEU Q 13 -5.20 82.94 -23.53
CA LEU Q 13 -4.58 82.65 -22.25
C LEU Q 13 -4.15 83.92 -21.52
N PRO Q 14 -4.09 83.94 -20.16
CA PRO Q 14 -3.64 85.15 -19.47
C PRO Q 14 -2.20 85.46 -19.84
N THR Q 15 -1.90 86.75 -19.97
CA THR Q 15 -0.59 87.29 -20.37
C THR Q 15 0.60 86.62 -19.66
N TRP Q 16 0.44 86.24 -18.38
CA TRP Q 16 1.50 85.58 -17.60
C TRP Q 16 1.81 84.15 -18.08
N MET Q 17 0.81 83.45 -18.64
CA MET Q 17 0.97 82.08 -19.14
C MET Q 17 1.78 82.04 -20.43
N LEU Q 18 1.67 83.12 -21.25
CA LEU Q 18 2.34 83.26 -22.54
C LEU Q 18 3.75 83.85 -22.40
N LEU R 6 74.17 12.76 36.05
CA LEU R 6 75.23 12.75 37.06
C LEU R 6 75.51 11.31 37.54
N ALA R 7 76.72 10.78 37.23
CA ALA R 7 77.23 9.42 37.55
C ALA R 7 76.26 8.28 37.12
N GLU R 8 75.39 8.59 36.13
CA GLU R 8 74.36 7.73 35.57
C GLU R 8 74.96 6.69 34.62
N ARG R 9 74.37 5.48 34.59
CA ARG R 9 74.78 4.38 33.72
C ARG R 9 74.33 4.68 32.30
N LYS R 10 75.26 4.64 31.32
CA LYS R 10 74.97 4.91 29.92
C LYS R 10 74.07 3.83 29.30
N ARG R 11 73.29 4.21 28.28
CA ARG R 11 72.36 3.31 27.60
C ARG R 11 72.53 3.35 26.08
N ILE R 12 72.50 2.17 25.42
CA ILE R 12 72.56 2.08 23.97
C ILE R 12 71.20 1.59 23.50
N LEU R 13 70.40 2.50 22.94
CA LEU R 13 69.05 2.18 22.47
C LEU R 13 69.08 1.38 21.18
N PRO R 14 68.06 0.53 20.89
CA PRO R 14 68.05 -0.21 19.62
C PRO R 14 67.96 0.75 18.46
N THR R 15 68.67 0.41 17.38
CA THR R 15 68.78 1.19 16.15
C THR R 15 67.44 1.77 15.64
N TRP R 16 66.32 1.04 15.82
CA TRP R 16 65.00 1.49 15.40
C TRP R 16 64.46 2.66 16.23
N MET R 17 64.85 2.75 17.51
CA MET R 17 64.43 3.82 18.43
C MET R 17 65.10 5.16 18.09
N LEU R 18 66.33 5.09 17.53
CA LEU R 18 67.15 6.25 17.17
C LEU R 18 66.85 6.74 15.75
N ALA S 7 -81.94 15.26 -22.50
CA ALA S 7 -81.31 14.20 -21.71
C ALA S 7 -80.03 13.67 -22.37
N GLU S 8 -79.09 13.15 -21.54
CA GLU S 8 -77.81 12.60 -21.99
C GLU S 8 -77.98 11.16 -22.49
N ARG S 9 -77.20 10.78 -23.53
CA ARG S 9 -77.20 9.45 -24.12
C ARG S 9 -76.54 8.45 -23.17
N LYS S 10 -77.24 7.35 -22.86
CA LYS S 10 -76.74 6.29 -21.97
C LYS S 10 -75.62 5.48 -22.64
N ARG S 11 -74.72 4.89 -21.83
CA ARG S 11 -73.57 4.13 -22.31
C ARG S 11 -73.49 2.72 -21.71
N ILE S 12 -73.11 1.72 -22.54
CA ILE S 12 -72.90 0.35 -22.08
C ILE S 12 -71.40 0.08 -22.13
N LEU S 13 -70.76 0.09 -20.96
CA LEU S 13 -69.31 -0.10 -20.85
C LEU S 13 -68.94 -1.57 -21.06
N PRO S 14 -67.73 -1.88 -21.58
CA PRO S 14 -67.35 -3.29 -21.77
C PRO S 14 -67.30 -3.99 -20.43
N THR S 15 -67.71 -5.26 -20.42
CA THR S 15 -67.79 -6.12 -19.24
C THR S 15 -66.56 -6.05 -18.33
N TRP S 16 -65.35 -5.89 -18.91
CA TRP S 16 -64.10 -5.80 -18.14
C TRP S 16 -63.98 -4.50 -17.33
N MET S 17 -64.61 -3.40 -17.80
CA MET S 17 -64.59 -2.10 -17.12
C MET S 17 -65.47 -2.10 -15.89
N LEU S 18 -66.54 -2.91 -15.90
CA LEU S 18 -67.53 -3.02 -14.81
C LEU S 18 -67.11 -4.05 -13.77
N ALA T 7 19.78 -97.25 20.99
CA ALA T 7 18.37 -96.90 21.21
C ALA T 7 18.02 -95.52 20.67
N GLU T 8 16.73 -95.32 20.34
CA GLU T 8 16.19 -94.07 19.80
C GLU T 8 15.92 -93.06 20.93
N ARG T 9 16.10 -91.76 20.64
CA ARG T 9 15.85 -90.68 21.60
C ARG T 9 14.35 -90.47 21.73
N LYS T 10 13.81 -90.47 22.97
CA LYS T 10 12.38 -90.28 23.20
C LYS T 10 11.94 -88.84 22.89
N ARG T 11 10.66 -88.66 22.52
CA ARG T 11 10.10 -87.36 22.16
C ARG T 11 8.80 -87.07 22.92
N ILE T 12 8.64 -85.81 23.37
CA ILE T 12 7.41 -85.35 24.03
C ILE T 12 6.73 -84.37 23.07
N LEU T 13 5.66 -84.83 22.41
CA LEU T 13 4.93 -84.02 21.43
C LEU T 13 4.11 -82.93 22.13
N PRO T 14 3.84 -81.77 21.47
CA PRO T 14 3.03 -80.74 22.12
C PRO T 14 1.63 -81.27 22.39
N THR T 15 1.07 -80.86 23.53
CA THR T 15 -0.25 -81.27 24.02
C THR T 15 -1.35 -81.24 22.96
N TRP T 16 -1.30 -80.27 22.01
CA TRP T 16 -2.28 -80.16 20.94
C TRP T 16 -2.19 -81.28 19.90
N MET T 17 -0.99 -81.86 19.69
CA MET T 17 -0.76 -82.95 18.73
C MET T 17 -1.34 -84.27 19.23
N LEU T 18 -1.36 -84.46 20.57
CA LEU T 18 -1.84 -85.66 21.24
C LEU T 18 -3.33 -85.62 21.52
#